data_3PCF
#
_entry.id   3PCF
#
_cell.length_a   196.030
_cell.length_b   127.220
_cell.length_c   133.700
_cell.angle_alpha   90.00
_cell.angle_beta   97.70
_cell.angle_gamma   90.00
#
_symmetry.space_group_name_H-M   'I 1 2 1'
#
loop_
_entity.id
_entity.type
_entity.pdbx_description
1 polymer 'Protocatechuate 3,4-dioxygenase alpha chain'
2 polymer 'Protocatechuate 3,4-dioxygenase beta chain'
3 non-polymer 'FE (III) ION'
4 non-polymer '3-FLUORO-4-HYDROXYBENZOIC ACID'
5 water water
#
loop_
_entity_poly.entity_id
_entity_poly.type
_entity_poly.pdbx_seq_one_letter_code
_entity_poly.pdbx_strand_id
1 'polypeptide(L)'
;PIELLPETPSQTAGPYVHIGLALEAAGNPTRDQEIWNRLAKPDAPGEHILLLGQVYDGNGHLVRDSFLEVWQADANGEYQ
DAYNLENAFNSFGRTATTFDAGEWTLHTVKPGVVNNAAGVPMAPHINISLFARGINIHLHTRLYFDDEAQANAKCPVLNL
IEQPQRRETLIAKRCEVDGKTAYRFDIRIQGEGETVFFDF
;
A,B,C,D,E,F
2 'polypeptide(L)'
;PAQDNSRFVIRDRNWHPKALTPDYKTSIARSPRQALVSIPQSISETTGPNFSHLGFGAHDHDLLLNFNNGGLPIGERIIV
AGRVVDQYGKPVPNTLVEMWQANAGGRYRHKNDRYLAPLDPNFGGVGR(CME)LTDSDGYYSFRTIKPGPYPWRNGPNDW
RPAHIHFGISGPSIATKLITQLYFEGDPLIPMCPIVKSIANPEAVQQLIAKLDMNNANPMDCLAYRFDIVLRGQRKTHFE
NC
;
M,N,O,P,Q,R
#
loop_
_chem_comp.id
_chem_comp.type
_chem_comp.name
_chem_comp.formula
FE non-polymer 'FE (III) ION' 'Fe 3'
FHB non-polymer '3-FLUORO-4-HYDROXYBENZOIC ACID' 'C7 H5 F O3'
#
# COMPACT_ATOMS: atom_id res chain seq x y z
N PRO A 1 -0.79 31.04 3.73
CA PRO A 1 0.33 31.46 4.55
C PRO A 1 1.55 30.57 4.22
N ILE A 2 2.65 30.88 4.87
CA ILE A 2 3.87 30.11 4.71
C ILE A 2 3.75 28.88 5.63
N GLU A 3 4.22 27.78 5.12
CA GLU A 3 4.18 26.55 5.99
C GLU A 3 5.57 25.95 5.96
N LEU A 4 6.10 25.65 7.14
CA LEU A 4 7.51 25.05 7.11
C LEU A 4 7.25 23.52 7.03
N LEU A 5 8.29 22.74 7.10
CA LEU A 5 8.14 21.27 7.16
C LEU A 5 7.53 21.08 8.60
N PRO A 6 6.65 20.11 8.71
CA PRO A 6 6.02 19.77 9.98
C PRO A 6 7.03 19.06 10.86
N GLU A 7 6.89 19.38 12.15
CA GLU A 7 7.73 18.74 13.18
C GLU A 7 7.34 17.24 13.22
N THR A 8 8.31 16.39 13.47
CA THR A 8 8.06 14.96 13.63
C THR A 8 7.12 14.81 14.85
N PRO A 9 6.00 14.12 14.65
CA PRO A 9 5.01 13.91 15.71
C PRO A 9 5.56 13.12 16.88
N SER A 10 5.22 13.55 18.08
CA SER A 10 5.62 12.88 19.33
C SER A 10 4.88 11.52 19.46
N GLN A 11 5.50 10.70 20.29
CA GLN A 11 4.88 9.41 20.63
C GLN A 11 5.28 9.20 22.12
N THR A 12 4.46 8.45 22.79
CA THR A 12 4.68 8.12 24.20
C THR A 12 6.06 7.43 24.27
N ALA A 13 6.73 7.60 25.40
CA ALA A 13 8.01 6.98 25.68
C ALA A 13 7.80 5.46 25.92
N GLY A 14 6.61 5.09 26.33
CA GLY A 14 6.24 3.72 26.65
C GLY A 14 6.78 3.31 28.02
N PRO A 15 6.32 2.15 28.49
CA PRO A 15 6.71 1.59 29.78
C PRO A 15 8.16 1.19 29.90
N TYR A 16 8.86 0.99 28.79
CA TYR A 16 10.26 0.55 28.78
C TYR A 16 11.28 1.60 28.50
N VAL A 17 10.87 2.84 28.65
CA VAL A 17 11.82 3.98 28.38
C VAL A 17 13.13 3.81 29.13
N HIS A 18 13.11 3.16 30.29
CA HIS A 18 14.30 2.97 31.11
C HIS A 18 15.44 2.30 30.37
N ILE A 19 15.08 1.33 29.51
CA ILE A 19 16.18 0.62 28.83
C ILE A 19 17.00 1.58 28.00
N GLY A 20 16.34 2.60 27.47
CA GLY A 20 17.00 3.58 26.65
C GLY A 20 17.65 4.71 27.40
N LEU A 21 16.90 5.30 28.33
CA LEU A 21 17.33 6.46 29.08
C LEU A 21 17.67 6.36 30.53
N ALA A 22 17.62 5.23 31.15
CA ALA A 22 17.87 5.04 32.60
C ALA A 22 18.18 3.54 32.82
N LEU A 23 19.32 3.21 32.28
CA LEU A 23 19.86 1.85 32.27
C LEU A 23 19.79 1.22 33.64
N GLU A 24 20.35 1.87 34.64
CA GLU A 24 20.30 1.30 36.02
C GLU A 24 18.87 0.81 36.28
N ALA A 25 17.95 1.75 36.19
CA ALA A 25 16.52 1.55 36.41
C ALA A 25 15.99 0.32 35.72
N ALA A 26 16.32 0.15 34.44
CA ALA A 26 15.85 -1.01 33.66
C ALA A 26 16.39 -2.33 34.23
N GLY A 27 17.38 -2.21 35.08
CA GLY A 27 18.04 -3.40 35.67
C GLY A 27 19.03 -3.92 34.61
N ASN A 28 19.61 -2.97 33.87
CA ASN A 28 20.58 -3.30 32.82
C ASN A 28 21.94 -2.66 33.09
N PRO A 29 22.97 -3.35 32.65
CA PRO A 29 24.37 -2.87 32.77
C PRO A 29 24.41 -1.48 32.10
N THR A 30 25.10 -0.55 32.73
CA THR A 30 25.18 0.81 32.15
C THR A 30 26.47 0.98 31.37
N ARG A 31 26.53 2.05 30.61
CA ARG A 31 27.70 2.42 29.80
C ARG A 31 28.67 3.22 30.68
N ASP A 32 29.86 3.48 30.15
CA ASP A 32 30.87 4.22 30.87
C ASP A 32 30.32 5.57 31.32
N GLN A 33 29.73 6.29 30.37
CA GLN A 33 29.17 7.63 30.68
C GLN A 33 27.67 7.64 30.49
N GLU A 34 27.00 8.04 31.56
CA GLU A 34 25.55 8.12 31.61
C GLU A 34 25.08 9.47 32.15
N ILE A 35 23.91 9.88 31.68
CA ILE A 35 23.25 11.14 32.07
C ILE A 35 22.27 10.76 33.18
N TRP A 36 22.64 11.13 34.41
CA TRP A 36 21.79 10.77 35.56
C TRP A 36 21.31 11.91 36.42
N ASN A 37 20.98 11.62 37.68
CA ASN A 37 20.38 12.58 38.61
C ASN A 37 21.26 13.30 39.60
N ARG A 38 22.51 13.40 39.30
CA ARG A 38 23.49 14.12 40.17
C ARG A 38 24.03 15.29 39.35
N LEU A 39 23.32 16.41 39.35
CA LEU A 39 23.74 17.59 38.59
C LEU A 39 25.00 18.23 39.16
N ALA A 40 25.14 18.13 40.48
CA ALA A 40 26.29 18.72 41.18
C ALA A 40 27.12 17.76 42.00
N LYS A 41 28.43 17.95 41.87
CA LYS A 41 29.43 17.19 42.66
C LYS A 41 29.53 18.01 43.97
N PRO A 42 29.90 17.31 45.01
CA PRO A 42 30.02 17.94 46.34
C PRO A 42 30.78 19.25 46.33
N ASP A 43 31.83 19.34 45.55
CA ASP A 43 32.64 20.57 45.48
C ASP A 43 32.05 21.63 44.59
N ALA A 44 30.75 21.58 44.36
CA ALA A 44 30.13 22.62 43.47
C ALA A 44 29.62 23.79 44.30
N PRO A 45 29.88 24.99 43.79
CA PRO A 45 29.42 26.23 44.45
C PRO A 45 27.88 26.29 44.44
N GLY A 46 27.34 26.80 45.53
CA GLY A 46 25.87 26.99 45.68
C GLY A 46 25.36 26.17 46.86
N GLU A 47 24.06 26.35 47.12
CA GLU A 47 23.45 25.60 48.23
C GLU A 47 23.02 24.22 47.68
N HIS A 48 23.73 23.22 48.14
CA HIS A 48 23.44 21.82 47.77
C HIS A 48 22.11 21.38 48.37
N ILE A 49 21.18 20.96 47.53
CA ILE A 49 19.87 20.48 47.94
C ILE A 49 19.55 19.13 47.28
N LEU A 50 18.61 18.45 47.91
CA LEU A 50 18.03 17.19 47.50
C LEU A 50 16.58 17.45 47.05
N LEU A 51 16.28 17.02 45.84
CA LEU A 51 14.90 17.16 45.32
C LEU A 51 14.29 15.75 45.27
N LEU A 52 13.03 15.69 45.63
CA LEU A 52 12.28 14.42 45.61
C LEU A 52 10.80 14.66 45.35
N GLY A 53 10.15 13.63 44.81
CA GLY A 53 8.73 13.72 44.51
C GLY A 53 8.17 12.39 44.00
N GLN A 54 6.88 12.45 43.81
CA GLN A 54 6.02 11.39 43.32
C GLN A 54 5.11 12.00 42.27
N VAL A 55 4.70 11.13 41.36
CA VAL A 55 3.81 11.48 40.25
C VAL A 55 2.49 10.73 40.43
N TYR A 56 1.39 11.44 40.31
CA TYR A 56 0.05 10.86 40.47
C TYR A 56 -0.83 11.00 39.25
N ASP A 57 -1.50 9.90 38.94
CA ASP A 57 -2.42 9.91 37.78
C ASP A 57 -3.71 10.58 38.28
N GLY A 58 -4.68 10.67 37.42
CA GLY A 58 -5.97 11.23 37.66
C GLY A 58 -6.78 10.48 38.70
N ASN A 59 -6.38 9.29 39.07
CA ASN A 59 -7.11 8.51 40.05
C ASN A 59 -6.47 8.62 41.44
N GLY A 60 -5.37 9.32 41.52
CA GLY A 60 -4.60 9.51 42.75
C GLY A 60 -3.62 8.37 42.91
N HIS A 61 -3.43 7.60 41.84
CA HIS A 61 -2.50 6.46 41.89
C HIS A 61 -1.13 6.87 41.36
N LEU A 62 -0.12 6.34 41.96
CA LEU A 62 1.27 6.53 41.68
C LEU A 62 1.63 6.07 40.23
N VAL A 63 2.35 6.91 39.57
CA VAL A 63 2.85 6.62 38.18
C VAL A 63 4.27 6.16 38.45
N ARG A 64 4.47 4.86 38.47
CA ARG A 64 5.75 4.24 38.77
C ARG A 64 6.71 4.12 37.61
N ASP A 65 6.28 4.49 36.43
CA ASP A 65 7.14 4.39 35.25
C ASP A 65 7.44 5.70 34.60
N SER A 66 7.34 6.79 35.38
CA SER A 66 7.60 8.11 34.78
C SER A 66 9.10 8.33 34.59
N PHE A 67 9.39 9.19 33.63
CA PHE A 67 10.77 9.58 33.30
C PHE A 67 10.81 11.13 33.28
N LEU A 68 11.76 11.67 34.03
CA LEU A 68 11.92 13.11 34.13
C LEU A 68 13.31 13.56 33.65
N GLU A 69 13.24 14.70 33.05
CA GLU A 69 14.42 15.44 32.55
C GLU A 69 14.31 16.87 33.12
N VAL A 70 15.46 17.33 33.64
CA VAL A 70 15.53 18.66 34.28
C VAL A 70 16.62 19.54 33.62
N TRP A 71 16.32 20.82 33.72
CA TRP A 71 17.15 21.90 33.22
C TRP A 71 17.03 23.11 34.19
N GLN A 72 18.24 23.41 34.69
CA GLN A 72 18.36 24.56 35.63
C GLN A 72 19.68 25.32 35.50
N ALA A 73 19.61 26.57 35.97
CA ALA A 73 20.79 27.46 36.03
C ALA A 73 21.66 27.01 37.23
N ASP A 74 22.92 27.37 37.14
CA ASP A 74 23.88 27.13 38.24
C ASP A 74 23.51 28.20 39.32
N ALA A 75 24.30 28.23 40.35
CA ALA A 75 24.11 29.15 41.49
C ALA A 75 24.24 30.61 41.12
N ASN A 76 24.83 30.98 40.00
CA ASN A 76 24.99 32.33 39.52
C ASN A 76 23.84 32.75 38.59
N GLY A 77 22.97 31.81 38.31
CA GLY A 77 21.82 32.06 37.40
C GLY A 77 22.39 31.88 35.97
N GLU A 78 23.28 30.96 35.83
CA GLU A 78 23.89 30.65 34.52
C GLU A 78 23.64 29.21 34.05
N TYR A 79 23.24 29.15 32.80
CA TYR A 79 22.95 27.89 32.08
C TYR A 79 24.19 27.29 31.44
N GLN A 80 24.63 26.21 32.01
CA GLN A 80 25.81 25.43 31.64
C GLN A 80 25.38 24.29 30.70
N ASP A 81 25.45 24.63 29.42
CA ASP A 81 25.06 23.69 28.37
C ASP A 81 26.11 22.67 28.00
N ALA A 82 27.37 22.99 28.26
CA ALA A 82 28.46 22.07 27.89
C ALA A 82 28.47 20.92 28.87
N TYR A 83 27.65 19.93 28.54
CA TYR A 83 27.51 18.73 29.36
C TYR A 83 28.80 17.90 29.39
N ASN A 84 29.28 17.67 30.58
CA ASN A 84 30.51 16.90 30.86
C ASN A 84 30.43 16.39 32.31
N LEU A 85 30.74 15.12 32.45
CA LEU A 85 30.73 14.43 33.76
C LEU A 85 31.94 14.92 34.57
N GLU A 86 32.85 15.61 33.89
CA GLU A 86 34.04 16.14 34.56
C GLU A 86 33.68 17.41 35.32
N ASN A 87 32.67 18.09 34.83
CA ASN A 87 32.14 19.32 35.40
C ASN A 87 31.74 19.07 36.88
N ALA A 88 31.82 20.13 37.62
CA ALA A 88 31.44 20.20 39.04
C ALA A 88 29.89 20.28 39.12
N PHE A 89 29.37 20.93 38.08
CA PHE A 89 27.93 21.12 37.93
C PHE A 89 27.49 21.06 36.45
N ASN A 90 26.41 20.35 36.24
CA ASN A 90 25.75 20.25 34.93
C ASN A 90 24.32 20.77 35.17
N SER A 91 23.85 21.55 34.26
CA SER A 91 22.55 22.20 34.22
C SER A 91 21.41 21.22 33.83
N PHE A 92 21.86 20.12 33.23
CA PHE A 92 20.94 19.06 32.79
C PHE A 92 21.09 17.78 33.55
N GLY A 93 19.95 17.13 33.76
CA GLY A 93 19.86 15.83 34.45
C GLY A 93 18.61 15.06 34.03
N ARG A 94 18.54 13.84 34.56
CA ARG A 94 17.49 12.87 34.37
C ARG A 94 17.30 12.03 35.64
N THR A 95 16.05 11.69 35.84
CA THR A 95 15.64 10.88 36.99
C THR A 95 14.40 10.10 36.56
N ALA A 96 14.00 9.20 37.38
CA ALA A 96 12.84 8.35 37.15
C ALA A 96 12.34 7.87 38.50
N THR A 97 11.08 7.47 38.51
CA THR A 97 10.46 6.97 39.73
C THR A 97 10.65 5.45 39.87
N THR A 98 10.95 5.11 41.12
CA THR A 98 11.13 3.73 41.58
C THR A 98 9.84 2.95 41.28
N PHE A 99 10.08 1.70 40.88
CA PHE A 99 8.95 0.79 40.55
C PHE A 99 8.26 0.38 41.84
N ASP A 100 8.95 0.52 42.94
CA ASP A 100 8.52 0.21 44.29
C ASP A 100 7.80 1.43 44.91
N ALA A 101 8.61 2.23 45.58
CA ALA A 101 8.17 3.47 46.25
C ALA A 101 7.48 4.44 45.33
N GLY A 102 7.94 4.55 44.08
CA GLY A 102 7.34 5.48 43.12
C GLY A 102 7.82 6.91 43.35
N GLU A 103 9.06 7.02 43.80
CA GLU A 103 9.67 8.32 44.06
C GLU A 103 10.97 8.54 43.31
N TRP A 104 11.11 9.73 42.78
CA TRP A 104 12.35 10.11 42.03
C TRP A 104 13.16 11.04 42.97
N THR A 105 14.43 11.13 42.66
CA THR A 105 15.37 11.98 43.37
C THR A 105 16.37 12.62 42.42
N LEU A 106 16.75 13.80 42.90
CA LEU A 106 17.73 14.65 42.17
C LEU A 106 18.65 15.32 43.19
N HIS A 107 19.93 15.31 42.84
CA HIS A 107 20.99 15.94 43.66
C HIS A 107 21.53 17.13 42.86
N THR A 108 21.24 18.33 43.38
CA THR A 108 21.67 19.57 42.74
C THR A 108 21.98 20.68 43.73
N VAL A 109 22.12 21.86 43.14
CA VAL A 109 22.30 23.13 43.82
C VAL A 109 21.12 24.01 43.41
N LYS A 110 20.73 24.86 44.33
CA LYS A 110 19.62 25.80 44.12
C LYS A 110 20.07 26.80 43.03
N PRO A 111 19.22 26.88 42.01
CA PRO A 111 19.50 27.76 40.87
C PRO A 111 19.37 29.23 41.32
N GLY A 112 20.13 30.06 40.70
CA GLY A 112 20.16 31.51 40.91
C GLY A 112 19.16 32.10 39.88
N VAL A 113 18.77 33.32 40.11
CA VAL A 113 17.82 34.07 39.32
C VAL A 113 18.27 34.30 37.89
N VAL A 114 17.29 34.26 36.99
CA VAL A 114 17.49 34.52 35.58
C VAL A 114 16.36 35.48 35.13
N ASN A 115 16.72 36.33 34.20
CA ASN A 115 15.79 37.30 33.65
C ASN A 115 15.10 36.69 32.40
N ASN A 116 13.86 37.12 32.24
CA ASN A 116 13.05 36.71 31.09
C ASN A 116 13.57 37.57 29.91
N ALA A 117 12.94 37.37 28.78
CA ALA A 117 13.30 38.08 27.56
C ALA A 117 13.18 39.58 27.77
N ALA A 118 12.30 40.01 28.68
CA ALA A 118 12.12 41.46 28.91
C ALA A 118 13.02 42.06 29.97
N GLY A 119 13.96 41.35 30.52
CA GLY A 119 14.84 41.89 31.55
C GLY A 119 14.28 41.77 32.95
N VAL A 120 13.13 41.17 33.13
CA VAL A 120 12.49 40.95 34.43
C VAL A 120 12.92 39.60 35.03
N PRO A 121 13.43 39.61 36.25
CA PRO A 121 13.87 38.42 36.94
C PRO A 121 12.73 37.47 37.29
N MET A 122 13.10 36.19 37.09
CA MET A 122 12.24 35.05 37.38
C MET A 122 12.68 34.48 38.73
N ALA A 123 11.74 33.94 39.46
CA ALA A 123 12.12 33.33 40.79
C ALA A 123 12.91 32.08 40.43
N PRO A 124 13.84 31.69 41.30
CA PRO A 124 14.64 30.48 41.06
C PRO A 124 13.66 29.36 40.68
N HIS A 125 14.01 28.58 39.67
CA HIS A 125 13.12 27.49 39.23
C HIS A 125 13.94 26.43 38.48
N ILE A 126 13.32 25.26 38.45
CA ILE A 126 13.83 24.09 37.75
C ILE A 126 12.80 23.71 36.65
N ASN A 127 13.31 23.72 35.43
CA ASN A 127 12.49 23.33 34.25
C ASN A 127 12.46 21.78 34.23
N ILE A 128 11.25 21.24 34.21
CA ILE A 128 11.01 19.83 34.21
C ILE A 128 10.10 19.41 32.99
N SER A 129 10.58 18.29 32.41
CA SER A 129 9.84 17.65 31.32
C SER A 129 9.47 16.22 31.83
N LEU A 130 8.20 15.94 31.70
CA LEU A 130 7.72 14.61 32.16
C LEU A 130 7.34 13.68 31.01
N PHE A 131 7.78 12.46 31.14
CA PHE A 131 7.54 11.40 30.15
C PHE A 131 7.07 10.12 30.85
N ALA A 132 6.25 9.35 30.14
CA ALA A 132 5.72 8.07 30.65
C ALA A 132 4.71 7.46 29.64
N ARG A 133 4.42 6.17 29.87
CA ARG A 133 3.42 5.51 29.01
C ARG A 133 2.08 6.20 29.43
N GLY A 134 1.29 6.40 28.41
CA GLY A 134 -0.01 7.04 28.54
C GLY A 134 0.17 8.53 28.21
N ILE A 135 1.38 9.03 28.23
CA ILE A 135 1.63 10.46 27.93
C ILE A 135 2.16 10.56 26.49
N ASN A 136 1.31 10.98 25.60
CA ASN A 136 1.57 11.06 24.17
C ASN A 136 2.67 12.06 23.78
N ILE A 137 2.60 13.21 24.46
CA ILE A 137 3.55 14.30 24.30
C ILE A 137 3.93 14.76 25.72
N HIS A 138 5.22 14.91 25.93
CA HIS A 138 5.75 15.24 27.23
C HIS A 138 5.12 16.52 27.78
N LEU A 139 5.02 16.45 29.10
CA LEU A 139 4.41 17.59 29.89
C LEU A 139 5.58 18.41 30.48
N HIS A 140 5.52 19.70 30.28
CA HIS A 140 6.44 20.73 30.74
C HIS A 140 5.85 21.44 32.00
N THR A 141 6.73 21.61 32.95
CA THR A 141 6.39 22.33 34.19
C THR A 141 7.66 23.01 34.74
N ARG A 142 7.47 23.60 35.89
CA ARG A 142 8.53 24.31 36.62
C ARG A 142 8.36 24.06 38.13
N LEU A 143 9.49 23.92 38.76
CA LEU A 143 9.56 23.74 40.24
C LEU A 143 10.16 25.07 40.77
N TYR A 144 9.44 25.66 41.68
CA TYR A 144 9.82 26.90 42.39
C TYR A 144 9.96 26.44 43.86
N PHE A 145 10.54 27.27 44.70
CA PHE A 145 10.79 26.94 46.11
C PHE A 145 9.94 27.80 47.06
N ASP A 146 9.51 27.13 48.11
CA ASP A 146 8.67 27.74 49.12
C ASP A 146 9.40 28.83 49.91
N ASP A 147 10.69 28.71 50.05
CA ASP A 147 11.54 29.64 50.75
C ASP A 147 11.98 30.85 49.90
N GLU A 148 11.33 31.07 48.79
CA GLU A 148 11.62 32.20 47.89
C GLU A 148 10.33 32.96 47.63
N ALA A 149 9.51 32.96 48.67
CA ALA A 149 8.18 33.61 48.63
C ALA A 149 8.25 35.00 48.05
N GLN A 150 9.27 35.73 48.47
CA GLN A 150 9.44 37.11 48.00
C GLN A 150 9.66 37.16 46.50
N ALA A 151 10.54 36.33 46.01
CA ALA A 151 10.83 36.27 44.54
C ALA A 151 9.64 35.72 43.76
N ASN A 152 9.07 34.65 44.28
CA ASN A 152 7.95 33.96 43.66
C ASN A 152 6.80 34.95 43.38
N ALA A 153 6.57 35.77 44.40
CA ALA A 153 5.50 36.77 44.34
C ALA A 153 5.61 37.64 43.12
N LYS A 154 6.83 37.85 42.67
CA LYS A 154 7.08 38.71 41.52
C LYS A 154 7.54 38.03 40.27
N CYS A 155 7.45 36.71 40.25
CA CYS A 155 7.87 35.99 39.00
C CYS A 155 6.89 36.26 37.88
N PRO A 156 7.42 36.73 36.76
CA PRO A 156 6.62 37.04 35.59
C PRO A 156 5.95 35.79 35.00
N VAL A 157 6.60 34.66 35.16
CA VAL A 157 6.00 33.40 34.61
C VAL A 157 4.85 32.96 35.51
N LEU A 158 5.19 32.88 36.79
CA LEU A 158 4.22 32.50 37.85
C LEU A 158 2.98 33.37 37.78
N ASN A 159 3.16 34.64 37.54
CA ASN A 159 2.14 35.66 37.39
C ASN A 159 1.30 35.49 36.15
N LEU A 160 1.69 34.61 35.23
CA LEU A 160 0.91 34.34 34.01
C LEU A 160 -0.21 33.36 34.36
N ILE A 161 -0.08 32.67 35.47
CA ILE A 161 -1.15 31.69 35.86
C ILE A 161 -2.31 32.53 36.44
N GLU A 162 -3.43 32.53 35.71
CA GLU A 162 -4.62 33.27 36.04
C GLU A 162 -5.07 33.11 37.50
N GLN A 163 -5.22 31.88 37.92
CA GLN A 163 -5.69 31.55 39.27
C GLN A 163 -4.60 31.32 40.25
N PRO A 164 -4.52 32.22 41.22
CA PRO A 164 -3.50 32.18 42.28
C PRO A 164 -3.38 30.80 42.86
N GLN A 165 -4.50 30.14 43.09
CA GLN A 165 -4.54 28.80 43.67
C GLN A 165 -3.72 27.76 42.89
N ARG A 166 -3.64 27.93 41.58
CA ARG A 166 -2.92 27.02 40.68
C ARG A 166 -1.42 27.24 40.76
N ARG A 167 -1.03 28.44 41.13
CA ARG A 167 0.41 28.79 41.24
C ARG A 167 1.10 27.97 42.30
N GLU A 168 0.37 27.65 43.34
CA GLU A 168 0.83 26.89 44.48
C GLU A 168 1.19 25.47 44.12
N THR A 169 0.67 24.97 43.00
CA THR A 169 0.95 23.61 42.52
C THR A 169 2.41 23.52 42.09
N LEU A 170 3.01 24.67 41.78
CA LEU A 170 4.38 24.74 41.33
C LEU A 170 5.45 24.94 42.38
N ILE A 171 5.08 25.10 43.62
CA ILE A 171 6.03 25.36 44.72
C ILE A 171 6.45 24.17 45.52
N ALA A 172 7.73 23.86 45.48
CA ALA A 172 8.26 22.73 46.25
C ALA A 172 8.28 23.11 47.74
N LYS A 173 7.94 22.12 48.56
CA LYS A 173 7.91 22.24 50.02
C LYS A 173 9.24 21.82 50.64
N ARG A 174 9.87 22.80 51.27
CA ARG A 174 11.15 22.64 51.94
C ARG A 174 11.04 21.69 53.12
N CYS A 175 12.04 20.85 53.26
CA CYS A 175 12.12 19.86 54.34
C CYS A 175 13.61 19.51 54.48
N GLU A 176 13.86 18.55 55.33
CA GLU A 176 15.22 18.06 55.58
C GLU A 176 15.21 16.54 55.43
N VAL A 177 16.32 16.00 54.99
CA VAL A 177 16.47 14.54 54.81
C VAL A 177 17.90 14.24 55.29
N ASP A 178 17.97 13.48 56.37
CA ASP A 178 19.32 13.15 56.90
C ASP A 178 20.06 14.45 57.24
N GLY A 179 19.30 15.41 57.75
CA GLY A 179 19.86 16.71 58.11
C GLY A 179 20.27 17.51 56.86
N LYS A 180 19.71 17.11 55.71
CA LYS A 180 20.03 17.81 54.47
C LYS A 180 18.78 18.57 54.00
N THR A 181 19.06 19.69 53.35
CA THR A 181 18.02 20.55 52.80
C THR A 181 17.44 19.87 51.54
N ALA A 182 16.14 19.59 51.66
CA ALA A 182 15.38 18.92 50.62
C ALA A 182 14.08 19.65 50.33
N TYR A 183 13.63 19.43 49.12
CA TYR A 183 12.35 20.02 48.66
C TYR A 183 11.59 18.83 48.02
N ARG A 184 10.34 18.81 48.32
CA ARG A 184 9.43 17.77 47.82
C ARG A 184 8.52 18.43 46.79
N PHE A 185 8.51 17.79 45.63
CA PHE A 185 7.69 18.27 44.49
C PHE A 185 6.89 17.09 43.91
N ASP A 186 5.63 17.08 44.25
CA ASP A 186 4.70 16.06 43.76
C ASP A 186 3.95 16.66 42.57
N ILE A 187 3.86 15.85 41.55
CA ILE A 187 3.16 16.26 40.31
C ILE A 187 1.84 15.48 40.30
N ARG A 188 0.79 16.17 40.05
CA ARG A 188 -0.57 15.57 39.96
C ARG A 188 -0.93 15.84 38.50
N ILE A 189 -1.08 14.76 37.74
CA ILE A 189 -1.33 14.92 36.30
C ILE A 189 -2.72 15.42 35.96
N GLN A 190 -3.63 14.94 36.80
CA GLN A 190 -5.06 15.24 36.51
C GLN A 190 -5.86 15.29 37.79
N GLY A 191 -6.90 16.09 37.78
CA GLY A 191 -7.82 16.17 38.91
C GLY A 191 -7.46 17.23 39.92
N GLU A 192 -7.88 16.93 41.14
CA GLU A 192 -7.72 17.78 42.32
C GLU A 192 -6.26 18.15 42.52
N GLY A 193 -5.94 19.43 42.44
CA GLY A 193 -4.56 19.89 42.62
C GLY A 193 -3.68 19.62 41.42
N GLU A 194 -4.32 19.49 40.25
CA GLU A 194 -3.63 19.22 39.00
C GLU A 194 -2.52 20.27 38.82
N THR A 195 -1.33 19.74 38.61
CA THR A 195 -0.15 20.56 38.42
C THR A 195 -0.28 21.39 37.15
N VAL A 196 0.10 22.65 37.28
CA VAL A 196 0.08 23.51 36.07
C VAL A 196 1.17 22.93 35.11
N PHE A 197 0.84 22.89 33.85
CA PHE A 197 1.82 22.45 32.82
C PHE A 197 1.82 23.60 31.77
N PHE A 198 2.94 23.75 31.17
CA PHE A 198 3.17 24.83 30.19
C PHE A 198 3.31 24.33 28.75
N ASP A 199 3.13 25.30 27.89
CA ASP A 199 3.26 25.26 26.46
C ASP A 199 4.12 26.53 26.13
N PHE A 200 5.17 26.24 25.40
CA PHE A 200 6.15 27.26 24.96
C PHE A 200 6.79 26.78 23.60
N PRO B 1 28.51 30.23 29.20
CA PRO B 1 27.21 29.53 29.39
C PRO B 1 26.30 29.87 28.21
N ALA B 2 25.13 29.28 28.26
CA ALA B 2 24.07 29.39 27.26
C ALA B 2 23.53 30.82 27.18
N GLN B 3 23.17 31.19 25.97
CA GLN B 3 22.66 32.48 25.57
C GLN B 3 21.29 32.47 24.89
N ASP B 4 20.47 33.42 25.35
CA ASP B 4 19.12 33.59 24.81
C ASP B 4 19.19 34.32 23.45
N ASN B 5 19.64 33.61 22.44
CA ASN B 5 19.74 34.24 21.10
C ASN B 5 18.61 33.78 20.20
N SER B 6 17.97 32.65 20.51
CA SER B 6 16.94 32.07 19.67
C SER B 6 15.52 31.99 20.10
N ARG B 7 14.69 31.82 19.08
CA ARG B 7 13.24 31.62 19.24
C ARG B 7 12.93 30.34 18.45
N PHE B 8 11.97 29.58 18.95
CA PHE B 8 11.58 28.31 18.28
C PHE B 8 10.13 28.40 17.83
N VAL B 9 9.90 28.05 16.58
CA VAL B 9 8.57 28.05 15.98
C VAL B 9 7.62 27.33 16.97
N ILE B 10 6.46 27.86 17.20
CA ILE B 10 5.47 27.29 18.14
C ILE B 10 4.98 25.91 17.66
N ARG B 11 4.92 24.98 18.63
CA ARG B 11 4.44 23.63 18.26
C ARG B 11 2.97 23.66 17.83
N ASP B 12 2.69 22.79 16.85
CA ASP B 12 1.33 22.62 16.33
C ASP B 12 0.78 21.41 17.15
N ARG B 13 -0.07 21.77 18.10
CA ARG B 13 -0.66 20.79 19.01
C ARG B 13 -1.80 19.99 18.43
N ASN B 14 -2.15 20.24 17.20
CA ASN B 14 -3.17 19.48 16.47
C ASN B 14 -2.42 18.52 15.50
N TRP B 15 -1.13 18.69 15.36
CA TRP B 15 -0.31 17.87 14.47
C TRP B 15 0.17 16.66 15.33
N HIS B 16 0.74 17.00 16.44
CA HIS B 16 1.16 16.05 17.46
C HIS B 16 -0.17 15.44 17.99
N PRO B 17 -0.03 14.28 18.61
CA PRO B 17 -1.19 13.63 19.22
C PRO B 17 -1.59 14.45 20.47
N LYS B 18 -2.90 14.35 20.74
CA LYS B 18 -3.44 15.06 21.90
C LYS B 18 -3.12 14.20 23.14
N ALA B 19 -3.34 14.81 24.28
CA ALA B 19 -3.15 14.20 25.56
C ALA B 19 -4.23 13.11 25.79
N LEU B 20 -5.47 13.42 25.51
CA LEU B 20 -6.56 12.45 25.80
C LEU B 20 -6.96 11.75 24.48
N THR B 21 -6.64 10.47 24.44
CA THR B 21 -6.96 9.73 23.16
C THR B 21 -7.36 8.35 23.69
N PRO B 22 -8.64 8.31 24.16
CA PRO B 22 -9.25 7.20 24.77
C PRO B 22 -8.94 5.77 24.37
N ASP B 23 -8.80 5.46 23.12
CA ASP B 23 -8.54 4.08 22.64
C ASP B 23 -7.20 3.56 23.15
N TYR B 24 -6.38 4.50 23.54
CA TYR B 24 -5.05 4.26 24.14
C TYR B 24 -5.40 4.48 25.64
N LYS B 25 -5.83 3.37 26.22
CA LYS B 25 -6.30 3.33 27.56
C LYS B 25 -5.52 4.08 28.62
N THR B 26 -4.21 3.96 28.66
CA THR B 26 -3.41 4.60 29.71
C THR B 26 -3.55 6.11 29.70
N SER B 27 -3.69 6.71 28.52
CA SER B 27 -3.83 8.13 28.37
C SER B 27 -5.02 8.74 29.13
N ILE B 28 -6.06 7.93 29.37
CA ILE B 28 -7.25 8.51 30.05
C ILE B 28 -6.92 9.15 31.40
N ALA B 29 -6.29 8.38 32.26
CA ALA B 29 -5.91 8.83 33.61
C ALA B 29 -4.59 9.61 33.60
N ARG B 30 -3.84 9.55 32.51
CA ARG B 30 -2.56 10.25 32.49
C ARG B 30 -2.53 11.49 31.62
N SER B 31 -3.65 12.11 31.47
CA SER B 31 -3.81 13.33 30.66
C SER B 31 -4.44 14.41 31.58
N PRO B 32 -3.90 15.59 31.47
CA PRO B 32 -4.39 16.74 32.29
C PRO B 32 -5.80 17.07 31.85
N ARG B 33 -6.57 17.66 32.72
CA ARG B 33 -7.92 18.11 32.42
C ARG B 33 -7.92 19.63 32.35
N GLN B 34 -6.83 20.27 32.77
CA GLN B 34 -6.80 21.77 32.62
C GLN B 34 -6.01 22.07 31.33
N ALA B 35 -6.26 23.19 30.72
CA ALA B 35 -5.49 23.62 29.52
C ALA B 35 -4.06 23.97 29.95
N LEU B 36 -3.13 23.78 29.04
CA LEU B 36 -1.70 24.06 29.22
C LEU B 36 -1.62 25.62 29.28
N VAL B 37 -0.71 26.12 30.08
CA VAL B 37 -0.53 27.60 30.15
C VAL B 37 0.54 28.03 29.14
N SER B 38 0.21 28.92 28.24
CA SER B 38 1.21 29.39 27.25
C SER B 38 2.12 30.42 27.97
N ILE B 39 3.39 30.28 27.82
CA ILE B 39 4.41 31.14 28.38
C ILE B 39 5.38 31.58 27.24
N PRO B 40 5.82 32.83 27.36
CA PRO B 40 6.76 33.39 26.37
C PRO B 40 8.09 32.65 26.49
N GLN B 41 8.84 32.58 25.37
CA GLN B 41 10.16 31.89 25.43
C GLN B 41 11.15 32.84 26.14
N SER B 42 11.94 32.25 26.98
CA SER B 42 12.97 32.89 27.80
C SER B 42 14.21 32.00 27.65
N ILE B 43 15.27 32.40 28.33
CA ILE B 43 16.52 31.66 28.25
C ILE B 43 16.36 30.24 28.77
N SER B 44 15.40 30.12 29.69
CA SER B 44 15.07 28.86 30.32
C SER B 44 14.62 27.82 29.29
N GLU B 45 13.75 28.25 28.39
CA GLU B 45 13.23 27.39 27.34
C GLU B 45 13.99 27.31 26.04
N THR B 46 14.79 28.31 25.74
CA THR B 46 15.47 28.38 24.45
C THR B 46 16.89 27.84 24.46
N THR B 47 17.31 27.30 25.59
CA THR B 47 18.64 26.73 25.72
C THR B 47 18.44 25.24 26.09
N GLY B 48 19.52 24.52 26.14
CA GLY B 48 19.52 23.09 26.49
C GLY B 48 20.97 22.58 26.36
N PRO B 49 21.13 21.34 26.80
CA PRO B 49 22.45 20.70 26.82
C PRO B 49 22.99 20.39 25.44
N ASN B 50 24.32 20.39 25.44
CA ASN B 50 25.15 20.09 24.28
C ASN B 50 25.95 18.86 24.72
N PHE B 51 25.71 17.77 24.03
CA PHE B 51 26.40 16.51 24.41
C PHE B 51 27.65 16.25 23.60
N SER B 52 28.26 17.25 23.02
CA SER B 52 29.47 17.07 22.22
C SER B 52 30.59 16.35 22.96
N HIS B 53 30.74 16.69 24.21
CA HIS B 53 31.77 16.14 25.08
C HIS B 53 31.36 14.91 25.84
N LEU B 54 30.21 14.37 25.54
CA LEU B 54 29.84 13.08 26.26
C LEU B 54 30.78 12.01 25.71
N GLY B 55 31.28 11.17 26.55
CA GLY B 55 32.26 10.13 26.14
C GLY B 55 31.53 8.91 25.64
N PHE B 56 31.28 8.87 24.36
CA PHE B 56 30.56 7.75 23.71
C PHE B 56 31.48 6.56 23.48
N GLY B 57 30.96 5.38 23.79
CA GLY B 57 31.71 4.11 23.56
C GLY B 57 31.71 3.85 22.04
N ALA B 58 32.67 3.09 21.58
CA ALA B 58 32.85 2.72 20.18
C ALA B 58 31.69 2.00 19.53
N HIS B 59 30.94 1.22 20.29
CA HIS B 59 29.78 0.50 19.70
C HIS B 59 28.45 1.01 20.26
N ASP B 60 28.43 2.23 20.73
CA ASP B 60 27.23 2.85 21.31
C ASP B 60 26.05 2.80 20.35
N HIS B 61 26.40 3.02 19.10
CA HIS B 61 25.39 3.05 18.01
C HIS B 61 25.26 1.72 17.29
N ASP B 62 25.98 0.71 17.76
CA ASP B 62 25.92 -0.62 17.05
C ASP B 62 25.33 -1.69 17.97
N LEU B 63 24.07 -1.96 17.78
CA LEU B 63 23.31 -2.93 18.56
C LEU B 63 23.67 -4.38 18.30
N LEU B 64 24.40 -4.66 17.27
CA LEU B 64 24.88 -6.01 16.91
C LEU B 64 26.09 -6.39 17.77
N LEU B 65 26.83 -5.37 18.21
CA LEU B 65 28.01 -5.53 19.04
C LEU B 65 27.99 -4.99 20.45
N ASN B 66 27.19 -4.00 20.76
CA ASN B 66 27.21 -3.33 22.04
C ASN B 66 26.62 -4.02 23.23
N PHE B 67 26.17 -5.23 23.14
CA PHE B 67 25.57 -5.91 24.30
C PHE B 67 26.59 -6.98 24.78
N GLY B 71 28.66 -13.47 20.65
CA GLY B 71 27.75 -13.80 19.57
C GLY B 71 26.93 -12.68 18.98
N LEU B 72 26.35 -12.97 17.84
CA LEU B 72 25.50 -12.08 17.06
C LEU B 72 24.03 -12.33 17.38
N PRO B 73 23.30 -11.23 17.45
CA PRO B 73 21.84 -11.36 17.73
C PRO B 73 21.22 -12.05 16.50
N ILE B 74 20.13 -12.72 16.79
CA ILE B 74 19.34 -13.38 15.73
C ILE B 74 18.33 -12.35 15.26
N GLY B 75 18.10 -12.24 13.97
CA GLY B 75 17.13 -11.26 13.44
C GLY B 75 17.62 -10.59 12.18
N GLU B 76 16.75 -9.83 11.58
CA GLU B 76 17.08 -9.14 10.33
C GLU B 76 18.03 -7.96 10.62
N ARG B 77 19.22 -8.09 10.13
CA ARG B 77 20.29 -7.09 10.28
C ARG B 77 19.89 -5.85 9.50
N ILE B 78 19.73 -4.72 10.18
CA ILE B 78 19.39 -3.50 9.43
C ILE B 78 20.25 -2.32 9.90
N ILE B 79 20.29 -1.33 9.02
CA ILE B 79 20.93 -0.05 9.35
C ILE B 79 19.73 0.95 9.40
N VAL B 80 19.70 1.69 10.45
CA VAL B 80 18.65 2.79 10.55
C VAL B 80 19.54 4.08 10.55
N ALA B 81 19.44 4.84 9.52
CA ALA B 81 20.12 6.08 9.27
C ALA B 81 19.11 7.15 8.81
N GLY B 82 19.57 8.38 8.93
CA GLY B 82 18.83 9.57 8.56
C GLY B 82 19.58 10.84 9.02
N ARG B 83 18.83 11.89 8.83
CA ARG B 83 19.22 13.25 9.14
C ARG B 83 18.18 13.93 10.05
N VAL B 84 18.74 14.71 10.95
CA VAL B 84 18.02 15.54 11.89
C VAL B 84 18.13 16.98 11.38
N VAL B 85 16.96 17.53 11.08
CA VAL B 85 16.84 18.89 10.60
C VAL B 85 15.71 19.63 11.33
N ASP B 86 15.75 20.97 11.21
CA ASP B 86 14.67 21.81 11.80
C ASP B 86 13.61 22.05 10.70
N GLN B 87 12.52 22.77 11.07
CA GLN B 87 11.44 23.06 10.16
C GLN B 87 11.91 23.97 9.01
N TYR B 88 13.09 24.57 9.14
CA TYR B 88 13.55 25.47 8.03
C TYR B 88 14.40 24.67 7.02
N GLY B 89 14.67 23.43 7.38
CA GLY B 89 15.44 22.50 6.62
C GLY B 89 16.94 22.55 6.97
N LYS B 90 17.25 23.17 8.07
CA LYS B 90 18.57 23.35 8.62
C LYS B 90 19.02 22.14 9.39
N PRO B 91 20.23 21.65 9.04
CA PRO B 91 20.78 20.47 9.70
C PRO B 91 21.01 20.79 11.18
N VAL B 92 20.92 19.79 12.00
CA VAL B 92 21.13 19.93 13.46
C VAL B 92 22.32 19.04 13.80
N PRO B 93 23.48 19.69 13.77
CA PRO B 93 24.75 18.99 14.01
C PRO B 93 24.95 18.77 15.49
N ASN B 94 25.73 17.78 15.83
CA ASN B 94 26.10 17.43 17.17
C ASN B 94 24.97 17.30 18.16
N THR B 95 23.88 16.70 17.76
CA THR B 95 22.73 16.47 18.60
C THR B 95 22.62 14.99 18.97
N LEU B 96 21.98 14.82 20.14
CA LEU B 96 21.84 13.53 20.73
C LEU B 96 20.60 12.74 20.33
N VAL B 97 20.91 11.58 19.76
CA VAL B 97 19.93 10.62 19.28
C VAL B 97 20.09 9.32 20.10
N GLU B 98 19.02 9.00 20.80
CA GLU B 98 18.96 7.81 21.63
C GLU B 98 17.76 6.95 21.18
N MET B 99 18.01 5.66 21.12
CA MET B 99 17.00 4.67 20.70
C MET B 99 17.01 3.45 21.60
N TRP B 100 15.91 2.77 21.56
CA TRP B 100 15.65 1.55 22.32
C TRP B 100 14.49 0.83 21.60
N GLN B 101 14.59 -0.46 21.67
CA GLN B 101 13.62 -1.38 21.02
C GLN B 101 13.70 -2.77 21.64
N ALA B 102 12.79 -3.60 21.18
CA ALA B 102 12.70 -5.01 21.55
C ALA B 102 13.59 -5.79 20.55
N ASN B 103 13.62 -7.09 20.80
CA ASN B 103 14.39 -8.04 19.99
C ASN B 103 13.46 -8.43 18.83
N ALA B 104 14.00 -9.34 18.05
CA ALA B 104 13.36 -9.90 16.85
C ALA B 104 12.01 -10.55 17.15
N GLY B 105 11.87 -11.04 18.37
CA GLY B 105 10.66 -11.67 18.83
C GLY B 105 9.67 -10.74 19.49
N GLY B 106 10.07 -9.48 19.60
CA GLY B 106 9.21 -8.46 20.27
C GLY B 106 9.39 -8.55 21.81
N ARG B 107 10.50 -9.09 22.24
CA ARG B 107 10.83 -9.17 23.68
C ARG B 107 11.74 -8.00 24.09
N TYR B 108 11.44 -7.38 25.20
CA TYR B 108 12.24 -6.27 25.72
C TYR B 108 13.09 -6.75 26.91
N ARG B 109 14.31 -6.28 26.93
CA ARG B 109 15.29 -6.60 27.99
C ARG B 109 15.05 -5.55 29.12
N HIS B 110 13.94 -5.81 29.82
CA HIS B 110 13.40 -5.04 30.90
C HIS B 110 12.49 -5.92 31.78
N LYS B 111 12.78 -5.83 33.06
CA LYS B 111 12.16 -6.46 34.20
C LYS B 111 10.66 -6.70 34.04
N ASN B 112 10.00 -5.58 33.77
CA ASN B 112 8.57 -5.52 33.62
C ASN B 112 8.05 -6.22 32.38
N ASP B 113 8.89 -6.75 31.51
CA ASP B 113 8.41 -7.42 30.28
C ASP B 113 8.27 -8.91 30.52
N ARG B 114 7.00 -9.29 30.53
CA ARG B 114 6.57 -10.67 30.76
C ARG B 114 6.16 -11.43 29.52
N TYR B 115 6.30 -10.85 28.35
CA TYR B 115 5.91 -11.56 27.11
C TYR B 115 6.72 -12.86 27.06
N LEU B 116 6.08 -13.91 26.58
CA LEU B 116 6.69 -15.25 26.48
C LEU B 116 7.76 -15.33 25.40
N ALA B 117 7.91 -14.33 24.57
CA ALA B 117 8.98 -14.39 23.52
C ALA B 117 10.27 -14.30 24.34
N PRO B 118 11.21 -15.21 24.07
CA PRO B 118 12.46 -15.28 24.80
C PRO B 118 13.39 -14.10 24.54
N LEU B 119 14.28 -13.88 25.49
CA LEU B 119 15.32 -12.85 25.37
C LEU B 119 16.34 -13.38 24.37
N ASP B 120 17.19 -12.51 23.88
CA ASP B 120 18.26 -12.90 22.92
C ASP B 120 19.59 -12.66 23.66
N PRO B 121 20.31 -13.74 23.85
CA PRO B 121 21.58 -13.76 24.57
C PRO B 121 22.53 -12.67 24.15
N ASN B 122 22.52 -12.32 22.86
CA ASN B 122 23.42 -11.30 22.36
C ASN B 122 22.73 -9.97 22.03
N PHE B 123 21.57 -9.74 22.62
CA PHE B 123 20.90 -8.45 22.27
C PHE B 123 20.48 -7.66 23.49
N GLY B 124 20.90 -6.42 23.48
CA GLY B 124 20.59 -5.45 24.57
C GLY B 124 19.38 -4.61 24.18
N GLY B 125 19.47 -3.81 23.14
CA GLY B 125 18.41 -2.99 22.64
C GLY B 125 18.44 -1.49 22.86
N VAL B 126 19.53 -0.93 23.22
CA VAL B 126 19.79 0.48 23.45
C VAL B 126 20.95 0.97 22.54
N GLY B 127 20.83 2.14 22.01
CA GLY B 127 21.80 2.80 21.17
C GLY B 127 21.70 4.33 21.34
N ARG B 128 22.77 4.99 21.04
CA ARG B 128 22.95 6.44 21.10
C ARG B 128 24.00 6.81 20.00
N CME B 129 23.81 7.96 19.50
CA CME B 129 24.67 8.51 18.41
CB CME B 129 24.11 7.90 17.10
SG CME B 129 24.81 8.74 15.64
SD CME B 129 26.79 8.34 15.68
CE CME B 129 26.93 6.64 15.07
CZ CME B 129 27.09 6.66 13.58
OH CME B 129 26.46 7.81 13.02
C CME B 129 24.48 10.03 18.43
O CME B 129 23.33 10.52 18.67
N LEU B 130 25.57 10.71 18.20
CA LEU B 130 25.62 12.16 18.12
C LEU B 130 25.67 12.47 16.60
N THR B 131 24.80 13.31 16.13
CA THR B 131 24.74 13.66 14.74
C THR B 131 26.07 14.32 14.33
N ASP B 132 26.38 14.14 13.08
CA ASP B 132 27.64 14.68 12.52
C ASP B 132 27.33 16.13 12.14
N SER B 133 28.38 16.69 11.52
CA SER B 133 28.31 18.08 11.06
C SER B 133 27.14 18.30 10.13
N ASP B 134 26.62 17.29 9.45
CA ASP B 134 25.51 17.48 8.52
C ASP B 134 24.13 17.09 9.08
N GLY B 135 24.06 16.69 10.31
CA GLY B 135 22.86 16.28 10.98
C GLY B 135 22.52 14.80 10.77
N TYR B 136 23.43 14.00 10.28
CA TYR B 136 23.27 12.59 10.06
C TYR B 136 23.62 11.71 11.25
N TYR B 137 22.90 10.62 11.31
CA TYR B 137 23.09 9.60 12.38
C TYR B 137 22.87 8.23 11.71
N SER B 138 23.33 7.21 12.39
CA SER B 138 23.14 5.85 11.92
C SER B 138 23.33 4.88 13.09
N PHE B 139 22.55 3.85 13.00
CA PHE B 139 22.60 2.77 14.01
C PHE B 139 22.65 1.45 13.19
N ARG B 140 23.10 0.44 13.89
CA ARG B 140 23.13 -0.91 13.31
C ARG B 140 22.41 -1.76 14.37
N THR B 141 21.34 -2.41 13.89
CA THR B 141 20.59 -3.25 14.85
C THR B 141 19.85 -4.36 14.08
N ILE B 142 18.83 -4.92 14.73
CA ILE B 142 17.99 -5.95 14.11
C ILE B 142 16.55 -5.40 14.14
N LYS B 143 15.73 -5.72 13.18
CA LYS B 143 14.34 -5.28 13.12
C LYS B 143 13.55 -5.93 14.30
N PRO B 144 12.97 -5.04 15.11
CA PRO B 144 12.21 -5.49 16.28
C PRO B 144 10.96 -6.24 15.76
N GLY B 145 10.49 -7.10 16.59
CA GLY B 145 9.19 -7.83 16.24
C GLY B 145 8.07 -7.05 16.90
N PRO B 146 6.85 -7.20 16.37
CA PRO B 146 5.68 -6.56 16.97
C PRO B 146 5.50 -7.32 18.32
N TYR B 147 4.62 -6.85 19.13
CA TYR B 147 4.32 -7.53 20.43
C TYR B 147 2.98 -7.09 20.98
N PRO B 148 2.38 -8.06 21.67
CA PRO B 148 1.03 -7.84 22.25
C PRO B 148 1.20 -6.91 23.48
N TRP B 149 0.11 -6.25 23.80
CA TRP B 149 0.10 -5.36 25.01
C TRP B 149 -1.33 -5.31 25.54
N ARG B 150 -1.42 -5.14 26.85
CA ARG B 150 -2.72 -5.10 27.54
C ARG B 150 -3.37 -3.75 27.38
N ASN B 151 -4.03 -3.50 26.26
CA ASN B 151 -4.78 -2.35 25.86
C ASN B 151 -6.20 -2.95 25.62
N GLY B 152 -6.52 -3.14 24.37
CA GLY B 152 -7.77 -3.87 24.01
C GLY B 152 -7.32 -5.36 24.22
N PRO B 153 -8.26 -6.26 24.00
CA PRO B 153 -8.03 -7.70 24.18
C PRO B 153 -7.11 -8.34 23.15
N ASN B 154 -6.90 -7.70 22.01
CA ASN B 154 -6.00 -8.30 20.99
C ASN B 154 -5.21 -7.20 20.31
N ASP B 155 -4.55 -6.37 21.10
CA ASP B 155 -3.76 -5.26 20.56
C ASP B 155 -2.31 -5.71 20.39
N TRP B 156 -1.77 -5.24 19.28
CA TRP B 156 -0.35 -5.52 18.94
C TRP B 156 0.30 -4.21 18.41
N ARG B 157 1.44 -3.89 18.99
CA ARG B 157 2.17 -2.68 18.49
C ARG B 157 2.86 -3.20 17.19
N PRO B 158 2.87 -2.34 16.20
CA PRO B 158 3.64 -2.65 14.97
C PRO B 158 5.11 -2.71 15.45
N ALA B 159 5.95 -3.29 14.63
CA ALA B 159 7.39 -3.32 14.97
C ALA B 159 7.75 -1.80 15.01
N HIS B 160 8.55 -1.49 16.01
CA HIS B 160 8.93 -0.02 16.12
C HIS B 160 10.19 0.13 16.98
N ILE B 161 10.82 1.27 16.71
CA ILE B 161 12.05 1.66 17.46
C ILE B 161 11.64 2.96 18.20
N HIS B 162 11.96 3.01 19.44
CA HIS B 162 11.66 4.22 20.28
C HIS B 162 12.87 5.16 20.08
N PHE B 163 12.58 6.41 19.77
CA PHE B 163 13.72 7.37 19.56
C PHE B 163 13.56 8.61 20.48
N GLY B 164 14.65 9.16 20.91
CA GLY B 164 14.77 10.37 21.73
C GLY B 164 15.79 11.31 21.00
N ILE B 165 15.44 12.54 20.79
CA ILE B 165 16.28 13.53 20.11
C ILE B 165 16.30 14.82 20.97
N SER B 166 17.51 15.25 21.29
CA SER B 166 17.68 16.45 22.14
C SER B 166 17.49 17.72 21.36
N GLY B 167 18.29 17.92 20.31
CA GLY B 167 18.18 19.17 19.50
C GLY B 167 18.90 20.27 20.34
N PRO B 168 18.76 21.50 19.86
CA PRO B 168 19.38 22.67 20.46
C PRO B 168 18.90 23.14 21.80
N SER B 169 17.66 22.83 22.19
CA SER B 169 17.13 23.27 23.47
C SER B 169 16.04 22.37 24.02
N ILE B 170 15.70 22.58 25.28
CA ILE B 170 14.61 21.76 25.92
C ILE B 170 13.32 22.01 25.17
N ALA B 171 13.27 23.15 24.43
CA ALA B 171 12.02 23.41 23.65
C ALA B 171 11.92 22.46 22.44
N THR B 172 13.04 21.97 21.96
CA THR B 172 13.04 21.09 20.77
C THR B 172 13.00 19.60 21.14
N LYS B 173 13.41 19.25 22.31
CA LYS B 173 13.48 17.88 22.83
C LYS B 173 12.23 17.12 22.40
N LEU B 174 12.50 15.90 21.94
CA LEU B 174 11.38 15.06 21.44
C LEU B 174 11.61 13.56 21.67
N ILE B 175 10.48 12.93 21.90
CA ILE B 175 10.43 11.43 22.05
C ILE B 175 9.33 10.98 21.06
N THR B 176 9.75 10.01 20.24
CA THR B 176 8.92 9.47 19.19
C THR B 176 9.19 7.97 18.98
N GLN B 177 8.58 7.50 17.91
CA GLN B 177 8.72 6.01 17.59
C GLN B 177 8.77 5.92 16.07
N LEU B 178 9.69 5.12 15.59
CA LEU B 178 9.86 4.84 14.16
C LEU B 178 9.10 3.52 13.88
N TYR B 179 8.33 3.53 12.84
CA TYR B 179 7.57 2.34 12.37
C TYR B 179 8.21 1.99 11.01
N PHE B 180 7.95 0.81 10.50
CA PHE B 180 8.52 0.35 9.22
C PHE B 180 7.58 0.28 8.06
N GLU B 181 8.04 0.74 6.89
CA GLU B 181 7.20 0.76 5.67
C GLU B 181 6.50 -0.60 5.46
N GLY B 182 5.22 -0.56 5.12
CA GLY B 182 4.32 -1.59 4.82
C GLY B 182 3.71 -2.38 5.97
N ASP B 183 4.19 -2.12 7.20
CA ASP B 183 3.64 -2.85 8.35
C ASP B 183 2.13 -2.71 8.46
N PRO B 184 1.45 -3.81 8.18
CA PRO B 184 -0.03 -3.88 8.24
C PRO B 184 -0.59 -3.59 9.61
N LEU B 185 0.26 -3.70 10.66
CA LEU B 185 -0.21 -3.42 12.02
C LEU B 185 -0.35 -1.89 12.28
N ILE B 186 0.28 -1.08 11.44
CA ILE B 186 0.29 0.34 11.61
C ILE B 186 -1.05 1.02 11.82
N PRO B 187 -1.97 0.83 10.91
CA PRO B 187 -3.29 1.43 10.95
C PRO B 187 -4.17 0.86 12.07
N MET B 188 -3.75 -0.17 12.72
CA MET B 188 -4.63 -0.73 13.77
C MET B 188 -4.27 -0.30 15.16
N CYS B 189 -3.11 0.30 15.28
CA CYS B 189 -2.57 0.69 16.57
C CYS B 189 -3.13 1.99 17.15
N PRO B 190 -3.65 1.83 18.38
CA PRO B 190 -4.26 2.91 19.13
C PRO B 190 -3.24 3.98 19.52
N ILE B 191 -1.99 3.60 19.66
CA ILE B 191 -0.89 4.57 19.95
C ILE B 191 -0.58 5.36 18.69
N VAL B 192 -0.54 4.59 17.55
CA VAL B 192 -0.27 5.28 16.29
C VAL B 192 -1.38 6.33 16.07
N LYS B 193 -2.59 5.91 16.21
CA LYS B 193 -3.78 6.66 16.03
C LYS B 193 -4.02 7.79 17.03
N SER B 194 -3.16 7.85 18.04
CA SER B 194 -3.31 8.99 19.03
C SER B 194 -3.11 10.20 18.11
N ILE B 195 -2.35 9.99 17.03
CA ILE B 195 -2.10 11.03 16.04
C ILE B 195 -3.31 11.11 15.09
N ALA B 196 -4.09 12.17 15.10
CA ALA B 196 -5.25 12.32 14.25
C ALA B 196 -5.05 12.59 12.79
N ASN B 197 -3.97 13.19 12.35
CA ASN B 197 -3.74 13.44 10.91
C ASN B 197 -2.89 12.32 10.30
N PRO B 198 -3.42 11.66 9.30
CA PRO B 198 -2.73 10.53 8.62
C PRO B 198 -1.43 10.98 7.99
N GLU B 199 -1.48 12.25 7.59
CA GLU B 199 -0.23 12.84 7.01
C GLU B 199 0.85 12.84 8.06
N ALA B 200 0.46 13.07 9.32
CA ALA B 200 1.47 13.08 10.43
C ALA B 200 2.01 11.70 10.62
N VAL B 201 1.14 10.71 10.52
CA VAL B 201 1.54 9.30 10.65
C VAL B 201 2.67 8.93 9.68
N GLN B 202 2.57 9.38 8.45
CA GLN B 202 3.52 9.13 7.38
C GLN B 202 4.95 9.49 7.78
N GLN B 203 5.05 10.56 8.58
CA GLN B 203 6.31 11.08 9.06
C GLN B 203 7.06 10.11 9.94
N LEU B 204 6.35 9.18 10.57
CA LEU B 204 6.96 8.21 11.48
C LEU B 204 7.33 6.91 10.78
N ILE B 205 7.06 6.83 9.49
CA ILE B 205 7.36 5.59 8.74
C ILE B 205 8.70 5.61 8.07
N ALA B 206 9.60 4.74 8.51
CA ALA B 206 10.96 4.63 7.92
C ALA B 206 10.80 3.96 6.53
N LYS B 207 11.52 4.44 5.54
CA LYS B 207 11.44 3.88 4.19
C LYS B 207 12.60 2.91 3.92
N LEU B 208 12.26 1.84 3.21
CA LEU B 208 13.34 0.83 2.88
C LEU B 208 14.35 1.62 2.00
N ASP B 209 15.61 1.44 2.25
CA ASP B 209 16.64 2.22 1.47
C ASP B 209 17.71 1.26 0.96
N MET B 210 17.43 0.70 -0.23
CA MET B 210 18.38 -0.23 -0.86
C MET B 210 19.72 0.46 -1.17
N ASN B 211 19.72 1.77 -1.32
CA ASN B 211 21.00 2.49 -1.67
C ASN B 211 22.03 2.49 -0.55
N ASN B 212 21.58 2.33 0.65
CA ASN B 212 22.34 2.33 1.86
C ASN B 212 22.64 0.96 2.45
N ALA B 213 22.06 -0.05 1.82
CA ALA B 213 22.29 -1.43 2.27
C ALA B 213 23.69 -1.89 1.87
N ASN B 214 24.13 -2.86 2.60
CA ASN B 214 25.39 -3.58 2.42
C ASN B 214 24.95 -4.94 1.80
N PRO B 215 25.25 -5.03 0.52
CA PRO B 215 24.90 -6.26 -0.25
C PRO B 215 25.45 -7.46 0.48
N MET B 216 24.72 -8.54 0.55
CA MET B 216 25.06 -9.78 1.23
C MET B 216 25.31 -9.58 2.73
N ASP B 217 24.75 -8.52 3.32
CA ASP B 217 24.99 -8.30 4.77
C ASP B 217 23.78 -7.81 5.51
N CYS B 218 23.41 -6.56 5.18
CA CYS B 218 22.23 -5.94 5.80
C CYS B 218 21.54 -4.92 4.94
N LEU B 219 20.26 -4.88 5.23
CA LEU B 219 19.33 -3.94 4.56
C LEU B 219 19.51 -2.61 5.35
N ALA B 220 18.71 -1.65 4.96
CA ALA B 220 18.74 -0.31 5.53
C ALA B 220 17.38 0.39 5.34
N TYR B 221 17.16 1.19 6.37
CA TYR B 221 15.96 2.02 6.44
C TYR B 221 16.43 3.47 6.68
N ARG B 222 15.62 4.35 6.18
CA ARG B 222 15.86 5.79 6.27
C ARG B 222 14.77 6.46 7.07
N PHE B 223 15.26 7.18 8.11
CA PHE B 223 14.33 7.93 8.98
C PHE B 223 14.86 9.35 9.28
N ASP B 224 14.29 10.34 8.62
CA ASP B 224 14.69 11.74 8.88
C ASP B 224 13.72 12.30 9.95
N ILE B 225 14.29 13.13 10.80
CA ILE B 225 13.57 13.78 11.90
C ILE B 225 13.64 15.29 11.76
N VAL B 226 12.51 15.96 11.90
CA VAL B 226 12.32 17.37 11.84
C VAL B 226 12.00 17.91 13.28
N LEU B 227 12.90 18.72 13.74
CA LEU B 227 12.76 19.44 15.03
C LEU B 227 12.21 20.84 14.72
N ARG B 228 11.65 21.45 15.74
CA ARG B 228 11.06 22.81 15.64
C ARG B 228 12.09 23.76 14.99
N GLY B 229 11.56 24.57 14.13
CA GLY B 229 12.42 25.58 13.38
C GLY B 229 13.00 26.58 14.37
N GLN B 230 14.26 26.84 14.23
CA GLN B 230 15.01 27.80 15.07
C GLN B 230 15.23 29.10 14.27
N ARG B 231 14.79 30.22 14.88
CA ARG B 231 14.99 31.52 14.23
C ARG B 231 15.67 32.49 15.19
N LYS B 232 16.16 33.59 14.54
CA LYS B 232 16.82 34.63 15.41
C LYS B 232 15.67 35.53 15.88
N THR B 233 15.81 36.07 17.06
CA THR B 233 14.81 37.00 17.64
C THR B 233 14.92 38.24 16.75
N HIS B 234 13.85 38.97 16.64
CA HIS B 234 13.87 40.19 15.83
C HIS B 234 12.84 41.17 16.37
N PHE B 235 13.26 42.44 16.38
CA PHE B 235 12.39 43.51 16.86
C PHE B 235 11.84 43.16 18.23
N GLU B 236 12.62 42.44 19.01
CA GLU B 236 12.14 42.02 20.33
C GLU B 236 12.21 43.02 21.46
N PRO C 1 -5.44 -6.95 5.33
CA PRO C 1 -5.58 -8.06 6.26
C PRO C 1 -6.97 -8.68 6.08
N ILE C 2 -7.23 -9.77 6.75
CA ILE C 2 -8.53 -10.44 6.64
C ILE C 2 -9.62 -9.71 7.44
N GLU C 3 -10.72 -9.45 6.83
CA GLU C 3 -11.86 -8.82 7.57
C GLU C 3 -13.06 -9.76 7.42
N LEU C 4 -13.75 -10.04 8.51
CA LEU C 4 -14.95 -10.93 8.50
C LEU C 4 -16.22 -10.08 8.31
N LEU C 5 -17.38 -10.70 8.38
CA LEU C 5 -18.62 -9.88 8.33
C LEU C 5 -18.55 -9.10 9.72
N PRO C 6 -18.95 -7.87 9.67
CA PRO C 6 -18.92 -7.02 10.89
C PRO C 6 -20.18 -7.40 11.73
N GLU C 7 -19.95 -7.39 13.02
CA GLU C 7 -20.99 -7.69 14.00
C GLU C 7 -22.10 -6.67 13.99
N THR C 8 -23.33 -7.10 14.16
CA THR C 8 -24.46 -6.13 14.24
C THR C 8 -24.16 -5.20 15.46
N PRO C 9 -24.19 -3.90 15.19
CA PRO C 9 -23.93 -2.90 16.21
C PRO C 9 -24.98 -2.91 17.34
N SER C 10 -24.49 -2.68 18.55
CA SER C 10 -25.37 -2.57 19.74
C SER C 10 -26.15 -1.25 19.69
N GLN C 11 -27.22 -1.23 20.44
CA GLN C 11 -28.09 -0.03 20.63
C GLN C 11 -28.53 -0.19 22.11
N THR C 12 -28.91 0.90 22.73
CA THR C 12 -29.34 0.92 24.14
C THR C 12 -30.68 0.11 24.20
N ALA C 13 -30.89 -0.47 25.34
CA ALA C 13 -32.12 -1.24 25.64
C ALA C 13 -33.29 -0.31 25.73
N GLY C 14 -33.00 0.96 26.11
CA GLY C 14 -34.06 1.98 26.24
C GLY C 14 -34.76 1.78 27.62
N PRO C 15 -35.60 2.73 27.94
CA PRO C 15 -36.37 2.73 29.19
C PRO C 15 -37.42 1.65 29.28
N TYR C 16 -37.99 1.21 28.15
CA TYR C 16 -39.03 0.18 28.15
C TYR C 16 -38.55 -1.25 28.01
N VAL C 17 -37.30 -1.51 28.34
CA VAL C 17 -36.73 -2.86 28.22
C VAL C 17 -37.61 -3.88 28.92
N HIS C 18 -38.26 -3.39 29.98
CA HIS C 18 -39.13 -4.24 30.80
C HIS C 18 -40.22 -4.91 29.99
N ILE C 19 -40.76 -4.21 29.00
CA ILE C 19 -41.86 -4.82 28.23
C ILE C 19 -41.43 -6.13 27.57
N GLY C 20 -40.15 -6.21 27.19
CA GLY C 20 -39.65 -7.38 26.51
C GLY C 20 -38.96 -8.41 27.35
N LEU C 21 -38.17 -7.99 28.31
CA LEU C 21 -37.37 -8.85 29.16
C LEU C 21 -37.71 -8.95 30.61
N ALA C 22 -38.70 -8.25 31.08
CA ALA C 22 -39.11 -8.25 32.52
C ALA C 22 -40.55 -7.78 32.62
N LEU C 23 -41.40 -8.66 32.08
CA LEU C 23 -42.83 -8.48 31.99
C LEU C 23 -43.51 -7.98 33.24
N GLU C 24 -43.26 -8.66 34.35
CA GLU C 24 -43.87 -8.23 35.63
C GLU C 24 -43.61 -6.74 35.82
N ALA C 25 -42.35 -6.40 35.86
CA ALA C 25 -41.84 -5.05 36.04
C ALA C 25 -42.53 -4.04 35.16
N ALA C 26 -42.78 -4.41 33.91
CA ALA C 26 -43.45 -3.51 32.96
C ALA C 26 -44.89 -3.27 33.45
N GLY C 27 -45.27 -4.21 34.31
CA GLY C 27 -46.62 -4.25 34.90
C GLY C 27 -47.57 -4.84 33.84
N ASN C 28 -47.05 -5.83 33.12
CA ASN C 28 -47.83 -6.52 32.08
C ASN C 28 -47.94 -8.01 32.49
N PRO C 29 -48.98 -8.63 31.95
CA PRO C 29 -49.22 -10.07 32.18
C PRO C 29 -48.00 -10.85 31.65
N THR C 30 -47.63 -11.87 32.39
CA THR C 30 -46.52 -12.74 31.99
C THR C 30 -47.05 -13.92 31.18
N ARG C 31 -46.09 -14.58 30.56
CA ARG C 31 -46.35 -15.79 29.73
C ARG C 31 -46.13 -16.96 30.70
N ASP C 32 -46.42 -18.16 30.26
CA ASP C 32 -46.29 -19.39 31.06
C ASP C 32 -44.87 -19.53 31.63
N GLN C 33 -43.93 -19.36 30.68
CA GLN C 33 -42.51 -19.51 31.07
C GLN C 33 -41.75 -18.22 30.89
N GLU C 34 -41.07 -17.82 31.98
CA GLU C 34 -40.28 -16.58 32.00
C GLU C 34 -38.92 -16.76 32.66
N ILE C 35 -37.95 -16.06 32.08
CA ILE C 35 -36.57 -16.09 32.61
C ILE C 35 -36.54 -14.98 33.68
N TRP C 36 -36.36 -15.39 34.93
CA TRP C 36 -36.38 -14.38 36.02
C TRP C 36 -35.25 -14.45 36.99
N ASN C 37 -35.39 -13.94 38.20
CA ASN C 37 -34.33 -13.83 39.20
C ASN C 37 -34.13 -14.88 40.24
N ARG C 38 -34.70 -16.02 40.04
CA ARG C 38 -34.59 -17.16 40.99
C ARG C 38 -33.79 -18.27 40.32
N LEU C 39 -32.50 -18.29 40.43
CA LEU C 39 -31.65 -19.28 39.80
C LEU C 39 -31.72 -20.65 40.46
N ALA C 40 -31.97 -20.66 41.76
CA ALA C 40 -32.02 -21.92 42.47
C ALA C 40 -33.36 -22.15 43.18
N LYS C 41 -33.75 -23.41 43.13
CA LYS C 41 -34.98 -23.88 43.84
C LYS C 41 -34.47 -24.23 45.24
N PRO C 42 -35.31 -24.11 46.23
CA PRO C 42 -34.96 -24.39 47.63
C PRO C 42 -34.22 -25.67 47.83
N ASP C 43 -34.51 -26.68 47.04
CA ASP C 43 -33.82 -27.98 47.17
C ASP C 43 -32.55 -28.05 46.35
N ALA C 44 -31.98 -26.93 45.94
CA ALA C 44 -30.73 -27.00 45.13
C ALA C 44 -29.54 -27.02 46.09
N PRO C 45 -28.52 -27.76 45.70
CA PRO C 45 -27.30 -27.89 46.51
C PRO C 45 -26.55 -26.56 46.45
N GLY C 46 -25.78 -26.32 47.50
CA GLY C 46 -24.95 -25.13 47.62
C GLY C 46 -25.50 -24.23 48.73
N GLU C 47 -24.69 -23.21 49.04
CA GLU C 47 -25.08 -22.24 50.08
C GLU C 47 -25.99 -21.20 49.43
N HIS C 48 -27.27 -21.31 49.78
CA HIS C 48 -28.30 -20.40 49.29
C HIS C 48 -28.04 -18.97 49.79
N ILE C 49 -28.08 -18.04 48.85
CA ILE C 49 -27.83 -16.64 49.12
C ILE C 49 -28.80 -15.75 48.33
N LEU C 50 -28.90 -14.55 48.85
CA LEU C 50 -29.72 -13.48 48.26
C LEU C 50 -28.70 -12.39 47.87
N LEU C 51 -28.83 -11.94 46.66
CA LEU C 51 -27.91 -10.87 46.15
C LEU C 51 -28.83 -9.67 45.90
N LEU C 52 -28.29 -8.51 46.19
CA LEU C 52 -29.02 -7.27 46.03
C LEU C 52 -28.06 -6.11 45.84
N GLY C 53 -28.53 -5.11 45.12
CA GLY C 53 -27.74 -3.93 44.86
C GLY C 53 -28.60 -2.85 44.20
N GLN C 54 -27.92 -1.72 44.16
CA GLN C 54 -28.40 -0.48 43.55
C GLN C 54 -27.36 -0.15 42.47
N VAL C 55 -27.79 0.60 41.51
CA VAL C 55 -27.00 1.07 40.39
C VAL C 55 -27.01 2.61 40.44
N TYR C 56 -25.84 3.16 40.41
CA TYR C 56 -25.61 4.60 40.46
C TYR C 56 -24.98 5.20 39.20
N ASP C 57 -25.50 6.34 38.81
CA ASP C 57 -24.98 7.09 37.68
C ASP C 57 -23.79 7.94 38.20
N GLY C 58 -23.25 8.74 37.29
CA GLY C 58 -22.15 9.61 37.54
C GLY C 58 -22.49 10.76 38.51
N ASN C 59 -23.76 11.10 38.62
CA ASN C 59 -24.14 12.19 39.56
C ASN C 59 -24.40 11.59 40.93
N GLY C 60 -24.25 10.30 41.08
CA GLY C 60 -24.52 9.62 42.35
C GLY C 60 -26.00 9.32 42.51
N HIS C 61 -26.78 9.47 41.45
CA HIS C 61 -28.21 9.19 41.46
C HIS C 61 -28.45 7.72 41.04
N LEU C 62 -29.55 7.20 41.55
CA LEU C 62 -29.96 5.82 41.27
C LEU C 62 -30.41 5.64 39.81
N VAL C 63 -30.01 4.52 39.26
CA VAL C 63 -30.43 4.13 37.86
C VAL C 63 -31.60 3.12 38.14
N ARG C 64 -32.77 3.66 37.96
CA ARG C 64 -34.02 2.97 38.25
C ARG C 64 -34.58 2.13 37.14
N ASP C 65 -34.04 2.24 35.94
CA ASP C 65 -34.53 1.45 34.80
C ASP C 65 -33.48 0.44 34.31
N SER C 66 -32.55 0.07 35.14
CA SER C 66 -31.51 -0.88 34.71
C SER C 66 -32.03 -2.32 34.69
N PHE C 67 -31.40 -3.09 33.83
CA PHE C 67 -31.72 -4.51 33.54
C PHE C 67 -30.39 -5.27 33.59
N LEU C 68 -30.33 -6.32 34.36
CA LEU C 68 -29.15 -7.14 34.56
C LEU C 68 -29.41 -8.61 34.17
N GLU C 69 -28.36 -9.24 33.71
CA GLU C 69 -28.31 -10.63 33.30
C GLU C 69 -27.10 -11.23 33.99
N VAL C 70 -27.30 -12.37 34.62
CA VAL C 70 -26.20 -12.99 35.37
C VAL C 70 -25.91 -14.36 34.77
N TRP C 71 -24.69 -14.77 34.90
CA TRP C 71 -24.25 -16.11 34.39
C TRP C 71 -23.25 -16.60 35.45
N GLN C 72 -23.64 -17.72 36.07
CA GLN C 72 -22.75 -18.28 37.11
C GLN C 72 -22.70 -19.81 37.13
N ALA C 73 -21.56 -20.32 37.63
CA ALA C 73 -21.48 -21.80 37.77
C ALA C 73 -22.36 -22.18 39.00
N ASP C 74 -22.61 -23.47 39.08
CA ASP C 74 -23.36 -24.01 40.21
C ASP C 74 -22.32 -24.14 41.35
N ALA C 75 -22.83 -24.66 42.44
CA ALA C 75 -22.04 -24.89 43.66
C ALA C 75 -20.89 -25.84 43.41
N ASN C 76 -20.98 -26.64 42.34
CA ASN C 76 -19.88 -27.57 42.03
C ASN C 76 -18.87 -26.91 41.07
N GLY C 77 -19.12 -25.67 40.74
CA GLY C 77 -18.28 -24.90 39.83
C GLY C 77 -18.56 -25.37 38.40
N GLU C 78 -19.82 -25.69 38.13
CA GLU C 78 -20.22 -26.15 36.80
C GLU C 78 -21.30 -25.29 36.18
N TYR C 79 -21.11 -24.93 34.91
CA TYR C 79 -22.07 -24.12 34.18
C TYR C 79 -23.20 -24.96 33.58
N GLN C 80 -24.39 -24.67 34.07
CA GLN C 80 -25.61 -25.37 33.62
C GLN C 80 -26.27 -24.58 32.51
N ASP C 81 -25.91 -24.87 31.26
CA ASP C 81 -26.42 -24.19 30.11
C ASP C 81 -27.80 -24.60 29.63
N ALA C 82 -28.17 -25.86 29.86
CA ALA C 82 -29.51 -26.30 29.42
C ALA C 82 -30.54 -25.64 30.33
N TYR C 83 -30.99 -24.47 29.94
CA TYR C 83 -31.98 -23.71 30.69
C TYR C 83 -33.36 -24.38 30.70
N ASN C 84 -33.87 -24.52 31.91
CA ASN C 84 -35.19 -25.18 32.12
C ASN C 84 -35.75 -24.85 33.51
N LEU C 85 -36.98 -24.43 33.53
CA LEU C 85 -37.73 -24.07 34.73
C LEU C 85 -37.88 -25.27 35.66
N GLU C 86 -37.73 -26.45 35.11
CA GLU C 86 -37.83 -27.70 35.88
C GLU C 86 -36.58 -27.90 36.72
N ASN C 87 -35.46 -27.32 36.30
CA ASN C 87 -34.18 -27.46 36.98
C ASN C 87 -34.21 -26.92 38.42
N ALA C 88 -33.42 -27.57 39.24
CA ALA C 88 -33.28 -27.15 40.65
C ALA C 88 -32.36 -25.89 40.65
N PHE C 89 -31.50 -25.85 39.65
CA PHE C 89 -30.55 -24.78 39.44
C PHE C 89 -30.38 -24.43 37.95
N ASN C 90 -30.41 -23.13 37.70
CA ASN C 90 -30.19 -22.54 36.38
C ASN C 90 -28.99 -21.57 36.56
N SER C 91 -28.02 -21.67 35.69
CA SER C 91 -26.82 -20.84 35.69
C SER C 91 -27.07 -19.40 35.21
N PHE C 92 -28.17 -19.24 34.49
CA PHE C 92 -28.60 -17.99 33.92
C PHE C 92 -29.82 -17.42 34.64
N GLY C 93 -29.80 -16.10 34.72
CA GLY C 93 -30.94 -15.37 35.32
C GLY C 93 -31.03 -13.93 34.81
N ARG C 94 -32.12 -13.32 35.23
CA ARG C 94 -32.42 -11.93 34.92
C ARG C 94 -33.08 -11.26 36.13
N THR C 95 -32.76 -9.98 36.20
CA THR C 95 -33.25 -9.08 37.26
C THR C 95 -33.29 -7.65 36.73
N ALA C 96 -33.96 -6.81 37.45
CA ALA C 96 -34.13 -5.38 37.14
C ALA C 96 -34.26 -4.59 38.45
N THR C 97 -34.04 -3.28 38.35
CA THR C 97 -34.18 -2.45 39.56
C THR C 97 -35.62 -1.93 39.63
N THR C 98 -36.07 -1.87 40.88
CA THR C 98 -37.43 -1.34 41.18
C THR C 98 -37.46 0.16 40.88
N PHE C 99 -38.60 0.59 40.34
CA PHE C 99 -38.75 2.01 39.97
C PHE C 99 -38.79 2.86 41.22
N ASP C 100 -39.08 2.23 42.33
CA ASP C 100 -39.16 2.87 43.65
C ASP C 100 -37.78 2.84 44.31
N ALA C 101 -37.51 1.87 45.16
CA ALA C 101 -36.22 1.75 45.83
C ALA C 101 -35.05 1.75 44.83
N GLY C 102 -35.26 1.14 43.67
CA GLY C 102 -34.17 1.06 42.68
C GLY C 102 -33.17 -0.04 43.05
N GLU C 103 -33.71 -1.06 43.68
CA GLU C 103 -32.89 -2.20 44.14
C GLU C 103 -33.28 -3.46 43.35
N TRP C 104 -32.28 -4.20 42.92
CA TRP C 104 -32.50 -5.46 42.18
C TRP C 104 -32.19 -6.57 43.19
N THR C 105 -32.78 -7.72 43.01
CA THR C 105 -32.51 -8.86 43.88
C THR C 105 -32.43 -10.11 42.98
N LEU C 106 -31.65 -11.03 43.51
CA LEU C 106 -31.43 -12.33 42.85
C LEU C 106 -31.32 -13.43 43.90
N HIS C 107 -31.98 -14.50 43.62
CA HIS C 107 -32.03 -15.71 44.48
C HIS C 107 -31.18 -16.79 43.85
N THR C 108 -30.08 -17.09 44.50
CA THR C 108 -29.15 -18.11 43.93
C THR C 108 -28.37 -18.82 45.00
N VAL C 109 -27.30 -19.47 44.57
CA VAL C 109 -26.37 -20.20 45.43
C VAL C 109 -24.97 -19.66 45.14
N LYS C 110 -24.08 -19.80 46.11
CA LYS C 110 -22.67 -19.34 45.89
C LYS C 110 -21.97 -20.25 44.88
N PRO C 111 -21.44 -19.62 43.82
CA PRO C 111 -20.78 -20.35 42.74
C PRO C 111 -19.54 -21.08 43.23
N GLY C 112 -19.30 -22.26 42.69
CA GLY C 112 -18.07 -23.02 43.03
C GLY C 112 -16.98 -22.44 42.08
N VAL C 113 -15.76 -22.86 42.25
CA VAL C 113 -14.58 -22.47 41.53
C VAL C 113 -14.43 -23.05 40.15
N VAL C 114 -14.02 -22.20 39.22
CA VAL C 114 -13.79 -22.62 37.83
C VAL C 114 -12.35 -22.14 37.52
N ASN C 115 -11.77 -22.83 36.59
CA ASN C 115 -10.38 -22.57 36.14
C ASN C 115 -10.39 -21.76 34.85
N ASN C 116 -9.35 -20.96 34.73
CA ASN C 116 -9.20 -20.13 33.49
C ASN C 116 -8.68 -21.13 32.41
N ALA C 117 -8.54 -20.56 31.23
CA ALA C 117 -8.07 -21.31 30.06
C ALA C 117 -6.73 -21.94 30.38
N ALA C 118 -5.94 -21.30 31.22
CA ALA C 118 -4.63 -21.82 31.63
C ALA C 118 -4.74 -22.85 32.75
N GLY C 119 -5.92 -23.23 33.16
CA GLY C 119 -6.08 -24.23 34.24
C GLY C 119 -5.83 -23.62 35.62
N VAL C 120 -5.85 -22.29 35.71
CA VAL C 120 -5.66 -21.60 37.01
C VAL C 120 -7.08 -21.29 37.52
N PRO C 121 -7.37 -21.65 38.76
CA PRO C 121 -8.67 -21.38 39.34
C PRO C 121 -8.88 -19.88 39.61
N MET C 122 -10.13 -19.52 39.37
CA MET C 122 -10.67 -18.16 39.54
C MET C 122 -11.54 -18.21 40.83
N ALA C 123 -11.56 -17.07 41.50
CA ALA C 123 -12.38 -17.03 42.77
C ALA C 123 -13.83 -17.13 42.38
N PRO C 124 -14.64 -17.63 43.28
CA PRO C 124 -16.10 -17.70 43.01
C PRO C 124 -16.52 -16.32 42.49
N HIS C 125 -17.26 -16.30 41.41
CA HIS C 125 -17.74 -15.04 40.85
C HIS C 125 -19.02 -15.28 40.07
N ILE C 126 -19.70 -14.18 39.85
CA ILE C 126 -20.94 -14.09 39.09
C ILE C 126 -20.68 -13.13 37.94
N ASN C 127 -21.00 -13.55 36.74
CA ASN C 127 -20.79 -12.68 35.54
C ASN C 127 -22.03 -11.82 35.40
N ILE C 128 -21.83 -10.52 35.27
CA ILE C 128 -22.98 -9.63 35.14
C ILE C 128 -22.90 -8.75 33.90
N SER C 129 -24.02 -8.57 33.26
CA SER C 129 -24.20 -7.70 32.11
C SER C 129 -25.29 -6.69 32.50
N LEU C 130 -24.97 -5.44 32.36
CA LEU C 130 -25.87 -4.33 32.69
C LEU C 130 -26.31 -3.57 31.44
N PHE C 131 -27.62 -3.39 31.35
CA PHE C 131 -28.30 -2.73 30.25
C PHE C 131 -29.25 -1.63 30.83
N ALA C 132 -29.43 -0.59 30.05
CA ALA C 132 -30.27 0.52 30.43
C ALA C 132 -30.23 1.64 29.43
N ARG C 133 -31.29 2.49 29.51
CA ARG C 133 -31.32 3.66 28.63
C ARG C 133 -30.04 4.46 29.03
N GLY C 134 -29.43 5.04 28.01
CA GLY C 134 -28.20 5.81 28.26
C GLY C 134 -26.99 4.93 28.07
N ILE C 135 -27.17 3.63 28.07
CA ILE C 135 -26.09 2.65 27.90
C ILE C 135 -26.17 2.09 26.48
N ASN C 136 -25.28 2.54 25.67
CA ASN C 136 -25.22 2.20 24.23
C ASN C 136 -24.83 0.74 23.98
N ILE C 137 -23.95 0.24 24.79
CA ILE C 137 -23.47 -1.14 24.76
C ILE C 137 -23.34 -1.58 26.22
N HIS C 138 -23.92 -2.72 26.50
CA HIS C 138 -23.98 -3.25 27.87
C HIS C 138 -22.63 -3.34 28.49
N LEU C 139 -22.58 -3.23 29.80
CA LEU C 139 -21.28 -3.27 30.51
C LEU C 139 -21.17 -4.63 31.23
N HIS C 140 -20.00 -5.22 31.06
CA HIS C 140 -19.69 -6.46 31.66
C HIS C 140 -18.94 -6.15 33.01
N THR C 141 -19.20 -6.99 33.96
CA THR C 141 -18.57 -6.96 35.26
C THR C 141 -18.67 -8.32 35.94
N ARG C 142 -17.97 -8.46 37.06
CA ARG C 142 -17.98 -9.63 37.88
C ARG C 142 -18.29 -9.27 39.34
N LEU C 143 -18.96 -10.21 39.98
CA LEU C 143 -19.27 -10.01 41.43
C LEU C 143 -18.42 -11.04 42.17
N TYR C 144 -17.62 -10.54 43.10
CA TYR C 144 -16.78 -11.45 43.93
C TYR C 144 -17.36 -11.33 45.36
N PHE C 145 -16.95 -12.21 46.25
CA PHE C 145 -17.49 -12.24 47.63
C PHE C 145 -16.40 -11.89 48.63
N ASP C 146 -16.67 -10.93 49.52
CA ASP C 146 -15.72 -10.51 50.53
C ASP C 146 -15.29 -11.64 51.45
N ASP C 147 -16.06 -12.69 51.56
CA ASP C 147 -15.68 -13.80 52.43
C ASP C 147 -14.77 -14.78 51.71
N GLU C 148 -14.25 -14.40 50.56
CA GLU C 148 -13.37 -15.32 49.81
C GLU C 148 -12.03 -14.62 49.55
N ALA C 149 -11.57 -13.90 50.56
CA ALA C 149 -10.35 -13.14 50.49
C ALA C 149 -9.18 -13.96 49.95
N GLN C 150 -8.96 -15.11 50.50
CA GLN C 150 -7.87 -16.01 50.08
C GLN C 150 -7.92 -16.28 48.59
N ALA C 151 -9.09 -16.69 48.13
CA ALA C 151 -9.26 -16.98 46.69
C ALA C 151 -9.12 -15.71 45.84
N ASN C 152 -9.74 -14.65 46.32
CA ASN C 152 -9.76 -13.36 45.63
C ASN C 152 -8.32 -12.89 45.39
N ALA C 153 -7.55 -13.03 46.45
CA ALA C 153 -6.16 -12.63 46.48
C ALA C 153 -5.41 -13.25 45.30
N LYS C 154 -5.80 -14.46 44.94
CA LYS C 154 -5.15 -15.18 43.85
C LYS C 154 -5.88 -15.25 42.55
N CYS C 155 -7.01 -14.62 42.33
CA CYS C 155 -7.71 -14.74 41.04
C CYS C 155 -6.89 -14.12 39.91
N PRO C 156 -6.74 -14.89 38.85
CA PRO C 156 -6.00 -14.42 37.65
C PRO C 156 -6.76 -13.23 37.03
N VAL C 157 -8.07 -13.19 37.23
CA VAL C 157 -8.89 -12.12 36.67
C VAL C 157 -8.76 -10.84 37.48
N LEU C 158 -8.88 -10.98 38.79
CA LEU C 158 -8.77 -9.83 39.69
C LEU C 158 -7.37 -9.22 39.58
N ASN C 159 -6.39 -10.10 39.49
CA ASN C 159 -4.99 -9.71 39.39
C ASN C 159 -4.64 -8.98 38.14
N LEU C 160 -5.54 -8.93 37.17
CA LEU C 160 -5.33 -8.22 35.90
C LEU C 160 -5.65 -6.73 36.06
N ILE C 161 -6.35 -6.40 37.11
CA ILE C 161 -6.69 -4.97 37.38
C ILE C 161 -5.41 -4.39 38.01
N GLU C 162 -4.84 -3.44 37.31
CA GLU C 162 -3.60 -2.77 37.69
C GLU C 162 -3.63 -2.22 39.12
N GLN C 163 -4.62 -1.41 39.43
CA GLN C 163 -4.79 -0.77 40.72
C GLN C 163 -5.64 -1.56 41.70
N PRO C 164 -4.97 -2.02 42.73
CA PRO C 164 -5.59 -2.81 43.80
C PRO C 164 -6.86 -2.19 44.34
N GLN C 165 -6.90 -0.88 44.41
CA GLN C 165 -8.04 -0.13 44.91
C GLN C 165 -9.26 -0.36 44.03
N ARG C 166 -9.02 -0.55 42.73
CA ARG C 166 -10.09 -0.76 41.77
C ARG C 166 -10.69 -2.16 41.89
N ARG C 167 -9.90 -3.09 42.40
CA ARG C 167 -10.34 -4.49 42.57
C ARG C 167 -11.46 -4.60 43.61
N GLU C 168 -11.33 -3.73 44.60
CA GLU C 168 -12.28 -3.66 45.69
C GLU C 168 -13.69 -3.36 45.21
N THR C 169 -13.80 -2.72 44.06
CA THR C 169 -15.08 -2.37 43.46
C THR C 169 -15.86 -3.63 43.05
N LEU C 170 -15.14 -4.72 42.86
CA LEU C 170 -15.79 -5.98 42.45
C LEU C 170 -16.20 -6.88 43.59
N ILE C 171 -15.94 -6.52 44.82
CA ILE C 171 -16.25 -7.34 45.99
C ILE C 171 -17.54 -7.04 46.67
N ALA C 172 -18.43 -8.02 46.68
CA ALA C 172 -19.73 -7.90 47.33
C ALA C 172 -19.52 -8.05 48.86
N LYS C 173 -20.27 -7.28 49.61
CA LYS C 173 -20.24 -7.24 51.07
C LYS C 173 -21.32 -8.16 51.65
N ARG C 174 -20.82 -9.10 52.44
CA ARG C 174 -21.70 -10.07 53.11
C ARG C 174 -22.54 -9.33 54.17
N CYS C 175 -23.80 -9.66 54.17
CA CYS C 175 -24.78 -9.05 55.09
C CYS C 175 -25.89 -10.07 55.34
N GLU C 176 -26.89 -9.64 56.09
CA GLU C 176 -28.02 -10.55 56.40
C GLU C 176 -29.31 -9.82 56.11
N VAL C 177 -30.27 -10.57 55.59
CA VAL C 177 -31.62 -10.10 55.24
C VAL C 177 -32.58 -11.15 55.81
N ASP C 178 -33.40 -10.71 56.76
CA ASP C 178 -34.34 -11.61 57.45
C ASP C 178 -33.58 -12.86 57.88
N GLY C 179 -32.42 -12.61 58.47
CA GLY C 179 -31.59 -13.71 58.95
C GLY C 179 -31.12 -14.62 57.84
N LYS C 180 -31.05 -14.09 56.62
CA LYS C 180 -30.58 -14.90 55.49
C LYS C 180 -29.29 -14.24 54.98
N THR C 181 -28.36 -15.11 54.60
CA THR C 181 -27.08 -14.64 54.07
C THR C 181 -27.38 -13.94 52.72
N ALA C 182 -26.88 -12.73 52.67
CA ALA C 182 -27.02 -11.86 51.50
C ALA C 182 -25.68 -11.15 51.26
N TYR C 183 -25.55 -10.69 50.03
CA TYR C 183 -24.38 -9.94 49.60
C TYR C 183 -24.94 -8.73 48.84
N ARG C 184 -24.39 -7.60 49.18
CA ARG C 184 -24.79 -6.36 48.53
C ARG C 184 -23.63 -5.99 47.55
N PHE C 185 -24.08 -5.79 46.33
CA PHE C 185 -23.20 -5.43 45.23
C PHE C 185 -23.74 -4.21 44.50
N ASP C 186 -23.26 -3.03 44.80
CA ASP C 186 -23.65 -1.79 44.15
C ASP C 186 -22.74 -1.54 42.93
N ILE C 187 -23.30 -0.96 41.89
CA ILE C 187 -22.50 -0.64 40.70
C ILE C 187 -22.45 0.89 40.56
N ARG C 188 -21.26 1.42 40.51
CA ARG C 188 -21.12 2.89 40.30
C ARG C 188 -20.68 2.95 38.83
N ILE C 189 -21.55 3.38 37.95
CA ILE C 189 -21.23 3.43 36.50
C ILE C 189 -20.09 4.39 36.22
N GLN C 190 -20.15 5.49 36.99
CA GLN C 190 -19.14 6.55 36.76
C GLN C 190 -18.81 7.32 38.01
N GLY C 191 -17.58 7.81 38.06
CA GLY C 191 -17.07 8.62 39.14
C GLY C 191 -16.31 7.89 40.20
N GLU C 192 -16.43 8.45 41.39
CA GLU C 192 -15.77 7.94 42.62
C GLU C 192 -16.24 6.51 42.88
N GLY C 193 -15.28 5.63 42.97
CA GLY C 193 -15.53 4.20 43.20
C GLY C 193 -16.15 3.57 41.97
N GLU C 194 -15.90 4.12 40.79
CA GLU C 194 -16.47 3.59 39.55
C GLU C 194 -16.12 2.09 39.47
N THR C 195 -17.16 1.29 39.26
CA THR C 195 -16.96 -0.16 39.15
C THR C 195 -16.15 -0.54 37.88
N VAL C 196 -15.29 -1.51 38.08
CA VAL C 196 -14.45 -2.04 36.99
C VAL C 196 -15.44 -2.79 36.01
N PHE C 197 -15.27 -2.46 34.77
CA PHE C 197 -16.03 -3.08 33.67
C PHE C 197 -14.94 -3.68 32.71
N PHE C 198 -15.29 -4.85 32.22
CA PHE C 198 -14.44 -5.66 31.38
C PHE C 198 -14.85 -5.68 29.90
N ASP C 199 -13.80 -5.99 29.15
CA ASP C 199 -13.95 -6.20 27.69
C ASP C 199 -13.38 -7.64 27.54
N PHE C 200 -14.03 -8.45 26.77
CA PHE C 200 -13.65 -9.82 26.50
C PHE C 200 -14.33 -10.26 25.15
N PRO D 1 -22.68 -30.21 31.87
CA PRO D 1 -22.32 -28.79 31.99
C PRO D 1 -21.67 -28.29 30.70
N ALA D 2 -21.58 -26.97 30.60
CA ALA D 2 -20.98 -26.29 29.44
C ALA D 2 -19.47 -26.47 29.46
N GLN D 3 -18.84 -26.32 28.30
CA GLN D 3 -17.39 -26.51 28.15
C GLN D 3 -16.68 -25.41 27.37
N ASP D 4 -15.45 -25.17 27.81
CA ASP D 4 -14.58 -24.16 27.21
C ASP D 4 -13.96 -24.75 25.92
N ASN D 5 -14.70 -24.64 24.84
CA ASN D 5 -14.18 -25.13 23.56
C ASN D 5 -14.00 -24.04 22.51
N SER D 6 -14.66 -22.91 22.63
CA SER D 6 -14.58 -21.83 21.67
C SER D 6 -13.93 -20.53 22.17
N ARG D 7 -13.64 -19.70 21.18
CA ARG D 7 -13.06 -18.39 21.26
C ARG D 7 -13.96 -17.51 20.39
N PHE D 8 -14.21 -16.30 20.84
CA PHE D 8 -15.03 -15.36 20.10
C PHE D 8 -14.15 -14.23 19.59
N VAL D 9 -14.42 -13.83 18.37
CA VAL D 9 -13.68 -12.79 17.70
C VAL D 9 -13.87 -11.50 18.54
N ILE D 10 -12.74 -10.89 18.85
CA ILE D 10 -12.78 -9.66 19.66
C ILE D 10 -13.73 -8.61 19.07
N ARG D 11 -14.53 -8.03 19.94
CA ARG D 11 -15.46 -6.96 19.54
C ARG D 11 -14.64 -5.74 19.05
N ASP D 12 -15.15 -5.11 18.04
CA ASP D 12 -14.61 -3.88 17.44
C ASP D 12 -15.44 -2.72 18.03
N ARG D 13 -14.86 -2.15 19.08
CA ARG D 13 -15.44 -1.08 19.87
C ARG D 13 -15.52 0.25 19.17
N ASN D 14 -14.99 0.29 17.93
CA ASN D 14 -15.09 1.52 17.12
C ASN D 14 -16.26 1.38 16.16
N TRP D 15 -16.72 0.13 15.99
CA TRP D 15 -17.81 -0.19 15.06
C TRP D 15 -19.16 0.02 15.82
N HIS D 16 -19.15 -0.57 17.00
CA HIS D 16 -20.22 -0.45 17.98
C HIS D 16 -20.11 1.07 18.43
N PRO D 17 -21.24 1.58 18.85
CA PRO D 17 -21.29 2.97 19.39
C PRO D 17 -20.45 3.01 20.65
N LYS D 18 -19.91 4.20 20.92
CA LYS D 18 -19.15 4.43 22.15
C LYS D 18 -20.14 4.63 23.32
N ALA D 19 -19.53 4.60 24.51
CA ALA D 19 -20.27 4.80 25.75
C ALA D 19 -20.73 6.27 25.85
N LEU D 20 -19.81 7.18 25.70
CA LEU D 20 -20.02 8.62 25.79
C LEU D 20 -20.34 9.22 24.42
N THR D 21 -21.58 9.55 24.24
CA THR D 21 -22.07 10.14 22.96
C THR D 21 -23.06 11.22 23.39
N PRO D 22 -22.47 12.40 23.72
CA PRO D 22 -23.14 13.54 24.23
C PRO D 22 -24.48 13.90 23.67
N ASP D 23 -24.72 13.79 22.41
CA ASP D 23 -26.05 14.13 21.81
C ASP D 23 -27.18 13.31 22.40
N TYR D 24 -26.80 12.13 22.89
CA TYR D 24 -27.75 11.23 23.57
C TYR D 24 -27.51 11.56 25.04
N LYS D 25 -28.28 12.49 25.53
CA LYS D 25 -28.19 13.05 26.88
C LYS D 25 -27.91 12.13 28.00
N THR D 26 -28.71 11.12 28.19
CA THR D 26 -28.53 10.13 29.25
C THR D 26 -27.18 9.46 29.22
N SER D 27 -26.55 9.29 28.07
CA SER D 27 -25.22 8.65 28.04
C SER D 27 -24.18 9.42 28.87
N ILE D 28 -24.37 10.72 29.05
CA ILE D 28 -23.40 11.51 29.78
C ILE D 28 -23.05 10.96 31.16
N ALA D 29 -24.12 10.79 31.98
CA ALA D 29 -23.99 10.31 33.33
C ALA D 29 -24.02 8.80 33.46
N ARG D 30 -24.31 8.13 32.34
CA ARG D 30 -24.36 6.66 32.37
C ARG D 30 -23.22 5.97 31.62
N SER D 31 -22.07 6.63 31.49
CA SER D 31 -20.91 6.03 30.80
C SER D 31 -19.71 6.06 31.76
N PRO D 32 -18.89 5.03 31.70
CA PRO D 32 -17.68 4.97 32.52
C PRO D 32 -16.71 6.10 32.10
N ARG D 33 -15.78 6.38 32.97
CA ARG D 33 -14.75 7.40 32.72
C ARG D 33 -13.42 6.63 32.73
N GLN D 34 -13.48 5.45 33.29
CA GLN D 34 -12.27 4.59 33.34
C GLN D 34 -12.31 3.68 32.13
N ALA D 35 -11.16 3.29 31.61
CA ALA D 35 -11.13 2.39 30.41
C ALA D 35 -11.60 1.00 30.82
N LEU D 36 -12.23 0.28 29.90
CA LEU D 36 -12.63 -1.12 30.20
C LEU D 36 -11.34 -1.94 30.44
N VAL D 37 -11.39 -2.94 31.23
CA VAL D 37 -10.20 -3.80 31.45
C VAL D 37 -10.42 -5.06 30.57
N SER D 38 -9.40 -5.34 29.75
CA SER D 38 -9.43 -6.50 28.84
C SER D 38 -9.03 -7.73 29.65
N ILE D 39 -9.79 -8.79 29.43
CA ILE D 39 -9.48 -10.07 30.10
C ILE D 39 -9.51 -11.17 29.04
N PRO D 40 -8.78 -12.21 29.28
CA PRO D 40 -8.72 -13.37 28.34
C PRO D 40 -10.03 -14.14 28.40
N GLN D 41 -10.43 -14.79 27.31
CA GLN D 41 -11.70 -15.57 27.37
C GLN D 41 -11.43 -16.82 28.23
N SER D 42 -12.43 -17.18 28.98
CA SER D 42 -12.46 -18.37 29.85
C SER D 42 -13.91 -18.96 29.73
N ILE D 43 -14.08 -20.08 30.35
CA ILE D 43 -15.35 -20.80 30.37
C ILE D 43 -16.48 -19.86 30.75
N SER D 44 -16.13 -18.99 31.69
CA SER D 44 -17.04 -17.97 32.19
C SER D 44 -17.59 -17.20 31.01
N GLU D 45 -16.66 -16.68 30.17
CA GLU D 45 -17.16 -15.87 29.06
C GLU D 45 -17.53 -16.61 27.80
N THR D 46 -17.12 -17.85 27.64
CA THR D 46 -17.40 -18.55 26.36
C THR D 46 -18.58 -19.47 26.36
N THR D 47 -19.31 -19.53 27.44
CA THR D 47 -20.49 -20.37 27.62
C THR D 47 -21.67 -19.44 27.83
N GLY D 48 -22.87 -19.99 27.70
CA GLY D 48 -24.10 -19.14 27.87
C GLY D 48 -25.25 -20.17 27.88
N PRO D 49 -26.40 -19.66 28.26
CA PRO D 49 -27.61 -20.51 28.36
C PRO D 49 -28.12 -20.90 26.98
N ASN D 50 -28.69 -22.08 26.95
CA ASN D 50 -29.33 -22.66 25.74
C ASN D 50 -30.83 -22.65 26.08
N PHE D 51 -31.64 -22.04 25.28
CA PHE D 51 -33.06 -21.91 25.50
C PHE D 51 -33.93 -22.93 24.78
N SER D 52 -33.34 -23.99 24.28
CA SER D 52 -33.97 -25.07 23.56
C SER D 52 -35.18 -25.64 24.29
N HIS D 53 -35.02 -25.82 25.58
CA HIS D 53 -36.02 -26.37 26.45
C HIS D 53 -36.96 -25.39 27.09
N LEU D 54 -36.90 -24.12 26.72
CA LEU D 54 -37.87 -23.17 27.35
C LEU D 54 -39.22 -23.51 26.69
N GLY D 55 -40.28 -23.48 27.46
CA GLY D 55 -41.61 -23.80 26.93
C GLY D 55 -42.24 -22.59 26.28
N PHE D 56 -42.13 -22.48 24.97
CA PHE D 56 -42.72 -21.33 24.25
C PHE D 56 -44.20 -21.59 23.92
N GLY D 57 -45.01 -20.57 24.05
CA GLY D 57 -46.44 -20.67 23.71
C GLY D 57 -46.51 -20.62 22.16
N ALA D 58 -47.68 -21.02 21.67
CA ALA D 58 -47.99 -21.06 20.25
C ALA D 58 -47.84 -19.73 19.52
N HIS D 59 -48.25 -18.67 20.21
CA HIS D 59 -48.17 -17.33 19.59
C HIS D 59 -47.11 -16.43 20.19
N ASP D 60 -46.04 -16.98 20.71
CA ASP D 60 -44.96 -16.22 21.34
C ASP D 60 -44.31 -15.23 20.38
N HIS D 61 -44.30 -15.61 19.11
CA HIS D 61 -43.75 -14.86 18.02
C HIS D 61 -44.71 -14.07 17.18
N ASP D 62 -46.00 -14.19 17.46
CA ASP D 62 -47.07 -13.54 16.73
C ASP D 62 -47.81 -12.49 17.59
N LEU D 63 -47.35 -11.27 17.46
CA LEU D 63 -47.84 -10.09 18.15
C LEU D 63 -49.25 -9.73 17.79
N LEU D 64 -49.68 -10.32 16.67
CA LEU D 64 -51.04 -10.14 16.14
C LEU D 64 -52.05 -10.91 16.98
N LEU D 65 -51.62 -11.97 17.66
CA LEU D 65 -52.51 -12.78 18.48
C LEU D 65 -52.06 -13.00 19.92
N ASN D 66 -50.85 -12.65 20.29
CA ASN D 66 -50.33 -12.96 21.61
C ASN D 66 -50.78 -12.06 22.72
N PHE D 67 -51.64 -11.09 22.51
CA PHE D 67 -52.02 -10.20 23.62
C PHE D 67 -53.50 -10.49 23.98
N GLY D 71 -59.78 -9.12 19.39
CA GLY D 71 -59.61 -8.51 18.08
C GLY D 71 -58.15 -8.39 17.63
N LEU D 72 -58.02 -7.80 16.47
CA LEU D 72 -56.76 -7.54 15.77
C LEU D 72 -56.28 -6.12 16.09
N PRO D 73 -54.98 -5.98 16.19
CA PRO D 73 -54.37 -4.66 16.40
C PRO D 73 -54.56 -3.85 15.11
N ILE D 74 -54.57 -2.53 15.31
CA ILE D 74 -54.70 -1.59 14.17
C ILE D 74 -53.27 -1.24 13.72
N GLY D 75 -53.03 -1.17 12.46
CA GLY D 75 -51.67 -0.82 11.94
C GLY D 75 -51.20 -1.73 10.84
N GLU D 76 -50.00 -1.44 10.33
CA GLU D 76 -49.41 -2.16 9.21
C GLU D 76 -48.97 -3.57 9.58
N ARG D 77 -49.73 -4.51 9.04
CA ARG D 77 -49.41 -5.94 9.27
C ARG D 77 -48.10 -6.25 8.53
N ILE D 78 -47.16 -6.74 9.32
CA ILE D 78 -45.85 -7.10 8.70
C ILE D 78 -45.24 -8.31 9.39
N ILE D 79 -44.46 -9.01 8.61
CA ILE D 79 -43.66 -10.13 9.09
C ILE D 79 -42.24 -9.51 9.22
N VAL D 80 -41.55 -9.84 10.28
CA VAL D 80 -40.14 -9.41 10.39
C VAL D 80 -39.38 -10.76 10.41
N ALA D 81 -38.56 -10.97 9.41
CA ALA D 81 -37.81 -12.27 9.41
C ALA D 81 -36.37 -12.04 9.00
N GLY D 82 -35.55 -13.05 9.28
CA GLY D 82 -34.15 -13.05 8.96
C GLY D 82 -33.43 -14.21 9.57
N ARG D 83 -32.14 -14.10 9.45
CA ARG D 83 -31.23 -15.15 9.91
C ARG D 83 -30.17 -14.61 10.84
N VAL D 84 -29.82 -15.40 11.85
CA VAL D 84 -28.77 -15.06 12.78
C VAL D 84 -27.54 -15.89 12.35
N VAL D 85 -26.49 -15.23 11.96
CA VAL D 85 -25.24 -15.83 11.57
C VAL D 85 -24.10 -15.23 12.41
N ASP D 86 -22.96 -15.84 12.41
CA ASP D 86 -21.76 -15.39 13.11
C ASP D 86 -20.91 -14.65 12.06
N GLN D 87 -19.77 -14.13 12.50
CA GLN D 87 -18.95 -13.29 11.59
C GLN D 87 -18.35 -14.12 10.45
N TYR D 88 -18.27 -15.41 10.67
CA TYR D 88 -17.75 -16.34 9.68
C TYR D 88 -18.84 -16.74 8.68
N GLY D 89 -20.06 -16.37 8.87
CA GLY D 89 -21.17 -16.73 7.97
C GLY D 89 -21.94 -17.96 8.41
N LYS D 90 -21.62 -18.51 9.56
CA LYS D 90 -22.22 -19.71 10.14
C LYS D 90 -23.51 -19.36 10.87
N PRO D 91 -24.57 -20.07 10.49
CA PRO D 91 -25.90 -19.90 11.10
C PRO D 91 -25.75 -20.22 12.61
N VAL D 92 -26.67 -19.65 13.37
CA VAL D 92 -26.76 -19.85 14.84
C VAL D 92 -28.14 -20.46 15.13
N PRO D 93 -28.15 -21.78 15.16
CA PRO D 93 -29.40 -22.51 15.37
C PRO D 93 -29.80 -22.47 16.84
N ASN D 94 -31.12 -22.52 17.02
CA ASN D 94 -31.69 -22.58 18.36
C ASN D 94 -31.21 -21.48 19.31
N THR D 95 -31.28 -20.25 18.83
CA THR D 95 -30.85 -19.12 19.68
C THR D 95 -32.07 -18.30 20.04
N LEU D 96 -32.06 -17.64 21.19
CA LEU D 96 -33.28 -16.88 21.57
C LEU D 96 -33.24 -15.46 20.99
N VAL D 97 -34.31 -15.13 20.34
CA VAL D 97 -34.51 -13.82 19.77
C VAL D 97 -35.75 -13.23 20.45
N GLU D 98 -35.60 -12.12 21.12
CA GLU D 98 -36.72 -11.43 21.77
C GLU D 98 -36.75 -10.01 21.24
N MET D 99 -37.93 -9.50 21.12
CA MET D 99 -38.17 -8.16 20.60
C MET D 99 -39.36 -7.50 21.34
N TRP D 100 -39.42 -6.22 21.28
CA TRP D 100 -40.47 -5.40 21.93
C TRP D 100 -40.50 -4.08 21.18
N GLN D 101 -41.69 -3.56 21.07
CA GLN D 101 -41.84 -2.28 20.32
C GLN D 101 -43.12 -1.58 20.87
N ALA D 102 -43.35 -0.45 20.30
CA ALA D 102 -44.51 0.40 20.56
C ALA D 102 -45.61 -0.07 19.60
N ASN D 103 -46.72 0.61 19.69
CA ASN D 103 -47.87 0.29 18.79
C ASN D 103 -47.72 1.18 17.55
N ALA D 104 -48.81 1.16 16.78
CA ALA D 104 -48.90 1.88 15.53
C ALA D 104 -48.79 3.39 15.70
N GLY D 105 -49.20 3.88 16.88
CA GLY D 105 -49.19 5.29 17.20
C GLY D 105 -47.88 5.75 17.86
N GLY D 106 -47.09 4.79 18.23
CA GLY D 106 -45.81 5.04 18.92
C GLY D 106 -45.98 4.98 20.44
N ARG D 107 -47.05 4.38 20.94
CA ARG D 107 -47.27 4.21 22.37
C ARG D 107 -46.81 2.82 22.86
N TYR D 108 -46.02 2.77 23.90
CA TYR D 108 -45.53 1.54 24.50
C TYR D 108 -46.50 1.15 25.63
N ARG D 109 -46.67 -0.13 25.79
CA ARG D 109 -47.53 -0.71 26.85
C ARG D 109 -46.66 -0.89 28.09
N HIS D 110 -46.33 0.27 28.70
CA HIS D 110 -45.47 0.40 29.88
C HIS D 110 -45.91 1.60 30.73
N LYS D 111 -45.95 1.39 32.03
CA LYS D 111 -46.32 2.36 33.04
C LYS D 111 -45.74 3.75 32.74
N ASN D 112 -44.40 3.73 32.60
CA ASN D 112 -43.63 4.92 32.35
C ASN D 112 -43.92 5.62 31.06
N ASP D 113 -44.71 5.04 30.18
CA ASP D 113 -45.01 5.65 28.89
C ASP D 113 -46.17 6.61 29.00
N ARG D 114 -45.76 7.89 28.95
CA ARG D 114 -46.76 8.97 29.08
C ARG D 114 -47.19 9.61 27.80
N TYR D 115 -46.70 9.13 26.65
CA TYR D 115 -47.06 9.72 25.35
C TYR D 115 -48.57 9.66 25.19
N LEU D 116 -49.09 10.70 24.59
CA LEU D 116 -50.51 10.92 24.35
C LEU D 116 -51.11 10.02 23.30
N ALA D 117 -50.30 9.27 22.58
CA ALA D 117 -50.93 8.35 21.56
C ALA D 117 -51.56 7.24 22.43
N PRO D 118 -52.72 6.81 21.99
CA PRO D 118 -53.46 5.78 22.71
C PRO D 118 -52.88 4.40 22.58
N LEU D 119 -53.16 3.63 23.62
CA LEU D 119 -52.77 2.19 23.65
C LEU D 119 -53.74 1.51 22.66
N ASP D 120 -53.31 0.35 22.21
CA ASP D 120 -54.18 -0.45 21.29
C ASP D 120 -54.61 -1.65 22.22
N PRO D 121 -55.91 -1.77 22.34
CA PRO D 121 -56.50 -2.81 23.19
C PRO D 121 -56.14 -4.22 22.75
N ASN D 122 -55.78 -4.42 21.49
CA ASN D 122 -55.41 -5.75 20.98
C ASN D 122 -53.92 -5.90 20.78
N PHE D 123 -53.11 -5.04 21.39
CA PHE D 123 -51.65 -5.10 21.19
C PHE D 123 -50.83 -4.97 22.44
N GLY D 124 -49.95 -5.93 22.63
CA GLY D 124 -49.03 -5.98 23.77
C GLY D 124 -47.64 -5.44 23.43
N GLY D 125 -47.06 -5.92 22.34
CA GLY D 125 -45.79 -5.50 21.85
C GLY D 125 -44.58 -6.30 22.26
N VAL D 126 -44.76 -7.56 22.62
CA VAL D 126 -43.69 -8.45 23.02
C VAL D 126 -43.69 -9.72 22.16
N GLY D 127 -42.49 -10.21 21.84
CA GLY D 127 -42.39 -11.46 21.05
C GLY D 127 -41.04 -12.11 21.29
N ARG D 128 -40.97 -13.41 21.07
CA ARG D 128 -39.78 -14.23 21.21
C ARG D 128 -39.94 -15.41 20.24
N CME D 129 -38.84 -15.86 19.77
CA CME D 129 -38.73 -16.94 18.77
CB CME D 129 -38.81 -16.24 17.38
SG CME D 129 -38.46 -17.38 16.00
SD CME D 129 -39.94 -18.84 16.16
CE CME D 129 -41.25 -18.23 15.10
CZ CME D 129 -41.17 -18.81 13.72
OH CME D 129 -39.82 -18.83 13.23
C CME D 129 -37.31 -17.49 18.90
O CME D 129 -36.36 -16.68 18.98
N LEU D 130 -37.24 -18.80 18.90
CA LEU D 130 -35.95 -19.51 18.94
C LEU D 130 -35.61 -19.82 17.45
N THR D 131 -34.42 -19.51 17.00
CA THR D 131 -34.04 -19.73 15.61
C THR D 131 -34.10 -21.25 15.33
N ASP D 132 -34.43 -21.53 14.09
CA ASP D 132 -34.51 -22.92 13.59
C ASP D 132 -33.04 -23.35 13.35
N SER D 133 -32.93 -24.54 12.82
CA SER D 133 -31.63 -25.14 12.52
C SER D 133 -30.88 -24.38 11.48
N ASP D 134 -31.54 -23.60 10.66
CA ASP D 134 -30.82 -22.80 9.64
C ASP D 134 -30.51 -21.40 10.16
N GLY D 135 -30.85 -21.14 11.40
CA GLY D 135 -30.64 -19.82 12.01
C GLY D 135 -31.71 -18.82 11.64
N TYR D 136 -32.87 -19.28 11.21
CA TYR D 136 -33.97 -18.45 10.84
C TYR D 136 -34.94 -18.17 11.98
N TYR D 137 -35.45 -16.94 11.96
CA TYR D 137 -36.48 -16.53 12.96
C TYR D 137 -37.50 -15.73 12.14
N SER D 138 -38.66 -15.55 12.72
CA SER D 138 -39.70 -14.74 12.07
C SER D 138 -40.71 -14.34 13.18
N PHE D 139 -41.23 -13.15 13.00
CA PHE D 139 -42.22 -12.58 13.88
C PHE D 139 -43.29 -11.94 12.96
N ARG D 140 -44.46 -11.86 13.55
CA ARG D 140 -45.57 -11.20 12.86
C ARG D 140 -46.07 -10.13 13.85
N THR D 141 -46.18 -8.92 13.31
CA THR D 141 -46.59 -7.79 14.20
C THR D 141 -47.05 -6.67 13.31
N ILE D 142 -47.11 -5.47 13.87
CA ILE D 142 -47.52 -4.29 13.09
C ILE D 142 -46.34 -3.31 13.16
N LYS D 143 -46.17 -2.52 12.13
CA LYS D 143 -45.04 -1.57 12.08
C LYS D 143 -45.29 -0.50 13.19
N PRO D 144 -44.29 -0.38 14.06
CA PRO D 144 -44.40 0.61 15.16
C PRO D 144 -44.31 2.03 14.62
N GLY D 145 -44.98 2.93 15.34
CA GLY D 145 -44.87 4.37 14.97
C GLY D 145 -43.65 5.00 15.68
N PRO D 146 -43.21 6.12 15.10
CA PRO D 146 -42.13 6.94 15.68
C PRO D 146 -42.74 7.56 17.00
N TYR D 147 -41.84 8.04 17.83
CA TYR D 147 -42.30 8.67 19.05
C TYR D 147 -41.29 9.67 19.64
N PRO D 148 -41.95 10.69 20.19
CA PRO D 148 -41.24 11.83 20.81
C PRO D 148 -40.61 11.35 22.10
N TRP D 149 -39.46 11.94 22.40
CA TRP D 149 -38.75 11.61 23.63
C TRP D 149 -38.01 12.86 24.14
N ARG D 150 -37.88 12.89 25.45
CA ARG D 150 -37.24 14.04 26.12
C ARG D 150 -35.73 13.95 25.98
N ASN D 151 -35.21 14.39 24.83
CA ASN D 151 -33.77 14.46 24.57
C ASN D 151 -33.55 15.99 24.36
N GLY D 152 -33.59 16.35 23.11
CA GLY D 152 -33.51 17.78 22.71
C GLY D 152 -35.03 18.10 22.74
N PRO D 153 -35.35 19.36 22.49
CA PRO D 153 -36.70 19.83 22.47
C PRO D 153 -37.59 19.22 21.40
N ASN D 154 -37.01 18.72 20.31
CA ASN D 154 -37.93 18.13 19.26
C ASN D 154 -37.29 16.85 18.69
N ASP D 155 -36.97 15.94 19.58
CA ASP D 155 -36.36 14.65 19.20
C ASP D 155 -37.44 13.58 19.02
N TRP D 156 -37.27 12.76 17.98
CA TRP D 156 -38.22 11.69 17.66
C TRP D 156 -37.50 10.41 17.24
N ARG D 157 -37.77 9.35 17.90
CA ARG D 157 -37.21 8.04 17.57
C ARG D 157 -37.88 7.61 16.23
N PRO D 158 -37.01 7.25 15.31
CA PRO D 158 -37.53 6.67 14.01
C PRO D 158 -38.29 5.38 14.48
N ALA D 159 -39.16 4.88 13.69
CA ALA D 159 -39.91 3.61 13.96
C ALA D 159 -38.77 2.56 14.10
N HIS D 160 -38.91 1.81 15.19
CA HIS D 160 -37.92 0.77 15.51
C HIS D 160 -38.57 -0.33 16.38
N ILE D 161 -37.89 -1.44 16.35
CA ILE D 161 -38.16 -2.63 17.10
C ILE D 161 -36.91 -2.96 17.93
N HIS D 162 -37.15 -3.13 19.20
CA HIS D 162 -36.00 -3.52 20.09
C HIS D 162 -35.76 -5.02 19.90
N PHE D 163 -34.54 -5.47 19.85
CA PHE D 163 -34.15 -6.87 19.66
C PHE D 163 -33.05 -7.23 20.67
N GLY D 164 -33.11 -8.43 21.14
CA GLY D 164 -32.20 -9.04 22.10
C GLY D 164 -31.91 -10.46 21.53
N ILE D 165 -30.66 -10.77 21.43
CA ILE D 165 -30.22 -12.04 20.86
C ILE D 165 -29.14 -12.63 21.75
N SER D 166 -29.38 -13.88 22.09
CA SER D 166 -28.50 -14.64 22.97
C SER D 166 -27.20 -15.10 22.35
N GLY D 167 -27.34 -15.88 21.30
CA GLY D 167 -26.18 -16.48 20.61
C GLY D 167 -25.67 -17.59 21.56
N PRO D 168 -24.52 -18.15 21.18
CA PRO D 168 -23.91 -19.24 21.91
C PRO D 168 -23.33 -18.90 23.23
N SER D 169 -23.05 -17.61 23.51
CA SER D 169 -22.46 -17.36 24.87
C SER D 169 -22.74 -15.95 25.34
N ILE D 170 -22.36 -15.73 26.61
CA ILE D 170 -22.55 -14.38 27.16
C ILE D 170 -21.73 -13.41 26.32
N ALA D 171 -20.61 -13.93 25.74
CA ALA D 171 -19.77 -13.13 24.89
C ALA D 171 -20.50 -12.62 23.66
N THR D 172 -21.40 -13.36 23.11
CA THR D 172 -22.17 -12.97 21.92
C THR D 172 -23.47 -12.23 22.19
N LYS D 173 -24.02 -12.31 23.39
CA LYS D 173 -25.28 -11.66 23.73
C LYS D 173 -25.25 -10.18 23.27
N LEU D 174 -26.37 -9.83 22.61
CA LEU D 174 -26.51 -8.49 22.07
C LEU D 174 -27.91 -7.96 22.15
N ILE D 175 -28.00 -6.64 22.31
CA ILE D 175 -29.27 -5.89 22.35
C ILE D 175 -29.07 -4.79 21.30
N THR D 176 -30.06 -4.65 20.44
CA THR D 176 -29.95 -3.70 19.35
C THR D 176 -31.33 -3.24 18.95
N GLN D 177 -31.34 -2.45 17.87
CA GLN D 177 -32.62 -1.93 17.39
C GLN D 177 -32.64 -2.07 15.89
N LEU D 178 -33.79 -2.38 15.39
CA LEU D 178 -34.08 -2.49 13.96
C LEU D 178 -34.82 -1.19 13.51
N TYR D 179 -34.41 -0.66 12.39
CA TYR D 179 -34.99 0.50 11.77
C TYR D 179 -35.53 0.08 10.39
N PHE D 180 -36.53 0.82 9.92
CA PHE D 180 -37.20 0.51 8.65
C PHE D 180 -36.59 1.31 7.48
N GLU D 181 -36.29 0.62 6.42
CA GLU D 181 -35.69 1.22 5.20
C GLU D 181 -36.43 2.49 4.77
N GLY D 182 -35.67 3.52 4.54
CA GLY D 182 -36.14 4.80 4.06
C GLY D 182 -36.71 5.79 5.05
N ASP D 183 -36.83 5.42 6.29
CA ASP D 183 -37.34 6.24 7.38
C ASP D 183 -36.46 7.52 7.48
N PRO D 184 -37.08 8.62 7.14
CA PRO D 184 -36.35 9.92 7.12
C PRO D 184 -35.91 10.38 8.48
N LEU D 185 -36.42 9.81 9.58
CA LEU D 185 -36.02 10.17 10.94
C LEU D 185 -34.67 9.52 11.29
N ILE D 186 -34.28 8.47 10.58
CA ILE D 186 -33.07 7.77 10.89
C ILE D 186 -31.83 8.61 11.10
N PRO D 187 -31.45 9.35 10.08
CA PRO D 187 -30.26 10.17 10.13
C PRO D 187 -30.33 11.34 11.12
N MET D 188 -31.50 11.59 11.69
CA MET D 188 -31.58 12.71 12.67
C MET D 188 -31.48 12.15 14.10
N CYS D 189 -31.47 10.85 14.25
CA CYS D 189 -31.55 10.27 15.59
C CYS D 189 -30.28 10.17 16.36
N PRO D 190 -30.27 10.84 17.51
CA PRO D 190 -29.11 10.86 18.41
C PRO D 190 -28.74 9.47 18.86
N ILE D 191 -29.73 8.60 19.02
CA ILE D 191 -29.39 7.21 19.41
C ILE D 191 -28.67 6.50 18.25
N VAL D 192 -29.24 6.59 17.06
CA VAL D 192 -28.70 6.02 15.82
C VAL D 192 -27.27 6.57 15.69
N LYS D 193 -27.16 7.90 15.80
CA LYS D 193 -25.93 8.63 15.72
C LYS D 193 -24.87 8.29 16.73
N SER D 194 -25.28 7.52 17.75
CA SER D 194 -24.32 7.05 18.77
C SER D 194 -23.27 6.23 17.98
N ILE D 195 -23.72 5.64 16.85
CA ILE D 195 -22.89 4.85 15.97
C ILE D 195 -22.15 5.80 14.98
N ALA D 196 -20.85 5.86 15.10
CA ALA D 196 -20.04 6.72 14.26
C ALA D 196 -19.91 6.31 12.81
N ASN D 197 -19.88 5.03 12.51
CA ASN D 197 -19.70 4.59 11.10
C ASN D 197 -21.01 4.41 10.40
N PRO D 198 -21.27 5.22 9.38
CA PRO D 198 -22.50 5.16 8.59
C PRO D 198 -22.69 3.76 8.03
N GLU D 199 -21.58 3.09 7.79
CA GLU D 199 -21.63 1.70 7.28
C GLU D 199 -22.27 0.82 8.33
N ALA D 200 -22.00 1.02 9.59
CA ALA D 200 -22.58 0.24 10.69
C ALA D 200 -24.09 0.50 10.82
N VAL D 201 -24.48 1.76 10.55
CA VAL D 201 -25.86 2.15 10.68
C VAL D 201 -26.69 1.34 9.69
N GLN D 202 -26.10 1.14 8.49
CA GLN D 202 -26.77 0.40 7.44
C GLN D 202 -27.14 -1.03 7.90
N GLN D 203 -26.35 -1.60 8.77
CA GLN D 203 -26.63 -2.94 9.28
C GLN D 203 -27.94 -2.97 10.10
N LEU D 204 -28.42 -1.85 10.60
CA LEU D 204 -29.63 -1.86 11.44
C LEU D 204 -30.88 -1.58 10.66
N ILE D 205 -30.72 -1.37 9.37
CA ILE D 205 -31.89 -1.06 8.52
C ILE D 205 -32.50 -2.29 7.85
N ALA D 206 -33.70 -2.66 8.31
CA ALA D 206 -34.45 -3.79 7.77
C ALA D 206 -34.87 -3.42 6.33
N LYS D 207 -34.75 -4.36 5.42
CA LYS D 207 -35.14 -4.10 4.02
C LYS D 207 -36.52 -4.68 3.71
N LEU D 208 -37.27 -3.91 2.98
CA LEU D 208 -38.62 -4.31 2.50
C LEU D 208 -38.35 -5.61 1.65
N ASP D 209 -39.14 -6.61 2.00
CA ASP D 209 -38.93 -7.92 1.29
C ASP D 209 -40.28 -8.44 0.74
N MET D 210 -40.63 -8.01 -0.43
CA MET D 210 -41.81 -8.34 -1.19
C MET D 210 -41.97 -9.87 -1.45
N ASN D 211 -40.90 -10.61 -1.45
CA ASN D 211 -40.85 -12.04 -1.68
C ASN D 211 -41.35 -12.80 -0.43
N ASN D 212 -41.29 -12.15 0.71
CA ASN D 212 -41.73 -12.83 1.96
C ASN D 212 -43.12 -12.37 2.34
N ALA D 213 -43.64 -11.46 1.57
CA ALA D 213 -44.97 -10.89 1.84
C ALA D 213 -46.08 -11.89 1.47
N ASN D 214 -47.17 -11.76 2.18
CA ASN D 214 -48.40 -12.53 2.02
C ASN D 214 -49.35 -11.58 1.26
N PRO D 215 -49.51 -11.87 -0.01
CA PRO D 215 -50.37 -11.01 -0.88
C PRO D 215 -51.73 -10.81 -0.27
N MET D 216 -52.26 -9.61 -0.37
CA MET D 216 -53.53 -9.17 0.15
C MET D 216 -53.57 -9.42 1.65
N ASP D 217 -52.40 -9.50 2.27
CA ASP D 217 -52.44 -9.80 3.73
C ASP D 217 -51.49 -8.94 4.53
N CYS D 218 -50.21 -9.23 4.35
CA CYS D 218 -49.16 -8.50 5.06
C CYS D 218 -47.87 -8.45 4.26
N LEU D 219 -47.18 -7.36 4.54
CA LEU D 219 -45.88 -7.01 3.96
C LEU D 219 -44.80 -7.67 4.80
N ALA D 220 -43.57 -7.61 4.37
CA ALA D 220 -42.46 -8.23 5.13
C ALA D 220 -41.19 -7.41 5.00
N TYR D 221 -40.39 -7.52 6.06
CA TYR D 221 -39.08 -6.90 6.15
C TYR D 221 -38.06 -7.98 6.50
N ARG D 222 -36.90 -7.84 5.98
CA ARG D 222 -35.76 -8.75 6.21
C ARG D 222 -34.72 -8.06 7.10
N PHE D 223 -34.32 -8.74 8.15
CA PHE D 223 -33.36 -8.23 9.14
C PHE D 223 -32.47 -9.38 9.61
N ASP D 224 -31.30 -9.46 9.02
CA ASP D 224 -30.35 -10.54 9.39
C ASP D 224 -29.47 -9.96 10.49
N ILE D 225 -29.00 -10.80 11.34
CA ILE D 225 -28.15 -10.42 12.46
C ILE D 225 -26.84 -11.18 12.45
N VAL D 226 -25.77 -10.47 12.67
CA VAL D 226 -24.44 -11.05 12.72
C VAL D 226 -23.88 -10.99 14.15
N LEU D 227 -23.53 -12.15 14.70
CA LEU D 227 -22.92 -12.20 16.05
C LEU D 227 -21.41 -12.46 15.88
N ARG D 228 -20.66 -12.28 16.92
CA ARG D 228 -19.24 -12.49 16.91
C ARG D 228 -18.93 -13.90 16.39
N GLY D 229 -17.90 -13.89 15.54
CA GLY D 229 -17.40 -15.15 14.98
C GLY D 229 -16.95 -16.04 16.16
N GLN D 230 -17.24 -17.31 16.01
CA GLN D 230 -16.88 -18.38 16.93
C GLN D 230 -15.89 -19.32 16.20
N ARG D 231 -14.72 -19.45 16.76
CA ARG D 231 -13.66 -20.33 16.21
C ARG D 231 -13.23 -21.27 17.32
N LYS D 232 -12.57 -22.35 16.91
CA LYS D 232 -12.03 -23.36 17.88
C LYS D 232 -10.72 -22.77 18.44
N THR D 233 -10.36 -23.18 19.63
CA THR D 233 -9.09 -22.67 20.22
C THR D 233 -7.95 -23.35 19.45
N HIS D 234 -6.81 -22.70 19.34
CA HIS D 234 -5.67 -23.31 18.62
C HIS D 234 -4.35 -22.89 19.28
N PHE D 235 -3.49 -23.87 19.41
CA PHE D 235 -2.16 -23.74 20.00
C PHE D 235 -2.19 -22.88 21.27
N GLU D 236 -3.21 -23.02 22.09
CA GLU D 236 -3.30 -22.23 23.33
C GLU D 236 -2.52 -22.73 24.54
N PRO E 1 -36.11 15.84 3.89
CA PRO E 1 -36.88 16.72 4.75
C PRO E 1 -36.74 18.19 4.33
N ILE E 2 -37.66 19.00 4.87
CA ILE E 2 -37.62 20.46 4.59
C ILE E 2 -36.47 21.05 5.45
N GLU E 3 -35.64 21.83 4.84
CA GLU E 3 -34.53 22.54 5.51
C GLU E 3 -34.78 24.05 5.37
N LEU E 4 -34.65 24.79 6.44
CA LEU E 4 -34.87 26.28 6.38
C LEU E 4 -33.47 26.90 6.29
N LEU E 5 -33.41 28.24 6.21
CA LEU E 5 -32.09 28.89 6.25
C LEU E 5 -31.50 28.50 7.64
N PRO E 6 -30.20 28.31 7.63
CA PRO E 6 -29.52 27.97 8.91
C PRO E 6 -29.44 29.30 9.70
N GLU E 7 -29.58 29.18 11.00
CA GLU E 7 -29.47 30.31 11.92
C GLU E 7 -27.98 30.73 11.99
N THR E 8 -27.77 32.02 12.13
CA THR E 8 -26.34 32.50 12.26
C THR E 8 -25.76 31.89 13.51
N PRO E 9 -24.63 31.23 13.45
CA PRO E 9 -24.00 30.61 14.61
C PRO E 9 -23.50 31.64 15.65
N SER E 10 -23.64 31.21 16.90
CA SER E 10 -23.23 31.97 18.06
C SER E 10 -21.68 31.92 18.16
N GLN E 11 -21.18 32.92 18.86
CA GLN E 11 -19.74 33.03 19.16
C GLN E 11 -19.70 33.63 20.59
N THR E 12 -18.55 33.40 21.21
CA THR E 12 -18.34 33.90 22.56
C THR E 12 -18.48 35.45 22.49
N ALA E 13 -18.99 35.93 23.60
CA ALA E 13 -19.16 37.39 23.77
C ALA E 13 -17.75 37.95 23.98
N GLY E 14 -16.84 37.16 24.46
CA GLY E 14 -15.46 37.64 24.70
C GLY E 14 -15.38 38.45 26.02
N PRO E 15 -14.16 38.73 26.42
CA PRO E 15 -13.83 39.46 27.62
C PRO E 15 -14.15 40.94 27.57
N TYR E 16 -14.33 41.54 26.42
CA TYR E 16 -14.60 42.97 26.33
C TYR E 16 -16.06 43.24 26.05
N VAL E 17 -16.92 42.27 26.34
CA VAL E 17 -18.38 42.46 26.12
C VAL E 17 -18.90 43.76 26.73
N HIS E 18 -18.24 44.17 27.78
CA HIS E 18 -18.58 45.38 28.59
C HIS E 18 -18.66 46.62 27.73
N ILE E 19 -17.65 46.70 26.87
CA ILE E 19 -17.56 47.80 25.92
C ILE E 19 -18.85 48.00 25.15
N GLY E 20 -19.46 46.90 24.72
CA GLY E 20 -20.69 47.09 23.94
C GLY E 20 -21.97 47.06 24.73
N LEU E 21 -21.96 46.32 25.82
CA LEU E 21 -23.20 46.15 26.61
C LEU E 21 -23.21 46.54 28.05
N ALA E 22 -22.12 46.88 28.62
CA ALA E 22 -22.03 47.27 30.06
C ALA E 22 -20.98 48.40 30.16
N LEU E 23 -21.35 49.50 29.55
CA LEU E 23 -20.54 50.70 29.39
C LEU E 23 -19.82 51.17 30.64
N GLU E 24 -20.56 51.35 31.71
CA GLU E 24 -19.93 51.76 32.98
C GLU E 24 -18.74 50.87 33.29
N ALA E 25 -19.07 49.59 33.35
CA ALA E 25 -18.16 48.50 33.67
C ALA E 25 -16.89 48.53 32.87
N ALA E 26 -16.98 48.83 31.59
CA ALA E 26 -15.80 48.90 30.71
C ALA E 26 -14.85 50.02 31.19
N GLY E 27 -15.51 50.93 31.89
CA GLY E 27 -14.84 52.14 32.45
C GLY E 27 -14.85 53.23 31.36
N ASN E 28 -15.90 53.19 30.56
CA ASN E 28 -16.13 54.10 29.46
C ASN E 28 -17.41 54.90 29.75
N PRO E 29 -17.47 56.07 29.12
CA PRO E 29 -18.61 56.97 29.27
C PRO E 29 -19.83 56.32 28.66
N THR E 30 -20.97 56.53 29.27
CA THR E 30 -22.21 55.91 28.74
C THR E 30 -22.95 56.92 27.88
N ARG E 31 -23.99 56.44 27.23
CA ARG E 31 -24.86 57.25 26.38
C ARG E 31 -26.03 57.72 27.26
N ASP E 32 -26.91 58.51 26.68
CA ASP E 32 -28.08 59.05 27.39
C ASP E 32 -28.90 57.89 27.98
N GLN E 33 -29.17 56.93 27.09
CA GLN E 33 -30.00 55.78 27.53
C GLN E 33 -29.25 54.48 27.42
N GLU E 34 -29.21 53.78 28.55
CA GLU E 34 -28.58 52.49 28.70
C GLU E 34 -29.55 51.48 29.33
N ILE E 35 -29.40 50.21 28.95
CA ILE E 35 -30.23 49.12 29.51
C ILE E 35 -29.36 48.59 30.67
N TRP E 36 -29.86 48.67 31.88
CA TRP E 36 -29.02 48.24 33.03
C TRP E 36 -29.74 47.41 34.05
N ASN E 37 -29.23 47.30 35.27
CA ASN E 37 -29.73 46.46 36.32
C ASN E 37 -30.87 46.91 37.21
N ARG E 38 -31.53 47.96 36.87
CA ARG E 38 -32.64 48.49 37.71
C ARG E 38 -33.91 48.34 36.91
N LEU E 39 -34.59 47.23 37.13
CA LEU E 39 -35.84 46.96 36.39
C LEU E 39 -37.03 47.77 36.89
N ALA E 40 -37.01 47.99 38.20
CA ALA E 40 -38.07 48.67 38.91
C ALA E 40 -37.66 50.02 39.53
N LYS E 41 -38.53 50.95 39.28
CA LYS E 41 -38.36 52.31 39.91
C LYS E 41 -38.94 52.07 41.33
N PRO E 42 -38.43 52.77 42.31
CA PRO E 42 -38.86 52.61 43.72
C PRO E 42 -40.34 52.67 43.90
N ASP E 43 -41.04 53.37 43.06
CA ASP E 43 -42.51 53.50 43.15
C ASP E 43 -43.24 52.42 42.38
N ALA E 44 -42.53 51.39 41.93
CA ALA E 44 -43.21 50.31 41.17
C ALA E 44 -43.93 49.39 42.16
N PRO E 45 -45.08 48.93 41.71
CA PRO E 45 -45.89 47.99 42.50
C PRO E 45 -45.16 46.64 42.61
N GLY E 46 -45.50 45.93 43.66
CA GLY E 46 -44.92 44.62 43.97
C GLY E 46 -43.92 44.74 45.11
N GLU E 47 -43.33 43.60 45.41
CA GLU E 47 -42.37 43.42 46.48
C GLU E 47 -40.96 43.64 45.97
N HIS E 48 -40.40 44.83 46.21
CA HIS E 48 -39.05 45.15 45.77
C HIS E 48 -38.01 44.26 46.40
N ILE E 49 -37.13 43.73 45.56
CA ILE E 49 -36.06 42.85 46.05
C ILE E 49 -34.74 43.21 45.35
N LEU E 50 -33.70 42.83 46.02
CA LEU E 50 -32.33 42.96 45.56
C LEU E 50 -31.88 41.49 45.31
N LEU E 51 -31.39 41.27 44.13
CA LEU E 51 -30.88 39.94 43.71
C LEU E 51 -29.35 40.10 43.57
N LEU E 52 -28.64 39.06 43.94
CA LEU E 52 -27.17 39.11 43.79
C LEU E 52 -26.60 37.72 43.70
N GLY E 53 -25.37 37.63 43.21
CA GLY E 53 -24.68 36.37 43.07
C GLY E 53 -23.34 36.47 42.39
N GLN E 54 -22.74 35.28 42.43
CA GLN E 54 -21.43 34.99 41.85
C GLN E 54 -21.62 33.84 40.83
N VAL E 55 -20.68 33.74 39.97
CA VAL E 55 -20.62 32.73 38.89
C VAL E 55 -19.27 32.01 39.07
N TYR E 56 -19.35 30.69 39.22
CA TYR E 56 -18.21 29.83 39.38
C TYR E 56 -17.96 28.97 38.13
N ASP E 57 -16.66 28.80 37.90
CA ASP E 57 -16.17 27.98 36.77
C ASP E 57 -16.06 26.55 37.32
N GLY E 58 -15.61 25.65 36.51
CA GLY E 58 -15.48 24.26 36.88
C GLY E 58 -14.45 23.97 37.94
N ASN E 59 -13.58 24.92 38.25
CA ASN E 59 -12.51 24.81 39.22
C ASN E 59 -12.94 25.43 40.55
N GLY E 60 -14.06 26.10 40.52
CA GLY E 60 -14.65 26.76 41.68
C GLY E 60 -14.17 28.23 41.77
N HIS E 61 -13.59 28.71 40.71
CA HIS E 61 -13.05 30.08 40.65
C HIS E 61 -14.10 30.99 40.08
N LEU E 62 -14.19 32.18 40.64
CA LEU E 62 -15.17 33.17 40.18
C LEU E 62 -14.84 33.55 38.71
N VAL E 63 -15.91 33.80 38.03
CA VAL E 63 -15.97 34.25 36.64
C VAL E 63 -16.24 35.76 36.78
N ARG E 64 -15.18 36.53 36.58
CA ARG E 64 -15.31 38.00 36.78
C ARG E 64 -15.66 38.81 35.60
N ASP E 65 -15.84 38.22 34.43
CA ASP E 65 -16.18 38.91 33.19
C ASP E 65 -17.55 38.45 32.69
N SER E 66 -18.35 37.90 33.59
CA SER E 66 -19.67 37.41 33.16
C SER E 66 -20.56 38.60 32.86
N PHE E 67 -21.51 38.37 32.00
CA PHE E 67 -22.52 39.25 31.52
C PHE E 67 -23.86 38.45 31.55
N LEU E 68 -24.87 39.06 32.10
CA LEU E 68 -26.20 38.46 32.22
C LEU E 68 -27.30 39.39 31.75
N GLU E 69 -28.35 38.75 31.30
CA GLU E 69 -29.57 39.36 30.81
C GLU E 69 -30.73 38.68 31.49
N VAL E 70 -31.70 39.44 31.97
CA VAL E 70 -32.86 38.91 32.66
C VAL E 70 -34.13 39.35 31.94
N TRP E 71 -35.15 38.51 32.17
CA TRP E 71 -36.49 38.64 31.63
C TRP E 71 -37.47 38.02 32.66
N GLN E 72 -38.33 38.91 33.13
CA GLN E 72 -39.33 38.52 34.13
C GLN E 72 -40.63 39.30 33.97
N ALA E 73 -41.68 38.69 34.53
CA ALA E 73 -42.99 39.34 34.51
C ALA E 73 -42.97 40.36 35.69
N ASP E 74 -43.90 41.28 35.57
CA ASP E 74 -44.10 42.31 36.64
C ASP E 74 -44.83 41.55 37.77
N ALA E 75 -45.18 42.34 38.79
CA ALA E 75 -45.83 41.81 39.98
C ALA E 75 -47.16 41.16 39.72
N ASN E 76 -47.84 41.44 38.62
CA ASN E 76 -49.11 40.83 38.29
C ASN E 76 -48.92 39.62 37.35
N GLY E 77 -47.69 39.20 37.14
CA GLY E 77 -47.41 38.07 36.25
C GLY E 77 -47.59 38.49 34.79
N GLU E 78 -47.18 39.68 34.47
CA GLU E 78 -47.30 40.27 33.15
C GLU E 78 -45.96 40.69 32.59
N TYR E 79 -45.75 40.28 31.33
CA TYR E 79 -44.48 40.62 30.64
C TYR E 79 -44.63 41.98 29.98
N GLN E 80 -43.80 42.89 30.43
CA GLN E 80 -43.86 44.27 29.84
C GLN E 80 -42.71 44.40 28.85
N ASP E 81 -43.03 44.22 27.57
CA ASP E 81 -42.08 44.26 26.49
C ASP E 81 -41.72 45.63 25.98
N ALA E 82 -42.64 46.58 26.04
CA ALA E 82 -42.27 47.94 25.53
C ALA E 82 -41.26 48.52 26.51
N TYR E 83 -39.97 48.36 26.20
CA TYR E 83 -38.90 48.85 27.05
C TYR E 83 -38.85 50.38 26.91
N ASN E 84 -38.80 50.97 28.07
CA ASN E 84 -38.76 52.47 28.19
C ASN E 84 -38.18 52.84 29.55
N LEU E 85 -37.23 53.77 29.54
CA LEU E 85 -36.57 54.24 30.79
C LEU E 85 -37.58 55.02 31.65
N GLU E 86 -38.65 55.44 31.05
CA GLU E 86 -39.73 56.16 31.68
C GLU E 86 -40.60 55.25 32.54
N ASN E 87 -40.75 54.00 32.15
CA ASN E 87 -41.57 53.04 32.86
C ASN E 87 -41.04 52.85 34.29
N ALA E 88 -41.99 52.53 35.15
CA ALA E 88 -41.75 52.25 36.58
C ALA E 88 -41.14 50.84 36.70
N PHE E 89 -41.48 50.03 35.72
CA PHE E 89 -41.06 48.65 35.60
C PHE E 89 -40.82 48.21 34.13
N ASN E 90 -39.68 47.58 33.98
CA ASN E 90 -39.25 46.97 32.70
C ASN E 90 -38.99 45.47 33.04
N SER E 91 -39.51 44.67 32.14
CA SER E 91 -39.40 43.20 32.26
C SER E 91 -38.00 42.70 31.94
N PHE E 92 -37.27 43.52 31.20
CA PHE E 92 -35.92 43.22 30.74
C PHE E 92 -34.83 44.03 31.41
N GLY E 93 -33.72 43.40 31.70
CA GLY E 93 -32.57 44.10 32.34
C GLY E 93 -31.23 43.43 32.02
N ARG E 94 -30.16 44.11 32.42
CA ARG E 94 -28.80 43.61 32.22
C ARG E 94 -27.94 43.86 33.43
N THR E 95 -26.99 42.97 33.65
CA THR E 95 -26.02 43.07 34.76
C THR E 95 -24.75 42.38 34.35
N ALA E 96 -23.71 42.49 35.13
CA ALA E 96 -22.41 41.92 34.88
C ALA E 96 -21.72 41.80 36.23
N THR E 97 -20.69 40.95 36.29
CA THR E 97 -19.99 40.77 37.56
C THR E 97 -18.82 41.73 37.71
N THR E 98 -18.65 42.16 38.98
CA THR E 98 -17.52 43.06 39.30
C THR E 98 -16.19 42.33 39.06
N PHE E 99 -15.27 43.06 38.42
CA PHE E 99 -13.94 42.52 38.13
C PHE E 99 -13.19 42.24 39.43
N ASP E 100 -13.60 42.91 40.49
CA ASP E 100 -12.97 42.77 41.83
C ASP E 100 -13.67 41.66 42.61
N ALA E 101 -14.75 42.04 43.27
CA ALA E 101 -15.57 41.12 44.06
C ALA E 101 -16.12 39.96 43.21
N GLY E 102 -16.44 40.22 41.95
CA GLY E 102 -17.02 39.19 41.09
C GLY E 102 -18.48 38.89 41.40
N GLU E 103 -19.22 39.92 41.79
CA GLU E 103 -20.64 39.83 42.13
C GLU E 103 -21.49 40.73 41.25
N TRP E 104 -22.71 40.28 40.95
CA TRP E 104 -23.67 41.01 40.15
C TRP E 104 -24.86 41.36 41.06
N THR E 105 -25.61 42.37 40.62
CA THR E 105 -26.77 42.82 41.31
C THR E 105 -27.87 43.28 40.37
N LEU E 106 -29.06 43.05 40.86
CA LEU E 106 -30.28 43.43 40.11
C LEU E 106 -31.22 44.06 41.14
N HIS E 107 -31.92 45.08 40.72
CA HIS E 107 -32.92 45.83 41.46
C HIS E 107 -34.23 45.65 40.69
N THR E 108 -35.08 44.85 41.25
CA THR E 108 -36.39 44.54 40.63
C THR E 108 -37.40 44.24 41.72
N VAL E 109 -38.51 43.71 41.25
CA VAL E 109 -39.64 43.23 42.01
C VAL E 109 -39.82 41.72 41.72
N LYS E 110 -40.39 41.08 42.71
CA LYS E 110 -40.68 39.64 42.65
C LYS E 110 -41.80 39.44 41.61
N PRO E 111 -41.51 38.61 40.60
CA PRO E 111 -42.45 38.32 39.54
C PRO E 111 -43.69 37.54 40.03
N GLY E 112 -44.77 37.91 39.39
CA GLY E 112 -46.09 37.27 39.58
C GLY E 112 -46.02 35.96 38.72
N VAL E 113 -47.01 35.14 38.94
CA VAL E 113 -47.14 33.84 38.32
C VAL E 113 -47.69 33.93 36.90
N VAL E 114 -47.02 33.14 36.03
CA VAL E 114 -47.46 33.04 34.62
C VAL E 114 -47.74 31.53 34.38
N ASN E 115 -48.67 31.31 33.45
CA ASN E 115 -49.04 29.94 33.06
C ASN E 115 -48.15 29.50 31.86
N ASN E 116 -48.00 28.21 31.79
CA ASN E 116 -47.30 27.54 30.69
C ASN E 116 -48.32 27.46 29.53
N ALA E 117 -47.87 26.93 28.44
CA ALA E 117 -48.70 26.78 27.24
C ALA E 117 -49.94 25.93 27.53
N ALA E 118 -49.85 25.02 28.48
CA ALA E 118 -50.93 24.15 28.86
C ALA E 118 -51.95 24.78 29.81
N GLY E 119 -51.73 26.00 30.22
CA GLY E 119 -52.60 26.71 31.17
C GLY E 119 -52.21 26.42 32.63
N VAL E 120 -51.16 25.69 32.83
CA VAL E 120 -50.65 25.36 34.18
C VAL E 120 -49.70 26.50 34.61
N PRO E 121 -49.89 26.96 35.84
CA PRO E 121 -49.10 28.05 36.42
C PRO E 121 -47.68 27.58 36.73
N MET E 122 -46.71 28.45 36.47
CA MET E 122 -45.31 28.12 36.82
C MET E 122 -45.02 28.92 38.10
N ALA E 123 -44.06 28.46 38.87
CA ALA E 123 -43.67 29.21 40.11
C ALA E 123 -43.01 30.51 39.61
N PRO E 124 -43.10 31.53 40.42
CA PRO E 124 -42.48 32.86 40.08
C PRO E 124 -41.00 32.57 39.76
N HIS E 125 -40.56 33.16 38.66
CA HIS E 125 -39.14 32.95 38.23
C HIS E 125 -38.68 34.09 37.32
N ILE E 126 -37.35 34.15 37.29
CA ILE E 126 -36.63 35.09 36.45
C ILE E 126 -35.81 34.21 35.45
N ASN E 127 -35.94 34.58 34.20
CA ASN E 127 -35.26 33.96 33.07
C ASN E 127 -33.89 34.70 32.98
N ILE E 128 -32.87 33.91 33.02
CA ILE E 128 -31.49 34.33 32.94
C ILE E 128 -30.77 33.70 31.73
N SER E 129 -29.98 34.54 31.10
CA SER E 129 -29.10 34.18 29.96
C SER E 129 -27.67 34.66 30.36
N LEU E 130 -26.77 33.75 30.40
CA LEU E 130 -25.37 34.04 30.80
C LEU E 130 -24.41 34.00 29.61
N PHE E 131 -23.61 35.02 29.50
CA PHE E 131 -22.59 35.19 28.49
C PHE E 131 -21.25 35.48 29.16
N ALA E 132 -20.22 35.02 28.47
CA ALA E 132 -18.86 35.26 28.91
C ALA E 132 -17.85 34.60 27.98
N ARG E 133 -16.64 35.14 28.16
CA ARG E 133 -15.50 34.56 27.39
C ARG E 133 -15.45 33.09 27.86
N GLY E 134 -15.17 32.25 26.87
CA GLY E 134 -15.07 30.80 27.14
C GLY E 134 -16.46 30.20 26.95
N ILE E 135 -17.49 30.99 26.84
CA ILE E 135 -18.86 30.51 26.66
C ILE E 135 -19.22 30.76 25.21
N ASN E 136 -19.22 29.67 24.43
CA ASN E 136 -19.43 29.71 22.99
C ASN E 136 -20.81 30.11 22.56
N ILE E 137 -21.78 29.64 23.35
CA ILE E 137 -23.21 29.89 23.17
C ILE E 137 -23.84 30.01 24.59
N HIS E 138 -24.46 31.13 24.81
CA HIS E 138 -25.04 31.52 26.08
C HIS E 138 -25.85 30.41 26.76
N LEU E 139 -25.69 30.33 28.04
CA LEU E 139 -26.38 29.36 28.91
C LEU E 139 -27.66 30.02 29.46
N HIS E 140 -28.75 29.25 29.39
CA HIS E 140 -30.06 29.63 29.85
C HIS E 140 -30.39 28.96 31.20
N THR E 141 -30.95 29.76 32.10
CA THR E 141 -31.33 29.30 33.42
C THR E 141 -32.59 30.05 33.89
N ARG E 142 -33.01 29.63 35.05
CA ARG E 142 -34.18 30.23 35.73
C ARG E 142 -33.80 30.40 37.22
N LEU E 143 -34.30 31.51 37.74
CA LEU E 143 -34.07 31.79 39.20
C LEU E 143 -35.47 31.72 39.82
N TYR E 144 -35.56 30.82 40.79
CA TYR E 144 -36.76 30.57 41.60
C TYR E 144 -36.36 31.06 43.04
N PHE E 145 -37.33 31.27 43.84
CA PHE E 145 -37.24 31.81 45.23
C PHE E 145 -37.59 30.76 46.29
N ASP E 146 -36.76 30.60 47.27
CA ASP E 146 -36.86 29.66 48.36
C ASP E 146 -38.11 29.83 49.21
N ASP E 147 -38.69 31.01 49.16
CA ASP E 147 -39.88 31.35 49.91
C ASP E 147 -41.17 31.05 49.16
N GLU E 148 -41.06 30.35 48.05
CA GLU E 148 -42.25 29.97 47.24
C GLU E 148 -42.34 28.46 47.04
N ALA E 149 -41.89 27.73 48.05
CA ALA E 149 -41.85 26.29 48.09
C ALA E 149 -43.08 25.61 47.54
N GLN E 150 -44.24 26.07 47.98
CA GLN E 150 -45.50 25.47 47.58
C GLN E 150 -45.56 25.52 46.05
N ALA E 151 -45.42 26.71 45.53
CA ALA E 151 -45.49 26.91 44.08
C ALA E 151 -44.40 26.11 43.33
N ASN E 152 -43.22 26.11 43.91
CA ASN E 152 -42.06 25.43 43.35
C ASN E 152 -42.31 23.92 43.21
N ALA E 153 -42.94 23.35 44.22
CA ALA E 153 -43.27 21.94 44.27
C ALA E 153 -44.13 21.52 43.08
N LYS E 154 -44.97 22.42 42.62
CA LYS E 154 -45.85 22.13 41.50
C LYS E 154 -45.48 22.74 40.18
N CYS E 155 -44.33 23.36 40.04
CA CYS E 155 -43.97 23.99 38.74
C CYS E 155 -43.75 22.90 37.69
N PRO E 156 -44.43 23.08 36.56
CA PRO E 156 -44.31 22.14 35.44
C PRO E 156 -42.90 22.17 34.88
N VAL E 157 -42.22 23.31 35.04
CA VAL E 157 -40.86 23.44 34.51
C VAL E 157 -39.86 22.71 35.39
N LEU E 158 -39.97 23.08 36.66
CA LEU E 158 -39.07 22.51 37.69
C LEU E 158 -39.24 21.02 37.71
N ASN E 159 -40.47 20.57 37.48
CA ASN E 159 -40.86 19.17 37.46
C ASN E 159 -40.29 18.40 36.29
N LEU E 160 -39.83 19.06 35.25
CA LEU E 160 -39.22 18.45 34.10
C LEU E 160 -37.81 17.95 34.41
N ILE E 161 -37.18 18.47 35.43
CA ILE E 161 -35.84 18.04 35.84
C ILE E 161 -35.99 16.69 36.56
N GLU E 162 -35.31 15.69 36.03
CA GLU E 162 -35.36 14.34 36.55
C GLU E 162 -35.01 14.21 38.04
N GLN E 163 -33.82 14.59 38.40
CA GLN E 163 -33.29 14.54 39.76
C GLN E 163 -33.67 15.75 40.58
N PRO E 164 -34.43 15.48 41.62
CA PRO E 164 -34.90 16.53 42.56
C PRO E 164 -33.73 17.35 43.07
N GLN E 165 -32.64 16.65 43.30
CA GLN E 165 -31.40 17.25 43.79
C GLN E 165 -30.93 18.38 42.88
N ARG E 166 -31.18 18.29 41.58
CA ARG E 166 -30.74 19.32 40.63
C ARG E 166 -31.66 20.53 40.60
N ARG E 167 -32.90 20.28 41.03
CA ARG E 167 -33.91 21.35 41.07
C ARG E 167 -33.43 22.46 42.02
N GLU E 168 -32.83 22.01 43.11
CA GLU E 168 -32.30 22.84 44.16
C GLU E 168 -31.41 23.96 43.65
N THR E 169 -30.58 23.62 42.68
CA THR E 169 -29.67 24.59 42.07
C THR E 169 -30.36 25.82 41.52
N LEU E 170 -31.63 25.77 41.20
CA LEU E 170 -32.40 26.87 40.67
C LEU E 170 -33.04 27.76 41.74
N ILE E 171 -32.87 27.43 42.99
CA ILE E 171 -33.52 28.19 44.06
C ILE E 171 -32.67 29.23 44.76
N ALA E 172 -33.12 30.47 44.60
CA ALA E 172 -32.46 31.62 45.23
C ALA E 172 -32.85 31.57 46.75
N LYS E 173 -31.85 31.82 47.56
CA LYS E 173 -31.88 31.85 49.02
C LYS E 173 -32.10 33.27 49.54
N ARG E 174 -33.25 33.44 50.17
CA ARG E 174 -33.62 34.74 50.76
C ARG E 174 -32.68 35.15 51.89
N CYS E 175 -32.45 36.44 51.88
CA CYS E 175 -31.59 37.11 52.90
C CYS E 175 -32.03 38.57 52.98
N GLU E 176 -31.23 39.34 53.69
CA GLU E 176 -31.50 40.78 53.86
C GLU E 176 -30.23 41.58 53.67
N VAL E 177 -30.39 42.72 53.03
CA VAL E 177 -29.24 43.63 52.76
C VAL E 177 -29.73 45.02 53.14
N ASP E 178 -29.09 45.58 54.16
CA ASP E 178 -29.50 46.92 54.65
C ASP E 178 -31.01 46.91 54.95
N GLY E 179 -31.45 45.85 55.59
CA GLY E 179 -32.88 45.73 55.94
C GLY E 179 -33.75 45.64 54.69
N LYS E 180 -33.12 45.31 53.55
CA LYS E 180 -33.85 45.11 52.30
C LYS E 180 -33.81 43.59 51.98
N THR E 181 -34.94 43.15 51.45
CA THR E 181 -35.15 41.76 51.06
C THR E 181 -34.27 41.46 49.82
N ALA E 182 -33.40 40.51 50.03
CA ALA E 182 -32.46 40.09 49.00
C ALA E 182 -32.49 38.57 48.82
N TYR E 183 -32.18 38.19 47.58
CA TYR E 183 -32.08 36.75 47.25
C TYR E 183 -30.71 36.58 46.53
N ARG E 184 -29.98 35.64 47.02
CA ARG E 184 -28.67 35.28 46.49
C ARG E 184 -28.82 34.02 45.59
N PHE E 185 -28.38 34.18 44.39
CA PHE E 185 -28.39 33.11 43.36
C PHE E 185 -27.03 33.00 42.66
N ASP E 186 -26.27 32.04 43.12
CA ASP E 186 -24.93 31.73 42.59
C ASP E 186 -25.09 30.72 41.44
N ILE E 187 -24.22 30.86 40.43
CA ILE E 187 -24.28 29.96 39.27
C ILE E 187 -23.02 29.13 39.23
N ARG E 188 -23.23 27.82 39.14
CA ARG E 188 -22.01 26.91 39.03
C ARG E 188 -22.15 26.35 37.62
N ILE E 189 -21.27 26.80 36.75
CA ILE E 189 -21.23 26.41 35.34
C ILE E 189 -20.95 24.93 35.17
N GLN E 190 -20.04 24.43 35.99
CA GLN E 190 -19.56 23.07 35.93
C GLN E 190 -19.20 22.46 37.27
N GLY E 191 -19.43 21.16 37.35
CA GLY E 191 -19.06 20.37 38.52
C GLY E 191 -20.07 20.23 39.62
N GLU E 192 -19.54 20.10 40.83
CA GLU E 192 -20.37 19.91 42.05
C GLU E 192 -21.38 21.03 42.16
N GLY E 193 -22.65 20.64 42.20
CA GLY E 193 -23.74 21.60 42.29
C GLY E 193 -23.90 22.38 41.00
N GLU E 194 -23.56 21.76 39.87
CA GLU E 194 -23.68 22.46 38.58
C GLU E 194 -25.13 22.87 38.42
N THR E 195 -25.31 24.11 38.03
CA THR E 195 -26.63 24.66 37.82
C THR E 195 -27.27 24.05 36.57
N VAL E 196 -28.58 23.87 36.69
CA VAL E 196 -29.37 23.37 35.55
C VAL E 196 -29.42 24.47 34.51
N PHE E 197 -29.16 24.09 33.26
CA PHE E 197 -29.20 24.98 32.12
C PHE E 197 -30.23 24.38 31.17
N PHE E 198 -31.01 25.25 30.56
CA PHE E 198 -32.07 24.80 29.66
C PHE E 198 -31.72 25.03 28.16
N ASP E 199 -32.56 24.34 27.42
CA ASP E 199 -32.67 24.38 25.96
C ASP E 199 -34.18 24.54 25.63
N PHE E 200 -34.52 25.45 24.77
CA PHE E 200 -35.91 25.69 24.35
C PHE E 200 -35.84 26.41 22.97
N PRO F 1 -49.25 43.99 27.68
CA PRO F 1 -48.12 43.06 27.87
C PRO F 1 -48.00 42.10 26.70
N ALA F 2 -46.89 41.38 26.69
CA ALA F 2 -46.58 40.41 25.62
C ALA F 2 -47.59 39.27 25.67
N GLN F 3 -47.70 38.57 24.56
CA GLN F 3 -48.59 37.39 24.42
C GLN F 3 -47.84 36.21 23.79
N ASP F 4 -48.23 35.03 24.24
CA ASP F 4 -47.65 33.75 23.77
C ASP F 4 -48.37 33.35 22.47
N ASN F 5 -47.99 33.99 21.38
CA ASN F 5 -48.66 33.66 20.09
C ASN F 5 -47.71 33.01 19.12
N SER F 6 -46.49 32.76 19.58
CA SER F 6 -45.47 32.18 18.69
C SER F 6 -44.64 31.06 19.25
N ARG F 7 -44.05 30.37 18.28
CA ARG F 7 -43.14 29.26 18.53
C ARG F 7 -41.93 29.54 17.61
N PHE F 8 -40.79 29.23 18.13
CA PHE F 8 -39.50 29.39 17.46
C PHE F 8 -38.94 28.00 17.17
N VAL F 9 -38.52 27.85 15.93
CA VAL F 9 -37.92 26.59 15.47
C VAL F 9 -36.76 26.26 16.43
N ILE F 10 -36.64 25.08 16.87
CA ILE F 10 -35.67 24.54 17.74
C ILE F 10 -34.25 24.79 17.19
N ARG F 11 -33.36 25.14 18.11
CA ARG F 11 -31.98 25.43 17.70
C ARG F 11 -31.27 24.11 17.36
N ASP F 12 -30.44 24.23 16.35
CA ASP F 12 -29.58 23.13 15.89
C ASP F 12 -28.23 23.33 16.61
N ARG F 13 -28.09 22.56 17.66
CA ARG F 13 -26.93 22.56 18.51
C ARG F 13 -25.69 21.90 17.95
N ASN F 14 -25.82 21.37 16.72
CA ASN F 14 -24.65 20.78 16.03
C ASN F 14 -24.15 21.79 14.98
N TRP F 15 -24.95 22.81 14.72
CA TRP F 15 -24.63 23.90 13.80
C TRP F 15 -23.75 24.94 14.54
N HIS F 16 -24.35 25.34 15.68
CA HIS F 16 -23.71 26.28 16.61
C HIS F 16 -22.52 25.48 17.19
N PRO F 17 -21.56 26.21 17.72
CA PRO F 17 -20.41 25.60 18.37
C PRO F 17 -20.91 24.90 19.65
N LYS F 18 -20.19 23.87 20.00
CA LYS F 18 -20.56 23.15 21.26
C LYS F 18 -19.93 23.96 22.41
N ALA F 19 -20.35 23.63 23.62
CA ALA F 19 -19.81 24.27 24.81
C ALA F 19 -18.31 23.88 25.00
N LEU F 20 -18.00 22.59 24.98
CA LEU F 20 -16.58 22.21 25.21
C LEU F 20 -15.82 22.11 23.90
N THR F 21 -14.97 23.06 23.60
CA THR F 21 -14.12 23.09 22.40
C THR F 21 -12.69 23.35 22.91
N PRO F 22 -12.04 22.30 23.39
CA PRO F 22 -10.77 22.34 24.04
C PRO F 22 -9.69 23.24 23.50
N ASP F 23 -9.63 23.46 22.22
CA ASP F 23 -8.55 24.33 21.64
C ASP F 23 -8.68 25.77 22.14
N TYR F 24 -9.90 26.14 22.44
CA TYR F 24 -10.27 27.43 23.00
C TYR F 24 -10.27 27.12 24.56
N LYS F 25 -9.06 27.22 25.10
CA LYS F 25 -8.76 26.88 26.46
C LYS F 25 -9.77 27.27 27.53
N THR F 26 -10.25 28.52 27.43
CA THR F 26 -11.20 28.94 28.50
C THR F 26 -12.49 28.15 28.46
N SER F 27 -12.86 27.60 27.31
CA SER F 27 -14.14 26.86 27.24
C SER F 27 -14.04 25.63 28.15
N ILE F 28 -12.80 25.20 28.47
CA ILE F 28 -12.67 24.00 29.31
C ILE F 28 -13.42 24.05 30.66
N ALA F 29 -13.15 25.09 31.45
CA ALA F 29 -13.71 25.33 32.74
C ALA F 29 -15.06 26.04 32.72
N ARG F 30 -15.39 26.61 31.59
CA ARG F 30 -16.64 27.33 31.45
C ARG F 30 -17.75 26.66 30.67
N SER F 31 -17.73 25.33 30.65
CA SER F 31 -18.78 24.55 29.91
C SER F 31 -19.36 23.56 30.89
N PRO F 32 -20.69 23.39 30.87
CA PRO F 32 -21.36 22.44 31.76
C PRO F 32 -20.94 21.00 31.46
N ARG F 33 -21.04 20.14 32.42
CA ARG F 33 -20.74 18.72 32.28
C ARG F 33 -22.03 17.91 32.19
N GLN F 34 -23.11 18.56 32.52
CA GLN F 34 -24.45 17.94 32.49
C GLN F 34 -25.11 18.38 31.19
N ALA F 35 -26.02 17.58 30.69
CA ALA F 35 -26.75 17.94 29.46
C ALA F 35 -27.78 19.01 29.85
N LEU F 36 -28.05 19.85 28.90
CA LEU F 36 -29.06 20.90 29.01
C LEU F 36 -30.41 20.17 29.19
N VAL F 37 -31.31 20.76 29.91
CA VAL F 37 -32.67 20.19 30.11
C VAL F 37 -33.57 20.85 29.09
N SER F 38 -34.19 20.10 28.18
CA SER F 38 -35.07 20.82 27.21
C SER F 38 -36.43 21.05 27.92
N ILE F 39 -37.07 22.14 27.59
CA ILE F 39 -38.41 22.45 28.16
C ILE F 39 -39.28 22.99 27.05
N PRO F 40 -40.60 22.81 27.20
CA PRO F 40 -41.54 23.31 26.17
C PRO F 40 -41.43 24.85 26.20
N GLN F 41 -41.76 25.44 25.06
CA GLN F 41 -41.72 26.92 24.95
C GLN F 41 -43.00 27.45 25.64
N SER F 42 -42.81 28.48 26.42
CA SER F 42 -43.95 29.15 27.12
C SER F 42 -43.78 30.67 26.87
N ILE F 43 -44.67 31.44 27.44
CA ILE F 43 -44.69 32.88 27.33
C ILE F 43 -43.36 33.45 27.84
N SER F 44 -42.84 32.79 28.87
CA SER F 44 -41.54 33.19 29.42
C SER F 44 -40.47 33.20 28.29
N GLU F 45 -40.45 32.18 27.48
CA GLU F 45 -39.50 31.97 26.40
C GLU F 45 -39.77 32.60 25.09
N THR F 46 -41.02 32.80 24.72
CA THR F 46 -41.45 33.32 23.44
C THR F 46 -41.70 34.80 23.32
N THR F 47 -41.39 35.53 24.37
CA THR F 47 -41.55 37.01 24.35
C THR F 47 -40.15 37.56 24.70
N GLY F 48 -39.99 38.85 24.57
CA GLY F 48 -38.68 39.52 24.85
C GLY F 48 -38.95 41.02 24.69
N PRO F 49 -37.93 41.79 25.00
CA PRO F 49 -38.00 43.26 24.94
C PRO F 49 -38.07 43.79 23.52
N ASN F 50 -38.79 44.87 23.40
CA ASN F 50 -38.99 45.63 22.17
C ASN F 50 -38.32 47.00 22.47
N PHE F 51 -37.27 47.30 21.74
CA PHE F 51 -36.49 48.53 21.94
C PHE F 51 -36.90 49.71 21.09
N SER F 52 -38.09 49.67 20.52
CA SER F 52 -38.63 50.71 19.70
C SER F 52 -38.63 52.09 20.36
N HIS F 53 -38.80 52.17 21.66
CA HIS F 53 -38.82 53.43 22.38
C HIS F 53 -37.55 53.78 23.10
N LEU F 54 -36.48 53.05 22.87
CA LEU F 54 -35.19 53.42 23.53
C LEU F 54 -34.82 54.73 22.81
N GLY F 55 -34.31 55.68 23.54
CA GLY F 55 -33.94 56.97 22.89
C GLY F 55 -32.50 56.88 22.38
N PHE F 56 -32.37 56.61 21.08
CA PHE F 56 -31.03 56.48 20.47
C PHE F 56 -30.43 57.84 20.11
N GLY F 57 -29.15 57.99 20.44
CA GLY F 57 -28.42 59.22 20.04
C GLY F 57 -28.38 59.22 18.49
N ALA F 58 -28.13 60.38 17.92
CA ALA F 58 -28.04 60.57 16.47
C ALA F 58 -26.85 59.83 15.82
N HIS F 59 -25.81 59.62 16.58
CA HIS F 59 -24.59 58.96 16.07
C HIS F 59 -24.34 57.62 16.74
N ASP F 60 -25.38 57.01 17.25
CA ASP F 60 -25.26 55.72 17.96
C ASP F 60 -24.63 54.62 17.07
N HIS F 61 -24.94 54.63 15.81
CA HIS F 61 -24.47 53.72 14.78
C HIS F 61 -23.28 54.26 13.99
N ASP F 62 -22.76 55.44 14.32
CA ASP F 62 -21.60 56.01 13.57
C ASP F 62 -20.36 56.07 14.45
N LEU F 63 -19.51 55.07 14.42
CA LEU F 63 -18.33 54.98 15.22
C LEU F 63 -17.26 56.01 14.90
N LEU F 64 -17.39 56.64 13.77
CA LEU F 64 -16.52 57.68 13.26
C LEU F 64 -16.79 59.01 13.99
N LEU F 65 -18.02 59.22 14.40
CA LEU F 65 -18.52 60.37 15.10
C LEU F 65 -18.93 60.18 16.56
N ASN F 66 -19.19 58.98 17.05
CA ASN F 66 -19.66 58.78 18.39
C ASN F 66 -18.73 58.80 19.56
N PHE F 67 -17.44 58.87 19.47
CA PHE F 67 -16.55 58.86 20.62
C PHE F 67 -16.21 60.34 20.99
N GLY F 71 -11.60 64.95 16.40
CA GLY F 71 -11.17 64.44 15.10
C GLY F 71 -11.74 63.07 14.72
N LEU F 72 -11.17 62.54 13.65
CA LEU F 72 -11.53 61.26 13.03
C LEU F 72 -10.54 60.17 13.43
N PRO F 73 -11.11 58.96 13.58
CA PRO F 73 -10.31 57.78 13.92
C PRO F 73 -9.37 57.48 12.74
N ILE F 74 -8.30 56.81 13.11
CA ILE F 74 -7.35 56.37 12.07
C ILE F 74 -7.72 54.92 11.69
N GLY F 75 -7.72 54.67 10.40
CA GLY F 75 -8.01 53.31 9.90
C GLY F 75 -8.93 53.32 8.71
N GLU F 76 -9.22 52.09 8.23
CA GLU F 76 -10.08 51.90 7.06
C GLU F 76 -11.53 52.17 7.33
N ARG F 77 -11.98 53.20 6.68
CA ARG F 77 -13.35 53.68 6.75
C ARG F 77 -14.25 52.64 6.01
N ILE F 78 -15.19 52.10 6.76
CA ILE F 78 -16.10 51.12 6.15
C ILE F 78 -17.53 51.29 6.73
N ILE F 79 -18.43 50.94 5.86
CA ILE F 79 -19.85 50.86 6.28
C ILE F 79 -20.09 49.32 6.46
N VAL F 80 -20.70 48.95 7.53
CA VAL F 80 -21.08 47.53 7.77
C VAL F 80 -22.63 47.54 7.75
N ALA F 81 -23.19 46.90 6.76
CA ALA F 81 -24.65 46.87 6.60
C ALA F 81 -25.12 45.45 6.25
N GLY F 82 -26.41 45.25 6.41
CA GLY F 82 -27.07 44.00 6.14
C GLY F 82 -28.50 43.97 6.62
N ARG F 83 -28.99 42.76 6.68
CA ARG F 83 -30.41 42.54 7.08
C ARG F 83 -30.57 41.42 8.08
N VAL F 84 -31.59 41.58 8.95
CA VAL F 84 -31.88 40.55 9.94
C VAL F 84 -33.18 39.90 9.46
N VAL F 85 -33.04 38.59 9.23
CA VAL F 85 -34.21 37.79 8.79
C VAL F 85 -34.36 36.62 9.79
N ASP F 86 -35.47 35.95 9.66
CA ASP F 86 -35.70 34.75 10.51
C ASP F 86 -35.41 33.56 9.56
N GLN F 87 -35.50 32.34 10.05
CA GLN F 87 -35.19 31.17 9.22
C GLN F 87 -36.18 31.02 8.05
N TYR F 88 -37.36 31.60 8.13
CA TYR F 88 -38.31 31.51 7.05
C TYR F 88 -37.99 32.58 5.99
N GLY F 89 -36.99 33.39 6.26
CA GLY F 89 -36.63 34.47 5.33
C GLY F 89 -37.44 35.72 5.56
N LYS F 90 -38.13 35.81 6.68
CA LYS F 90 -38.97 37.00 7.00
C LYS F 90 -38.09 38.01 7.74
N PRO F 91 -38.20 39.27 7.34
CA PRO F 91 -37.41 40.34 7.94
C PRO F 91 -37.80 40.51 9.42
N VAL F 92 -36.82 40.96 10.19
CA VAL F 92 -37.06 41.21 11.62
C VAL F 92 -36.87 42.73 11.82
N PRO F 93 -38.01 43.41 11.78
CA PRO F 93 -38.01 44.89 11.90
C PRO F 93 -37.98 45.33 13.35
N ASN F 94 -37.49 46.54 13.54
CA ASN F 94 -37.40 47.16 14.85
C ASN F 94 -36.69 46.32 15.86
N THR F 95 -35.59 45.68 15.47
CA THR F 95 -34.84 44.84 16.40
C THR F 95 -33.57 45.54 16.76
N LEU F 96 -32.97 45.23 17.89
CA LEU F 96 -31.77 45.80 18.40
C LEU F 96 -30.49 45.06 18.02
N VAL F 97 -29.64 45.80 17.32
CA VAL F 97 -28.35 45.35 16.89
C VAL F 97 -27.27 46.21 17.59
N GLU F 98 -26.52 45.52 18.36
CA GLU F 98 -25.44 46.16 19.16
C GLU F 98 -24.15 45.53 18.69
N MET F 99 -23.13 46.35 18.54
CA MET F 99 -21.80 45.95 18.11
C MET F 99 -20.75 46.62 18.95
N TRP F 100 -19.52 46.04 18.97
CA TRP F 100 -18.38 46.52 19.68
C TRP F 100 -17.13 45.93 18.97
N GLN F 101 -16.05 46.66 19.03
CA GLN F 101 -14.83 46.07 18.32
C GLN F 101 -13.60 46.82 18.79
N ALA F 102 -12.45 46.45 18.25
CA ALA F 102 -11.18 47.12 18.57
C ALA F 102 -10.96 48.21 17.49
N ASN F 103 -9.88 48.95 17.70
CA ASN F 103 -9.48 50.02 16.76
C ASN F 103 -8.64 49.34 15.62
N ALA F 104 -8.17 50.24 14.75
CA ALA F 104 -7.37 49.84 13.58
C ALA F 104 -6.19 48.95 13.94
N GLY F 105 -5.64 49.09 15.14
CA GLY F 105 -4.48 48.37 15.61
C GLY F 105 -4.77 47.16 16.47
N GLY F 106 -6.03 46.77 16.61
CA GLY F 106 -6.40 45.62 17.42
C GLY F 106 -6.45 45.89 18.92
N ARG F 107 -6.49 47.16 19.30
CA ARG F 107 -6.59 47.54 20.74
C ARG F 107 -8.01 47.97 21.11
N TYR F 108 -8.48 47.42 22.22
CA TYR F 108 -9.83 47.73 22.72
C TYR F 108 -9.76 48.86 23.77
N ARG F 109 -10.85 49.64 23.75
CA ARG F 109 -10.94 50.73 24.79
C ARG F 109 -11.63 50.05 26.00
N HIS F 110 -10.79 49.36 26.76
CA HIS F 110 -11.18 48.60 27.94
C HIS F 110 -10.00 48.38 28.87
N LYS F 111 -10.24 48.63 30.14
CA LYS F 111 -9.32 48.53 31.26
C LYS F 111 -8.38 47.31 31.13
N ASN F 112 -9.09 46.20 30.91
CA ASN F 112 -8.49 44.91 30.81
C ASN F 112 -7.60 44.67 29.62
N ASP F 113 -7.71 45.48 28.59
CA ASP F 113 -6.89 45.30 27.36
C ASP F 113 -5.52 45.95 27.57
N ARG F 114 -4.55 45.05 27.70
CA ARG F 114 -3.16 45.42 27.91
C ARG F 114 -2.29 45.35 26.67
N TYR F 115 -2.88 45.11 25.51
CA TYR F 115 -2.12 45.03 24.26
C TYR F 115 -1.36 46.33 24.01
N LEU F 116 -0.12 46.16 23.56
CA LEU F 116 0.80 47.25 23.29
C LEU F 116 0.44 48.15 22.16
N ALA F 117 -0.60 47.83 21.38
CA ALA F 117 -1.01 48.74 20.26
C ALA F 117 -1.75 49.87 21.00
N PRO F 118 -1.49 51.09 20.50
CA PRO F 118 -2.06 52.27 21.15
C PRO F 118 -3.55 52.44 20.90
N LEU F 119 -4.17 53.14 21.83
CA LEU F 119 -5.59 53.53 21.72
C LEU F 119 -5.62 54.65 20.67
N ASP F 120 -6.74 54.85 20.09
CA ASP F 120 -7.04 55.88 19.11
C ASP F 120 -7.96 56.91 19.85
N PRO F 121 -7.36 58.08 20.02
CA PRO F 121 -7.99 59.19 20.71
C PRO F 121 -9.37 59.56 20.22
N ASN F 122 -9.71 59.23 18.98
CA ASN F 122 -11.01 59.53 18.40
C ASN F 122 -11.90 58.32 18.20
N PHE F 123 -11.60 57.24 18.89
CA PHE F 123 -12.43 55.99 18.71
C PHE F 123 -12.79 55.30 20.01
N GLY F 124 -14.08 55.03 20.15
CA GLY F 124 -14.65 54.34 21.31
C GLY F 124 -14.76 52.80 20.99
N GLY F 125 -15.53 52.49 19.96
CA GLY F 125 -15.75 51.18 19.45
C GLY F 125 -17.05 50.50 19.80
N VAL F 126 -18.08 51.29 20.02
CA VAL F 126 -19.41 50.84 20.36
C VAL F 126 -20.44 51.47 19.42
N GLY F 127 -21.37 50.63 19.02
CA GLY F 127 -22.43 51.07 18.10
C GLY F 127 -23.70 50.27 18.43
N ARG F 128 -24.79 50.90 18.05
CA ARG F 128 -26.14 50.32 18.25
C ARG F 128 -27.00 50.90 17.14
N CME F 129 -27.93 50.11 16.68
CA CME F 129 -28.83 50.47 15.58
CB CME F 129 -28.13 50.17 14.20
SG CME F 129 -29.35 50.37 12.86
SD CME F 129 -29.72 52.38 12.73
CE CME F 129 -28.36 53.05 11.73
CZ CME F 129 -28.95 53.49 10.39
OH CME F 129 -29.39 52.32 9.67
C CME F 129 -30.05 49.55 15.69
O CME F 129 -29.86 48.38 16.00
N LEU F 130 -31.19 50.10 15.44
CA LEU F 130 -32.47 49.43 15.44
C LEU F 130 -32.83 49.18 13.97
N THR F 131 -33.06 47.93 13.60
CA THR F 131 -33.42 47.57 12.24
C THR F 131 -34.66 48.33 11.80
N ASP F 132 -34.67 48.60 10.48
CA ASP F 132 -35.84 49.35 9.95
C ASP F 132 -36.94 48.31 9.67
N SER F 133 -37.96 48.83 9.01
CA SER F 133 -39.14 48.03 8.62
C SER F 133 -38.79 46.88 7.72
N ASP F 134 -37.65 46.88 7.07
CA ASP F 134 -37.25 45.76 6.21
C ASP F 134 -36.16 44.89 6.82
N GLY F 135 -35.88 45.05 8.09
CA GLY F 135 -34.86 44.34 8.83
C GLY F 135 -33.44 44.79 8.54
N TYR F 136 -33.31 46.00 7.97
CA TYR F 136 -32.02 46.56 7.61
C TYR F 136 -31.34 47.34 8.73
N TYR F 137 -30.02 47.23 8.80
CA TYR F 137 -29.15 47.89 9.72
C TYR F 137 -27.88 48.34 8.96
N SER F 138 -27.22 49.31 9.59
CA SER F 138 -25.98 49.83 9.10
C SER F 138 -25.28 50.62 10.23
N PHE F 139 -24.00 50.50 10.19
CA PHE F 139 -23.02 51.08 11.08
C PHE F 139 -21.86 51.66 10.17
N ARG F 140 -21.26 52.71 10.68
CA ARG F 140 -20.09 53.30 9.98
C ARG F 140 -18.96 53.18 11.00
N THR F 141 -17.86 52.64 10.54
CA THR F 141 -16.73 52.46 11.48
C THR F 141 -15.45 52.32 10.71
N ILE F 142 -14.44 51.82 11.39
CA ILE F 142 -13.13 51.53 10.84
C ILE F 142 -12.89 50.03 11.04
N LYS F 143 -12.22 49.47 10.04
CA LYS F 143 -11.95 48.00 10.10
C LYS F 143 -10.96 47.79 11.27
N PRO F 144 -11.37 46.94 12.20
CA PRO F 144 -10.60 46.60 13.36
C PRO F 144 -9.38 45.75 12.92
N GLY F 145 -8.35 45.80 13.76
CA GLY F 145 -7.17 44.99 13.47
C GLY F 145 -7.28 43.67 14.26
N PRO F 146 -6.50 42.72 13.82
CA PRO F 146 -6.41 41.41 14.49
C PRO F 146 -5.67 41.69 15.81
N TYR F 147 -5.71 40.76 16.73
CA TYR F 147 -4.98 40.96 18.00
C TYR F 147 -4.61 39.61 18.61
N PRO F 148 -3.45 39.68 19.25
CA PRO F 148 -2.87 38.49 19.93
C PRO F 148 -3.70 38.29 21.21
N TRP F 149 -3.76 37.06 21.67
CA TRP F 149 -4.53 36.77 22.91
C TRP F 149 -3.91 35.56 23.55
N ARG F 150 -4.04 35.45 24.84
CA ARG F 150 -3.41 34.37 25.57
C ARG F 150 -4.18 33.06 25.50
N ASN F 151 -3.95 32.32 24.42
CA ASN F 151 -4.59 31.00 24.19
C ASN F 151 -3.34 30.07 24.06
N GLY F 152 -3.06 29.72 22.83
CA GLY F 152 -1.79 28.99 22.55
C GLY F 152 -0.73 30.16 22.53
N PRO F 153 0.51 29.78 22.52
CA PRO F 153 1.63 30.73 22.54
C PRO F 153 1.59 31.75 21.43
N ASN F 154 0.87 31.52 20.33
CA ASN F 154 0.92 32.49 19.22
C ASN F 154 -0.39 32.58 18.47
N ASP F 155 -1.48 32.73 19.22
CA ASP F 155 -2.82 32.88 18.67
C ASP F 155 -3.15 34.36 18.44
N TRP F 156 -3.77 34.59 17.29
CA TRP F 156 -4.25 35.88 16.85
C TRP F 156 -5.71 35.80 16.39
N ARG F 157 -6.52 36.67 16.95
CA ARG F 157 -7.95 36.67 16.53
C ARG F 157 -7.93 37.37 15.15
N PRO F 158 -8.72 36.82 14.22
CA PRO F 158 -8.81 37.51 12.90
C PRO F 158 -9.55 38.83 13.25
N ALA F 159 -9.44 39.80 12.39
CA ALA F 159 -10.17 41.06 12.58
C ALA F 159 -11.67 40.58 12.63
N HIS F 160 -12.30 41.16 13.62
CA HIS F 160 -13.77 40.84 13.82
C HIS F 160 -14.45 41.98 14.54
N ILE F 161 -15.76 41.99 14.42
CA ILE F 161 -16.65 42.91 15.05
C ILE F 161 -17.70 42.05 15.86
N HIS F 162 -17.70 42.27 17.14
CA HIS F 162 -18.64 41.56 18.02
C HIS F 162 -20.05 42.05 17.76
N PHE F 163 -21.00 41.13 17.62
CA PHE F 163 -22.43 41.52 17.36
C PHE F 163 -23.37 40.84 18.39
N GLY F 164 -24.42 41.58 18.70
CA GLY F 164 -25.47 41.13 19.67
C GLY F 164 -26.81 41.55 19.02
N ILE F 165 -27.69 40.61 18.88
CA ILE F 165 -29.01 40.83 18.24
C ILE F 165 -30.12 40.29 19.17
N SER F 166 -31.11 41.12 19.38
CA SER F 166 -32.23 40.80 20.27
C SER F 166 -33.22 39.82 19.66
N GLY F 167 -33.76 40.23 18.52
CA GLY F 167 -34.80 39.44 17.81
C GLY F 167 -36.08 39.67 18.65
N PRO F 168 -37.15 39.00 18.20
CA PRO F 168 -38.47 39.12 18.83
C PRO F 168 -38.62 38.46 20.17
N SER F 169 -37.64 37.70 20.65
CA SER F 169 -37.81 37.03 21.95
C SER F 169 -36.50 36.65 22.54
N ILE F 170 -36.50 36.25 23.82
CA ILE F 170 -35.24 35.86 24.46
C ILE F 170 -34.74 34.56 23.78
N ALA F 171 -35.71 33.91 23.14
CA ALA F 171 -35.45 32.64 22.44
C ALA F 171 -34.55 32.89 21.17
N THR F 172 -34.70 34.08 20.60
CA THR F 172 -33.98 34.47 19.42
C THR F 172 -32.71 35.25 19.68
N LYS F 173 -32.54 35.69 20.92
CA LYS F 173 -31.37 36.52 21.29
C LYS F 173 -30.08 35.85 20.99
N LEU F 174 -29.18 36.55 20.27
CA LEU F 174 -27.90 35.94 19.86
C LEU F 174 -26.75 36.92 19.92
N ILE F 175 -25.61 36.43 20.30
CA ILE F 175 -24.32 37.08 20.34
C ILE F 175 -23.42 36.30 19.37
N THR F 176 -22.77 37.03 18.50
CA THR F 176 -21.87 36.47 17.50
C THR F 176 -20.70 37.40 17.19
N GLN F 177 -19.99 37.02 16.11
CA GLN F 177 -18.81 37.79 15.65
C GLN F 177 -18.84 37.80 14.13
N LEU F 178 -18.60 38.92 13.54
CA LEU F 178 -18.54 39.09 12.07
C LEU F 178 -17.05 39.02 11.72
N TYR F 179 -16.67 38.32 10.64
CA TYR F 179 -15.30 38.21 10.20
C TYR F 179 -15.24 38.82 8.78
N PHE F 180 -14.07 39.10 8.29
CA PHE F 180 -13.92 39.79 6.99
C PHE F 180 -13.38 38.83 5.91
N GLU F 181 -14.02 38.96 4.77
CA GLU F 181 -13.71 38.12 3.58
C GLU F 181 -12.26 38.09 3.22
N GLY F 182 -11.74 36.88 3.00
CA GLY F 182 -10.38 36.63 2.61
C GLY F 182 -9.33 36.67 3.69
N ASP F 183 -9.71 37.00 4.92
CA ASP F 183 -8.70 37.09 6.01
C ASP F 183 -8.09 35.71 6.26
N PRO F 184 -6.78 35.62 6.09
CA PRO F 184 -6.05 34.37 6.29
C PRO F 184 -6.06 33.84 7.71
N LEU F 185 -6.37 34.69 8.70
CA LEU F 185 -6.38 34.25 10.11
C LEU F 185 -7.60 33.40 10.45
N ILE F 186 -8.67 33.50 9.72
CA ILE F 186 -9.91 32.80 10.00
C ILE F 186 -9.84 31.31 10.27
N PRO F 187 -9.24 30.58 9.35
CA PRO F 187 -9.07 29.12 9.44
C PRO F 187 -8.13 28.78 10.57
N MET F 188 -7.37 29.73 11.10
CA MET F 188 -6.47 29.30 12.21
C MET F 188 -7.03 29.64 13.59
N CYS F 189 -8.15 30.36 13.66
CA CYS F 189 -8.66 30.77 14.96
C CYS F 189 -9.46 29.68 15.67
N PRO F 190 -9.01 29.36 16.85
CA PRO F 190 -9.66 28.37 17.73
C PRO F 190 -11.08 28.73 18.12
N ILE F 191 -11.39 30.03 18.15
CA ILE F 191 -12.73 30.48 18.49
C ILE F 191 -13.65 30.23 17.29
N VAL F 192 -13.07 30.50 16.11
CA VAL F 192 -13.83 30.29 14.87
C VAL F 192 -14.06 28.75 14.75
N LYS F 193 -13.02 28.03 15.04
CA LYS F 193 -13.06 26.57 14.95
C LYS F 193 -13.93 25.91 16.00
N SER F 194 -14.53 26.75 16.85
CA SER F 194 -15.46 26.15 17.88
C SER F 194 -16.64 25.66 17.03
N ILE F 195 -16.77 26.21 15.82
CA ILE F 195 -17.85 25.84 14.91
C ILE F 195 -17.37 24.66 14.01
N ALA F 196 -17.89 23.48 14.25
CA ALA F 196 -17.55 22.28 13.52
C ALA F 196 -17.85 22.26 12.04
N ASN F 197 -18.90 22.88 11.57
CA ASN F 197 -19.28 22.88 10.15
C ASN F 197 -18.72 24.08 9.43
N PRO F 198 -17.84 23.82 8.47
CA PRO F 198 -17.21 24.88 7.67
C PRO F 198 -18.24 25.77 7.00
N GLU F 199 -19.38 25.14 6.74
CA GLU F 199 -20.52 25.84 6.13
C GLU F 199 -21.03 26.87 7.08
N ALA F 200 -21.05 26.53 8.37
CA ALA F 200 -21.56 27.48 9.41
C ALA F 200 -20.60 28.66 9.51
N VAL F 201 -19.30 28.39 9.36
CA VAL F 201 -18.25 29.39 9.42
C VAL F 201 -18.51 30.46 8.34
N GLN F 202 -18.85 29.99 7.14
CA GLN F 202 -19.10 30.89 6.03
C GLN F 202 -20.10 31.97 6.36
N GLN F 203 -21.08 31.60 7.18
CA GLN F 203 -22.18 32.53 7.54
C GLN F 203 -21.67 33.75 8.31
N LEU F 204 -20.52 33.60 8.96
CA LEU F 204 -19.89 34.63 9.75
C LEU F 204 -18.98 35.55 8.93
N ILE F 205 -18.82 35.27 7.66
CA ILE F 205 -17.94 36.11 6.83
C ILE F 205 -18.66 37.20 6.08
N ALA F 206 -18.30 38.47 6.41
CA ALA F 206 -18.91 39.61 5.73
C ALA F 206 -18.20 39.67 4.33
N LYS F 207 -18.98 39.97 3.35
CA LYS F 207 -18.46 40.08 1.99
C LYS F 207 -18.30 41.56 1.59
N LEU F 208 -17.20 41.78 0.91
CA LEU F 208 -16.90 43.15 0.38
C LEU F 208 -18.11 43.52 -0.45
N ASP F 209 -18.63 44.70 -0.24
CA ASP F 209 -19.83 45.11 -1.04
C ASP F 209 -19.51 46.44 -1.72
N MET F 210 -18.94 46.36 -2.90
CA MET F 210 -18.53 47.55 -3.68
C MET F 210 -19.72 48.41 -4.04
N ASN F 211 -20.86 47.77 -4.24
CA ASN F 211 -22.10 48.44 -4.59
C ASN F 211 -22.57 49.45 -3.51
N ASN F 212 -22.26 49.18 -2.28
CA ASN F 212 -22.67 49.98 -1.13
C ASN F 212 -21.63 50.96 -0.61
N ALA F 213 -20.49 51.01 -1.28
CA ALA F 213 -19.40 51.86 -0.90
C ALA F 213 -19.66 53.31 -1.37
N ASN F 214 -19.03 54.23 -0.65
CA ASN F 214 -19.09 55.66 -1.01
C ASN F 214 -17.75 55.94 -1.72
N PRO F 215 -17.84 56.07 -3.03
CA PRO F 215 -16.64 56.35 -3.86
C PRO F 215 -15.87 57.51 -3.22
N MET F 216 -14.56 57.40 -3.21
CA MET F 216 -13.62 58.36 -2.66
C MET F 216 -13.83 58.55 -1.15
N ASP F 217 -14.48 57.62 -0.48
CA ASP F 217 -14.73 57.81 0.98
C ASP F 217 -14.55 56.59 1.83
N CYS F 218 -15.42 55.60 1.63
CA CYS F 218 -15.38 54.36 2.45
C CYS F 218 -15.88 53.16 1.64
N LEU F 219 -15.33 52.03 2.03
CA LEU F 219 -15.72 50.71 1.43
C LEU F 219 -16.96 50.29 2.27
N ALA F 220 -17.52 49.15 1.96
CA ALA F 220 -18.65 48.57 2.62
C ALA F 220 -18.58 47.03 2.56
N TYR F 221 -19.14 46.50 3.65
CA TYR F 221 -19.27 45.08 3.92
C TYR F 221 -20.74 44.78 4.20
N ARG F 222 -21.14 43.63 3.79
CA ARG F 222 -22.52 43.14 3.89
C ARG F 222 -22.49 41.94 4.84
N PHE F 223 -23.37 41.95 5.81
CA PHE F 223 -23.46 40.86 6.83
C PHE F 223 -24.95 40.64 7.16
N ASP F 224 -25.54 39.59 6.63
CA ASP F 224 -27.00 39.36 6.96
C ASP F 224 -26.94 38.42 8.19
N ILE F 225 -27.95 38.45 8.95
CA ILE F 225 -28.10 37.67 10.18
C ILE F 225 -29.45 36.94 10.13
N VAL F 226 -29.35 35.64 10.39
CA VAL F 226 -30.58 34.81 10.36
C VAL F 226 -30.83 34.41 11.83
N LEU F 227 -32.03 34.73 12.25
CA LEU F 227 -32.48 34.40 13.63
C LEU F 227 -33.42 33.18 13.49
N ARG F 228 -33.69 32.57 14.65
CA ARG F 228 -34.57 31.40 14.69
C ARG F 228 -35.89 31.73 13.99
N GLY F 229 -36.41 30.75 13.24
CA GLY F 229 -37.65 30.85 12.52
C GLY F 229 -38.82 30.95 13.52
N GLN F 230 -39.69 31.89 13.17
CA GLN F 230 -40.87 32.21 13.96
C GLN F 230 -42.13 31.76 13.20
N ARG F 231 -42.94 30.96 13.86
CA ARG F 231 -44.20 30.49 13.22
C ARG F 231 -45.32 30.58 14.24
N LYS F 232 -46.56 30.52 13.75
CA LYS F 232 -47.72 30.56 14.70
C LYS F 232 -47.87 29.16 15.31
N THR F 233 -48.57 29.13 16.43
CA THR F 233 -48.82 27.85 17.12
C THR F 233 -49.91 27.15 16.26
N HIS F 234 -50.01 25.86 16.45
CA HIS F 234 -51.01 25.10 15.66
C HIS F 234 -51.27 23.78 16.37
N PHE F 235 -52.55 23.47 16.41
CA PHE F 235 -53.05 22.24 17.03
C PHE F 235 -52.46 21.98 18.39
N GLU F 236 -52.16 23.04 19.15
CA GLU F 236 -51.56 22.82 20.48
C GLU F 236 -52.59 22.42 21.55
N PRO G 1 -16.33 -15.60 -21.70
CA PRO G 1 -16.21 -17.01 -21.34
C PRO G 1 -16.38 -17.15 -19.82
N ILE G 2 -16.42 -18.39 -19.38
CA ILE G 2 -16.54 -18.74 -17.97
C ILE G 2 -15.11 -18.77 -17.40
N GLU G 3 -14.94 -18.18 -16.26
CA GLU G 3 -13.62 -18.16 -15.58
C GLU G 3 -13.73 -18.79 -14.21
N LEU G 4 -12.79 -19.65 -13.85
CA LEU G 4 -12.80 -20.29 -12.49
C LEU G 4 -11.80 -19.49 -11.62
N LEU G 5 -11.62 -19.92 -10.39
CA LEU G 5 -10.58 -19.20 -9.55
C LEU G 5 -9.25 -19.64 -10.25
N PRO G 6 -8.37 -18.69 -10.39
CA PRO G 6 -7.04 -18.95 -10.98
C PRO G 6 -6.25 -19.82 -10.01
N GLU G 7 -5.47 -20.70 -10.63
CA GLU G 7 -4.60 -21.59 -9.78
C GLU G 7 -3.49 -20.71 -9.14
N THR G 8 -3.04 -21.15 -7.97
CA THR G 8 -1.93 -20.50 -7.27
C THR G 8 -0.70 -20.68 -8.18
N PRO G 9 -0.07 -19.54 -8.49
CA PRO G 9 1.11 -19.54 -9.34
C PRO G 9 2.26 -20.29 -8.70
N SER G 10 2.98 -21.01 -9.51
CA SER G 10 4.17 -21.74 -9.05
C SER G 10 5.31 -20.72 -8.86
N GLN G 11 6.30 -21.16 -8.11
CA GLN G 11 7.53 -20.45 -7.82
C GLN G 11 8.61 -21.55 -7.72
N THR G 12 9.82 -21.23 -8.02
CA THR G 12 10.97 -22.11 -7.94
C THR G 12 11.04 -22.68 -6.51
N ALA G 13 11.58 -23.88 -6.43
CA ALA G 13 11.75 -24.59 -5.19
C ALA G 13 12.95 -23.95 -4.42
N GLY G 14 13.84 -23.34 -5.20
CA GLY G 14 15.04 -22.68 -4.61
C GLY G 14 16.09 -23.74 -4.29
N PRO G 15 17.28 -23.27 -3.88
CA PRO G 15 18.40 -24.11 -3.55
C PRO G 15 18.26 -24.95 -2.28
N TYR G 16 17.42 -24.49 -1.39
CA TYR G 16 17.22 -25.14 -0.09
C TYR G 16 16.06 -26.08 -0.02
N VAL G 17 15.54 -26.48 -1.16
CA VAL G 17 14.41 -27.43 -1.24
C VAL G 17 14.59 -28.65 -0.36
N HIS G 18 15.83 -29.04 -0.16
CA HIS G 18 16.21 -30.20 0.62
C HIS G 18 15.76 -30.16 2.07
N ILE G 19 15.73 -28.96 2.66
CA ILE G 19 15.34 -28.90 4.09
C ILE G 19 13.90 -29.36 4.26
N GLY G 20 13.05 -29.00 3.32
CA GLY G 20 11.66 -29.31 3.32
C GLY G 20 11.28 -30.71 2.85
N LEU G 21 11.91 -31.13 1.78
CA LEU G 21 11.62 -32.37 1.09
C LEU G 21 12.67 -33.43 0.95
N ALA G 22 13.83 -33.28 1.50
CA ALA G 22 14.94 -34.26 1.37
C ALA G 22 15.90 -34.08 2.55
N LEU G 23 15.30 -34.24 3.74
CA LEU G 23 15.96 -34.05 5.01
C LEU G 23 17.41 -34.43 5.07
N GLU G 24 17.69 -35.69 4.83
CA GLU G 24 19.09 -36.20 4.86
C GLU G 24 19.97 -35.26 4.03
N ALA G 25 19.55 -35.12 2.77
CA ALA G 25 20.28 -34.28 1.82
C ALA G 25 20.64 -32.94 2.43
N ALA G 26 19.68 -32.31 3.12
CA ALA G 26 19.98 -31.00 3.73
C ALA G 26 21.08 -31.15 4.78
N GLY G 27 21.28 -32.37 5.19
CA GLY G 27 22.26 -32.73 6.23
C GLY G 27 21.57 -32.48 7.60
N ASN G 28 20.26 -32.66 7.60
CA ASN G 28 19.46 -32.48 8.82
C ASN G 28 18.86 -33.82 9.27
N PRO G 29 18.61 -33.87 10.57
CA PRO G 29 17.98 -35.07 11.17
C PRO G 29 16.66 -35.28 10.40
N THR G 30 16.29 -36.52 10.24
CA THR G 30 15.00 -36.80 9.54
C THR G 30 13.97 -37.13 10.61
N ARG G 31 12.73 -37.19 10.16
CA ARG G 31 11.56 -37.53 11.03
C ARG G 31 11.35 -39.05 10.92
N ASP G 32 10.45 -39.57 11.70
CA ASP G 32 10.11 -40.98 11.77
C ASP G 32 9.86 -41.58 10.38
N GLN G 33 8.94 -40.94 9.66
CA GLN G 33 8.56 -41.41 8.31
C GLN G 33 8.89 -40.33 7.29
N GLU G 34 9.64 -40.76 6.28
CA GLU G 34 10.06 -39.91 5.18
C GLU G 34 9.76 -40.53 3.82
N ILE G 35 9.40 -39.66 2.89
CA ILE G 35 9.12 -40.07 1.51
C ILE G 35 10.47 -39.98 0.77
N TRP G 36 10.99 -41.18 0.48
CA TRP G 36 12.30 -41.22 -0.18
C TRP G 36 12.32 -42.04 -1.46
N ASN G 37 13.50 -42.42 -1.87
CA ASN G 37 13.79 -43.13 -3.10
C ASN G 37 13.72 -44.63 -3.16
N ARG G 38 13.02 -45.27 -2.26
CA ARG G 38 12.95 -46.78 -2.32
C ARG G 38 11.50 -47.16 -2.44
N LEU G 39 10.99 -47.30 -3.65
CA LEU G 39 9.59 -47.60 -3.92
C LEU G 39 9.25 -49.07 -3.67
N ALA G 40 10.29 -49.91 -3.75
CA ALA G 40 10.06 -51.34 -3.54
C ALA G 40 10.85 -51.98 -2.42
N LYS G 41 10.14 -52.78 -1.63
CA LYS G 41 10.88 -53.56 -0.57
C LYS G 41 11.35 -54.83 -1.30
N PRO G 42 12.39 -55.44 -0.79
CA PRO G 42 12.99 -56.65 -1.34
C PRO G 42 12.00 -57.68 -1.79
N ASP G 43 10.98 -57.91 -1.00
CA ASP G 43 9.95 -58.92 -1.33
C ASP G 43 8.81 -58.39 -2.17
N ALA G 44 9.04 -57.37 -2.95
CA ALA G 44 7.95 -56.81 -3.80
C ALA G 44 8.07 -57.56 -5.13
N PRO G 45 6.93 -57.85 -5.73
CA PRO G 45 6.87 -58.58 -6.99
C PRO G 45 7.38 -57.71 -8.12
N GLY G 46 7.80 -58.37 -9.18
CA GLY G 46 8.29 -57.65 -10.37
C GLY G 46 9.82 -57.72 -10.38
N GLU G 47 10.35 -57.15 -11.45
CA GLU G 47 11.81 -57.14 -11.66
C GLU G 47 12.39 -55.87 -11.01
N HIS G 48 13.18 -56.07 -9.99
CA HIS G 48 13.86 -55.05 -9.21
C HIS G 48 14.96 -54.42 -10.07
N ILE G 49 14.87 -53.10 -10.18
CA ILE G 49 15.86 -52.35 -10.96
C ILE G 49 16.34 -51.11 -10.19
N LEU G 50 17.45 -50.64 -10.66
CA LEU G 50 18.10 -49.44 -10.18
C LEU G 50 18.04 -48.39 -11.30
N LEU G 51 17.55 -47.25 -10.88
CA LEU G 51 17.44 -46.07 -11.78
C LEU G 51 18.47 -45.05 -11.30
N LEU G 52 19.18 -44.50 -12.27
CA LEU G 52 20.21 -43.48 -11.98
C LEU G 52 20.32 -42.49 -13.10
N GLY G 53 20.70 -41.26 -12.73
CA GLY G 53 20.84 -40.19 -13.70
C GLY G 53 21.51 -38.94 -13.13
N GLN G 54 21.79 -38.09 -14.11
CA GLN G 54 22.38 -36.77 -13.90
C GLN G 54 21.48 -35.75 -14.60
N VAL G 55 21.61 -34.52 -14.14
CA VAL G 55 20.78 -33.43 -14.72
C VAL G 55 21.75 -32.39 -15.30
N TYR G 56 21.39 -31.99 -16.50
CA TYR G 56 22.30 -31.01 -17.21
C TYR G 56 21.61 -29.71 -17.53
N ASP G 57 22.32 -28.64 -17.23
CA ASP G 57 21.86 -27.27 -17.55
C ASP G 57 22.18 -27.10 -19.04
N GLY G 58 21.84 -25.97 -19.60
CA GLY G 58 22.03 -25.60 -20.96
C GLY G 58 23.50 -25.40 -21.35
N ASN G 59 24.37 -25.38 -20.37
CA ASN G 59 25.80 -25.21 -20.65
C ASN G 59 26.50 -26.58 -20.59
N GLY G 60 25.75 -27.62 -20.26
CA GLY G 60 26.34 -28.96 -20.15
C GLY G 60 26.92 -29.16 -18.78
N HIS G 61 26.48 -28.38 -17.81
CA HIS G 61 26.94 -28.48 -16.42
C HIS G 61 25.87 -29.15 -15.56
N LEU G 62 26.33 -29.95 -14.63
CA LEU G 62 25.57 -30.69 -13.69
C LEU G 62 24.73 -29.74 -12.81
N VAL G 63 23.49 -30.07 -12.76
CA VAL G 63 22.54 -29.35 -11.89
C VAL G 63 22.59 -30.22 -10.61
N ARG G 64 23.28 -29.75 -9.63
CA ARG G 64 23.45 -30.48 -8.37
C ARG G 64 22.45 -30.19 -7.30
N ASP G 65 21.42 -29.42 -7.57
CA ASP G 65 20.44 -29.14 -6.46
C ASP G 65 19.04 -29.50 -6.91
N SER G 66 19.03 -30.43 -7.87
CA SER G 66 17.68 -30.84 -8.42
C SER G 66 17.04 -31.78 -7.40
N PHE G 67 15.74 -31.83 -7.48
CA PHE G 67 14.80 -32.58 -6.72
C PHE G 67 13.79 -33.20 -7.74
N LEU G 68 13.58 -34.49 -7.57
CA LEU G 68 12.70 -35.24 -8.46
C LEU G 68 11.64 -36.05 -7.68
N GLU G 69 10.51 -36.08 -8.32
CA GLU G 69 9.34 -36.80 -7.85
C GLU G 69 8.94 -37.80 -8.97
N VAL G 70 8.72 -39.04 -8.52
CA VAL G 70 8.34 -40.09 -9.45
C VAL G 70 6.98 -40.72 -9.10
N TRP G 71 6.32 -41.11 -10.17
CA TRP G 71 5.00 -41.78 -10.06
C TRP G 71 4.97 -42.91 -11.12
N GLN G 72 4.79 -44.11 -10.62
CA GLN G 72 4.75 -45.27 -11.58
C GLN G 72 3.83 -46.38 -11.09
N ALA G 73 3.39 -47.20 -12.03
CA ALA G 73 2.54 -48.38 -11.71
C ALA G 73 3.44 -49.47 -11.12
N ASP G 74 2.79 -50.40 -10.42
CA ASP G 74 3.53 -51.58 -9.84
C ASP G 74 3.76 -52.54 -11.03
N ALA G 75 4.24 -53.73 -10.69
CA ALA G 75 4.52 -54.72 -11.78
C ALA G 75 3.30 -55.17 -12.54
N ASN G 76 2.09 -55.03 -12.04
CA ASN G 76 0.86 -55.38 -12.73
C ASN G 76 0.28 -54.22 -13.51
N GLY G 77 1.01 -53.13 -13.57
CA GLY G 77 0.56 -51.94 -14.29
C GLY G 77 -0.59 -51.32 -13.47
N GLU G 78 -0.38 -51.39 -12.17
CA GLU G 78 -1.32 -50.84 -11.20
C GLU G 78 -0.74 -49.74 -10.33
N TYR G 79 -1.48 -48.64 -10.31
CA TYR G 79 -1.10 -47.46 -9.51
C TYR G 79 -1.51 -47.60 -8.04
N GLN G 80 -0.51 -47.69 -7.19
CA GLN G 80 -0.75 -47.82 -5.73
C GLN G 80 -0.71 -46.43 -5.08
N ASP G 81 -1.88 -45.86 -4.87
CA ASP G 81 -2.01 -44.52 -4.29
C ASP G 81 -1.97 -44.43 -2.78
N ALA G 82 -2.45 -45.44 -2.07
CA ALA G 82 -2.41 -45.38 -0.59
C ALA G 82 -0.95 -45.51 -0.16
N TYR G 83 -0.31 -44.40 0.05
CA TYR G 83 1.11 -44.33 0.44
C TYR G 83 1.33 -44.81 1.85
N ASN G 84 2.25 -45.75 1.96
CA ASN G 84 2.58 -46.36 3.28
C ASN G 84 3.92 -47.06 3.24
N LEU G 85 4.73 -46.79 4.26
CA LEU G 85 6.07 -47.36 4.42
C LEU G 85 5.95 -48.85 4.71
N GLU G 86 4.78 -49.26 5.16
CA GLU G 86 4.49 -50.67 5.42
C GLU G 86 4.38 -51.44 4.11
N ASN G 87 3.93 -50.76 3.06
CA ASN G 87 3.77 -51.38 1.75
C ASN G 87 5.07 -52.01 1.25
N ALA G 88 4.87 -52.98 0.39
CA ALA G 88 6.00 -53.70 -0.24
C ALA G 88 6.43 -52.84 -1.44
N PHE G 89 5.42 -52.13 -1.97
CA PHE G 89 5.62 -51.24 -3.08
C PHE G 89 4.71 -50.00 -2.97
N ASN G 90 5.36 -48.87 -3.21
CA ASN G 90 4.70 -47.58 -3.26
C ASN G 90 4.92 -47.07 -4.72
N SER G 91 3.84 -46.59 -5.31
CA SER G 91 3.87 -46.03 -6.64
C SER G 91 4.58 -44.65 -6.67
N PHE G 92 4.75 -44.08 -5.48
CA PHE G 92 5.36 -42.72 -5.40
C PHE G 92 6.69 -42.69 -4.68
N GLY G 93 7.57 -41.86 -5.22
CA GLY G 93 8.90 -41.70 -4.57
C GLY G 93 9.50 -40.30 -4.82
N ARG G 94 10.59 -40.07 -4.12
CA ARG G 94 11.36 -38.86 -4.15
C ARG G 94 12.87 -39.15 -4.14
N THR G 95 13.53 -38.33 -4.94
CA THR G 95 14.97 -38.43 -5.10
C THR G 95 15.52 -37.02 -5.35
N ALA G 96 16.80 -36.87 -5.25
CA ALA G 96 17.55 -35.66 -5.45
C ALA G 96 18.98 -36.01 -5.87
N THR G 97 19.64 -34.99 -6.41
CA THR G 97 21.02 -35.15 -6.84
C THR G 97 22.01 -34.80 -5.74
N THR G 98 23.11 -35.57 -5.76
CA THR G 98 24.20 -35.37 -4.79
C THR G 98 24.87 -34.02 -5.08
N PHE G 99 25.32 -33.39 -4.02
CA PHE G 99 26.02 -32.09 -4.15
C PHE G 99 27.39 -32.34 -4.77
N ASP G 100 27.89 -33.55 -4.60
CA ASP G 100 29.20 -33.98 -5.14
C ASP G 100 29.07 -34.49 -6.57
N ALA G 101 28.87 -35.79 -6.69
CA ALA G 101 28.72 -36.44 -8.00
C ALA G 101 27.62 -35.82 -8.84
N GLY G 102 26.48 -35.54 -8.18
CA GLY G 102 25.35 -34.94 -8.90
C GLY G 102 24.50 -36.02 -9.54
N GLU G 103 24.45 -37.18 -8.91
CA GLU G 103 23.63 -38.29 -9.48
C GLU G 103 22.55 -38.68 -8.50
N TRP G 104 21.36 -38.95 -9.01
CA TRP G 104 20.21 -39.37 -8.21
C TRP G 104 20.04 -40.87 -8.48
N THR G 105 19.37 -41.53 -7.54
CA THR G 105 19.12 -42.96 -7.64
C THR G 105 17.74 -43.29 -7.07
N LEU G 106 17.20 -44.30 -7.71
CA LEU G 106 15.86 -44.82 -7.32
C LEU G 106 15.94 -46.36 -7.32
N HIS G 107 15.31 -46.93 -6.34
CA HIS G 107 15.22 -48.39 -6.17
C HIS G 107 13.72 -48.72 -6.30
N THR G 108 13.40 -49.40 -7.40
CA THR G 108 11.98 -49.74 -7.65
C THR G 108 11.91 -51.04 -8.45
N VAL G 109 10.82 -51.21 -9.17
CA VAL G 109 10.54 -52.29 -10.07
C VAL G 109 10.06 -51.71 -11.42
N LYS G 110 10.31 -52.51 -12.45
CA LYS G 110 9.89 -52.12 -13.82
C LYS G 110 8.36 -52.12 -13.79
N PRO G 111 7.77 -50.98 -14.11
CA PRO G 111 6.31 -50.83 -14.09
C PRO G 111 5.65 -51.66 -15.19
N GLY G 112 4.43 -52.07 -14.92
CA GLY G 112 3.59 -52.83 -15.84
C GLY G 112 2.94 -51.78 -16.78
N VAL G 113 2.26 -52.23 -17.77
CA VAL G 113 1.57 -51.51 -18.81
C VAL G 113 0.22 -51.00 -18.31
N VAL G 114 -0.06 -49.80 -18.75
CA VAL G 114 -1.28 -49.09 -18.41
C VAL G 114 -1.85 -48.54 -19.70
N ASN G 115 -3.15 -48.54 -19.80
CA ASN G 115 -3.87 -48.07 -20.98
C ASN G 115 -4.17 -46.56 -20.77
N ASN G 116 -4.23 -45.91 -21.91
CA ASN G 116 -4.56 -44.49 -22.00
C ASN G 116 -6.11 -44.45 -21.96
N ALA G 117 -6.60 -43.26 -21.82
CA ALA G 117 -8.02 -42.99 -21.76
C ALA G 117 -8.74 -43.67 -22.91
N ALA G 118 -8.12 -43.76 -24.07
CA ALA G 118 -8.77 -44.37 -25.24
C ALA G 118 -8.71 -45.88 -25.22
N GLY G 119 -8.16 -46.48 -24.20
CA GLY G 119 -8.03 -47.92 -24.11
C GLY G 119 -6.78 -48.48 -24.78
N VAL G 120 -5.89 -47.66 -25.28
CA VAL G 120 -4.64 -48.08 -25.91
C VAL G 120 -3.50 -48.20 -24.92
N PRO G 121 -2.71 -49.26 -25.07
CA PRO G 121 -1.61 -49.53 -24.17
C PRO G 121 -0.46 -48.57 -24.33
N MET G 122 0.13 -48.24 -23.19
CA MET G 122 1.28 -47.31 -23.12
C MET G 122 2.51 -48.13 -22.77
N ALA G 123 3.65 -47.80 -23.35
CA ALA G 123 4.86 -48.62 -22.99
C ALA G 123 5.17 -48.39 -21.52
N PRO G 124 5.82 -49.33 -20.88
CA PRO G 124 6.23 -49.19 -19.47
C PRO G 124 6.95 -47.83 -19.34
N HIS G 125 6.49 -47.08 -18.35
CA HIS G 125 7.05 -45.73 -18.10
C HIS G 125 6.92 -45.31 -16.64
N ILE G 126 7.74 -44.34 -16.31
CA ILE G 126 7.84 -43.65 -15.05
C ILE G 126 7.63 -42.14 -15.31
N ASN G 127 6.66 -41.59 -14.65
CA ASN G 127 6.32 -40.15 -14.72
C ASN G 127 7.28 -39.40 -13.79
N ILE G 128 8.02 -38.46 -14.35
CA ILE G 128 8.97 -37.66 -13.61
C ILE G 128 8.61 -36.15 -13.60
N SER G 129 8.83 -35.59 -12.42
CA SER G 129 8.68 -34.17 -12.14
C SER G 129 10.01 -33.62 -11.63
N LEU G 130 10.51 -32.64 -12.31
CA LEU G 130 11.82 -32.02 -11.98
C LEU G 130 11.71 -30.59 -11.38
N PHE G 131 12.38 -30.47 -10.26
CA PHE G 131 12.34 -29.18 -9.49
C PHE G 131 13.79 -28.79 -9.19
N ALA G 132 13.98 -27.47 -9.08
CA ALA G 132 15.28 -26.90 -8.76
C ALA G 132 15.20 -25.35 -8.87
N ARG G 133 16.27 -24.85 -8.31
CA ARG G 133 16.47 -23.34 -8.30
C ARG G 133 16.70 -23.04 -9.80
N GLY G 134 16.14 -21.95 -10.28
CA GLY G 134 16.27 -21.65 -11.71
C GLY G 134 15.07 -22.18 -12.48
N ILE G 135 14.31 -23.12 -11.85
CA ILE G 135 13.11 -23.65 -12.53
C ILE G 135 11.87 -23.04 -11.85
N ASN G 136 11.21 -22.19 -12.59
CA ASN G 136 10.05 -21.43 -12.10
C ASN G 136 8.84 -22.33 -11.83
N ILE G 137 8.61 -23.21 -12.79
CA ILE G 137 7.56 -24.21 -12.80
C ILE G 137 8.15 -25.57 -13.14
N HIS G 138 7.88 -26.56 -12.32
CA HIS G 138 8.45 -27.90 -12.48
C HIS G 138 8.27 -28.46 -13.90
N LEU G 139 9.27 -29.24 -14.28
CA LEU G 139 9.30 -29.91 -15.61
C LEU G 139 8.83 -31.38 -15.48
N HIS G 140 7.90 -31.75 -16.34
CA HIS G 140 7.30 -33.07 -16.42
C HIS G 140 7.94 -33.85 -17.59
N THR G 141 8.30 -35.07 -17.29
CA THR G 141 8.86 -35.94 -18.34
C THR G 141 8.45 -37.39 -18.03
N ARG G 142 8.88 -38.28 -18.92
CA ARG G 142 8.63 -39.72 -18.79
C ARG G 142 9.94 -40.49 -19.12
N LEU G 143 10.14 -41.50 -18.34
CA LEU G 143 11.29 -42.41 -18.51
C LEU G 143 10.71 -43.72 -19.10
N TYR G 144 11.21 -44.04 -20.27
CA TYR G 144 10.86 -45.28 -21.01
C TYR G 144 12.14 -46.16 -20.95
N PHE G 145 11.99 -47.42 -21.31
CA PHE G 145 13.17 -48.36 -21.24
C PHE G 145 13.61 -48.77 -22.62
N ASP G 146 14.91 -48.84 -22.83
CA ASP G 146 15.45 -49.22 -24.14
C ASP G 146 15.12 -50.67 -24.48
N ASP G 147 14.93 -51.51 -23.49
CA ASP G 147 14.61 -52.90 -23.67
C ASP G 147 13.13 -53.18 -23.90
N GLU G 148 12.38 -52.15 -24.24
CA GLU G 148 10.94 -52.23 -24.52
C GLU G 148 10.59 -51.59 -25.86
N ALA G 149 11.57 -51.65 -26.75
CA ALA G 149 11.48 -51.12 -28.10
C ALA G 149 10.19 -51.41 -28.82
N GLN G 150 9.65 -52.61 -28.67
CA GLN G 150 8.42 -52.99 -29.33
C GLN G 150 7.26 -52.16 -28.82
N ALA G 151 7.12 -52.16 -27.51
CA ALA G 151 6.07 -51.38 -26.83
C ALA G 151 6.24 -49.88 -27.13
N ASN G 152 7.47 -49.40 -27.02
CA ASN G 152 7.83 -48.01 -27.23
C ASN G 152 7.33 -47.53 -28.59
N ALA G 153 7.62 -48.36 -29.59
CA ALA G 153 7.20 -48.08 -30.97
C ALA G 153 5.72 -47.83 -31.09
N LYS G 154 4.95 -48.48 -30.21
CA LYS G 154 3.47 -48.30 -30.30
C LYS G 154 2.88 -47.42 -29.22
N CYS G 155 3.70 -46.73 -28.45
CA CYS G 155 3.19 -45.88 -27.35
C CYS G 155 2.45 -44.69 -27.94
N PRO G 156 1.19 -44.58 -27.57
CA PRO G 156 0.34 -43.46 -28.04
C PRO G 156 0.92 -42.14 -27.53
N VAL G 157 1.64 -42.15 -26.43
CA VAL G 157 2.26 -40.91 -25.89
C VAL G 157 3.56 -40.60 -26.63
N LEU G 158 4.40 -41.61 -26.74
CA LEU G 158 5.71 -41.44 -27.45
C LEU G 158 5.45 -40.98 -28.89
N ASN G 159 4.40 -41.49 -29.50
CA ASN G 159 3.97 -41.20 -30.85
C ASN G 159 3.45 -39.78 -31.01
N LEU G 160 3.14 -39.07 -29.95
CA LEU G 160 2.67 -37.68 -30.06
C LEU G 160 3.88 -36.76 -30.37
N ILE G 161 5.07 -37.19 -30.05
CA ILE G 161 6.29 -36.42 -30.31
C ILE G 161 6.61 -36.51 -31.82
N GLU G 162 6.39 -35.39 -32.49
CA GLU G 162 6.59 -35.23 -33.91
C GLU G 162 7.91 -35.78 -34.45
N GLN G 163 9.02 -35.36 -33.87
CA GLN G 163 10.33 -35.78 -34.35
C GLN G 163 10.86 -37.01 -33.64
N PRO G 164 11.02 -38.08 -34.42
CA PRO G 164 11.51 -39.36 -33.94
C PRO G 164 12.75 -39.22 -33.07
N GLN G 165 13.67 -38.36 -33.49
CA GLN G 165 14.90 -38.13 -32.73
C GLN G 165 14.65 -37.62 -31.31
N ARG G 166 13.59 -36.87 -31.08
CA ARG G 166 13.28 -36.33 -29.74
C ARG G 166 12.83 -37.40 -28.77
N ARG G 167 12.22 -38.47 -29.29
CA ARG G 167 11.73 -39.64 -28.59
C ARG G 167 12.87 -40.38 -27.90
N GLU G 168 13.97 -40.43 -28.63
CA GLU G 168 15.17 -41.08 -28.10
C GLU G 168 15.52 -40.52 -26.73
N THR G 169 15.29 -39.19 -26.57
CA THR G 169 15.59 -38.51 -25.33
C THR G 169 14.89 -39.13 -24.11
N LEU G 170 13.75 -39.78 -24.33
CA LEU G 170 13.01 -40.40 -23.24
C LEU G 170 13.39 -41.79 -22.88
N ILE G 171 14.30 -42.38 -23.63
CA ILE G 171 14.71 -43.79 -23.41
C ILE G 171 15.86 -44.02 -22.52
N ALA G 172 15.60 -44.70 -21.39
CA ALA G 172 16.67 -45.00 -20.42
C ALA G 172 17.52 -46.16 -20.99
N LYS G 173 18.80 -46.08 -20.74
CA LYS G 173 19.80 -47.04 -21.20
C LYS G 173 20.14 -48.09 -20.13
N ARG G 174 19.73 -49.32 -20.44
CA ARG G 174 19.97 -50.47 -19.57
C ARG G 174 21.47 -50.72 -19.42
N CYS G 175 21.88 -50.95 -18.20
CA CYS G 175 23.23 -51.25 -17.77
C CYS G 175 23.10 -52.16 -16.53
N GLU G 176 24.21 -52.34 -15.87
CA GLU G 176 24.25 -53.17 -14.64
C GLU G 176 25.09 -52.44 -13.60
N VAL G 177 24.72 -52.63 -12.36
CA VAL G 177 25.46 -52.00 -11.23
C VAL G 177 25.50 -53.08 -10.15
N ASP G 178 26.71 -53.43 -9.77
CA ASP G 178 26.90 -54.51 -8.76
C ASP G 178 26.10 -55.73 -9.22
N GLY G 179 26.09 -55.95 -10.54
CA GLY G 179 25.35 -57.09 -11.07
C GLY G 179 23.84 -56.89 -10.90
N LYS G 180 23.41 -55.66 -10.73
CA LYS G 180 21.96 -55.38 -10.62
C LYS G 180 21.53 -54.66 -11.90
N THR G 181 20.32 -54.97 -12.34
CA THR G 181 19.80 -54.35 -13.57
C THR G 181 19.56 -52.85 -13.23
N ALA G 182 20.18 -52.04 -14.03
CA ALA G 182 20.10 -50.58 -13.88
C ALA G 182 19.84 -49.97 -15.26
N TYR G 183 19.21 -48.81 -15.21
CA TYR G 183 18.92 -47.98 -16.37
C TYR G 183 19.42 -46.57 -16.00
N ARG G 184 20.08 -45.98 -16.98
CA ARG G 184 20.61 -44.64 -16.83
C ARG G 184 19.66 -43.69 -17.60
N PHE G 185 19.31 -42.63 -16.89
CA PHE G 185 18.40 -41.63 -17.52
C PHE G 185 18.90 -40.24 -17.16
N ASP G 186 19.53 -39.65 -18.12
CA ASP G 186 20.10 -38.29 -18.02
C ASP G 186 19.07 -37.32 -18.57
N ILE G 187 18.94 -36.21 -17.84
CA ILE G 187 17.96 -35.18 -18.30
C ILE G 187 18.82 -34.01 -18.80
N ARG G 188 18.46 -33.52 -19.93
CA ARG G 188 19.17 -32.34 -20.53
C ARG G 188 18.08 -31.29 -20.63
N ILE G 189 18.15 -30.33 -19.71
CA ILE G 189 17.17 -29.26 -19.62
C ILE G 189 17.14 -28.39 -20.85
N GLN G 190 18.35 -28.17 -21.38
CA GLN G 190 18.46 -27.26 -22.54
C GLN G 190 19.54 -27.64 -23.49
N GLY G 191 19.31 -27.32 -24.76
CA GLY G 191 20.25 -27.51 -25.84
C GLY G 191 20.24 -28.83 -26.57
N GLU G 192 21.45 -29.21 -26.97
CA GLU G 192 21.76 -30.42 -27.72
C GLU G 192 21.25 -31.63 -26.96
N GLY G 193 20.24 -32.27 -27.52
CA GLY G 193 19.65 -33.45 -26.89
C GLY G 193 18.70 -33.11 -25.78
N GLU G 194 18.14 -31.90 -25.89
CA GLU G 194 17.18 -31.45 -24.86
C GLU G 194 16.09 -32.48 -24.66
N THR G 195 15.89 -32.86 -23.42
CA THR G 195 14.85 -33.87 -23.10
C THR G 195 13.49 -33.27 -23.40
N VAL G 196 12.62 -34.13 -23.87
CA VAL G 196 11.21 -33.70 -24.14
C VAL G 196 10.57 -33.53 -22.72
N PHE G 197 9.82 -32.45 -22.62
CA PHE G 197 9.08 -32.11 -21.37
C PHE G 197 7.63 -31.98 -21.85
N PHE G 198 6.72 -32.42 -21.02
CA PHE G 198 5.29 -32.42 -21.37
C PHE G 198 4.47 -31.36 -20.61
N ASP G 199 3.32 -31.16 -21.18
CA ASP G 199 2.26 -30.32 -20.65
C ASP G 199 0.99 -31.20 -20.68
N PHE G 200 0.31 -31.20 -19.58
CA PHE G 200 -0.96 -31.92 -19.41
C PHE G 200 -1.81 -31.31 -18.25
N PRO H 1 -6.37 -49.97 -6.35
CA PRO H 1 -5.40 -49.07 -6.99
C PRO H 1 -6.16 -47.82 -7.41
N ALA H 2 -5.38 -46.82 -7.82
CA ALA H 2 -6.00 -45.53 -8.24
C ALA H 2 -6.82 -45.79 -9.51
N GLN H 3 -7.66 -44.82 -9.87
CA GLN H 3 -8.50 -44.98 -11.08
C GLN H 3 -8.69 -43.68 -11.83
N ASP H 4 -8.61 -43.80 -13.14
CA ASP H 4 -8.79 -42.69 -14.09
C ASP H 4 -10.25 -42.27 -14.16
N ASN H 5 -10.65 -41.44 -13.21
CA ASN H 5 -12.05 -40.95 -13.16
C ASN H 5 -12.14 -39.44 -13.31
N SER H 6 -11.05 -38.74 -13.23
CA SER H 6 -11.01 -37.29 -13.29
C SER H 6 -10.16 -36.69 -14.39
N ARG H 7 -10.55 -35.47 -14.71
CA ARG H 7 -9.90 -34.59 -15.66
C ARG H 7 -9.57 -33.30 -14.84
N PHE H 8 -8.41 -32.75 -15.09
CA PHE H 8 -8.01 -31.50 -14.40
C PHE H 8 -7.95 -30.38 -15.44
N VAL H 9 -8.54 -29.26 -15.06
CA VAL H 9 -8.58 -28.08 -15.90
C VAL H 9 -7.09 -27.80 -16.35
N ILE H 10 -6.93 -27.51 -17.58
CA ILE H 10 -5.64 -27.21 -18.20
C ILE H 10 -4.96 -25.99 -17.54
N ARG H 11 -3.69 -26.16 -17.21
CA ARG H 11 -2.89 -25.08 -16.63
C ARG H 11 -2.75 -23.88 -17.55
N ASP H 12 -2.84 -22.69 -16.94
CA ASP H 12 -2.70 -21.40 -17.64
C ASP H 12 -1.23 -21.00 -17.49
N ARG H 13 -0.49 -21.29 -18.54
CA ARG H 13 0.95 -21.01 -18.57
C ARG H 13 1.30 -19.57 -18.80
N ASN H 14 0.31 -18.71 -18.91
CA ASN H 14 0.56 -17.24 -19.01
C ASN H 14 0.29 -16.69 -17.59
N TRP H 15 -0.31 -17.50 -16.74
CA TRP H 15 -0.64 -17.14 -15.35
C TRP H 15 0.56 -17.42 -14.45
N HIS H 16 1.04 -18.64 -14.55
CA HIS H 16 2.25 -19.11 -13.87
C HIS H 16 3.43 -18.34 -14.57
N PRO H 17 4.52 -18.35 -13.85
CA PRO H 17 5.75 -17.72 -14.40
C PRO H 17 6.22 -18.58 -15.60
N LYS H 18 6.90 -17.94 -16.52
CA LYS H 18 7.46 -18.59 -17.70
C LYS H 18 8.79 -19.23 -17.27
N ALA H 19 9.32 -20.05 -18.18
CA ALA H 19 10.58 -20.75 -17.92
C ALA H 19 11.77 -19.77 -17.90
N LEU H 20 11.83 -19.02 -18.98
CA LEU H 20 12.90 -18.08 -19.19
C LEU H 20 12.53 -16.66 -18.70
N THR H 21 13.10 -16.35 -17.56
CA THR H 21 12.82 -14.96 -16.94
C THR H 21 14.21 -14.51 -16.57
N PRO H 22 14.88 -13.91 -17.56
CA PRO H 22 16.26 -13.52 -17.44
C PRO H 22 16.70 -12.73 -16.24
N ASP H 23 15.86 -11.94 -15.64
CA ASP H 23 16.27 -11.15 -14.42
C ASP H 23 16.64 -12.15 -13.32
N TYR H 24 16.02 -13.29 -13.43
CA TYR H 24 16.33 -14.40 -12.48
C TYR H 24 17.41 -15.16 -13.30
N LYS H 25 18.64 -14.84 -13.01
CA LYS H 25 19.81 -15.34 -13.67
C LYS H 25 19.87 -16.83 -13.94
N THR H 26 19.64 -17.60 -12.92
CA THR H 26 19.67 -19.08 -12.93
C THR H 26 18.71 -19.72 -13.91
N SER H 27 17.64 -19.08 -14.29
CA SER H 27 16.64 -19.60 -15.20
C SER H 27 17.12 -19.58 -16.66
N ILE H 28 18.13 -18.75 -16.93
CA ILE H 28 18.61 -18.67 -18.33
C ILE H 28 19.07 -20.06 -18.80
N ALA H 29 19.97 -20.66 -18.07
CA ALA H 29 20.52 -21.98 -18.40
C ALA H 29 19.67 -23.14 -17.89
N ARG H 30 18.63 -22.87 -17.15
CA ARG H 30 17.80 -24.00 -16.62
C ARG H 30 16.40 -23.98 -17.18
N SER H 31 16.30 -23.44 -18.40
CA SER H 31 14.96 -23.38 -19.03
C SER H 31 15.11 -24.05 -20.42
N PRO H 32 14.12 -24.84 -20.77
CA PRO H 32 14.11 -25.54 -22.06
C PRO H 32 14.05 -24.51 -23.18
N ARG H 33 14.55 -24.88 -24.32
CA ARG H 33 14.51 -24.05 -25.51
C ARG H 33 13.50 -24.62 -26.48
N GLN H 34 13.07 -25.86 -26.30
CA GLN H 34 12.02 -26.44 -27.20
C GLN H 34 10.64 -26.23 -26.51
N ALA H 35 9.58 -26.28 -27.25
CA ALA H 35 8.21 -26.16 -26.71
C ALA H 35 7.85 -27.40 -25.91
N LEU H 36 7.05 -27.17 -24.86
CA LEU H 36 6.55 -28.33 -24.06
C LEU H 36 5.68 -29.21 -25.02
N VAL H 37 5.64 -30.50 -24.78
CA VAL H 37 4.79 -31.37 -25.62
C VAL H 37 3.45 -31.64 -24.93
N SER H 38 2.37 -31.19 -25.52
CA SER H 38 1.03 -31.43 -24.87
C SER H 38 0.57 -32.89 -25.09
N ILE H 39 0.16 -33.54 -24.02
CA ILE H 39 -0.36 -34.92 -24.09
C ILE H 39 -1.69 -34.96 -23.28
N PRO H 40 -2.60 -35.78 -23.76
CA PRO H 40 -3.92 -35.95 -23.14
C PRO H 40 -3.72 -36.60 -21.76
N GLN H 41 -4.63 -36.27 -20.90
CA GLN H 41 -4.56 -36.84 -19.50
C GLN H 41 -4.98 -38.32 -19.62
N SER H 42 -4.28 -39.16 -18.95
CA SER H 42 -4.47 -40.60 -18.82
C SER H 42 -4.31 -40.88 -17.31
N ILE H 43 -4.48 -42.09 -16.89
CA ILE H 43 -4.38 -42.54 -15.53
C ILE H 43 -3.06 -42.15 -14.89
N SER H 44 -2.06 -42.12 -15.76
CA SER H 44 -0.70 -41.77 -15.37
C SER H 44 -0.68 -40.33 -14.79
N GLU H 45 -1.39 -39.44 -15.43
CA GLU H 45 -1.45 -38.05 -15.03
C GLU H 45 -2.55 -37.66 -14.07
N THR H 46 -3.68 -38.32 -14.12
CA THR H 46 -4.83 -37.99 -13.27
C THR H 46 -4.87 -38.66 -11.92
N THR H 47 -3.82 -39.35 -11.54
CA THR H 47 -3.73 -40.02 -10.24
C THR H 47 -2.45 -39.51 -9.53
N GLY H 48 -2.36 -39.83 -8.26
CA GLY H 48 -1.19 -39.43 -7.45
C GLY H 48 -1.40 -40.07 -6.06
N PRO H 49 -0.39 -39.94 -5.23
CA PRO H 49 -0.39 -40.51 -3.90
C PRO H 49 -1.39 -39.86 -2.95
N ASN H 50 -1.77 -40.66 -1.99
CA ASN H 50 -2.66 -40.30 -0.91
C ASN H 50 -1.82 -40.49 0.36
N PHE H 51 -1.54 -39.41 1.02
CA PHE H 51 -0.69 -39.46 2.24
C PHE H 51 -1.46 -39.62 3.52
N SER H 52 -2.70 -40.05 3.43
CA SER H 52 -3.56 -40.26 4.59
C SER H 52 -2.95 -41.13 5.68
N HIS H 53 -2.19 -42.12 5.31
CA HIS H 53 -1.60 -43.09 6.21
C HIS H 53 -0.15 -42.86 6.52
N LEU H 54 0.34 -41.70 6.16
CA LEU H 54 1.75 -41.37 6.51
C LEU H 54 1.69 -41.13 8.04
N GLY H 55 2.71 -41.54 8.73
CA GLY H 55 2.76 -41.41 10.19
C GLY H 55 3.40 -40.10 10.61
N PHE H 56 2.59 -39.09 10.73
CA PHE H 56 3.01 -37.73 11.13
C PHE H 56 3.25 -37.63 12.63
N GLY H 57 4.33 -36.97 12.99
CA GLY H 57 4.64 -36.73 14.42
C GLY H 57 3.63 -35.65 14.91
N ALA H 58 3.55 -35.55 16.22
CA ALA H 58 2.68 -34.65 16.96
C ALA H 58 3.00 -33.19 16.68
N HIS H 59 4.29 -32.91 16.45
CA HIS H 59 4.66 -31.48 16.18
C HIS H 59 5.19 -31.29 14.79
N ASP H 60 4.69 -32.08 13.85
CA ASP H 60 5.20 -31.97 12.46
C ASP H 60 4.90 -30.59 11.91
N HIS H 61 3.75 -30.08 12.35
CA HIS H 61 3.27 -28.80 11.90
C HIS H 61 3.65 -27.64 12.82
N ASP H 62 4.32 -27.90 13.93
CA ASP H 62 4.71 -26.81 14.87
C ASP H 62 6.22 -26.55 14.88
N LEU H 63 6.64 -25.57 14.08
CA LEU H 63 8.08 -25.23 14.00
C LEU H 63 8.61 -24.65 15.29
N LEU H 64 7.73 -24.33 16.22
CA LEU H 64 8.13 -23.79 17.54
C LEU H 64 8.69 -24.91 18.42
N LEU H 65 8.14 -26.10 18.26
CA LEU H 65 8.51 -27.28 18.99
C LEU H 65 9.20 -28.40 18.24
N ASN H 66 9.11 -28.47 16.93
CA ASN H 66 9.65 -29.59 16.18
C ASN H 66 11.13 -29.71 16.03
N PHE H 67 11.95 -28.75 16.37
CA PHE H 67 13.41 -28.86 16.17
C PHE H 67 14.01 -29.41 17.48
N GLY H 71 14.47 -25.26 24.05
CA GLY H 71 14.23 -23.81 24.10
C GLY H 71 13.34 -23.40 22.95
N LEU H 72 12.95 -22.16 22.99
CA LEU H 72 12.10 -21.50 21.99
C LEU H 72 12.95 -20.70 21.01
N PRO H 73 12.53 -20.79 19.74
CA PRO H 73 13.20 -20.04 18.67
C PRO H 73 12.96 -18.54 18.94
N ILE H 74 13.89 -17.71 18.46
CA ILE H 74 13.73 -16.26 18.58
C ILE H 74 13.03 -15.77 17.29
N GLY H 75 12.11 -14.83 17.44
CA GLY H 75 11.38 -14.33 16.27
C GLY H 75 9.91 -14.13 16.57
N GLU H 76 9.24 -13.57 15.61
CA GLU H 76 7.80 -13.25 15.71
C GLU H 76 7.01 -14.56 15.58
N ARG H 77 6.36 -14.91 16.66
CA ARG H 77 5.53 -16.11 16.75
C ARG H 77 4.30 -15.83 15.86
N ILE H 78 4.08 -16.74 14.93
CA ILE H 78 2.95 -16.63 14.02
C ILE H 78 2.38 -17.99 13.67
N ILE H 79 1.13 -17.93 13.32
CA ILE H 79 0.39 -19.08 12.85
C ILE H 79 0.16 -18.84 11.34
N VAL H 80 0.41 -19.82 10.53
CA VAL H 80 0.12 -19.67 9.07
C VAL H 80 -0.97 -20.72 8.80
N ALA H 81 -2.13 -20.26 8.42
CA ALA H 81 -3.26 -21.13 8.15
C ALA H 81 -3.99 -20.68 6.90
N GLY H 82 -4.77 -21.60 6.37
CA GLY H 82 -5.55 -21.34 5.15
C GLY H 82 -6.24 -22.63 4.78
N ARG H 83 -6.79 -22.57 3.59
CA ARG H 83 -7.53 -23.70 3.03
C ARG H 83 -7.02 -23.98 1.59
N VAL H 84 -7.05 -25.26 1.29
CA VAL H 84 -6.68 -25.73 -0.06
C VAL H 84 -7.98 -26.07 -0.79
N VAL H 85 -8.16 -25.43 -1.92
CA VAL H 85 -9.38 -25.65 -2.73
C VAL H 85 -8.93 -25.85 -4.17
N ASP H 86 -9.88 -26.23 -4.99
CA ASP H 86 -9.65 -26.41 -6.44
C ASP H 86 -10.25 -25.22 -7.14
N GLN H 87 -10.05 -25.08 -8.40
CA GLN H 87 -10.56 -23.94 -9.18
C GLN H 87 -12.09 -23.84 -9.10
N TYR H 88 -12.75 -24.95 -8.76
CA TYR H 88 -14.21 -24.97 -8.69
C TYR H 88 -14.68 -24.47 -7.32
N GLY H 89 -13.70 -24.33 -6.43
CA GLY H 89 -13.91 -23.88 -5.08
C GLY H 89 -14.21 -25.05 -4.15
N LYS H 90 -13.88 -26.23 -4.61
CA LYS H 90 -14.09 -27.47 -3.83
C LYS H 90 -12.90 -27.69 -2.92
N PRO H 91 -13.15 -27.96 -1.66
CA PRO H 91 -12.09 -28.21 -0.64
C PRO H 91 -11.29 -29.44 -1.07
N VAL H 92 -10.05 -29.47 -0.65
CA VAL H 92 -9.12 -30.58 -0.99
C VAL H 92 -8.69 -31.21 0.32
N PRO H 93 -9.48 -32.19 0.72
CA PRO H 93 -9.27 -32.88 1.99
C PRO H 93 -8.14 -33.89 1.95
N ASN H 94 -7.52 -34.08 3.10
CA ASN H 94 -6.47 -35.02 3.33
C ASN H 94 -5.37 -34.99 2.30
N THR H 95 -4.88 -33.83 1.97
CA THR H 95 -3.79 -33.57 1.07
C THR H 95 -2.56 -33.08 1.83
N LEU H 96 -1.37 -33.34 1.25
CA LEU H 96 -0.11 -33.01 1.87
C LEU H 96 0.40 -31.61 1.56
N VAL H 97 0.66 -30.91 2.64
CA VAL H 97 1.19 -29.53 2.60
C VAL H 97 2.50 -29.55 3.38
N GLU H 98 3.55 -29.27 2.65
CA GLU H 98 4.91 -29.24 3.22
C GLU H 98 5.45 -27.81 3.11
N MET H 99 6.27 -27.42 4.07
CA MET H 99 6.83 -26.04 4.07
C MET H 99 8.20 -26.06 4.70
N TRP H 100 9.00 -25.08 4.26
CA TRP H 100 10.37 -24.91 4.73
C TRP H 100 10.66 -23.40 4.65
N GLN H 101 11.52 -22.95 5.53
CA GLN H 101 11.86 -21.48 5.50
C GLN H 101 13.17 -21.29 6.28
N ALA H 102 13.57 -20.01 6.21
CA ALA H 102 14.75 -19.56 6.96
C ALA H 102 14.23 -19.18 8.38
N ASN H 103 15.20 -18.84 9.20
CA ASN H 103 14.94 -18.40 10.59
C ASN H 103 14.62 -16.89 10.58
N ALA H 104 14.53 -16.32 11.78
CA ALA H 104 14.20 -14.88 11.92
C ALA H 104 15.20 -13.99 11.21
N GLY H 105 16.47 -14.37 11.15
CA GLY H 105 17.51 -13.64 10.55
C GLY H 105 17.73 -13.81 9.07
N GLY H 106 17.00 -14.69 8.44
CA GLY H 106 17.15 -14.97 6.99
C GLY H 106 18.17 -16.10 6.78
N ARG H 107 18.50 -16.80 7.83
CA ARG H 107 19.43 -17.93 7.80
C ARG H 107 18.73 -19.28 7.68
N TYR H 108 19.12 -20.07 6.67
CA TYR H 108 18.49 -21.42 6.46
C TYR H 108 19.38 -22.49 7.09
N ARG H 109 18.72 -23.49 7.66
CA ARG H 109 19.47 -24.63 8.26
C ARG H 109 19.82 -25.64 7.13
N HIS H 110 20.83 -25.25 6.34
CA HIS H 110 21.31 -26.02 5.20
C HIS H 110 22.78 -25.71 4.90
N LYS H 111 23.53 -26.78 4.67
CA LYS H 111 24.95 -26.85 4.41
C LYS H 111 25.46 -25.74 3.49
N ASN H 112 24.72 -25.56 2.42
CA ASN H 112 25.03 -24.57 1.41
C ASN H 112 24.70 -23.14 1.83
N ASP H 113 24.02 -22.91 2.96
CA ASP H 113 23.69 -21.55 3.36
C ASP H 113 24.87 -20.91 4.08
N ARG H 114 25.52 -20.02 3.35
CA ARG H 114 26.71 -19.34 3.94
C ARG H 114 26.43 -17.95 4.49
N TYR H 115 25.18 -17.53 4.52
CA TYR H 115 24.85 -16.18 5.02
C TYR H 115 25.36 -16.06 6.46
N LEU H 116 25.82 -14.88 6.76
CA LEU H 116 26.39 -14.50 8.06
C LEU H 116 25.38 -14.43 9.18
N ALA H 117 24.10 -14.29 8.87
CA ALA H 117 23.09 -14.25 10.01
C ALA H 117 23.26 -15.62 10.67
N PRO H 118 23.28 -15.62 12.00
CA PRO H 118 23.48 -16.85 12.78
C PRO H 118 22.33 -17.83 12.69
N LEU H 119 22.60 -19.11 12.99
CA LEU H 119 21.55 -20.13 13.01
C LEU H 119 20.88 -19.99 14.41
N ASP H 120 19.69 -20.54 14.50
CA ASP H 120 18.96 -20.47 15.80
C ASP H 120 18.96 -21.91 16.32
N PRO H 121 19.62 -22.10 17.45
CA PRO H 121 19.73 -23.43 18.06
C PRO H 121 18.41 -24.10 18.33
N ASN H 122 17.30 -23.40 18.31
CA ASN H 122 15.98 -24.01 18.58
C ASN H 122 15.07 -24.04 17.36
N PHE H 123 15.66 -23.77 16.21
CA PHE H 123 14.81 -23.72 14.98
C PHE H 123 15.44 -24.54 13.84
N GLY H 124 14.56 -25.36 13.27
CA GLY H 124 14.87 -26.24 12.12
C GLY H 124 14.33 -25.58 10.86
N GLY H 125 13.03 -25.30 10.81
CA GLY H 125 12.41 -24.63 9.69
C GLY H 125 11.70 -25.49 8.67
N VAL H 126 11.27 -26.67 9.09
CA VAL H 126 10.53 -27.60 8.27
C VAL H 126 9.25 -28.04 8.97
N GLY H 127 8.18 -28.06 8.19
CA GLY H 127 6.88 -28.55 8.80
C GLY H 127 6.10 -29.22 7.65
N ARG H 128 5.06 -29.91 7.98
CA ARG H 128 4.18 -30.62 7.05
C ARG H 128 2.85 -30.82 7.84
N CME H 129 1.80 -30.88 7.10
CA CME H 129 0.45 -30.98 7.65
CB CME H 129 0.06 -29.49 7.97
SG CME H 129 -1.70 -29.37 8.27
SD CME H 129 -2.10 -30.44 9.89
CE CME H 129 -1.77 -29.47 11.37
CZ CME H 129 -3.08 -28.99 12.01
OH CME H 129 -3.90 -28.33 11.05
C CME H 129 -0.49 -31.55 6.57
O CME H 129 -0.41 -31.13 5.43
N LEU H 130 -1.39 -32.41 7.04
CA LEU H 130 -2.39 -33.01 6.13
C LEU H 130 -3.68 -32.21 6.34
N THR H 131 -4.24 -31.73 5.27
CA THR H 131 -5.46 -30.95 5.29
C THR H 131 -6.57 -31.84 5.90
N ASP H 132 -7.46 -31.09 6.52
CA ASP H 132 -8.60 -31.76 7.23
C ASP H 132 -9.68 -32.01 6.18
N SER H 133 -10.80 -32.45 6.73
CA SER H 133 -11.97 -32.78 5.89
C SER H 133 -12.50 -31.54 5.22
N ASP H 134 -12.19 -30.38 5.73
CA ASP H 134 -12.67 -29.13 5.12
C ASP H 134 -11.63 -28.45 4.24
N GLY H 135 -10.46 -29.03 4.17
CA GLY H 135 -9.34 -28.55 3.38
C GLY H 135 -8.43 -27.57 4.09
N TYR H 136 -8.54 -27.53 5.43
CA TYR H 136 -7.76 -26.64 6.26
C TYR H 136 -6.45 -27.24 6.70
N TYR H 137 -5.47 -26.35 6.78
CA TYR H 137 -4.15 -26.69 7.28
C TYR H 137 -3.71 -25.52 8.20
N SER H 138 -2.65 -25.80 8.94
CA SER H 138 -2.08 -24.67 9.75
C SER H 138 -0.76 -25.09 10.32
N PHE H 139 0.12 -24.14 10.46
CA PHE H 139 1.46 -24.25 10.99
C PHE H 139 1.65 -23.16 12.08
N ARG H 140 2.61 -23.44 12.89
CA ARG H 140 2.99 -22.48 13.98
C ARG H 140 4.51 -22.41 13.80
N THR H 141 4.91 -21.17 13.55
CA THR H 141 6.33 -20.93 13.26
C THR H 141 6.66 -19.49 13.64
N ILE H 142 7.82 -19.08 13.12
CA ILE H 142 8.26 -17.68 13.36
C ILE H 142 8.41 -17.07 11.97
N LYS H 143 8.18 -15.78 11.85
CA LYS H 143 8.27 -15.02 10.61
C LYS H 143 9.76 -15.06 10.18
N PRO H 144 9.98 -15.58 8.98
CA PRO H 144 11.33 -15.69 8.43
C PRO H 144 11.83 -14.29 8.05
N GLY H 145 13.15 -14.13 8.04
CA GLY H 145 13.71 -12.83 7.61
C GLY H 145 14.10 -12.87 6.15
N PRO H 146 14.18 -11.70 5.54
CA PRO H 146 14.60 -11.57 4.14
C PRO H 146 16.08 -11.99 4.16
N TYR H 147 16.61 -12.26 2.97
CA TYR H 147 18.06 -12.63 2.90
C TYR H 147 18.60 -12.37 1.50
N PRO H 148 19.84 -11.99 1.50
CA PRO H 148 20.56 -11.62 0.25
C PRO H 148 20.90 -12.93 -0.49
N TRP H 149 21.05 -12.83 -1.77
CA TRP H 149 21.38 -14.01 -2.62
C TRP H 149 22.18 -13.48 -3.82
N ARG H 150 22.98 -14.34 -4.41
CA ARG H 150 23.82 -13.90 -5.54
C ARG H 150 23.02 -13.87 -6.83
N ASN H 151 22.33 -12.81 -7.14
CA ASN H 151 21.57 -12.63 -8.40
C ASN H 151 22.23 -11.34 -9.01
N GLY H 152 21.56 -10.24 -8.76
CA GLY H 152 22.15 -8.92 -9.12
C GLY H 152 23.08 -8.67 -7.88
N PRO H 153 23.84 -7.60 -7.92
CA PRO H 153 24.76 -7.22 -6.84
C PRO H 153 24.10 -6.88 -5.50
N ASN H 154 22.83 -6.50 -5.50
CA ASN H 154 22.15 -6.15 -4.23
C ASN H 154 20.73 -6.69 -4.21
N ASP H 155 20.59 -7.98 -4.50
CA ASP H 155 19.27 -8.63 -4.51
C ASP H 155 19.02 -9.25 -3.12
N TRP H 156 17.77 -9.11 -2.74
CA TRP H 156 17.26 -9.61 -1.43
C TRP H 156 15.86 -10.22 -1.62
N ARG H 157 15.69 -11.46 -1.14
CA ARG H 157 14.38 -12.10 -1.24
C ARG H 157 13.49 -11.47 -0.11
N PRO H 158 12.25 -11.30 -0.49
CA PRO H 158 11.25 -10.83 0.51
C PRO H 158 11.14 -11.98 1.53
N ALA H 159 10.74 -11.69 2.74
CA ALA H 159 10.53 -12.76 3.73
C ALA H 159 9.49 -13.68 2.99
N HIS H 160 9.80 -14.96 3.04
CA HIS H 160 8.92 -15.96 2.40
C HIS H 160 9.02 -17.36 2.99
N ILE H 161 7.93 -18.11 2.85
CA ILE H 161 7.86 -19.52 3.25
C ILE H 161 7.68 -20.41 2.00
N HIS H 162 8.56 -21.40 1.83
CA HIS H 162 8.37 -22.28 0.62
C HIS H 162 7.21 -23.25 0.96
N PHE H 163 6.40 -23.46 -0.04
CA PHE H 163 5.28 -24.43 0.06
C PHE H 163 5.29 -25.49 -1.07
N GLY H 164 4.88 -26.67 -0.67
CA GLY H 164 4.73 -27.85 -1.53
C GLY H 164 3.30 -28.44 -1.25
N ILE H 165 2.52 -28.55 -2.29
CA ILE H 165 1.16 -29.08 -2.14
C ILE H 165 0.93 -30.24 -3.12
N SER H 166 0.54 -31.36 -2.55
CA SER H 166 0.29 -32.58 -3.35
C SER H 166 -0.98 -32.50 -4.19
N GLY H 167 -2.15 -32.37 -3.57
CA GLY H 167 -3.43 -32.33 -4.36
C GLY H 167 -3.76 -33.83 -4.64
N PRO H 168 -4.86 -34.04 -5.36
CA PRO H 168 -5.32 -35.39 -5.72
C PRO H 168 -4.55 -36.16 -6.75
N SER H 169 -3.64 -35.51 -7.48
CA SER H 169 -2.85 -36.16 -8.52
C SER H 169 -1.53 -35.46 -8.83
N ILE H 170 -0.75 -36.13 -9.67
CA ILE H 170 0.55 -35.49 -10.09
C ILE H 170 0.30 -34.28 -10.93
N ALA H 171 -0.89 -34.19 -11.53
CA ALA H 171 -1.23 -33.04 -12.37
C ALA H 171 -1.47 -31.74 -11.53
N THR H 172 -1.86 -31.94 -10.31
CA THR H 172 -2.20 -30.82 -9.39
C THR H 172 -0.98 -30.44 -8.56
N LYS H 173 -0.08 -31.34 -8.36
CA LYS H 173 1.14 -31.08 -7.53
C LYS H 173 1.73 -29.71 -7.86
N LEU H 174 2.10 -28.98 -6.84
CA LEU H 174 2.61 -27.62 -6.91
C LEU H 174 3.56 -27.27 -5.79
N ILE H 175 4.54 -26.47 -6.19
CA ILE H 175 5.55 -25.86 -5.33
C ILE H 175 5.42 -24.34 -5.56
N THR H 176 5.39 -23.64 -4.43
CA THR H 176 5.24 -22.16 -4.52
C THR H 176 5.90 -21.54 -3.28
N GLN H 177 5.67 -20.22 -3.21
CA GLN H 177 6.22 -19.40 -2.11
C GLN H 177 5.15 -18.44 -1.61
N LEU H 178 5.11 -18.27 -0.32
CA LEU H 178 4.19 -17.34 0.40
C LEU H 178 5.06 -16.11 0.78
N TYR H 179 4.51 -14.96 0.53
CA TYR H 179 5.10 -13.66 0.86
C TYR H 179 4.12 -13.05 1.89
N PHE H 180 4.62 -12.03 2.57
CA PHE H 180 3.89 -11.39 3.67
C PHE H 180 3.37 -10.03 3.29
N GLU H 181 2.07 -9.84 3.55
CA GLU H 181 1.40 -8.59 3.22
C GLU H 181 2.24 -7.38 3.70
N GLY H 182 2.40 -6.48 2.78
CA GLY H 182 3.05 -5.21 2.87
C GLY H 182 4.55 -5.15 2.78
N ASP H 183 5.22 -6.29 2.60
CA ASP H 183 6.68 -6.36 2.49
C ASP H 183 7.10 -5.58 1.21
N PRO H 184 7.85 -4.52 1.49
CA PRO H 184 8.31 -3.62 0.37
C PRO H 184 9.27 -4.28 -0.55
N LEU H 185 9.93 -5.35 -0.16
CA LEU H 185 10.87 -6.09 -1.00
C LEU H 185 10.14 -6.83 -2.13
N ILE H 186 8.86 -7.08 -1.89
CA ILE H 186 8.09 -7.86 -2.88
C ILE H 186 8.24 -7.45 -4.32
N PRO H 187 7.91 -6.19 -4.58
CA PRO H 187 7.94 -5.67 -5.95
C PRO H 187 9.35 -5.63 -6.52
N MET H 188 10.34 -5.84 -5.70
CA MET H 188 11.72 -5.74 -6.22
C MET H 188 12.29 -7.13 -6.55
N CYS H 189 11.58 -8.19 -6.14
CA CYS H 189 12.12 -9.52 -6.34
C CYS H 189 11.96 -10.08 -7.76
N PRO H 190 13.08 -10.41 -8.34
CA PRO H 190 13.11 -11.00 -9.71
C PRO H 190 12.45 -12.35 -9.76
N ILE H 191 12.46 -13.08 -8.63
CA ILE H 191 11.78 -14.38 -8.58
C ILE H 191 10.27 -14.13 -8.60
N VAL H 192 9.85 -13.19 -7.72
CA VAL H 192 8.46 -12.83 -7.68
C VAL H 192 8.06 -12.35 -9.10
N LYS H 193 8.96 -11.54 -9.68
CA LYS H 193 8.77 -10.96 -11.00
C LYS H 193 8.78 -11.92 -12.16
N SER H 194 9.12 -13.18 -11.85
CA SER H 194 9.07 -14.24 -12.93
C SER H 194 7.58 -14.36 -13.32
N ILE H 195 6.67 -13.94 -12.46
CA ILE H 195 5.24 -13.94 -12.69
C ILE H 195 4.91 -12.61 -13.39
N ALA H 196 4.42 -12.67 -14.59
CA ALA H 196 4.10 -11.52 -15.38
C ALA H 196 2.88 -10.73 -14.93
N ASN H 197 1.85 -11.35 -14.43
CA ASN H 197 0.60 -10.71 -14.02
C ASN H 197 0.57 -10.39 -12.55
N PRO H 198 0.46 -9.10 -12.24
CA PRO H 198 0.43 -8.58 -10.88
C PRO H 198 -0.69 -9.19 -10.07
N GLU H 199 -1.76 -9.46 -10.81
CA GLU H 199 -2.92 -10.11 -10.16
C GLU H 199 -2.49 -11.48 -9.69
N ALA H 200 -1.56 -12.11 -10.42
CA ALA H 200 -1.14 -13.49 -10.00
C ALA H 200 -0.23 -13.33 -8.79
N VAL H 201 0.52 -12.19 -8.80
CA VAL H 201 1.43 -11.92 -7.66
C VAL H 201 0.64 -11.83 -6.34
N GLN H 202 -0.52 -11.19 -6.39
CA GLN H 202 -1.36 -11.02 -5.22
C GLN H 202 -1.71 -12.35 -4.62
N GLN H 203 -1.86 -13.38 -5.43
CA GLN H 203 -2.27 -14.70 -4.87
C GLN H 203 -1.23 -15.26 -3.90
N LEU H 204 0.03 -14.89 -3.99
CA LEU H 204 1.09 -15.41 -3.12
C LEU H 204 1.27 -14.60 -1.82
N ILE H 205 0.38 -13.62 -1.64
CA ILE H 205 0.51 -12.77 -0.45
C ILE H 205 -0.37 -13.17 0.73
N ALA H 206 0.27 -13.63 1.77
CA ALA H 206 -0.56 -14.05 2.99
C ALA H 206 -1.09 -12.77 3.60
N LYS H 207 -2.33 -12.79 4.08
CA LYS H 207 -2.90 -11.59 4.73
C LYS H 207 -2.82 -11.70 6.23
N LEU H 208 -2.52 -10.58 6.87
CA LEU H 208 -2.49 -10.58 8.40
C LEU H 208 -3.97 -10.97 8.77
N ASP H 209 -4.05 -11.84 9.76
CA ASP H 209 -5.44 -12.30 10.15
C ASP H 209 -5.53 -12.23 11.69
N MET H 210 -5.91 -11.04 12.15
CA MET H 210 -6.06 -10.78 13.58
C MET H 210 -7.10 -11.71 14.19
N ASN H 211 -8.10 -12.12 13.43
CA ASN H 211 -9.20 -12.99 13.95
C ASN H 211 -8.71 -14.35 14.43
N ASN H 212 -7.63 -14.83 13.96
CA ASN H 212 -7.00 -16.11 14.22
C ASN H 212 -5.80 -16.07 15.12
N ALA H 213 -5.41 -14.85 15.47
CA ALA H 213 -4.27 -14.60 16.36
C ALA H 213 -4.67 -15.06 17.77
N ASN H 214 -3.68 -15.34 18.54
CA ASN H 214 -3.80 -15.75 19.96
C ASN H 214 -3.33 -14.52 20.79
N PRO H 215 -4.30 -13.76 21.27
CA PRO H 215 -3.98 -12.56 22.08
C PRO H 215 -2.80 -12.82 23.01
N MET H 216 -1.86 -11.91 23.12
CA MET H 216 -0.69 -11.99 23.97
C MET H 216 0.19 -13.19 23.63
N ASP H 217 0.02 -13.77 22.49
CA ASP H 217 0.80 -14.97 22.14
C ASP H 217 1.47 -14.87 20.77
N CYS H 218 0.66 -14.94 19.75
CA CYS H 218 1.16 -14.91 18.36
C CYS H 218 0.13 -14.39 17.40
N LEU H 219 0.62 -13.78 16.37
CA LEU H 219 -0.12 -13.24 15.23
C LEU H 219 -0.45 -14.44 14.31
N ALA H 220 -1.14 -14.21 13.25
CA ALA H 220 -1.62 -15.17 12.29
C ALA H 220 -1.79 -14.46 10.94
N TYR H 221 -1.54 -15.33 9.96
CA TYR H 221 -1.63 -15.00 8.54
C TYR H 221 -2.46 -16.11 7.91
N ARG H 222 -3.19 -15.71 6.92
CA ARG H 222 -4.09 -16.57 6.15
C ARG H 222 -3.53 -16.68 4.71
N PHE H 223 -3.31 -17.90 4.33
CA PHE H 223 -2.80 -18.20 2.94
C PHE H 223 -3.64 -19.33 2.32
N ASP H 224 -4.54 -18.99 1.41
CA ASP H 224 -5.34 -20.02 0.75
C ASP H 224 -4.65 -20.42 -0.55
N ILE H 225 -4.80 -21.71 -0.84
CA ILE H 225 -4.19 -22.26 -2.08
C ILE H 225 -5.26 -22.84 -2.99
N VAL H 226 -5.19 -22.49 -4.24
CA VAL H 226 -6.05 -22.94 -5.31
C VAL H 226 -5.29 -23.96 -6.21
N LEU H 227 -5.82 -25.19 -6.24
CA LEU H 227 -5.20 -26.21 -7.14
C LEU H 227 -6.11 -26.30 -8.39
N ARG H 228 -5.56 -26.96 -9.41
CA ARG H 228 -6.29 -27.15 -10.66
C ARG H 228 -7.68 -27.76 -10.39
N GLY H 229 -8.63 -27.23 -11.11
CA GLY H 229 -10.03 -27.71 -11.00
C GLY H 229 -10.07 -29.17 -11.51
N GLN H 230 -10.75 -29.99 -10.78
CA GLN H 230 -10.99 -31.40 -10.98
C GLN H 230 -12.47 -31.66 -11.35
N ARG H 231 -12.70 -32.21 -12.49
CA ARG H 231 -14.11 -32.49 -12.92
C ARG H 231 -14.18 -33.95 -13.41
N LYS H 232 -15.39 -34.43 -13.52
CA LYS H 232 -15.69 -35.80 -14.00
C LYS H 232 -15.55 -35.73 -15.54
N THR H 233 -15.14 -36.87 -16.05
CA THR H 233 -14.98 -36.95 -17.55
C THR H 233 -16.42 -36.98 -18.09
N HIS H 234 -16.58 -36.59 -19.33
CA HIS H 234 -17.92 -36.56 -19.95
C HIS H 234 -17.78 -36.72 -21.47
N PHE H 235 -18.71 -37.52 -21.98
CA PHE H 235 -18.80 -37.83 -23.40
C PHE H 235 -17.44 -38.19 -23.99
N GLU H 236 -16.59 -38.81 -23.20
CA GLU H 236 -15.24 -39.16 -23.66
C GLU H 236 -15.07 -40.18 -24.73
N PRO I 1 9.89 2.92 -0.50
CA PRO I 1 11.36 2.85 -0.34
C PRO I 1 11.91 4.16 -0.95
N ILE I 2 13.13 4.45 -0.55
CA ILE I 2 13.81 5.67 -1.03
C ILE I 2 14.27 5.45 -2.48
N GLU I 3 14.10 6.45 -3.28
CA GLU I 3 14.58 6.39 -4.69
C GLU I 3 15.52 7.60 -4.90
N LEU I 4 16.65 7.41 -5.55
CA LEU I 4 17.58 8.58 -5.80
C LEU I 4 17.25 9.11 -7.19
N LEU I 5 17.99 10.09 -7.71
CA LEU I 5 17.70 10.47 -9.12
C LEU I 5 18.21 9.17 -9.90
N PRO I 6 17.61 8.97 -11.05
CA PRO I 6 17.99 7.86 -11.94
C PRO I 6 19.28 8.26 -12.70
N GLU I 7 20.10 7.24 -12.80
CA GLU I 7 21.40 7.43 -13.58
C GLU I 7 21.07 7.65 -15.04
N THR I 8 21.87 8.47 -15.74
CA THR I 8 21.58 8.65 -17.21
C THR I 8 21.79 7.24 -17.83
N PRO I 9 20.79 6.81 -18.62
CA PRO I 9 20.90 5.53 -19.31
C PRO I 9 21.97 5.58 -20.43
N SER I 10 22.56 4.40 -20.54
CA SER I 10 23.59 4.07 -21.54
C SER I 10 22.94 3.98 -22.93
N GLN I 11 23.74 4.18 -23.91
CA GLN I 11 23.52 4.07 -25.33
C GLN I 11 24.83 3.47 -25.93
N THR I 12 24.72 2.79 -27.05
CA THR I 12 25.87 2.18 -27.73
C THR I 12 26.83 3.30 -28.20
N ALA I 13 28.11 2.99 -28.11
CA ALA I 13 29.13 3.98 -28.59
C ALA I 13 28.96 4.17 -30.08
N GLY I 14 28.40 3.22 -30.81
CA GLY I 14 28.21 3.40 -32.29
C GLY I 14 29.49 3.01 -33.05
N PRO I 15 29.36 2.91 -34.38
CA PRO I 15 30.48 2.53 -35.25
C PRO I 15 31.61 3.52 -35.34
N TYR I 16 31.32 4.80 -35.10
CA TYR I 16 32.25 5.91 -35.16
C TYR I 16 32.87 6.37 -33.89
N VAL I 17 32.86 5.56 -32.84
CA VAL I 17 33.44 5.94 -31.54
C VAL I 17 34.85 6.49 -31.67
N HIS I 18 35.54 6.04 -32.69
CA HIS I 18 36.94 6.38 -32.93
C HIS I 18 37.18 7.87 -33.06
N ILE I 19 36.30 8.50 -33.83
CA ILE I 19 36.42 9.95 -34.03
C ILE I 19 36.53 10.71 -32.72
N GLY I 20 35.90 10.18 -31.66
CA GLY I 20 35.94 10.82 -30.36
C GLY I 20 36.99 10.31 -29.40
N LEU I 21 37.21 9.00 -29.38
CA LEU I 21 38.11 8.35 -28.46
C LEU I 21 39.32 7.63 -29.01
N ALA I 22 39.43 7.52 -30.30
CA ALA I 22 40.60 6.79 -30.92
C ALA I 22 40.84 7.48 -32.25
N LEU I 23 41.28 8.73 -32.14
CA LEU I 23 41.51 9.63 -33.27
C LEU I 23 42.35 9.04 -34.38
N GLU I 24 43.49 8.48 -33.98
CA GLU I 24 44.39 7.84 -34.97
C GLU I 24 43.51 6.92 -35.83
N ALA I 25 42.92 5.97 -35.12
CA ALA I 25 42.04 4.96 -35.71
C ALA I 25 40.98 5.57 -36.58
N ALA I 26 40.42 6.70 -36.15
CA ALA I 26 39.35 7.31 -37.02
C ALA I 26 40.03 7.78 -38.31
N GLY I 27 41.36 7.85 -38.22
CA GLY I 27 42.21 8.30 -39.34
C GLY I 27 42.15 9.82 -39.48
N ASN I 28 42.11 10.48 -38.34
CA ASN I 28 42.06 11.93 -38.22
C ASN I 28 43.28 12.35 -37.40
N PRO I 29 43.61 13.63 -37.52
CA PRO I 29 44.74 14.21 -36.80
C PRO I 29 44.45 14.17 -35.29
N THR I 30 45.44 13.78 -34.52
CA THR I 30 45.27 13.72 -33.06
C THR I 30 45.58 15.11 -32.49
N ARG I 31 45.37 15.21 -31.20
CA ARG I 31 45.63 16.46 -30.43
C ARG I 31 46.96 16.28 -29.72
N ASP I 32 47.50 17.31 -29.15
CA ASP I 32 48.73 17.32 -28.39
C ASP I 32 48.80 16.17 -27.39
N GLN I 33 47.69 16.00 -26.66
CA GLN I 33 47.68 14.93 -25.63
C GLN I 33 46.47 14.01 -25.88
N GLU I 34 46.80 12.71 -25.92
CA GLU I 34 45.80 11.67 -26.13
C GLU I 34 46.01 10.51 -25.16
N ILE I 35 44.90 9.89 -24.83
CA ILE I 35 44.94 8.69 -23.90
C ILE I 35 44.96 7.51 -24.86
N TRP I 36 46.06 6.78 -24.83
CA TRP I 36 46.15 5.61 -25.76
C TRP I 36 46.63 4.37 -25.10
N ASN I 37 47.13 3.40 -25.89
CA ASN I 37 47.54 2.10 -25.41
C ASN I 37 48.90 1.89 -24.82
N ARG I 38 49.59 2.95 -24.46
CA ARG I 38 50.96 2.76 -23.86
C ARG I 38 50.90 3.20 -22.43
N LEU I 39 50.57 2.30 -21.51
CA LEU I 39 50.45 2.61 -20.09
C LEU I 39 51.79 2.79 -19.40
N ALA I 40 52.78 2.05 -19.91
CA ALA I 40 54.11 2.14 -19.28
C ALA I 40 55.15 2.70 -20.26
N LYS I 41 56.02 3.48 -19.63
CA LYS I 41 57.19 4.07 -20.39
C LYS I 41 58.32 3.07 -20.12
N PRO I 42 59.18 2.91 -21.10
CA PRO I 42 60.30 1.98 -21.06
C PRO I 42 60.94 1.88 -19.71
N ASP I 43 61.08 3.02 -19.03
CA ASP I 43 61.74 2.99 -17.71
C ASP I 43 60.82 2.84 -16.53
N ALA I 44 59.63 2.30 -16.77
CA ALA I 44 58.68 2.05 -15.66
C ALA I 44 59.05 0.68 -15.07
N PRO I 45 59.00 0.65 -13.74
CA PRO I 45 59.33 -0.57 -13.00
C PRO I 45 58.28 -1.63 -13.21
N GLY I 46 58.72 -2.87 -13.14
CA GLY I 46 57.83 -4.05 -13.30
C GLY I 46 58.19 -4.76 -14.58
N GLU I 47 57.56 -5.90 -14.81
CA GLU I 47 57.82 -6.70 -16.03
C GLU I 47 57.01 -6.12 -17.18
N HIS I 48 57.71 -5.55 -18.17
CA HIS I 48 56.98 -5.00 -19.33
C HIS I 48 56.37 -6.14 -20.13
N ILE I 49 55.14 -6.00 -20.54
CA ILE I 49 54.47 -7.04 -21.35
C ILE I 49 53.61 -6.40 -22.42
N LEU I 50 53.33 -7.19 -23.44
CA LEU I 50 52.48 -6.76 -24.56
C LEU I 50 51.18 -7.58 -24.45
N LEU I 51 50.08 -6.91 -24.61
CA LEU I 51 48.77 -7.62 -24.53
C LEU I 51 48.14 -7.43 -25.93
N LEU I 52 47.49 -8.47 -26.36
CA LEU I 52 46.80 -8.35 -27.69
C LEU I 52 45.65 -9.35 -27.66
N GLY I 53 44.65 -9.10 -28.49
CA GLY I 53 43.49 -9.98 -28.57
C GLY I 53 42.60 -9.58 -29.74
N GLN I 54 41.58 -10.40 -29.85
CA GLN I 54 40.52 -10.25 -30.86
C GLN I 54 39.18 -10.36 -30.11
N VAL I 55 38.18 -9.77 -30.73
CA VAL I 55 36.80 -9.79 -30.17
C VAL I 55 35.90 -10.53 -31.16
N TYR I 56 35.14 -11.49 -30.62
CA TYR I 56 34.23 -12.27 -31.44
C TYR I 56 32.76 -12.14 -31.09
N ASP I 57 31.94 -12.05 -32.09
CA ASP I 57 30.50 -11.96 -31.99
C ASP I 57 29.96 -13.39 -31.81
N GLY I 58 28.65 -13.44 -31.68
CA GLY I 58 27.87 -14.64 -31.48
C GLY I 58 28.02 -15.64 -32.63
N ASN I 59 28.43 -15.17 -33.79
CA ASN I 59 28.60 -16.02 -34.96
C ASN I 59 30.06 -16.44 -35.18
N GLY I 60 30.95 -16.08 -34.31
CA GLY I 60 32.38 -16.38 -34.47
C GLY I 60 33.13 -15.36 -35.29
N HIS I 61 32.46 -14.33 -35.71
CA HIS I 61 33.00 -13.23 -36.51
C HIS I 61 33.66 -12.14 -35.68
N LEU I 62 34.77 -11.64 -36.22
CA LEU I 62 35.56 -10.57 -35.61
C LEU I 62 34.74 -9.27 -35.49
N VAL I 63 34.85 -8.70 -34.30
CA VAL I 63 34.20 -7.40 -34.01
C VAL I 63 35.35 -6.38 -34.28
N ARG I 64 35.28 -5.78 -35.44
CA ARG I 64 36.31 -4.87 -35.88
C ARG I 64 36.23 -3.43 -35.47
N ASP I 65 35.19 -3.03 -34.77
CA ASP I 65 34.98 -1.64 -34.36
C ASP I 65 34.89 -1.51 -32.86
N SER I 66 35.51 -2.46 -32.19
CA SER I 66 35.45 -2.45 -30.71
C SER I 66 36.42 -1.45 -30.12
N PHE I 67 36.00 -0.95 -28.97
CA PHE I 67 36.79 0.06 -28.22
C PHE I 67 36.87 -0.47 -26.81
N LEU I 68 38.08 -0.47 -26.26
CA LEU I 68 38.28 -0.99 -24.90
C LEU I 68 39.03 0.06 -24.06
N GLU I 69 38.76 0.00 -22.80
CA GLU I 69 39.39 0.87 -21.79
C GLU I 69 39.91 -0.09 -20.74
N VAL I 70 41.14 0.16 -20.24
CA VAL I 70 41.69 -0.74 -19.22
C VAL I 70 42.09 0.08 -18.00
N TRP I 71 42.08 -0.62 -16.90
CA TRP I 71 42.44 -0.04 -15.59
C TRP I 71 43.13 -1.16 -14.85
N GLN I 72 44.31 -0.82 -14.32
CA GLN I 72 45.09 -1.85 -13.57
C GLN I 72 46.03 -1.17 -12.59
N ALA I 73 46.48 -1.96 -11.64
CA ALA I 73 47.47 -1.45 -10.64
C ALA I 73 48.84 -1.45 -11.34
N ASP I 74 49.78 -0.82 -10.65
CA ASP I 74 51.18 -0.76 -11.14
C ASP I 74 51.84 -2.05 -10.58
N ALA I 75 53.11 -2.17 -10.94
CA ALA I 75 53.87 -3.36 -10.51
C ALA I 75 53.80 -3.53 -9.00
N ASN I 76 53.56 -2.44 -8.25
CA ASN I 76 53.49 -2.56 -6.79
C ASN I 76 52.07 -2.85 -6.31
N GLY I 77 51.18 -3.08 -7.24
CA GLY I 77 49.76 -3.37 -6.93
C GLY I 77 49.19 -2.05 -6.39
N GLU I 78 49.52 -0.99 -7.13
CA GLU I 78 49.05 0.35 -6.71
C GLU I 78 48.36 1.01 -7.90
N TYR I 79 47.21 1.58 -7.62
CA TYR I 79 46.43 2.27 -8.66
C TYR I 79 46.90 3.72 -8.77
N GLN I 80 47.41 4.05 -9.91
CA GLN I 80 47.91 5.39 -10.22
C GLN I 80 46.84 6.19 -10.93
N ASP I 81 46.02 6.86 -10.13
CA ASP I 81 44.89 7.63 -10.65
C ASP I 81 45.19 8.96 -11.33
N ALA I 82 46.20 9.66 -10.88
CA ALA I 82 46.57 10.98 -11.46
C ALA I 82 47.21 10.76 -12.82
N TYR I 83 46.39 10.77 -13.85
CA TYR I 83 46.74 10.58 -15.23
C TYR I 83 47.63 11.72 -15.77
N ASN I 84 48.78 11.30 -16.22
CA ASN I 84 49.78 12.28 -16.77
C ASN I 84 50.63 11.57 -17.82
N LEU I 85 50.77 12.19 -18.99
CA LEU I 85 51.55 11.60 -20.08
C LEU I 85 53.05 11.63 -19.74
N GLU I 86 53.35 12.32 -18.67
CA GLU I 86 54.71 12.45 -18.17
C GLU I 86 55.09 11.24 -17.35
N ASN I 87 54.10 10.76 -16.59
CA ASN I 87 54.30 9.58 -15.71
C ASN I 87 55.01 8.47 -16.51
N ALA I 88 55.73 7.66 -15.73
CA ALA I 88 56.43 6.51 -16.37
C ALA I 88 55.33 5.44 -16.56
N PHE I 89 54.39 5.50 -15.63
CA PHE I 89 53.24 4.60 -15.61
C PHE I 89 51.90 5.28 -15.26
N ASN I 90 50.91 4.94 -16.05
CA ASN I 90 49.52 5.33 -15.96
C ASN I 90 48.71 3.99 -15.83
N SER I 91 47.80 4.02 -14.86
CA SER I 91 46.92 2.87 -14.56
C SER I 91 45.78 2.70 -15.59
N PHE I 92 45.54 3.75 -16.36
CA PHE I 92 44.49 3.81 -17.36
C PHE I 92 45.03 3.90 -18.77
N GLY I 93 44.28 3.26 -19.66
CA GLY I 93 44.59 3.22 -21.09
C GLY I 93 43.31 2.83 -21.86
N ARG I 94 43.46 3.04 -23.16
CA ARG I 94 42.45 2.80 -24.16
C ARG I 94 43.10 2.21 -25.43
N THR I 95 42.35 1.33 -26.06
CA THR I 95 42.79 0.69 -27.31
C THR I 95 41.53 0.38 -28.14
N ALA I 96 41.73 -0.11 -29.33
CA ALA I 96 40.63 -0.45 -30.25
C ALA I 96 41.14 -1.54 -31.20
N THR I 97 40.25 -2.17 -31.93
CA THR I 97 40.67 -3.23 -32.89
C THR I 97 40.76 -2.65 -34.28
N THR I 98 41.80 -3.14 -34.97
CA THR I 98 42.07 -2.70 -36.36
C THR I 98 40.92 -3.16 -37.25
N PHE I 99 40.53 -2.28 -38.14
CA PHE I 99 39.45 -2.55 -39.11
C PHE I 99 39.92 -3.67 -40.04
N ASP I 100 41.23 -3.84 -40.12
CA ASP I 100 41.83 -4.89 -40.95
C ASP I 100 41.88 -6.23 -40.23
N ALA I 101 42.92 -6.40 -39.44
CA ALA I 101 43.19 -7.61 -38.66
C ALA I 101 42.19 -7.83 -37.54
N GLY I 102 41.67 -6.73 -37.02
CA GLY I 102 40.69 -6.75 -35.94
C GLY I 102 41.31 -7.12 -34.61
N GLU I 103 42.53 -6.74 -34.39
CA GLU I 103 43.24 -7.06 -33.13
C GLU I 103 43.62 -5.76 -32.42
N TRP I 104 43.62 -5.79 -31.11
CA TRP I 104 43.99 -4.56 -30.37
C TRP I 104 45.26 -4.98 -29.61
N THR I 105 45.98 -3.98 -29.17
CA THR I 105 47.22 -4.14 -28.44
C THR I 105 47.36 -3.06 -27.39
N LEU I 106 48.12 -3.45 -26.40
CA LEU I 106 48.39 -2.52 -25.27
C LEU I 106 49.81 -2.80 -24.81
N HIS I 107 50.45 -1.75 -24.36
CA HIS I 107 51.85 -1.85 -23.86
C HIS I 107 51.81 -1.41 -22.41
N THR I 108 52.10 -2.35 -21.53
CA THR I 108 52.05 -2.04 -20.09
C THR I 108 53.03 -2.91 -19.33
N VAL I 109 52.80 -3.01 -18.03
CA VAL I 109 53.55 -3.85 -17.11
C VAL I 109 52.53 -4.78 -16.38
N LYS I 110 53.02 -5.87 -15.89
CA LYS I 110 52.21 -6.87 -15.18
C LYS I 110 51.84 -6.27 -13.80
N PRO I 111 50.52 -6.17 -13.61
CA PRO I 111 49.98 -5.60 -12.40
C PRO I 111 50.41 -6.39 -11.16
N GLY I 112 50.56 -5.65 -10.09
CA GLY I 112 50.88 -6.16 -8.75
C GLY I 112 49.50 -6.56 -8.15
N VAL I 113 49.56 -7.20 -7.03
CA VAL I 113 48.37 -7.73 -6.32
C VAL I 113 47.69 -6.74 -5.44
N VAL I 114 46.37 -6.69 -5.53
CA VAL I 114 45.53 -5.80 -4.69
C VAL I 114 44.58 -6.73 -3.92
N ASN I 115 44.20 -6.24 -2.77
CA ASN I 115 43.30 -6.94 -1.83
C ASN I 115 41.85 -6.47 -2.01
N ASN I 116 40.91 -7.38 -1.85
CA ASN I 116 39.48 -6.97 -1.98
C ASN I 116 39.14 -6.22 -0.68
N ALA I 117 37.90 -5.76 -0.60
CA ALA I 117 37.43 -5.03 0.57
C ALA I 117 37.64 -5.80 1.84
N ALA I 118 37.56 -7.10 1.78
CA ALA I 118 37.73 -7.94 2.99
C ALA I 118 39.19 -8.16 3.36
N GLY I 119 40.14 -7.62 2.59
CA GLY I 119 41.55 -7.81 2.88
C GLY I 119 42.17 -9.06 2.32
N VAL I 120 41.47 -9.70 1.41
CA VAL I 120 41.96 -10.94 0.73
C VAL I 120 42.52 -10.49 -0.59
N PRO I 121 43.77 -10.80 -0.86
CA PRO I 121 44.42 -10.40 -2.12
C PRO I 121 43.79 -11.18 -3.30
N MET I 122 43.66 -10.47 -4.38
CA MET I 122 43.15 -10.92 -5.68
C MET I 122 44.38 -11.13 -6.59
N ALA I 123 44.26 -12.05 -7.51
CA ALA I 123 45.33 -12.36 -8.46
C ALA I 123 45.49 -11.13 -9.38
N PRO I 124 46.72 -10.96 -9.84
CA PRO I 124 47.03 -9.85 -10.74
C PRO I 124 45.99 -9.91 -11.86
N HIS I 125 45.35 -8.78 -12.09
CA HIS I 125 44.34 -8.74 -13.17
C HIS I 125 44.28 -7.32 -13.72
N ILE I 126 43.71 -7.23 -14.89
CA ILE I 126 43.47 -5.95 -15.56
C ILE I 126 41.95 -5.83 -15.78
N ASN I 127 41.38 -4.71 -15.34
CA ASN I 127 39.92 -4.50 -15.55
C ASN I 127 39.73 -3.99 -16.98
N ILE I 128 38.80 -4.56 -17.71
CA ILE I 128 38.52 -4.11 -19.09
C ILE I 128 37.04 -3.76 -19.22
N SER I 129 36.79 -2.71 -20.02
CA SER I 129 35.40 -2.29 -20.33
C SER I 129 35.38 -2.31 -21.89
N LEU I 130 34.43 -2.92 -22.50
CA LEU I 130 34.35 -3.01 -23.97
C LEU I 130 33.09 -2.30 -24.46
N PHE I 131 33.29 -1.53 -25.49
CA PHE I 131 32.25 -0.72 -26.13
C PHE I 131 32.26 -1.03 -27.62
N ALA I 132 31.10 -0.83 -28.24
CA ALA I 132 31.04 -1.13 -29.68
C ALA I 132 29.62 -0.97 -30.17
N ARG I 133 29.50 -0.85 -31.52
CA ARG I 133 28.16 -0.74 -32.07
C ARG I 133 27.48 -2.11 -31.73
N GLY I 134 26.23 -2.01 -31.43
CA GLY I 134 25.41 -3.21 -31.12
C GLY I 134 25.52 -3.56 -29.66
N ILE I 135 26.33 -2.88 -28.89
CA ILE I 135 26.44 -3.20 -27.44
C ILE I 135 25.89 -1.90 -26.76
N ASN I 136 24.69 -2.07 -26.24
CA ASN I 136 23.93 -0.97 -25.63
C ASN I 136 24.60 -0.40 -24.38
N ILE I 137 25.11 -1.25 -23.56
CA ILE I 137 25.78 -0.88 -22.31
C ILE I 137 27.06 -1.69 -22.31
N HIS I 138 28.16 -1.07 -21.97
CA HIS I 138 29.48 -1.72 -22.05
C HIS I 138 29.54 -2.93 -21.16
N LEU I 139 30.40 -3.86 -21.55
CA LEU I 139 30.62 -5.12 -20.83
C LEU I 139 31.92 -5.00 -20.04
N HIS I 140 31.87 -5.41 -18.80
CA HIS I 140 32.99 -5.40 -17.89
C HIS I 140 33.55 -6.86 -17.84
N THR I 141 34.85 -6.93 -17.85
CA THR I 141 35.57 -8.18 -17.72
C THR I 141 36.93 -7.97 -17.06
N ARG I 142 37.58 -9.09 -16.72
CA ARG I 142 38.91 -9.04 -16.13
C ARG I 142 39.85 -9.92 -16.98
N LEU I 143 41.09 -9.48 -17.01
CA LEU I 143 42.10 -10.33 -17.76
C LEU I 143 42.96 -10.85 -16.63
N TYR I 144 43.19 -12.14 -16.55
CA TYR I 144 44.04 -12.78 -15.55
C TYR I 144 45.13 -13.48 -16.42
N PHE I 145 46.24 -13.79 -15.83
CA PHE I 145 47.41 -14.39 -16.53
C PHE I 145 47.63 -15.86 -16.16
N ASP I 146 47.77 -16.67 -17.20
CA ASP I 146 47.97 -18.12 -17.04
C ASP I 146 49.24 -18.50 -16.29
N ASP I 147 50.14 -17.56 -16.09
CA ASP I 147 51.39 -17.84 -15.35
C ASP I 147 51.26 -17.53 -13.87
N GLU I 148 50.05 -17.36 -13.39
CA GLU I 148 49.80 -17.07 -11.96
C GLU I 148 48.74 -18.03 -11.42
N ALA I 149 48.81 -19.26 -11.92
CA ALA I 149 47.88 -20.31 -11.52
C ALA I 149 47.68 -20.32 -10.00
N GLN I 150 48.79 -20.26 -9.28
CA GLN I 150 48.68 -20.31 -7.80
C GLN I 150 47.77 -19.20 -7.31
N ALA I 151 48.03 -17.97 -7.82
CA ALA I 151 47.16 -16.87 -7.36
C ALA I 151 45.72 -17.08 -7.83
N ASN I 152 45.63 -17.36 -9.13
CA ASN I 152 44.34 -17.51 -9.78
C ASN I 152 43.42 -18.41 -8.94
N ALA I 153 44.01 -19.48 -8.48
CA ALA I 153 43.27 -20.49 -7.72
C ALA I 153 42.68 -19.91 -6.46
N LYS I 154 43.31 -18.90 -5.92
CA LYS I 154 42.80 -18.26 -4.69
C LYS I 154 42.05 -16.97 -4.89
N CYS I 155 41.87 -16.46 -6.08
CA CYS I 155 41.16 -15.19 -6.27
C CYS I 155 39.73 -15.23 -5.79
N PRO I 156 39.41 -14.31 -4.88
CA PRO I 156 38.05 -14.22 -4.32
C PRO I 156 37.09 -13.84 -5.41
N VAL I 157 37.61 -13.24 -6.49
CA VAL I 157 36.74 -12.84 -7.60
C VAL I 157 36.50 -14.02 -8.55
N LEU I 158 37.58 -14.59 -9.00
CA LEU I 158 37.47 -15.76 -9.95
C LEU I 158 36.63 -16.86 -9.30
N ASN I 159 36.83 -17.07 -8.00
CA ASN I 159 36.11 -18.07 -7.24
C ASN I 159 34.63 -17.78 -7.15
N LEU I 160 34.19 -16.59 -7.48
CA LEU I 160 32.80 -16.21 -7.47
C LEU I 160 32.10 -16.79 -8.71
N ILE I 161 32.90 -17.22 -9.68
CA ILE I 161 32.24 -17.79 -10.90
C ILE I 161 31.89 -19.26 -10.57
N GLU I 162 30.61 -19.55 -10.63
CA GLU I 162 30.07 -20.86 -10.33
C GLU I 162 30.75 -22.06 -10.94
N GLN I 163 30.76 -22.15 -12.24
CA GLN I 163 31.34 -23.26 -13.00
C GLN I 163 32.80 -22.95 -13.37
N PRO I 164 33.68 -23.78 -12.86
CA PRO I 164 35.11 -23.65 -13.10
C PRO I 164 35.48 -23.46 -14.56
N GLN I 165 34.71 -24.06 -15.44
CA GLN I 165 34.93 -24.00 -16.89
C GLN I 165 34.93 -22.55 -17.36
N ARG I 166 34.05 -21.74 -16.76
CA ARG I 166 33.96 -20.33 -17.18
C ARG I 166 35.12 -19.48 -16.71
N ARG I 167 35.75 -19.78 -15.61
CA ARG I 167 36.89 -19.00 -15.09
C ARG I 167 38.01 -18.93 -16.11
N GLU I 168 38.14 -20.05 -16.80
CA GLU I 168 39.12 -20.24 -17.85
C GLU I 168 39.05 -19.16 -18.91
N THR I 169 37.85 -18.70 -19.24
CA THR I 169 37.63 -17.67 -20.23
C THR I 169 38.30 -16.36 -19.85
N LEU I 170 38.66 -16.17 -18.59
CA LEU I 170 39.30 -14.97 -18.10
C LEU I 170 40.82 -14.98 -18.03
N ILE I 171 41.42 -16.08 -18.42
CA ILE I 171 42.88 -16.25 -18.35
C ILE I 171 43.59 -15.99 -19.65
N ALA I 172 44.51 -15.00 -19.58
CA ALA I 172 45.29 -14.64 -20.80
C ALA I 172 46.42 -15.68 -20.97
N LYS I 173 46.62 -16.07 -22.21
CA LYS I 173 47.66 -17.07 -22.54
C LYS I 173 48.96 -16.37 -22.98
N ARG I 174 50.00 -16.66 -22.17
CA ARG I 174 51.33 -16.14 -22.38
C ARG I 174 51.95 -16.70 -23.68
N CYS I 175 52.60 -15.81 -24.35
CA CYS I 175 53.31 -16.06 -25.61
C CYS I 175 54.43 -15.02 -25.69
N GLU I 176 55.08 -15.06 -26.84
CA GLU I 176 56.20 -14.12 -27.08
C GLU I 176 55.98 -13.53 -28.49
N VAL I 177 56.32 -12.26 -28.56
CA VAL I 177 56.19 -11.50 -29.82
C VAL I 177 57.54 -10.75 -29.93
N ASP I 178 58.26 -11.06 -30.99
CA ASP I 178 59.60 -10.42 -31.16
C ASP I 178 60.42 -10.64 -29.90
N GLY I 179 60.40 -11.87 -29.41
CA GLY I 179 61.18 -12.17 -28.18
C GLY I 179 60.67 -11.34 -27.01
N LYS I 180 59.45 -10.81 -27.13
CA LYS I 180 58.88 -10.04 -26.01
C LYS I 180 57.72 -10.84 -25.40
N THR I 181 57.66 -10.74 -24.07
CA THR I 181 56.65 -11.40 -23.26
C THR I 181 55.29 -10.73 -23.61
N ALA I 182 54.39 -11.53 -24.11
CA ALA I 182 53.06 -11.08 -24.49
C ALA I 182 52.05 -12.10 -23.91
N TYR I 183 50.81 -11.67 -23.89
CA TYR I 183 49.68 -12.50 -23.41
C TYR I 183 48.54 -12.18 -24.39
N ARG I 184 47.88 -13.18 -24.89
CA ARG I 184 46.75 -12.99 -25.81
C ARG I 184 45.44 -13.27 -25.05
N PHE I 185 44.56 -12.30 -25.16
CA PHE I 185 43.24 -12.40 -24.48
C PHE I 185 42.15 -12.07 -25.49
N ASP I 186 41.48 -13.11 -25.91
CA ASP I 186 40.41 -13.02 -26.88
C ASP I 186 39.07 -12.94 -26.09
N ILE I 187 38.15 -12.18 -26.65
CA ILE I 187 36.84 -12.04 -25.98
C ILE I 187 35.75 -12.59 -26.91
N ARG I 188 34.95 -13.42 -26.34
CA ARG I 188 33.80 -14.04 -27.03
C ARG I 188 32.57 -13.46 -26.28
N ILE I 189 31.93 -12.57 -27.04
CA ILE I 189 30.77 -11.86 -26.56
C ILE I 189 29.63 -12.84 -26.30
N GLN I 190 29.52 -13.78 -27.24
CA GLN I 190 28.40 -14.74 -27.15
C GLN I 190 28.70 -16.13 -27.66
N GLY I 191 27.98 -17.10 -27.11
CA GLY I 191 28.08 -18.48 -27.52
C GLY I 191 29.18 -19.30 -26.92
N GLU I 192 29.67 -20.25 -27.70
CA GLU I 192 30.72 -21.19 -27.30
C GLU I 192 31.87 -20.51 -26.64
N GLY I 193 32.10 -20.80 -25.38
CA GLY I 193 33.17 -20.23 -24.57
C GLY I 193 32.99 -18.73 -24.33
N GLU I 194 31.73 -18.33 -24.20
CA GLU I 194 31.44 -16.91 -23.95
C GLU I 194 32.23 -16.41 -22.76
N THR I 195 32.84 -15.26 -22.88
CA THR I 195 33.64 -14.69 -21.77
C THR I 195 32.71 -14.24 -20.62
N VAL I 196 33.19 -14.46 -19.42
CA VAL I 196 32.51 -14.03 -18.21
C VAL I 196 32.57 -12.46 -18.21
N PHE I 197 31.40 -11.91 -18.05
CA PHE I 197 31.14 -10.47 -18.00
C PHE I 197 30.56 -10.20 -16.61
N PHE I 198 31.06 -9.16 -15.96
CA PHE I 198 30.67 -8.82 -14.61
C PHE I 198 29.72 -7.63 -14.49
N ASP I 199 29.09 -7.61 -13.33
CA ASP I 199 28.19 -6.55 -12.89
C ASP I 199 28.68 -6.14 -11.47
N PHE I 200 28.87 -4.86 -11.30
CA PHE I 200 29.30 -4.29 -10.01
C PHE I 200 28.78 -2.82 -9.85
N PRO J 1 48.61 7.04 -4.58
CA PRO J 1 47.70 6.19 -5.43
C PRO J 1 46.28 6.34 -4.91
N ALA J 2 45.35 5.69 -5.61
CA ALA J 2 43.93 5.72 -5.23
C ALA J 2 43.68 4.84 -4.01
N GLN J 3 42.55 5.06 -3.36
CA GLN J 3 42.13 4.31 -2.16
C GLN J 3 40.65 3.89 -2.22
N ASP J 4 40.39 2.72 -1.69
CA ASP J 4 39.02 2.17 -1.64
C ASP J 4 38.28 2.84 -0.48
N ASN J 5 37.64 3.94 -0.75
CA ASN J 5 36.90 4.67 0.31
C ASN J 5 35.42 4.75 0.01
N SER J 6 35.05 4.61 -1.25
CA SER J 6 33.68 4.73 -1.70
C SER J 6 33.03 3.46 -2.23
N ARG J 7 31.71 3.54 -2.24
CA ARG J 7 30.81 2.51 -2.72
C ARG J 7 29.88 3.21 -3.71
N PHE J 8 29.55 2.58 -4.80
CA PHE J 8 28.64 3.13 -5.79
C PHE J 8 27.32 2.39 -5.72
N VAL J 9 26.23 3.13 -5.76
CA VAL J 9 24.85 2.63 -5.77
C VAL J 9 24.79 1.63 -6.97
N ILE J 10 24.25 0.47 -6.77
CA ILE J 10 24.13 -0.58 -7.78
C ILE J 10 23.35 -0.07 -8.99
N ARG J 11 23.89 -0.32 -10.17
CA ARG J 11 23.17 0.12 -11.40
C ARG J 11 21.80 -0.59 -11.52
N ASP J 12 20.87 0.11 -12.10
CA ASP J 12 19.52 -0.42 -12.38
C ASP J 12 19.52 -0.88 -13.85
N ARG J 13 19.68 -2.19 -14.01
CA ARG J 13 19.72 -2.79 -15.36
C ARG J 13 18.41 -2.92 -16.08
N ASN J 14 17.32 -2.45 -15.45
CA ASN J 14 16.02 -2.45 -16.21
C ASN J 14 15.77 -1.00 -16.66
N TRP J 15 16.63 -0.12 -16.15
CA TRP J 15 16.49 1.33 -16.50
C TRP J 15 17.30 1.56 -17.78
N HIS J 16 18.55 1.05 -17.70
CA HIS J 16 19.49 1.05 -18.84
C HIS J 16 18.85 0.04 -19.85
N PRO J 17 19.21 0.19 -21.11
CA PRO J 17 18.73 -0.71 -22.17
C PRO J 17 19.32 -2.09 -21.92
N LYS J 18 18.63 -3.09 -22.43
CA LYS J 18 19.13 -4.51 -22.23
C LYS J 18 20.20 -4.76 -23.31
N ALA J 19 20.90 -5.89 -23.15
CA ALA J 19 21.94 -6.25 -24.18
C ALA J 19 21.21 -6.64 -25.49
N LEU J 20 20.26 -7.56 -25.30
CA LEU J 20 19.49 -8.08 -26.44
C LEU J 20 18.26 -7.28 -26.71
N THR J 21 18.27 -6.48 -27.79
CA THR J 21 17.17 -5.65 -28.23
C THR J 21 17.11 -5.84 -29.75
N PRO J 22 16.39 -6.92 -30.12
CA PRO J 22 16.26 -7.35 -31.47
C PRO J 22 16.04 -6.33 -32.54
N ASP J 23 15.37 -5.24 -32.27
CA ASP J 23 15.12 -4.23 -33.34
C ASP J 23 16.41 -3.56 -33.75
N TYR J 24 17.33 -3.51 -32.83
CA TYR J 24 18.69 -2.95 -33.05
C TYR J 24 19.40 -4.28 -33.49
N LYS J 25 19.35 -4.48 -34.80
CA LYS J 25 19.84 -5.72 -35.41
C LYS J 25 21.17 -6.19 -34.95
N THR J 26 22.16 -5.33 -34.88
CA THR J 26 23.52 -5.66 -34.47
C THR J 26 23.63 -6.17 -33.05
N SER J 27 22.68 -5.83 -32.17
CA SER J 27 22.75 -6.29 -30.77
C SER J 27 22.53 -7.82 -30.69
N ILE J 28 21.91 -8.39 -31.73
CA ILE J 28 21.61 -9.85 -31.64
C ILE J 28 22.87 -10.66 -31.43
N ALA J 29 23.83 -10.48 -32.37
CA ALA J 29 25.10 -11.18 -32.32
C ALA J 29 26.10 -10.60 -31.35
N ARG J 30 25.83 -9.40 -30.84
CA ARG J 30 26.81 -8.79 -29.88
C ARG J 30 26.30 -8.70 -28.46
N SER J 31 25.42 -9.60 -28.09
CA SER J 31 24.90 -9.62 -26.68
C SER J 31 25.23 -10.99 -26.12
N PRO J 32 25.64 -11.02 -24.88
CA PRO J 32 25.96 -12.27 -24.18
C PRO J 32 24.68 -13.11 -24.01
N ARG J 33 24.83 -14.39 -23.83
CA ARG J 33 23.70 -15.30 -23.63
C ARG J 33 23.73 -15.81 -22.18
N GLN J 34 24.89 -15.62 -21.57
CA GLN J 34 25.05 -16.00 -20.15
C GLN J 34 24.69 -14.76 -19.34
N ALA J 35 24.31 -14.99 -18.10
CA ALA J 35 23.98 -13.85 -17.19
C ALA J 35 25.31 -13.24 -16.75
N LEU J 36 25.25 -11.94 -16.44
CA LEU J 36 26.46 -11.23 -15.93
C LEU J 36 26.73 -11.84 -14.53
N VAL J 37 27.98 -11.94 -14.17
CA VAL J 37 28.29 -12.43 -12.79
C VAL J 37 28.46 -11.17 -11.91
N SER J 38 27.77 -11.10 -10.81
CA SER J 38 27.83 -9.98 -9.86
C SER J 38 29.02 -10.13 -8.93
N ILE J 39 29.73 -9.02 -8.72
CA ILE J 39 30.90 -9.09 -7.79
C ILE J 39 30.84 -7.87 -6.87
N PRO J 40 31.28 -8.07 -5.65
CA PRO J 40 31.31 -6.99 -4.66
C PRO J 40 32.36 -5.98 -5.17
N GLN J 41 32.06 -4.73 -4.92
CA GLN J 41 33.01 -3.63 -5.28
C GLN J 41 34.28 -3.75 -4.44
N SER J 42 35.40 -3.52 -5.10
CA SER J 42 36.75 -3.54 -4.52
C SER J 42 37.45 -2.25 -5.08
N ILE J 43 38.69 -2.07 -4.63
CA ILE J 43 39.47 -0.90 -5.04
C ILE J 43 39.63 -0.86 -6.57
N SER J 44 39.61 -2.05 -7.14
CA SER J 44 39.71 -2.20 -8.61
C SER J 44 38.50 -1.57 -9.29
N GLU J 45 37.33 -1.73 -8.67
CA GLU J 45 36.10 -1.16 -9.26
C GLU J 45 35.70 0.23 -8.79
N THR J 46 36.15 0.62 -7.59
CA THR J 46 35.78 1.88 -6.99
C THR J 46 36.74 3.02 -7.21
N THR J 47 37.75 2.85 -8.05
CA THR J 47 38.71 3.90 -8.34
C THR J 47 38.68 4.08 -9.86
N GLY J 48 39.42 5.07 -10.30
CA GLY J 48 39.45 5.36 -11.76
C GLY J 48 40.38 6.59 -11.88
N PRO J 49 40.69 6.85 -13.13
CA PRO J 49 41.59 7.92 -13.53
C PRO J 49 40.99 9.32 -13.30
N ASN J 50 41.94 10.18 -12.94
CA ASN J 50 41.69 11.61 -12.72
C ASN J 50 42.46 12.33 -13.85
N PHE J 51 41.76 13.02 -14.69
CA PHE J 51 42.27 13.72 -15.85
C PHE J 51 42.57 15.19 -15.62
N SER J 52 42.65 15.57 -14.36
CA SER J 52 42.93 16.92 -13.92
C SER J 52 44.21 17.48 -14.55
N HIS J 53 45.21 16.64 -14.68
CA HIS J 53 46.49 17.04 -15.24
C HIS J 53 46.63 16.78 -16.73
N LEU J 54 45.55 16.42 -17.39
CA LEU J 54 45.65 16.19 -18.86
C LEU J 54 45.79 17.60 -19.45
N GLY J 55 46.67 17.76 -20.42
CA GLY J 55 46.87 19.06 -21.06
C GLY J 55 45.91 19.34 -22.19
N PHE J 56 44.82 20.03 -21.87
CA PHE J 56 43.78 20.34 -22.87
C PHE J 56 44.16 21.55 -23.71
N GLY J 57 43.88 21.49 -24.98
CA GLY J 57 44.14 22.62 -25.89
C GLY J 57 43.02 23.63 -25.58
N ALA J 58 43.27 24.86 -25.96
CA ALA J 58 42.37 25.98 -25.73
C ALA J 58 41.03 25.83 -26.42
N HIS J 59 40.97 25.12 -27.51
CA HIS J 59 39.76 24.89 -28.28
C HIS J 59 39.31 23.42 -28.27
N ASP J 60 39.73 22.69 -27.26
CA ASP J 60 39.39 21.26 -27.15
C ASP J 60 37.86 21.07 -27.13
N HIS J 61 37.18 22.02 -26.54
CA HIS J 61 35.73 22.02 -26.40
C HIS J 61 34.96 22.86 -27.36
N ASP J 62 35.62 23.50 -28.31
CA ASP J 62 34.99 24.36 -29.33
C ASP J 62 35.15 23.78 -30.74
N LEU J 63 34.14 23.12 -31.22
CA LEU J 63 34.08 22.48 -32.50
C LEU J 63 33.98 23.43 -33.68
N LEU J 64 33.88 24.71 -33.34
CA LEU J 64 33.77 25.78 -34.34
C LEU J 64 35.18 26.24 -34.73
N LEU J 65 36.14 25.98 -33.86
CA LEU J 65 37.52 26.35 -34.04
C LEU J 65 38.58 25.27 -33.99
N ASN J 66 38.29 24.08 -33.47
CA ASN J 66 39.23 23.01 -33.29
C ASN J 66 39.61 22.12 -34.44
N PHE J 67 39.15 22.30 -35.65
CA PHE J 67 39.45 21.45 -36.78
C PHE J 67 40.41 22.27 -37.70
N GLY J 71 38.02 28.72 -41.94
CA GLY J 71 36.60 29.02 -42.11
C GLY J 71 35.77 28.41 -40.98
N LEU J 72 34.52 28.80 -40.94
CA LEU J 72 33.57 28.31 -39.91
C LEU J 72 32.73 27.21 -40.57
N PRO J 73 32.38 26.22 -39.76
CA PRO J 73 31.56 25.11 -40.25
C PRO J 73 30.21 25.69 -40.69
N ILE J 74 29.55 24.94 -41.55
CA ILE J 74 28.18 25.36 -41.96
C ILE J 74 27.20 24.63 -41.02
N GLY J 75 26.17 25.29 -40.55
CA GLY J 75 25.21 24.62 -39.62
C GLY J 75 24.77 25.49 -38.50
N GLU J 76 23.85 24.98 -37.70
CA GLU J 76 23.24 25.69 -36.55
C GLU J 76 24.19 25.79 -35.39
N ARG J 77 24.63 27.00 -35.14
CA ARG J 77 25.58 27.31 -34.04
C ARG J 77 24.83 27.08 -32.72
N ILE J 78 25.41 26.23 -31.90
CA ILE J 78 24.87 25.85 -30.62
C ILE J 78 25.94 25.59 -29.59
N ILE J 79 25.51 25.92 -28.38
CA ILE J 79 26.31 25.66 -27.19
C ILE J 79 25.59 24.44 -26.51
N VAL J 80 26.40 23.50 -26.10
CA VAL J 80 25.86 22.32 -25.35
C VAL J 80 26.52 22.43 -23.97
N ALA J 81 25.66 22.51 -22.94
CA ALA J 81 26.16 22.64 -21.57
C ALA J 81 25.23 21.98 -20.56
N GLY J 82 25.78 21.74 -19.38
CA GLY J 82 24.98 21.16 -18.32
C GLY J 82 25.97 20.83 -17.21
N ARG J 83 25.44 20.08 -16.30
CA ARG J 83 26.20 19.67 -15.11
C ARG J 83 26.14 18.14 -14.96
N VAL J 84 27.18 17.65 -14.32
CA VAL J 84 27.35 16.24 -13.99
C VAL J 84 27.26 16.13 -12.47
N VAL J 85 26.27 15.40 -12.06
CA VAL J 85 25.99 15.10 -10.63
C VAL J 85 25.79 13.59 -10.51
N ASP J 86 25.85 13.14 -9.27
CA ASP J 86 25.65 11.72 -8.95
C ASP J 86 24.17 11.57 -8.57
N GLN J 87 23.73 10.39 -8.24
CA GLN J 87 22.33 10.11 -7.91
C GLN J 87 21.92 10.82 -6.60
N TYR J 88 22.92 11.16 -5.79
CA TYR J 88 22.65 11.90 -4.54
C TYR J 88 22.49 13.38 -4.82
N GLY J 89 22.75 13.80 -6.05
CA GLY J 89 22.60 15.22 -6.40
C GLY J 89 23.91 16.00 -6.27
N LYS J 90 24.97 15.33 -5.95
CA LYS J 90 26.32 15.85 -5.75
C LYS J 90 27.05 16.11 -7.05
N PRO J 91 27.60 17.31 -7.17
CA PRO J 91 28.34 17.72 -8.36
C PRO J 91 29.57 16.82 -8.45
N VAL J 92 29.96 16.58 -9.69
CA VAL J 92 31.19 15.72 -9.93
C VAL J 92 32.17 16.69 -10.68
N PRO J 93 33.11 17.22 -9.92
CA PRO J 93 34.09 18.16 -10.44
C PRO J 93 35.30 17.48 -11.06
N ASN J 94 35.93 18.23 -11.93
CA ASN J 94 37.16 17.76 -12.61
C ASN J 94 36.96 16.38 -13.21
N THR J 95 35.84 16.28 -13.95
CA THR J 95 35.54 14.99 -14.61
C THR J 95 35.60 15.18 -16.13
N LEU J 96 36.03 14.13 -16.80
CA LEU J 96 36.20 14.18 -18.26
C LEU J 96 34.91 13.86 -19.01
N VAL J 97 34.59 14.76 -19.90
CA VAL J 97 33.42 14.62 -20.78
C VAL J 97 33.99 14.71 -22.21
N GLU J 98 33.63 13.75 -23.01
CA GLU J 98 34.10 13.69 -24.43
C GLU J 98 32.87 13.53 -25.29
N MET J 99 32.88 14.06 -26.46
CA MET J 99 31.72 14.00 -27.39
C MET J 99 32.26 13.98 -28.83
N TRP J 100 31.50 13.45 -29.72
CA TRP J 100 31.75 13.27 -31.14
C TRP J 100 30.39 13.26 -31.79
N GLN J 101 30.31 13.81 -32.98
CA GLN J 101 28.96 13.87 -33.65
C GLN J 101 29.24 13.97 -35.16
N ALA J 102 28.18 13.95 -35.89
CA ALA J 102 28.23 14.13 -37.34
C ALA J 102 28.16 15.67 -37.58
N ASN J 103 28.32 15.97 -38.88
CA ASN J 103 28.22 17.39 -39.27
C ASN J 103 26.71 17.68 -39.47
N ALA J 104 26.45 18.88 -39.96
CA ALA J 104 25.07 19.35 -40.17
C ALA J 104 24.25 18.51 -41.12
N GLY J 105 24.99 17.81 -42.03
CA GLY J 105 24.42 16.98 -43.07
C GLY J 105 24.13 15.55 -42.60
N GLY J 106 24.72 15.21 -41.49
CA GLY J 106 24.57 13.87 -40.91
C GLY J 106 25.75 12.98 -41.36
N ARG J 107 26.83 13.62 -41.73
CA ARG J 107 28.03 12.93 -42.17
C ARG J 107 29.15 12.94 -41.15
N TYR J 108 29.76 11.78 -40.90
CA TYR J 108 30.87 11.72 -39.92
C TYR J 108 32.24 11.81 -40.61
N ARG J 109 33.17 12.44 -39.90
CA ARG J 109 34.57 12.54 -40.42
C ARG J 109 35.26 11.21 -40.02
N HIS J 110 34.82 10.17 -40.74
CA HIS J 110 35.30 8.80 -40.51
C HIS J 110 35.29 7.96 -41.78
N LYS J 111 36.41 7.26 -41.92
CA LYS J 111 36.73 6.38 -43.04
C LYS J 111 35.51 5.62 -43.57
N ASN J 112 34.98 4.89 -42.58
CA ASN J 112 33.86 4.00 -42.73
C ASN J 112 32.54 4.71 -43.04
N ASP J 113 32.57 6.04 -43.02
CA ASP J 113 31.35 6.79 -43.30
C ASP J 113 31.22 7.11 -44.77
N ARG J 114 30.34 6.37 -45.43
CA ARG J 114 30.07 6.53 -46.85
C ARG J 114 28.74 7.19 -47.15
N TYR J 115 28.10 7.81 -46.17
CA TYR J 115 26.79 8.49 -46.49
C TYR J 115 27.14 9.56 -47.51
N LEU J 116 26.24 9.81 -48.45
CA LEU J 116 26.44 10.75 -49.54
C LEU J 116 26.44 12.21 -49.15
N ALA J 117 26.12 12.51 -47.92
CA ALA J 117 26.13 13.94 -47.48
C ALA J 117 27.63 14.28 -47.38
N PRO J 118 27.98 15.45 -47.89
CA PRO J 118 29.35 15.90 -47.93
C PRO J 118 29.95 16.19 -46.56
N LEU J 119 31.29 16.12 -46.52
CA LEU J 119 32.03 16.51 -45.32
C LEU J 119 32.06 18.06 -45.36
N ASP J 120 32.33 18.60 -44.19
CA ASP J 120 32.42 20.07 -44.04
C ASP J 120 33.91 20.36 -43.83
N PRO J 121 34.48 21.11 -44.75
CA PRO J 121 35.90 21.48 -44.71
C PRO J 121 36.38 22.01 -43.37
N ASN J 122 35.49 22.73 -42.70
CA ASN J 122 35.82 23.36 -41.41
C ASN J 122 35.31 22.61 -40.19
N PHE J 123 34.93 21.33 -40.37
CA PHE J 123 34.36 20.62 -39.18
C PHE J 123 34.92 19.22 -39.04
N GLY J 124 35.39 18.98 -37.83
CA GLY J 124 35.97 17.72 -37.41
C GLY J 124 34.91 16.87 -36.66
N GLY J 125 34.38 17.40 -35.59
CA GLY J 125 33.38 16.76 -34.76
C GLY J 125 33.82 16.14 -33.48
N VAL J 126 34.95 16.55 -32.92
CA VAL J 126 35.44 15.99 -31.64
C VAL J 126 35.59 17.05 -30.56
N GLY J 127 35.16 16.76 -29.34
CA GLY J 127 35.28 17.71 -28.25
C GLY J 127 35.42 17.01 -26.91
N ARG J 128 36.09 17.69 -25.99
CA ARG J 128 36.32 17.19 -24.62
C ARG J 128 36.37 18.46 -23.74
N CME J 129 36.14 18.22 -22.48
CA CME J 129 36.06 19.34 -21.52
CB CME J 129 34.66 19.98 -21.79
SG CME J 129 34.24 21.04 -20.36
SD CME J 129 35.43 22.69 -20.56
CE CME J 129 34.58 23.65 -21.83
CZ CME J 129 34.37 25.07 -21.23
OH CME J 129 33.78 24.90 -19.93
C CME J 129 36.07 18.69 -20.12
O CME J 129 35.30 17.73 -19.90
N LEU J 130 36.88 19.27 -19.27
CA LEU J 130 36.94 18.79 -17.87
C LEU J 130 35.88 19.65 -17.12
N THR J 131 35.04 19.01 -16.37
CA THR J 131 33.97 19.74 -15.62
C THR J 131 34.65 20.64 -14.58
N ASP J 132 33.99 21.76 -14.31
CA ASP J 132 34.47 22.73 -13.34
C ASP J 132 34.22 22.22 -11.92
N SER J 133 34.61 23.08 -10.99
CA SER J 133 34.47 22.75 -9.56
C SER J 133 33.01 22.57 -9.20
N ASP J 134 32.09 23.04 -10.03
CA ASP J 134 30.64 22.87 -9.74
C ASP J 134 30.00 21.76 -10.58
N GLY J 135 30.80 21.02 -11.32
CA GLY J 135 30.32 19.95 -12.18
C GLY J 135 29.75 20.38 -13.51
N TYR J 136 30.09 21.62 -13.92
CA TYR J 136 29.63 22.16 -15.18
C TYR J 136 30.63 21.93 -16.30
N TYR J 137 30.10 21.78 -17.48
CA TYR J 137 30.80 21.56 -18.73
C TYR J 137 30.05 22.33 -19.82
N SER J 138 30.77 22.60 -20.89
CA SER J 138 30.14 23.27 -22.03
C SER J 138 31.04 23.05 -23.27
N PHE J 139 30.35 23.00 -24.35
CA PHE J 139 30.81 22.80 -25.69
C PHE J 139 30.08 23.78 -26.63
N ARG J 140 30.79 24.08 -27.66
CA ARG J 140 30.28 24.93 -28.74
C ARG J 140 30.46 24.11 -30.01
N THR J 141 29.36 24.00 -30.71
CA THR J 141 29.31 23.21 -31.94
C THR J 141 28.14 23.58 -32.78
N ILE J 142 28.00 22.81 -33.87
CA ILE J 142 26.82 23.01 -34.77
C ILE J 142 25.95 21.76 -34.49
N LYS J 143 24.66 21.89 -34.63
CA LYS J 143 23.71 20.78 -34.39
C LYS J 143 23.85 19.76 -35.54
N PRO J 144 24.03 18.51 -35.15
CA PRO J 144 24.17 17.41 -36.13
C PRO J 144 22.90 17.09 -36.90
N GLY J 145 23.08 16.60 -38.14
CA GLY J 145 21.92 16.20 -38.96
C GLY J 145 21.66 14.68 -38.65
N PRO J 146 20.41 14.30 -38.91
CA PRO J 146 20.02 12.88 -38.76
C PRO J 146 20.79 12.16 -39.88
N TYR J 147 20.90 10.87 -39.79
CA TYR J 147 21.55 10.06 -40.80
C TYR J 147 20.98 8.64 -40.87
N PRO J 148 20.89 8.23 -42.13
CA PRO J 148 20.36 6.88 -42.47
C PRO J 148 21.40 5.85 -42.07
N TRP J 149 20.92 4.69 -41.65
CA TRP J 149 21.94 3.61 -41.29
C TRP J 149 21.29 2.30 -41.72
N ARG J 150 22.09 1.31 -41.96
CA ARG J 150 21.60 0.00 -42.45
C ARG J 150 21.09 -0.85 -41.32
N ASN J 151 19.84 -0.68 -40.94
CA ASN J 151 19.20 -1.46 -39.86
C ASN J 151 17.99 -2.08 -40.65
N GLY J 152 16.89 -1.36 -40.48
CA GLY J 152 15.66 -1.75 -41.24
C GLY J 152 15.94 -1.03 -42.60
N PRO J 153 15.05 -1.22 -43.56
CA PRO J 153 15.18 -0.62 -44.87
C PRO J 153 15.07 0.89 -44.89
N ASN J 154 14.56 1.56 -43.88
CA ASN J 154 14.46 3.06 -43.93
C ASN J 154 14.62 3.60 -42.53
N ASP J 155 15.64 3.26 -41.82
CA ASP J 155 15.93 3.67 -40.46
C ASP J 155 16.84 4.92 -40.51
N TRP J 156 16.53 5.83 -39.60
CA TRP J 156 17.25 7.09 -39.45
C TRP J 156 17.58 7.44 -38.01
N ARG J 157 18.85 7.68 -37.75
CA ARG J 157 19.24 8.11 -36.38
C ARG J 157 18.73 9.56 -36.20
N PRO J 158 18.05 9.82 -35.09
CA PRO J 158 17.63 11.24 -34.81
C PRO J 158 18.98 11.98 -34.64
N ALA J 159 18.88 13.27 -34.75
CA ALA J 159 20.12 14.12 -34.55
C ALA J 159 20.48 13.80 -33.10
N HIS J 160 21.77 13.52 -32.94
CA HIS J 160 22.32 13.18 -31.60
C HIS J 160 23.83 13.50 -31.62
N ILE J 161 24.37 13.63 -30.42
CA ILE J 161 25.72 13.84 -30.09
C ILE J 161 26.16 12.67 -29.15
N HIS J 162 27.28 12.04 -29.51
CA HIS J 162 27.70 10.90 -28.61
C HIS J 162 28.40 11.47 -27.41
N PHE J 163 28.18 10.94 -26.22
CA PHE J 163 28.82 11.44 -25.00
C PHE J 163 29.51 10.27 -24.30
N GLY J 164 30.63 10.60 -23.70
CA GLY J 164 31.44 9.67 -22.90
C GLY J 164 31.80 10.49 -21.63
N ILE J 165 31.51 9.95 -20.47
CA ILE J 165 31.81 10.62 -19.22
C ILE J 165 32.53 9.65 -18.28
N SER J 166 33.63 10.10 -17.73
CA SER J 166 34.43 9.32 -16.81
C SER J 166 33.90 9.12 -15.44
N GLY J 167 33.65 10.19 -14.70
CA GLY J 167 33.16 10.12 -13.29
C GLY J 167 34.35 9.74 -12.42
N PRO J 168 34.11 9.51 -11.12
CA PRO J 168 35.20 9.19 -10.21
C PRO J 168 35.73 7.78 -10.20
N SER J 169 35.17 6.86 -10.97
CA SER J 169 35.66 5.46 -10.93
C SER J 169 35.24 4.77 -12.23
N ILE J 170 35.76 3.55 -12.42
CA ILE J 170 35.39 2.84 -13.69
C ILE J 170 33.95 2.38 -13.55
N ALA J 171 33.51 2.36 -12.29
CA ALA J 171 32.14 1.99 -11.92
C ALA J 171 31.16 3.01 -12.46
N THR J 172 31.56 4.27 -12.55
CA THR J 172 30.73 5.34 -13.04
C THR J 172 30.81 5.61 -14.52
N LYS J 173 31.90 5.25 -15.17
CA LYS J 173 32.11 5.54 -16.60
C LYS J 173 30.89 5.17 -17.40
N LEU J 174 30.56 6.07 -18.36
CA LEU J 174 29.34 5.82 -19.13
C LEU J 174 29.42 6.45 -20.50
N ILE J 175 28.87 5.76 -21.48
CA ILE J 175 28.80 6.26 -22.84
C ILE J 175 27.28 6.34 -23.08
N THR J 176 26.87 7.42 -23.70
CA THR J 176 25.50 7.70 -23.97
C THR J 176 25.34 8.58 -25.18
N GLN J 177 24.08 8.96 -25.45
CA GLN J 177 23.75 9.78 -26.57
C GLN J 177 22.83 10.90 -26.17
N LEU J 178 23.07 12.06 -26.76
CA LEU J 178 22.15 13.23 -26.48
C LEU J 178 21.26 13.39 -27.72
N TYR J 179 20.03 13.68 -27.55
CA TYR J 179 19.00 13.88 -28.54
C TYR J 179 18.46 15.31 -28.29
N PHE J 180 17.82 15.84 -29.26
CA PHE J 180 17.33 17.22 -29.26
C PHE J 180 15.84 17.27 -29.06
N GLU J 181 15.49 18.14 -28.14
CA GLU J 181 14.04 18.34 -27.82
C GLU J 181 13.19 18.48 -29.06
N GLY J 182 12.05 17.81 -29.11
CA GLY J 182 11.07 17.85 -30.15
C GLY J 182 11.27 17.04 -31.42
N ASP J 183 12.46 16.47 -31.59
CA ASP J 183 12.79 15.67 -32.78
C ASP J 183 11.87 14.47 -32.98
N PRO J 184 11.12 14.51 -34.09
CA PRO J 184 10.18 13.45 -34.45
C PRO J 184 10.80 12.12 -34.72
N LEU J 185 12.09 12.02 -35.01
CA LEU J 185 12.75 10.73 -35.28
C LEU J 185 13.02 9.98 -33.98
N ILE J 186 13.07 10.69 -32.86
CA ILE J 186 13.37 10.01 -31.58
C ILE J 186 12.58 8.76 -31.28
N PRO J 187 11.26 8.88 -31.30
CA PRO J 187 10.37 7.74 -31.00
C PRO J 187 10.47 6.62 -32.02
N MET J 188 11.05 6.89 -33.19
CA MET J 188 11.14 5.82 -34.19
C MET J 188 12.45 5.09 -34.18
N CYS J 189 13.38 5.46 -33.32
CA CYS J 189 14.72 4.85 -33.33
C CYS J 189 14.89 3.62 -32.48
N PRO J 190 15.26 2.54 -33.18
CA PRO J 190 15.49 1.25 -32.55
C PRO J 190 16.58 1.41 -31.50
N ILE J 191 17.58 2.31 -31.77
CA ILE J 191 18.61 2.51 -30.76
C ILE J 191 18.02 3.11 -29.45
N VAL J 192 17.14 4.08 -29.62
CA VAL J 192 16.50 4.75 -28.48
C VAL J 192 15.61 3.72 -27.74
N LYS J 193 14.82 3.08 -28.58
CA LYS J 193 13.90 2.03 -28.15
C LYS J 193 14.57 0.85 -27.49
N SER J 194 15.90 0.86 -27.49
CA SER J 194 16.63 -0.20 -26.76
C SER J 194 16.30 0.04 -25.25
N ILE J 195 15.88 1.26 -24.96
CA ILE J 195 15.53 1.68 -23.60
C ILE J 195 13.99 1.44 -23.42
N ALA J 196 13.68 0.50 -22.58
CA ALA J 196 12.28 0.12 -22.37
C ALA J 196 11.37 1.16 -21.72
N ASN J 197 11.89 1.87 -20.75
CA ASN J 197 11.10 2.89 -20.02
C ASN J 197 11.14 4.25 -20.64
N PRO J 198 10.00 4.81 -21.00
CA PRO J 198 9.86 6.13 -21.62
C PRO J 198 10.46 7.27 -20.79
N GLU J 199 10.41 7.09 -19.49
CA GLU J 199 10.97 8.06 -18.54
C GLU J 199 12.48 8.12 -18.67
N ALA J 200 13.14 7.00 -18.91
CA ALA J 200 14.59 6.90 -19.05
C ALA J 200 15.00 7.64 -20.34
N VAL J 201 14.14 7.49 -21.35
CA VAL J 201 14.35 8.12 -22.63
C VAL J 201 14.38 9.65 -22.48
N GLN J 202 13.42 10.13 -21.64
CA GLN J 202 13.31 11.59 -21.44
C GLN J 202 14.65 12.15 -20.95
N GLN J 203 15.34 11.31 -20.22
CA GLN J 203 16.63 11.69 -19.64
C GLN J 203 17.71 11.99 -20.67
N LEU J 204 17.57 11.60 -21.90
CA LEU J 204 18.58 11.79 -22.93
C LEU J 204 18.27 12.96 -23.85
N ILE J 205 17.17 13.59 -23.58
CA ILE J 205 16.71 14.71 -24.33
C ILE J 205 17.22 16.06 -23.79
N ALA J 206 18.02 16.68 -24.63
CA ALA J 206 18.58 18.01 -24.25
C ALA J 206 17.47 19.03 -24.45
N LYS J 207 17.30 19.91 -23.49
CA LYS J 207 16.25 20.97 -23.60
C LYS J 207 16.82 22.28 -24.15
N LEU J 208 15.98 22.89 -24.99
CA LEU J 208 16.38 24.21 -25.59
C LEU J 208 16.53 25.20 -24.38
N ASP J 209 17.67 25.86 -24.36
CA ASP J 209 17.97 26.75 -23.24
C ASP J 209 18.26 28.18 -23.71
N MET J 210 17.21 28.97 -23.95
CA MET J 210 17.27 30.34 -24.41
C MET J 210 18.03 31.25 -23.45
N ASN J 211 17.99 31.01 -22.17
CA ASN J 211 18.68 31.82 -21.16
C ASN J 211 20.21 31.71 -21.38
N ASN J 212 20.63 30.69 -22.06
CA ASN J 212 22.05 30.46 -22.26
C ASN J 212 22.55 30.79 -23.64
N ALA J 213 21.65 31.12 -24.53
CA ALA J 213 22.00 31.45 -25.91
C ALA J 213 22.63 32.88 -25.94
N ASN J 214 23.41 33.04 -27.02
CA ASN J 214 24.09 34.32 -27.27
C ASN J 214 23.26 35.01 -28.37
N PRO J 215 22.48 36.00 -27.98
CA PRO J 215 21.63 36.74 -28.94
C PRO J 215 22.47 37.03 -30.18
N MET J 216 21.84 36.98 -31.32
CA MET J 216 22.40 37.18 -32.64
C MET J 216 23.59 36.27 -32.93
N ASP J 217 23.77 35.20 -32.18
CA ASP J 217 24.95 34.33 -32.40
C ASP J 217 24.65 32.86 -32.45
N CYS J 218 24.31 32.31 -31.28
CA CYS J 218 23.98 30.89 -31.19
C CYS J 218 22.98 30.61 -30.08
N LEU J 219 22.27 29.51 -30.36
CA LEU J 219 21.25 28.95 -29.44
C LEU J 219 22.03 28.10 -28.44
N ALA J 220 21.32 27.48 -27.54
CA ALA J 220 21.98 26.65 -26.51
C ALA J 220 21.00 25.56 -26.01
N TYR J 221 21.62 24.44 -25.68
CA TYR J 221 20.83 23.30 -25.13
C TYR J 221 21.45 22.96 -23.78
N ARG J 222 20.58 22.47 -22.94
CA ARG J 222 20.96 22.05 -21.58
C ARG J 222 20.89 20.51 -21.52
N PHE J 223 21.91 19.89 -21.03
CA PHE J 223 22.00 18.43 -20.90
C PHE J 223 22.73 18.08 -19.61
N ASP J 224 21.99 17.70 -18.58
CA ASP J 224 22.62 17.31 -17.30
C ASP J 224 22.79 15.79 -17.32
N ILE J 225 23.83 15.33 -16.67
CA ILE J 225 24.16 13.89 -16.64
C ILE J 225 24.21 13.48 -15.19
N VAL J 226 23.65 12.32 -14.96
CA VAL J 226 23.62 11.71 -13.61
C VAL J 226 24.38 10.37 -13.65
N LEU J 227 25.39 10.32 -12.83
CA LEU J 227 26.27 9.17 -12.66
C LEU J 227 25.86 8.46 -11.34
N ARG J 228 26.25 7.23 -11.20
CA ARG J 228 25.89 6.46 -9.99
C ARG J 228 26.22 7.25 -8.73
N GLY J 229 25.33 7.10 -7.76
CA GLY J 229 25.46 7.74 -6.44
C GLY J 229 26.71 7.17 -5.79
N GLN J 230 27.49 8.05 -5.19
CA GLN J 230 28.73 7.67 -4.47
C GLN J 230 28.50 7.86 -2.96
N ARG J 231 28.70 6.82 -2.22
CA ARG J 231 28.50 6.92 -0.75
C ARG J 231 29.80 6.48 -0.10
N LYS J 232 29.89 6.70 1.20
CA LYS J 232 31.07 6.26 1.99
C LYS J 232 30.69 4.82 2.45
N THR J 233 31.68 4.02 2.70
CA THR J 233 31.43 2.65 3.16
C THR J 233 30.88 2.77 4.58
N HIS J 234 30.28 1.72 5.12
CA HIS J 234 29.72 1.79 6.50
C HIS J 234 29.49 0.39 7.03
N PHE J 235 29.91 0.17 8.26
CA PHE J 235 29.79 -1.11 8.95
C PHE J 235 30.24 -2.26 8.04
N GLU J 236 31.24 -2.06 7.24
CA GLU J 236 31.72 -3.10 6.31
C GLU J 236 32.61 -4.20 6.83
N PRO K 1 4.32 12.77 -37.39
CA PRO K 1 4.65 12.27 -38.70
C PRO K 1 3.37 11.85 -39.44
N ILE K 2 3.52 11.67 -40.74
CA ILE K 2 2.36 11.20 -41.53
C ILE K 2 2.28 9.65 -41.35
N GLU K 3 1.11 9.19 -41.12
CA GLU K 3 0.85 7.73 -40.96
C GLU K 3 -0.21 7.35 -41.97
N LEU K 4 0.02 6.24 -42.67
CA LEU K 4 -0.92 5.74 -43.71
C LEU K 4 -1.84 4.67 -43.11
N LEU K 5 -2.74 4.13 -43.95
CA LEU K 5 -3.59 3.01 -43.43
C LEU K 5 -2.52 1.89 -43.18
N PRO K 6 -2.71 1.19 -42.09
CA PRO K 6 -1.79 0.08 -41.77
C PRO K 6 -2.18 -1.13 -42.64
N GLU K 7 -1.09 -1.77 -43.04
CA GLU K 7 -1.12 -2.96 -43.89
C GLU K 7 -1.76 -4.08 -43.08
N THR K 8 -2.55 -4.85 -43.77
CA THR K 8 -3.19 -6.02 -43.12
C THR K 8 -2.10 -6.90 -42.56
N PRO K 9 -2.19 -7.24 -41.27
CA PRO K 9 -1.24 -8.10 -40.62
C PRO K 9 -1.26 -9.50 -41.24
N SER K 10 -0.04 -10.05 -41.33
CA SER K 10 0.20 -11.39 -41.88
C SER K 10 -0.07 -12.41 -40.81
N GLN K 11 -0.29 -13.65 -41.22
CA GLN K 11 -0.56 -14.80 -40.31
C GLN K 11 0.02 -16.05 -41.03
N THR K 12 0.38 -17.03 -40.29
CA THR K 12 0.98 -18.27 -40.84
C THR K 12 0.02 -18.85 -41.88
N ALA K 13 0.62 -19.51 -42.83
CA ALA K 13 -0.15 -20.18 -43.91
C ALA K 13 -0.85 -21.39 -43.26
N GLY K 14 -0.22 -21.95 -42.27
CA GLY K 14 -0.80 -23.12 -41.56
C GLY K 14 -0.39 -24.39 -42.36
N PRO K 15 -0.71 -25.51 -41.75
CA PRO K 15 -0.39 -26.84 -42.30
C PRO K 15 -1.17 -27.23 -43.53
N TYR K 16 -2.39 -26.74 -43.67
CA TYR K 16 -3.24 -27.05 -44.80
C TYR K 16 -3.11 -26.08 -45.94
N VAL K 17 -2.01 -25.33 -46.06
CA VAL K 17 -1.90 -24.36 -47.19
C VAL K 17 -2.12 -25.03 -48.54
N HIS K 18 -1.79 -26.29 -48.59
CA HIS K 18 -1.86 -27.10 -49.85
C HIS K 18 -3.20 -27.04 -50.51
N ILE K 19 -4.24 -27.24 -49.68
CA ILE K 19 -5.61 -27.23 -50.18
C ILE K 19 -5.93 -25.99 -50.95
N GLY K 20 -5.32 -24.86 -50.50
CA GLY K 20 -5.57 -23.61 -51.17
C GLY K 20 -4.63 -23.35 -52.32
N LEU K 21 -3.34 -23.61 -52.13
CA LEU K 21 -2.33 -23.31 -53.11
C LEU K 21 -1.53 -24.42 -53.72
N ALA K 22 -1.77 -25.65 -53.37
CA ALA K 22 -1.02 -26.82 -53.94
C ALA K 22 -2.00 -28.00 -53.92
N LEU K 23 -3.00 -27.84 -54.78
CA LEU K 23 -4.11 -28.80 -54.88
C LEU K 23 -3.59 -30.22 -54.99
N GLU K 24 -2.77 -30.49 -55.99
CA GLU K 24 -2.20 -31.85 -56.12
C GLU K 24 -1.78 -32.38 -54.74
N ALA K 25 -0.87 -31.63 -54.12
CA ALA K 25 -0.30 -31.96 -52.83
C ALA K 25 -1.30 -32.24 -51.75
N ALA K 26 -2.38 -31.47 -51.69
CA ALA K 26 -3.41 -31.69 -50.63
C ALA K 26 -4.10 -33.03 -50.91
N GLY K 27 -3.81 -33.51 -52.11
CA GLY K 27 -4.35 -34.77 -52.63
C GLY K 27 -5.84 -34.53 -53.00
N ASN K 28 -6.06 -33.40 -53.61
CA ASN K 28 -7.37 -32.95 -54.06
C ASN K 28 -7.31 -32.71 -55.57
N PRO K 29 -8.49 -32.87 -56.18
CA PRO K 29 -8.63 -32.64 -57.64
C PRO K 29 -8.24 -31.18 -57.90
N THR K 30 -7.49 -30.98 -58.97
CA THR K 30 -7.07 -29.59 -59.32
C THR K 30 -8.09 -28.98 -60.26
N ARG K 31 -7.90 -27.71 -60.59
CA ARG K 31 -8.85 -27.02 -61.52
C ARG K 31 -8.20 -27.06 -62.89
N ASP K 32 -8.86 -26.49 -63.89
CA ASP K 32 -8.33 -26.44 -65.25
C ASP K 32 -6.90 -25.86 -65.20
N GLN K 33 -6.88 -24.61 -64.73
CA GLN K 33 -5.61 -23.88 -64.61
C GLN K 33 -5.13 -23.83 -63.17
N GLU K 34 -3.84 -24.13 -63.03
CA GLU K 34 -3.16 -24.12 -61.72
C GLU K 34 -1.73 -23.60 -61.93
N ILE K 35 -1.28 -22.80 -60.99
CA ILE K 35 0.08 -22.21 -60.99
C ILE K 35 0.93 -23.22 -60.24
N TRP K 36 1.90 -23.78 -60.97
CA TRP K 36 2.73 -24.82 -60.33
C TRP K 36 4.19 -24.65 -60.53
N ASN K 37 4.98 -25.70 -60.50
CA ASN K 37 6.43 -25.65 -60.56
C ASN K 37 7.14 -25.79 -61.88
N ARG K 38 6.43 -25.62 -62.95
CA ARG K 38 7.07 -25.75 -64.32
C ARG K 38 6.98 -24.38 -64.96
N LEU K 39 7.98 -23.56 -64.78
CA LEU K 39 7.96 -22.20 -65.36
C LEU K 39 8.33 -22.16 -66.86
N ALA K 40 9.13 -23.13 -67.27
CA ALA K 40 9.56 -23.18 -68.68
C ALA K 40 9.08 -24.43 -69.41
N LYS K 41 8.63 -24.15 -70.61
CA LYS K 41 8.19 -25.21 -71.57
C LYS K 41 9.47 -25.54 -72.36
N PRO K 42 9.61 -26.79 -72.72
CA PRO K 42 10.81 -27.28 -73.44
C PRO K 42 11.30 -26.39 -74.51
N ASP K 43 10.41 -25.76 -75.27
CA ASP K 43 10.86 -24.89 -76.39
C ASP K 43 11.09 -23.47 -75.90
N ALA K 44 11.48 -23.41 -74.62
CA ALA K 44 11.77 -22.09 -74.03
C ALA K 44 13.26 -21.82 -74.20
N PRO K 45 13.54 -20.62 -74.64
CA PRO K 45 14.92 -20.14 -74.80
C PRO K 45 15.63 -20.13 -73.45
N GLY K 46 16.92 -20.37 -73.48
CA GLY K 46 17.77 -20.36 -72.27
C GLY K 46 18.15 -21.77 -71.87
N GLU K 47 18.96 -21.87 -70.83
CA GLU K 47 19.42 -23.13 -70.29
C GLU K 47 18.48 -23.71 -69.24
N HIS K 48 17.66 -24.65 -69.68
CA HIS K 48 16.70 -25.32 -68.78
C HIS K 48 17.54 -25.99 -67.69
N ILE K 49 16.99 -26.03 -66.52
CA ILE K 49 17.65 -26.61 -65.32
C ILE K 49 16.53 -27.07 -64.38
N LEU K 50 16.94 -27.86 -63.44
CA LEU K 50 16.11 -28.45 -62.41
C LEU K 50 16.65 -27.96 -61.04
N LEU K 51 15.77 -27.25 -60.37
CA LEU K 51 16.15 -26.75 -59.00
C LEU K 51 15.47 -27.71 -58.02
N LEU K 52 16.21 -27.97 -56.95
CA LEU K 52 15.63 -28.83 -55.90
C LEU K 52 16.29 -28.49 -54.58
N GLY K 53 15.56 -28.85 -53.51
CA GLY K 53 16.14 -28.61 -52.17
C GLY K 53 15.14 -29.05 -51.10
N GLN K 54 15.67 -28.99 -49.91
CA GLN K 54 14.95 -29.27 -48.64
C GLN K 54 15.07 -28.02 -47.75
N VAL K 55 14.19 -28.00 -46.79
CA VAL K 55 14.07 -26.94 -45.76
C VAL K 55 14.21 -27.55 -44.38
N TYR K 56 15.12 -27.03 -43.59
CA TYR K 56 15.41 -27.45 -42.24
C TYR K 56 14.99 -26.37 -41.22
N ASP K 57 14.58 -26.93 -40.09
CA ASP K 57 14.12 -26.10 -38.96
C ASP K 57 15.38 -25.93 -38.08
N GLY K 58 15.23 -25.26 -36.98
CA GLY K 58 16.31 -25.01 -36.04
C GLY K 58 16.85 -26.26 -35.43
N ASN K 59 16.12 -27.37 -35.49
CA ASN K 59 16.62 -28.63 -34.89
C ASN K 59 17.31 -29.47 -35.98
N GLY K 60 17.26 -28.98 -37.20
CA GLY K 60 17.86 -29.69 -38.33
C GLY K 60 16.90 -30.76 -38.86
N HIS K 61 15.63 -30.61 -38.54
CA HIS K 61 14.56 -31.51 -38.97
C HIS K 61 13.90 -30.89 -40.19
N LEU K 62 13.49 -31.72 -41.10
CA LEU K 62 12.88 -31.35 -42.37
C LEU K 62 11.50 -30.72 -42.11
N VAL K 63 11.23 -29.72 -42.89
CA VAL K 63 9.95 -29.00 -42.89
C VAL K 63 9.20 -29.58 -44.08
N ARG K 64 8.32 -30.49 -43.79
CA ARG K 64 7.53 -31.18 -44.82
C ARG K 64 6.30 -30.51 -45.29
N ASP K 65 5.91 -29.41 -44.66
CA ASP K 65 4.68 -28.67 -45.03
C ASP K 65 5.00 -27.33 -45.64
N SER K 66 6.25 -27.16 -46.06
CA SER K 66 6.60 -25.84 -46.64
C SER K 66 6.01 -25.61 -48.01
N PHE K 67 5.83 -24.36 -48.36
CA PHE K 67 5.28 -23.82 -49.60
C PHE K 67 6.19 -22.69 -50.04
N LEU K 68 6.59 -22.64 -51.30
CA LEU K 68 7.50 -21.65 -51.85
C LEU K 68 6.91 -21.02 -53.10
N GLU K 69 7.24 -19.76 -53.28
CA GLU K 69 6.82 -18.99 -54.45
C GLU K 69 8.13 -18.41 -55.00
N VAL K 70 8.23 -18.45 -56.31
CA VAL K 70 9.49 -17.98 -56.96
C VAL K 70 9.12 -16.94 -58.00
N TRP K 71 10.09 -16.08 -58.21
CA TRP K 71 9.99 -14.97 -59.17
C TRP K 71 11.38 -14.79 -59.80
N GLN K 72 11.39 -14.91 -61.14
CA GLN K 72 12.66 -14.74 -61.84
C GLN K 72 12.52 -14.11 -63.21
N ALA K 73 13.67 -13.66 -63.68
CA ALA K 73 13.78 -13.10 -65.05
C ALA K 73 13.96 -14.37 -65.97
N ASP K 74 13.59 -14.12 -67.23
CA ASP K 74 13.78 -15.19 -68.25
C ASP K 74 15.29 -15.16 -68.55
N ALA K 75 15.61 -15.82 -69.68
CA ALA K 75 17.01 -15.93 -70.10
C ALA K 75 17.57 -14.58 -70.55
N ASN K 76 16.71 -13.71 -71.04
CA ASN K 76 17.16 -12.38 -71.50
C ASN K 76 17.27 -11.40 -70.36
N GLY K 77 17.09 -11.89 -69.14
CA GLY K 77 17.16 -11.06 -67.92
C GLY K 77 15.89 -10.20 -67.90
N GLU K 78 14.79 -10.78 -68.35
CA GLU K 78 13.51 -10.04 -68.39
C GLU K 78 12.41 -10.71 -67.59
N TYR K 79 11.65 -9.87 -66.89
CA TYR K 79 10.53 -10.36 -66.06
C TYR K 79 9.23 -10.36 -66.88
N GLN K 80 8.72 -11.61 -66.91
CA GLN K 80 7.44 -11.87 -67.64
C GLN K 80 6.31 -11.85 -66.64
N ASP K 81 5.62 -10.72 -66.57
CA ASP K 81 4.52 -10.64 -65.57
C ASP K 81 3.19 -11.16 -66.05
N ALA K 82 2.96 -11.14 -67.36
CA ALA K 82 1.67 -11.63 -67.89
C ALA K 82 1.66 -13.13 -67.77
N TYR K 83 1.17 -13.60 -66.61
CA TYR K 83 1.13 -15.06 -66.36
C TYR K 83 0.10 -15.70 -67.27
N ASN K 84 0.52 -16.72 -67.97
CA ASN K 84 -0.32 -17.48 -68.92
C ASN K 84 0.33 -18.86 -69.10
N LEU K 85 -0.51 -19.87 -69.01
CA LEU K 85 -0.09 -21.27 -69.16
C LEU K 85 0.40 -21.58 -70.58
N GLU K 86 -0.18 -20.84 -71.52
CA GLU K 86 0.18 -20.97 -72.93
C GLU K 86 1.65 -20.60 -73.11
N ASN K 87 2.08 -19.61 -72.39
CA ASN K 87 3.43 -19.07 -72.37
C ASN K 87 4.46 -20.19 -72.40
N ALA K 88 5.55 -19.86 -73.08
CA ALA K 88 6.69 -20.82 -73.20
C ALA K 88 7.45 -20.77 -71.86
N PHE K 89 7.36 -19.57 -71.28
CA PHE K 89 8.01 -19.29 -69.99
C PHE K 89 7.18 -18.28 -69.18
N ASN K 90 7.16 -18.57 -67.88
CA ASN K 90 6.47 -17.69 -66.90
C ASN K 90 7.54 -17.42 -65.80
N SER K 91 7.61 -16.16 -65.41
CA SER K 91 8.56 -15.66 -64.40
C SER K 91 8.20 -16.05 -62.98
N PHE K 92 6.93 -16.41 -62.82
CA PHE K 92 6.39 -16.84 -61.50
C PHE K 92 6.08 -18.32 -61.49
N GLY K 93 6.14 -18.91 -60.32
CA GLY K 93 5.84 -20.31 -60.03
C GLY K 93 5.60 -20.58 -58.54
N ARG K 94 5.24 -21.83 -58.26
CA ARG K 94 4.98 -22.35 -56.94
C ARG K 94 5.40 -23.81 -56.83
N THR K 95 5.89 -24.12 -55.62
CA THR K 95 6.33 -25.48 -55.30
C THR K 95 6.13 -25.73 -53.81
N ALA K 96 6.18 -26.98 -53.43
CA ALA K 96 5.99 -27.40 -52.04
C ALA K 96 6.90 -28.61 -51.79
N THR K 97 7.14 -28.88 -50.50
CA THR K 97 7.97 -30.02 -50.13
C THR K 97 7.06 -31.22 -49.88
N THR K 98 7.57 -32.37 -50.34
CA THR K 98 6.90 -33.67 -50.18
C THR K 98 6.75 -33.98 -48.68
N PHE K 99 5.58 -34.51 -48.38
CA PHE K 99 5.27 -34.91 -46.99
C PHE K 99 6.19 -36.07 -46.62
N ASP K 100 6.73 -36.74 -47.60
CA ASP K 100 7.66 -37.89 -47.37
C ASP K 100 9.11 -37.46 -47.54
N ALA K 101 9.56 -37.36 -48.78
CA ALA K 101 10.96 -36.96 -49.10
C ALA K 101 11.27 -35.59 -48.49
N GLY K 102 10.26 -34.72 -48.54
CA GLY K 102 10.42 -33.36 -48.01
C GLY K 102 11.30 -32.55 -48.98
N GLU K 103 11.16 -32.82 -50.26
CA GLU K 103 11.98 -32.06 -51.26
C GLU K 103 11.03 -31.36 -52.20
N TRP K 104 11.46 -30.18 -52.61
CA TRP K 104 10.66 -29.40 -53.58
C TRP K 104 11.54 -29.42 -54.85
N THR K 105 10.87 -29.26 -55.95
CA THR K 105 11.48 -29.24 -57.26
C THR K 105 10.78 -28.18 -58.11
N LEU K 106 11.61 -27.64 -58.95
CA LEU K 106 11.11 -26.56 -59.88
C LEU K 106 11.79 -26.87 -61.22
N HIS K 107 11.04 -26.58 -62.26
CA HIS K 107 11.52 -26.79 -63.65
C HIS K 107 11.52 -25.42 -64.33
N THR K 108 12.67 -24.91 -64.68
CA THR K 108 12.75 -23.58 -65.32
C THR K 108 14.04 -23.44 -66.15
N VAL K 109 14.41 -22.20 -66.37
CA VAL K 109 15.62 -21.80 -67.05
C VAL K 109 16.41 -20.80 -66.18
N LYS K 110 17.72 -20.91 -66.31
CA LYS K 110 18.64 -19.98 -65.59
C LYS K 110 18.31 -18.55 -66.07
N PRO K 111 18.05 -17.67 -65.11
CA PRO K 111 17.67 -16.29 -65.39
C PRO K 111 18.82 -15.44 -65.90
N GLY K 112 18.43 -14.50 -66.75
CA GLY K 112 19.44 -13.55 -67.31
C GLY K 112 19.69 -12.54 -66.17
N VAL K 113 20.64 -11.68 -66.36
CA VAL K 113 21.07 -10.64 -65.43
C VAL K 113 20.20 -9.42 -65.55
N VAL K 114 19.83 -8.83 -64.43
CA VAL K 114 19.03 -7.59 -64.41
C VAL K 114 19.85 -6.63 -63.53
N ASN K 115 19.68 -5.35 -63.69
CA ASN K 115 20.44 -4.38 -62.88
C ASN K 115 19.56 -3.87 -61.72
N ASN K 116 20.27 -3.34 -60.75
CA ASN K 116 19.56 -2.75 -59.59
C ASN K 116 19.08 -1.35 -60.07
N ALA K 117 18.49 -0.67 -59.13
CA ALA K 117 17.92 0.66 -59.33
C ALA K 117 19.03 1.60 -59.76
N ALA K 118 20.21 1.41 -59.22
CA ALA K 118 21.38 2.24 -59.56
C ALA K 118 21.96 1.89 -60.92
N GLY K 119 21.40 0.88 -61.58
CA GLY K 119 21.94 0.48 -62.89
C GLY K 119 23.08 -0.50 -62.82
N VAL K 120 23.40 -1.00 -61.65
CA VAL K 120 24.48 -1.99 -61.48
C VAL K 120 23.88 -3.39 -61.58
N PRO K 121 24.44 -4.20 -62.47
CA PRO K 121 23.99 -5.55 -62.70
C PRO K 121 24.12 -6.44 -61.46
N MET K 122 23.05 -7.23 -61.35
CA MET K 122 22.98 -8.22 -60.18
C MET K 122 23.29 -9.57 -60.77
N ALA K 123 23.91 -10.43 -59.98
CA ALA K 123 24.22 -11.81 -60.52
C ALA K 123 22.88 -12.49 -60.74
N PRO K 124 22.84 -13.42 -61.67
CA PRO K 124 21.57 -14.15 -61.94
C PRO K 124 21.09 -14.70 -60.57
N HIS K 125 19.79 -14.51 -60.34
CA HIS K 125 19.21 -15.00 -59.04
C HIS K 125 17.71 -15.24 -59.23
N ILE K 126 17.23 -16.03 -58.28
CA ILE K 126 15.81 -16.40 -58.16
C ILE K 126 15.29 -15.93 -56.79
N ASN K 127 14.25 -15.12 -56.90
CA ASN K 127 13.62 -14.62 -55.64
C ASN K 127 12.69 -15.71 -55.09
N ILE K 128 12.89 -16.04 -53.84
CA ILE K 128 12.04 -17.02 -53.17
C ILE K 128 11.34 -16.48 -51.91
N SER K 129 10.11 -16.94 -51.73
CA SER K 129 9.27 -16.63 -50.53
C SER K 129 8.87 -17.96 -49.88
N LEU K 130 9.21 -18.11 -48.62
CA LEU K 130 8.87 -19.35 -47.89
C LEU K 130 7.69 -19.17 -46.96
N PHE K 131 6.75 -20.10 -47.06
CA PHE K 131 5.55 -20.16 -46.24
C PHE K 131 5.44 -21.53 -45.57
N ALA K 132 4.83 -21.46 -44.39
CA ALA K 132 4.59 -22.67 -43.60
C ALA K 132 4.05 -22.37 -42.21
N ARG K 133 3.45 -23.46 -41.72
CA ARG K 133 2.99 -23.47 -40.33
C ARG K 133 4.22 -23.14 -39.50
N GLY K 134 4.04 -22.26 -38.50
CA GLY K 134 5.12 -21.86 -37.65
C GLY K 134 5.83 -20.60 -38.19
N ILE K 135 5.47 -20.17 -39.36
CA ILE K 135 6.10 -18.95 -39.97
C ILE K 135 4.94 -17.94 -40.01
N ASN K 136 5.04 -17.01 -39.04
CA ASN K 136 4.01 -15.94 -38.90
C ASN K 136 3.96 -15.00 -40.09
N ILE K 137 5.14 -14.66 -40.57
CA ILE K 137 5.30 -13.80 -41.78
C ILE K 137 6.37 -14.47 -42.64
N HIS K 138 6.09 -14.56 -43.92
CA HIS K 138 6.93 -15.23 -44.88
C HIS K 138 8.34 -14.67 -45.02
N LEU K 139 9.23 -15.64 -45.26
CA LEU K 139 10.65 -15.38 -45.42
C LEU K 139 11.01 -15.22 -46.90
N HIS K 140 11.77 -14.20 -47.15
CA HIS K 140 12.35 -13.76 -48.41
C HIS K 140 13.86 -14.11 -48.46
N THR K 141 14.16 -14.80 -49.55
CA THR K 141 15.57 -15.20 -49.83
C THR K 141 15.74 -15.10 -51.34
N ARG K 142 16.93 -15.33 -51.79
CA ARG K 142 17.25 -15.29 -53.24
C ARG K 142 18.15 -16.51 -53.54
N LEU K 143 17.97 -17.10 -54.70
CA LEU K 143 18.91 -18.24 -55.04
C LEU K 143 19.91 -17.72 -56.10
N TYR K 144 21.15 -18.05 -55.90
CA TYR K 144 22.30 -17.77 -56.73
C TYR K 144 22.87 -19.14 -57.17
N PHE K 145 23.66 -19.06 -58.23
CA PHE K 145 24.29 -20.28 -58.85
C PHE K 145 25.76 -20.36 -58.58
N ASP K 146 26.24 -21.54 -58.21
CA ASP K 146 27.67 -21.72 -57.90
C ASP K 146 28.56 -21.51 -59.14
N ASP K 147 27.98 -21.66 -60.32
CA ASP K 147 28.80 -21.49 -61.54
C ASP K 147 28.76 -20.05 -61.99
N GLU K 148 28.50 -19.14 -61.07
CA GLU K 148 28.44 -17.71 -61.51
C GLU K 148 29.26 -16.84 -60.59
N ALA K 149 30.28 -17.46 -60.03
CA ALA K 149 31.23 -16.89 -59.09
C ALA K 149 31.66 -15.45 -59.42
N GLN K 150 32.02 -15.23 -60.67
CA GLN K 150 32.48 -13.89 -61.08
C GLN K 150 31.38 -12.87 -60.77
N ALA K 151 30.25 -13.14 -61.36
CA ALA K 151 29.04 -12.28 -61.19
C ALA K 151 28.70 -12.14 -59.72
N ASN K 152 28.63 -13.25 -59.02
CA ASN K 152 28.31 -13.27 -57.58
C ASN K 152 29.25 -12.36 -56.80
N ALA K 153 30.51 -12.46 -57.19
CA ALA K 153 31.59 -11.70 -56.57
C ALA K 153 31.27 -10.21 -56.58
N LYS K 154 30.57 -9.83 -57.64
CA LYS K 154 30.22 -8.40 -57.81
C LYS K 154 28.81 -8.03 -57.59
N CYS K 155 27.97 -8.91 -57.06
CA CYS K 155 26.55 -8.57 -56.86
C CYS K 155 26.38 -7.48 -55.81
N PRO K 156 25.65 -6.45 -56.21
CA PRO K 156 25.35 -5.31 -55.30
C PRO K 156 24.56 -5.81 -54.11
N VAL K 157 23.75 -6.85 -54.36
CA VAL K 157 22.91 -7.42 -53.29
C VAL K 157 23.68 -8.29 -52.34
N LEU K 158 24.38 -9.25 -52.88
CA LEU K 158 25.20 -10.21 -52.11
C LEU K 158 26.26 -9.45 -51.35
N ASN K 159 26.69 -8.30 -51.87
CA ASN K 159 27.69 -7.47 -51.18
C ASN K 159 27.11 -6.75 -49.97
N LEU K 160 25.79 -6.62 -49.91
CA LEU K 160 25.14 -5.99 -48.77
C LEU K 160 25.31 -6.87 -47.54
N ILE K 161 25.51 -8.15 -47.73
CA ILE K 161 25.69 -9.05 -46.56
C ILE K 161 27.06 -8.84 -45.93
N GLU K 162 27.04 -8.31 -44.69
CA GLU K 162 28.24 -8.02 -43.95
C GLU K 162 29.29 -9.09 -43.96
N GLN K 163 28.96 -10.23 -43.38
CA GLN K 163 29.84 -11.38 -43.27
C GLN K 163 29.76 -12.26 -44.50
N PRO K 164 30.91 -12.41 -45.15
CA PRO K 164 31.04 -13.25 -46.35
C PRO K 164 30.53 -14.67 -46.15
N GLN K 165 30.83 -15.26 -45.02
CA GLN K 165 30.40 -16.62 -44.71
C GLN K 165 28.91 -16.79 -44.98
N ARG K 166 28.13 -15.77 -44.61
CA ARG K 166 26.67 -15.83 -44.74
C ARG K 166 26.24 -15.82 -46.19
N ARG K 167 27.04 -15.20 -47.03
CA ARG K 167 26.76 -15.08 -48.46
C ARG K 167 26.62 -16.44 -49.15
N GLU K 168 27.45 -17.35 -48.72
CA GLU K 168 27.52 -18.70 -49.25
C GLU K 168 26.25 -19.47 -49.00
N THR K 169 25.51 -19.03 -47.97
CA THR K 169 24.23 -19.66 -47.66
C THR K 169 23.28 -19.44 -48.84
N LEU K 170 23.59 -18.46 -49.69
CA LEU K 170 22.80 -18.13 -50.84
C LEU K 170 23.13 -18.83 -52.13
N ILE K 171 24.24 -19.54 -52.22
CA ILE K 171 24.65 -20.21 -53.46
C ILE K 171 24.21 -21.64 -53.66
N ALA K 172 23.46 -21.85 -54.73
CA ALA K 172 23.00 -23.22 -55.05
C ALA K 172 24.18 -24.00 -55.66
N LYS K 173 24.28 -25.24 -55.24
CA LYS K 173 25.31 -26.18 -55.66
C LYS K 173 24.87 -27.00 -56.87
N ARG K 174 25.49 -26.67 -57.98
CA ARG K 174 25.25 -27.31 -59.28
C ARG K 174 25.56 -28.82 -59.19
N CYS K 175 24.69 -29.56 -59.81
CA CYS K 175 24.76 -31.03 -59.88
C CYS K 175 24.04 -31.46 -61.17
N GLU K 176 23.90 -32.77 -61.29
CA GLU K 176 23.21 -33.32 -62.48
C GLU K 176 22.16 -34.32 -62.02
N VAL K 177 21.05 -34.31 -62.74
CA VAL K 177 19.93 -35.23 -62.42
C VAL K 177 19.43 -35.83 -63.72
N ASP K 178 19.65 -37.15 -63.80
CA ASP K 178 19.24 -37.89 -65.03
C ASP K 178 19.95 -37.19 -66.20
N GLY K 179 21.23 -36.88 -65.97
CA GLY K 179 22.02 -36.21 -67.01
C GLY K 179 21.54 -34.80 -67.31
N LYS K 180 20.69 -34.26 -66.42
CA LYS K 180 20.20 -32.89 -66.61
C LYS K 180 20.88 -31.98 -65.57
N THR K 181 21.09 -30.74 -65.98
CA THR K 181 21.70 -29.74 -65.08
C THR K 181 20.62 -29.40 -64.00
N ALA K 182 21.07 -29.63 -62.79
CA ALA K 182 20.28 -29.40 -61.57
C ALA K 182 21.11 -28.53 -60.64
N TYR K 183 20.42 -27.89 -59.71
CA TYR K 183 21.09 -27.05 -58.69
C TYR K 183 20.35 -27.32 -57.37
N ARG K 184 21.10 -27.64 -56.35
CA ARG K 184 20.51 -27.92 -55.04
C ARG K 184 20.59 -26.69 -54.12
N PHE K 185 19.42 -26.37 -53.59
CA PHE K 185 19.29 -25.20 -52.69
C PHE K 185 18.48 -25.55 -51.41
N ASP K 186 19.23 -25.75 -50.38
CA ASP K 186 18.78 -26.09 -49.04
C ASP K 186 18.68 -24.78 -48.22
N ILE K 187 17.51 -24.67 -47.59
CA ILE K 187 17.20 -23.52 -46.74
C ILE K 187 17.23 -23.98 -45.28
N ARG K 188 18.03 -23.28 -44.52
CA ARG K 188 18.10 -23.57 -43.03
C ARG K 188 17.46 -22.34 -42.37
N ILE K 189 16.28 -22.59 -41.75
CA ILE K 189 15.50 -21.52 -41.15
C ILE K 189 16.22 -20.92 -39.95
N GLN K 190 16.93 -21.79 -39.27
CA GLN K 190 17.62 -21.32 -38.03
C GLN K 190 18.85 -22.11 -37.69
N GLY K 191 19.72 -21.50 -36.94
CA GLY K 191 20.92 -22.15 -36.43
C GLY K 191 22.08 -22.14 -37.37
N GLU K 192 22.88 -23.21 -37.25
CA GLU K 192 24.09 -23.41 -38.07
C GLU K 192 23.76 -23.27 -39.55
N GLY K 193 24.52 -22.42 -40.24
CA GLY K 193 24.31 -22.18 -41.64
C GLY K 193 22.99 -21.52 -41.95
N GLU K 194 22.41 -20.79 -40.98
CA GLU K 194 21.10 -20.17 -41.24
C GLU K 194 21.20 -19.37 -42.54
N THR K 195 20.16 -19.54 -43.34
CA THR K 195 20.11 -18.82 -44.62
C THR K 195 19.79 -17.32 -44.43
N VAL K 196 20.45 -16.52 -45.28
CA VAL K 196 20.18 -15.07 -45.25
C VAL K 196 18.71 -14.91 -45.73
N PHE K 197 18.05 -14.07 -44.94
CA PHE K 197 16.63 -13.69 -45.24
C PHE K 197 16.66 -12.14 -45.32
N PHE K 198 15.92 -11.65 -46.24
CA PHE K 198 15.84 -10.27 -46.59
C PHE K 198 14.52 -9.59 -46.20
N ASP K 199 14.75 -8.28 -46.09
CA ASP K 199 13.63 -7.35 -45.79
C ASP K 199 13.75 -6.30 -46.89
N PHE K 200 12.65 -6.00 -47.52
CA PHE K 200 12.68 -4.95 -48.57
C PHE K 200 11.26 -4.36 -48.66
N PRO L 1 8.06 -6.81 -71.07
CA PRO L 1 8.29 -7.34 -69.70
C PRO L 1 8.01 -6.26 -68.68
N ALA L 2 8.21 -6.62 -67.40
CA ALA L 2 7.92 -5.65 -66.29
C ALA L 2 9.03 -4.61 -66.17
N GLN L 3 8.66 -3.49 -65.56
CA GLN L 3 9.59 -2.36 -65.33
C GLN L 3 9.58 -1.90 -63.87
N ASP L 4 10.73 -1.37 -63.47
CA ASP L 4 10.91 -0.84 -62.11
C ASP L 4 10.41 0.60 -62.05
N ASN L 5 9.08 0.75 -61.86
CA ASN L 5 8.61 2.17 -61.82
C ASN L 5 8.10 2.57 -60.47
N SER L 6 7.89 1.59 -59.61
CA SER L 6 7.34 1.91 -58.27
C SER L 6 8.28 1.56 -57.14
N ARG L 7 7.89 2.07 -55.99
CA ARG L 7 8.54 1.82 -54.70
C ARG L 7 7.35 1.49 -53.76
N PHE L 8 7.62 0.64 -52.79
CA PHE L 8 6.62 0.19 -51.83
C PHE L 8 7.01 0.61 -50.44
N VAL L 9 6.06 1.21 -49.76
CA VAL L 9 6.30 1.67 -48.36
C VAL L 9 6.89 0.50 -47.59
N ILE L 10 7.91 0.73 -46.81
CA ILE L 10 8.57 -0.27 -45.99
C ILE L 10 7.55 -0.88 -45.02
N ARG L 11 7.77 -2.20 -44.83
CA ARG L 11 6.88 -2.93 -43.91
C ARG L 11 7.25 -2.55 -42.49
N ASP L 12 6.21 -2.44 -41.69
CA ASP L 12 6.30 -2.16 -40.26
C ASP L 12 6.20 -3.57 -39.61
N ARG L 13 7.27 -4.10 -39.21
CA ARG L 13 7.54 -5.34 -38.60
C ARG L 13 7.26 -5.49 -37.13
N ASN L 14 6.65 -4.43 -36.55
CA ASN L 14 6.16 -4.46 -35.15
C ASN L 14 4.63 -4.51 -35.27
N TRP L 15 4.15 -4.24 -36.47
CA TRP L 15 2.68 -4.24 -36.70
C TRP L 15 2.32 -5.73 -36.90
N HIS L 16 3.04 -6.28 -37.85
CA HIS L 16 2.98 -7.70 -38.22
C HIS L 16 3.52 -8.44 -36.99
N PRO L 17 3.18 -9.73 -36.91
CA PRO L 17 3.65 -10.56 -35.78
C PRO L 17 5.18 -10.77 -36.06
N LYS L 18 5.87 -10.95 -34.99
CA LYS L 18 7.31 -11.25 -35.04
C LYS L 18 7.40 -12.75 -35.40
N ALA L 19 8.58 -13.14 -35.77
CA ALA L 19 8.91 -14.50 -36.18
C ALA L 19 8.83 -15.40 -34.94
N LEU L 20 9.39 -14.92 -33.82
CA LEU L 20 9.39 -15.78 -32.62
C LEU L 20 8.28 -15.40 -31.66
N THR L 21 7.24 -16.22 -31.65
CA THR L 21 6.11 -15.99 -30.71
C THR L 21 5.87 -17.33 -30.01
N PRO L 22 6.69 -17.58 -29.00
CA PRO L 22 6.69 -18.82 -28.26
C PRO L 22 5.39 -19.48 -27.92
N ASP L 23 4.34 -18.77 -27.64
CA ASP L 23 3.04 -19.42 -27.30
C ASP L 23 2.57 -20.26 -28.47
N TYR L 24 3.03 -19.81 -29.64
CA TYR L 24 2.72 -20.52 -30.93
C TYR L 24 3.96 -21.44 -31.07
N LYS L 25 3.90 -22.57 -30.43
CA LYS L 25 4.96 -23.55 -30.35
C LYS L 25 5.85 -23.80 -31.54
N THR L 26 5.25 -23.96 -32.70
CA THR L 26 6.00 -24.25 -33.93
C THR L 26 6.93 -23.08 -34.32
N SER L 27 6.49 -21.87 -34.00
CA SER L 27 7.33 -20.69 -34.34
C SER L 27 8.73 -20.82 -33.72
N ILE L 28 8.84 -21.53 -32.60
CA ILE L 28 10.15 -21.65 -31.95
C ILE L 28 11.28 -22.12 -32.85
N ALA L 29 11.08 -23.25 -33.52
CA ALA L 29 12.11 -23.85 -34.40
C ALA L 29 12.04 -23.35 -35.82
N ARG L 30 10.96 -22.65 -36.16
CA ARG L 30 10.82 -22.13 -37.52
C ARG L 30 11.00 -20.64 -37.69
N SER L 31 11.78 -20.04 -36.81
CA SER L 31 12.01 -18.56 -36.89
C SER L 31 13.52 -18.37 -36.89
N PRO L 32 13.97 -17.44 -37.72
CA PRO L 32 15.41 -17.16 -37.84
C PRO L 32 15.98 -16.67 -36.54
N ARG L 33 17.27 -16.85 -36.31
CA ARG L 33 17.92 -16.34 -35.11
C ARG L 33 18.80 -15.14 -35.50
N GLN L 34 19.04 -14.95 -36.77
CA GLN L 34 19.81 -13.80 -37.30
C GLN L 34 18.83 -12.71 -37.69
N ALA L 35 19.28 -11.48 -37.77
CA ALA L 35 18.40 -10.37 -38.21
C ALA L 35 18.24 -10.49 -39.72
N LEU L 36 17.12 -10.06 -40.19
CA LEU L 36 16.85 -10.05 -41.66
C LEU L 36 17.88 -9.03 -42.24
N VAL L 37 18.24 -9.21 -43.49
CA VAL L 37 19.17 -8.23 -44.11
C VAL L 37 18.33 -7.28 -44.94
N SER L 38 18.31 -5.97 -44.63
CA SER L 38 17.51 -5.05 -45.44
C SER L 38 18.27 -4.80 -46.77
N ILE L 39 17.48 -4.68 -47.85
CA ILE L 39 18.15 -4.43 -49.16
C ILE L 39 17.23 -3.42 -49.88
N PRO L 40 17.90 -2.64 -50.73
CA PRO L 40 17.16 -1.61 -51.50
C PRO L 40 16.20 -2.36 -52.43
N GLN L 41 15.19 -1.69 -52.88
CA GLN L 41 14.19 -2.25 -53.80
C GLN L 41 14.74 -2.13 -55.25
N SER L 42 14.63 -3.25 -55.96
CA SER L 42 15.05 -3.25 -57.39
C SER L 42 13.90 -3.90 -58.16
N ILE L 43 14.00 -4.07 -59.42
CA ILE L 43 13.01 -4.68 -60.34
C ILE L 43 12.64 -6.09 -59.88
N SER L 44 13.63 -6.75 -59.29
CA SER L 44 13.40 -8.09 -58.74
C SER L 44 12.23 -8.03 -57.72
N GLU L 45 12.31 -7.05 -56.80
CA GLU L 45 11.32 -6.87 -55.76
C GLU L 45 10.08 -6.07 -56.04
N THR L 46 10.07 -5.17 -56.98
CA THR L 46 8.97 -4.29 -57.29
C THR L 46 8.05 -4.73 -58.42
N THR L 47 8.24 -5.90 -58.94
CA THR L 47 7.39 -6.46 -60.00
C THR L 47 6.86 -7.79 -59.40
N GLY L 48 5.88 -8.31 -60.07
CA GLY L 48 5.26 -9.58 -59.75
C GLY L 48 4.31 -9.94 -60.88
N PRO L 49 3.82 -11.17 -60.79
CA PRO L 49 2.89 -11.74 -61.77
C PRO L 49 1.56 -10.99 -61.73
N ASN L 50 0.97 -10.93 -62.91
CA ASN L 50 -0.32 -10.35 -63.19
C ASN L 50 -1.14 -11.58 -63.71
N PHE L 51 -2.15 -11.91 -62.94
CA PHE L 51 -2.99 -13.08 -63.22
C PHE L 51 -4.20 -12.79 -64.05
N SER L 52 -4.20 -11.66 -64.74
CA SER L 52 -5.29 -11.27 -65.61
C SER L 52 -5.71 -12.34 -66.61
N HIS L 53 -4.74 -13.00 -67.17
CA HIS L 53 -5.04 -14.05 -68.17
C HIS L 53 -5.15 -15.44 -67.60
N LEU L 54 -5.26 -15.58 -66.29
CA LEU L 54 -5.42 -16.96 -65.76
C LEU L 54 -6.84 -17.38 -66.16
N GLY L 55 -6.98 -18.68 -66.44
CA GLY L 55 -8.31 -19.16 -66.89
C GLY L 55 -9.17 -19.63 -65.75
N PHE L 56 -10.00 -18.74 -65.22
CA PHE L 56 -10.88 -19.04 -64.09
C PHE L 56 -12.18 -19.76 -64.48
N GLY L 57 -12.41 -20.84 -63.73
CA GLY L 57 -13.67 -21.60 -63.91
C GLY L 57 -14.79 -20.63 -63.46
N ALA L 58 -15.98 -20.94 -63.88
CA ALA L 58 -17.18 -20.16 -63.55
C ALA L 58 -17.52 -20.17 -62.07
N HIS L 59 -17.14 -21.21 -61.38
CA HIS L 59 -17.47 -21.33 -59.96
C HIS L 59 -16.29 -21.24 -59.03
N ASP L 60 -15.17 -20.76 -59.56
CA ASP L 60 -13.94 -20.65 -58.81
C ASP L 60 -14.05 -20.03 -57.43
N HIS L 61 -14.89 -19.04 -57.30
CA HIS L 61 -15.10 -18.29 -56.07
C HIS L 61 -16.39 -18.71 -55.35
N ASP L 62 -17.00 -19.77 -55.83
CA ASP L 62 -18.27 -20.23 -55.21
C ASP L 62 -18.12 -21.59 -54.58
N LEU L 63 -17.72 -21.62 -53.32
CA LEU L 63 -17.53 -22.84 -52.55
C LEU L 63 -18.78 -23.70 -52.38
N LEU L 64 -19.93 -23.14 -52.64
CA LEU L 64 -21.18 -23.87 -52.53
C LEU L 64 -21.37 -24.80 -53.74
N LEU L 65 -20.80 -24.44 -54.89
CA LEU L 65 -20.94 -25.21 -56.11
C LEU L 65 -19.67 -25.78 -56.70
N ASN L 66 -18.51 -25.30 -56.29
CA ASN L 66 -17.25 -25.72 -56.91
C ASN L 66 -16.69 -27.04 -56.53
N PHE L 67 -17.34 -27.80 -55.65
CA PHE L 67 -16.73 -29.08 -55.26
C PHE L 67 -17.49 -30.19 -56.04
N GLY L 71 -24.76 -32.38 -53.91
CA GLY L 71 -25.69 -31.35 -53.51
C GLY L 71 -24.98 -30.11 -52.93
N LEU L 72 -25.58 -29.62 -51.90
CA LEU L 72 -25.15 -28.43 -51.14
C LEU L 72 -24.47 -28.77 -49.86
N PRO L 73 -23.45 -27.99 -49.55
CA PRO L 73 -22.73 -28.16 -48.26
C PRO L 73 -23.74 -27.82 -47.14
N ILE L 74 -23.55 -28.45 -46.04
CA ILE L 74 -24.34 -28.20 -44.81
C ILE L 74 -23.56 -27.08 -44.08
N GLY L 75 -24.26 -26.17 -43.46
CA GLY L 75 -23.47 -25.08 -42.77
C GLY L 75 -24.10 -23.75 -43.16
N GLU L 76 -23.73 -22.71 -42.42
CA GLU L 76 -24.27 -21.34 -42.60
C GLU L 76 -23.70 -20.69 -43.86
N ARG L 77 -24.62 -20.41 -44.75
CA ARG L 77 -24.36 -19.83 -46.05
C ARG L 77 -24.03 -18.32 -45.86
N ILE L 78 -22.87 -17.92 -46.27
CA ILE L 78 -22.40 -16.55 -46.20
C ILE L 78 -21.62 -16.15 -47.46
N ILE L 79 -21.65 -14.86 -47.69
CA ILE L 79 -20.90 -14.20 -48.74
C ILE L 79 -19.69 -13.53 -48.05
N VAL L 80 -18.50 -13.80 -48.53
CA VAL L 80 -17.30 -13.09 -47.98
C VAL L 80 -16.92 -12.08 -49.08
N ALA L 81 -17.12 -10.83 -48.80
CA ALA L 81 -16.79 -9.78 -49.81
C ALA L 81 -15.99 -8.67 -49.19
N GLY L 82 -15.39 -7.83 -50.06
CA GLY L 82 -14.58 -6.71 -49.60
C GLY L 82 -13.73 -6.17 -50.76
N ARG L 83 -12.88 -5.25 -50.36
CA ARG L 83 -11.99 -4.56 -51.32
C ARG L 83 -10.53 -4.65 -50.91
N VAL L 84 -9.67 -4.68 -51.92
CA VAL L 84 -8.21 -4.66 -51.67
C VAL L 84 -7.76 -3.23 -52.08
N VAL L 85 -7.07 -2.62 -51.15
CA VAL L 85 -6.50 -1.26 -51.34
C VAL L 85 -5.04 -1.26 -50.83
N ASP L 86 -4.34 -0.23 -51.26
CA ASP L 86 -2.93 -0.06 -50.79
C ASP L 86 -2.98 0.89 -49.62
N GLN L 87 -1.82 1.14 -49.00
CA GLN L 87 -1.82 2.02 -47.81
C GLN L 87 -2.28 3.44 -48.12
N TYR L 88 -2.19 3.89 -49.35
CA TYR L 88 -2.61 5.23 -49.75
C TYR L 88 -4.10 5.28 -49.99
N GLY L 89 -4.74 4.10 -49.93
CA GLY L 89 -6.20 4.03 -50.16
C GLY L 89 -6.56 3.76 -51.58
N LYS L 90 -5.60 3.46 -52.41
CA LYS L 90 -5.85 3.17 -53.87
C LYS L 90 -6.27 1.72 -54.02
N PRO L 91 -7.31 1.50 -54.82
CA PRO L 91 -7.79 0.13 -55.07
C PRO L 91 -6.70 -0.63 -55.84
N VAL L 92 -6.69 -1.93 -55.68
CA VAL L 92 -5.77 -2.86 -56.39
C VAL L 92 -6.70 -3.76 -57.26
N PRO L 93 -6.86 -3.33 -58.50
CA PRO L 93 -7.72 -4.07 -59.47
C PRO L 93 -6.91 -5.22 -60.06
N ASN L 94 -7.66 -6.17 -60.58
CA ASN L 94 -7.13 -7.39 -61.20
C ASN L 94 -6.10 -8.10 -60.39
N THR L 95 -6.29 -8.18 -59.09
CA THR L 95 -5.30 -8.87 -58.24
C THR L 95 -5.88 -10.24 -57.85
N LEU L 96 -4.99 -11.15 -57.51
CA LEU L 96 -5.38 -12.49 -57.14
C LEU L 96 -5.60 -12.71 -55.63
N VAL L 97 -6.79 -13.18 -55.33
CA VAL L 97 -7.19 -13.49 -53.95
C VAL L 97 -7.53 -14.99 -53.93
N GLU L 98 -6.84 -15.74 -53.12
CA GLU L 98 -7.05 -17.19 -52.97
C GLU L 98 -7.37 -17.42 -51.51
N MET L 99 -8.34 -18.24 -51.21
CA MET L 99 -8.84 -18.61 -49.91
C MET L 99 -9.05 -20.13 -49.81
N TRP L 100 -8.97 -20.64 -48.60
CA TRP L 100 -9.14 -22.04 -48.23
C TRP L 100 -9.58 -22.03 -46.73
N GLN L 101 -10.35 -23.00 -46.36
CA GLN L 101 -10.87 -23.11 -44.99
C GLN L 101 -11.36 -24.54 -44.74
N ALA L 102 -11.76 -24.77 -43.51
CA ALA L 102 -12.32 -26.06 -43.10
C ALA L 102 -13.83 -25.94 -43.34
N ASN L 103 -14.52 -27.04 -43.10
CA ASN L 103 -15.98 -27.08 -43.29
C ASN L 103 -16.69 -26.55 -42.01
N ALA L 104 -18.00 -26.74 -42.02
CA ALA L 104 -18.84 -26.26 -40.90
C ALA L 104 -18.47 -26.88 -39.56
N GLY L 105 -17.87 -28.02 -39.57
CA GLY L 105 -17.46 -28.82 -38.44
C GLY L 105 -16.01 -28.58 -38.00
N GLY L 106 -15.34 -27.74 -38.78
CA GLY L 106 -13.91 -27.45 -38.47
C GLY L 106 -13.02 -28.56 -39.02
N ARG L 107 -13.57 -29.28 -39.99
CA ARG L 107 -12.77 -30.37 -40.63
C ARG L 107 -12.22 -29.93 -41.97
N TYR L 108 -10.89 -30.12 -42.12
CA TYR L 108 -10.20 -29.76 -43.39
C TYR L 108 -10.17 -30.94 -44.38
N ARG L 109 -10.33 -30.58 -45.66
CA ARG L 109 -10.28 -31.64 -46.73
C ARG L 109 -8.82 -31.77 -47.14
N HIS L 110 -8.09 -32.46 -46.27
CA HIS L 110 -6.64 -32.69 -46.39
C HIS L 110 -6.23 -33.93 -45.63
N LYS L 111 -5.37 -34.71 -46.26
CA LYS L 111 -4.83 -35.96 -45.83
C LYS L 111 -4.45 -35.96 -44.32
N ASN L 112 -3.63 -34.95 -44.05
CA ASN L 112 -3.06 -34.71 -42.74
C ASN L 112 -4.07 -34.31 -41.67
N ASP L 113 -5.29 -33.98 -42.04
CA ASP L 113 -6.32 -33.58 -41.08
C ASP L 113 -7.09 -34.78 -40.55
N ARG L 114 -6.72 -35.10 -39.31
CA ARG L 114 -7.27 -36.24 -38.57
C ARG L 114 -8.31 -35.91 -37.55
N TYR L 115 -8.83 -34.69 -37.57
CA TYR L 115 -9.86 -34.30 -36.61
C TYR L 115 -11.09 -35.18 -36.91
N LEU L 116 -11.70 -35.62 -35.84
CA LEU L 116 -12.85 -36.50 -35.88
C LEU L 116 -14.09 -35.89 -36.47
N ALA L 117 -14.18 -34.58 -36.63
CA ALA L 117 -15.44 -34.07 -37.27
C ALA L 117 -15.34 -34.62 -38.71
N PRO L 118 -16.50 -35.01 -39.23
CA PRO L 118 -16.58 -35.61 -40.56
C PRO L 118 -16.43 -34.59 -41.66
N LEU L 119 -16.05 -35.11 -42.82
CA LEU L 119 -15.93 -34.32 -44.05
C LEU L 119 -17.34 -34.11 -44.58
N ASP L 120 -17.47 -33.11 -45.41
CA ASP L 120 -18.79 -32.77 -46.04
C ASP L 120 -18.59 -33.12 -47.52
N PRO L 121 -19.32 -34.15 -47.92
CA PRO L 121 -19.29 -34.66 -49.29
C PRO L 121 -19.50 -33.59 -50.33
N ASN L 122 -20.13 -32.48 -50.02
CA ASN L 122 -20.39 -31.42 -50.99
C ASN L 122 -19.46 -30.20 -50.80
N PHE L 123 -18.43 -30.40 -50.01
CA PHE L 123 -17.51 -29.33 -49.64
C PHE L 123 -16.05 -29.64 -49.85
N GLY L 124 -15.43 -28.72 -50.60
CA GLY L 124 -13.97 -28.82 -50.91
C GLY L 124 -13.22 -27.85 -49.98
N GLY L 125 -13.52 -26.59 -50.08
CA GLY L 125 -12.94 -25.54 -49.26
C GLY L 125 -11.91 -24.63 -49.85
N VAL L 126 -11.89 -24.38 -51.13
CA VAL L 126 -10.96 -23.57 -51.88
C VAL L 126 -11.70 -22.67 -52.88
N GLY L 127 -11.19 -21.45 -52.93
CA GLY L 127 -11.77 -20.45 -53.84
C GLY L 127 -10.67 -19.49 -54.31
N ARG L 128 -10.93 -18.86 -55.42
CA ARG L 128 -10.01 -17.87 -56.00
C ARG L 128 -10.90 -16.89 -56.74
N CME L 129 -10.49 -15.65 -56.75
CA CME L 129 -11.23 -14.56 -57.39
CB CME L 129 -12.16 -13.97 -56.26
SG CME L 129 -12.95 -12.48 -56.85
SD CME L 129 -14.12 -12.96 -58.42
CE CME L 129 -15.72 -13.47 -57.70
CZ CME L 129 -16.78 -12.48 -58.18
OH CME L 129 -16.23 -11.16 -57.95
C CME L 129 -10.22 -13.47 -57.74
O CME L 129 -9.31 -13.26 -56.89
N LEU L 130 -10.42 -12.87 -58.88
CA LEU L 130 -9.47 -11.75 -59.25
C LEU L 130 -10.31 -10.47 -58.95
N THR L 131 -9.72 -9.54 -58.21
CA THR L 131 -10.49 -8.30 -57.91
C THR L 131 -10.83 -7.62 -59.25
N ASP L 132 -11.93 -6.89 -59.21
CA ASP L 132 -12.45 -6.15 -60.34
C ASP L 132 -11.70 -4.83 -60.37
N SER L 133 -12.12 -4.00 -61.30
CA SER L 133 -11.47 -2.70 -61.49
C SER L 133 -11.54 -1.81 -60.28
N ASP L 134 -12.43 -2.08 -59.33
CA ASP L 134 -12.54 -1.24 -58.11
C ASP L 134 -11.88 -1.87 -56.91
N GLY L 135 -11.20 -2.98 -57.16
CA GLY L 135 -10.49 -3.71 -56.12
C GLY L 135 -11.45 -4.59 -55.30
N TYR L 136 -12.60 -4.91 -55.88
CA TYR L 136 -13.61 -5.74 -55.20
C TYR L 136 -13.47 -7.22 -55.46
N TYR L 137 -13.73 -7.95 -54.39
CA TYR L 137 -13.69 -9.42 -54.46
C TYR L 137 -14.89 -9.97 -53.72
N SER L 138 -15.20 -11.23 -54.10
CA SER L 138 -16.32 -11.87 -53.36
C SER L 138 -16.25 -13.37 -53.51
N PHE L 139 -16.66 -14.03 -52.48
CA PHE L 139 -16.74 -15.47 -52.32
C PHE L 139 -18.12 -15.84 -51.76
N ARG L 140 -18.48 -17.09 -52.00
CA ARG L 140 -19.76 -17.59 -51.45
C ARG L 140 -19.34 -18.91 -50.82
N THR L 141 -19.61 -19.03 -49.52
CA THR L 141 -19.11 -20.31 -48.89
C THR L 141 -20.02 -20.54 -47.71
N ILE L 142 -19.47 -21.32 -46.79
CA ILE L 142 -20.14 -21.60 -45.53
C ILE L 142 -19.11 -21.22 -44.41
N LYS L 143 -19.68 -20.74 -43.32
CA LYS L 143 -18.87 -20.35 -42.15
C LYS L 143 -18.21 -21.61 -41.61
N PRO L 144 -16.88 -21.57 -41.60
CA PRO L 144 -16.10 -22.70 -41.10
C PRO L 144 -16.28 -22.74 -39.56
N GLY L 145 -16.01 -23.91 -39.02
CA GLY L 145 -16.05 -24.17 -37.62
C GLY L 145 -14.63 -24.06 -37.05
N PRO L 146 -14.60 -23.78 -35.74
CA PRO L 146 -13.34 -23.72 -34.99
C PRO L 146 -12.81 -25.18 -35.03
N TYR L 147 -11.60 -25.36 -34.66
CA TYR L 147 -11.02 -26.71 -34.60
C TYR L 147 -9.81 -26.72 -33.65
N PRO L 148 -9.71 -27.87 -33.03
CA PRO L 148 -8.68 -28.10 -32.02
C PRO L 148 -7.38 -28.39 -32.71
N TRP L 149 -6.29 -28.10 -32.02
CA TRP L 149 -4.95 -28.31 -32.63
C TRP L 149 -3.95 -28.59 -31.55
N ARG L 150 -2.93 -29.36 -31.93
CA ARG L 150 -1.90 -29.76 -30.96
C ARG L 150 -0.93 -28.60 -30.72
N ASN L 151 -1.22 -27.77 -29.76
CA ASN L 151 -0.39 -26.60 -29.34
C ASN L 151 -0.34 -26.80 -27.79
N GLY L 152 -1.22 -26.07 -27.14
CA GLY L 152 -1.32 -26.29 -25.63
C GLY L 152 -2.33 -27.52 -25.61
N PRO L 153 -2.61 -28.03 -24.43
CA PRO L 153 -3.52 -29.17 -24.26
C PRO L 153 -4.94 -28.93 -24.64
N ASN L 154 -5.35 -27.70 -24.86
CA ASN L 154 -6.77 -27.42 -25.19
C ASN L 154 -6.84 -26.14 -26.00
N ASP L 155 -6.10 -26.10 -27.08
CA ASP L 155 -6.07 -24.93 -27.98
C ASP L 155 -7.09 -25.13 -29.08
N TRP L 156 -7.81 -24.06 -29.40
CA TRP L 156 -8.80 -24.09 -30.46
C TRP L 156 -8.65 -22.87 -31.37
N ARG L 157 -8.63 -23.17 -32.66
CA ARG L 157 -8.52 -22.01 -33.58
C ARG L 157 -9.94 -21.45 -33.64
N PRO L 158 -9.97 -20.11 -33.66
CA PRO L 158 -11.29 -19.45 -33.85
C PRO L 158 -11.66 -19.88 -35.31
N ALA L 159 -12.91 -19.70 -35.60
CA ALA L 159 -13.39 -19.96 -36.97
C ALA L 159 -12.55 -18.97 -37.81
N HIS L 160 -12.11 -19.42 -38.95
CA HIS L 160 -11.28 -18.50 -39.82
C HIS L 160 -11.19 -19.05 -41.25
N ILE L 161 -10.94 -18.13 -42.18
CA ILE L 161 -10.74 -18.46 -43.58
C ILE L 161 -9.32 -17.97 -43.94
N HIS L 162 -8.48 -18.85 -44.45
CA HIS L 162 -7.13 -18.51 -44.85
C HIS L 162 -7.19 -17.71 -46.15
N PHE L 163 -6.36 -16.68 -46.21
CA PHE L 163 -6.34 -15.77 -47.37
C PHE L 163 -4.93 -15.59 -47.90
N GLY L 164 -4.90 -15.38 -49.20
CA GLY L 164 -3.62 -15.20 -49.95
C GLY L 164 -3.87 -14.08 -50.95
N ILE L 165 -3.08 -13.01 -50.91
CA ILE L 165 -3.29 -11.91 -51.87
C ILE L 165 -1.97 -11.56 -52.57
N SER L 166 -2.02 -11.52 -53.89
CA SER L 166 -0.85 -11.23 -54.71
C SER L 166 -0.44 -9.75 -54.69
N GLY L 167 -1.33 -8.91 -55.13
CA GLY L 167 -0.97 -7.44 -55.18
C GLY L 167 -0.13 -7.27 -56.47
N PRO L 168 0.40 -6.04 -56.63
CA PRO L 168 1.16 -5.68 -57.81
C PRO L 168 2.58 -6.12 -57.85
N SER L 169 3.11 -6.68 -56.77
CA SER L 169 4.52 -7.12 -56.79
C SER L 169 4.73 -8.16 -55.71
N ILE L 170 5.91 -8.81 -55.79
CA ILE L 170 6.24 -9.80 -54.77
C ILE L 170 6.43 -9.10 -53.43
N ALA L 171 6.65 -7.77 -53.50
CA ALA L 171 6.84 -7.02 -52.23
C ALA L 171 5.48 -6.91 -51.46
N THR L 172 4.40 -6.95 -52.20
CA THR L 172 3.05 -6.84 -51.64
C THR L 172 2.41 -8.18 -51.27
N LYS L 173 2.82 -9.27 -51.92
CA LYS L 173 2.23 -10.60 -51.66
C LYS L 173 2.05 -10.77 -50.14
N LEU L 174 0.88 -11.28 -49.81
CA LEU L 174 0.59 -11.52 -48.36
C LEU L 174 -0.30 -12.72 -48.15
N ILE L 175 -0.04 -13.38 -47.02
CA ILE L 175 -0.88 -14.51 -46.58
C ILE L 175 -1.33 -14.07 -45.14
N THR L 176 -2.58 -14.27 -44.91
CA THR L 176 -3.22 -13.90 -43.62
C THR L 176 -4.41 -14.82 -43.35
N GLN L 177 -5.16 -14.42 -42.32
CA GLN L 177 -6.37 -15.16 -41.92
C GLN L 177 -7.47 -14.16 -41.57
N LEU L 178 -8.67 -14.50 -41.92
CA LEU L 178 -9.91 -13.73 -41.65
C LEU L 178 -10.57 -14.39 -40.41
N TYR L 179 -11.07 -13.58 -39.49
CA TYR L 179 -11.76 -14.05 -38.27
C TYR L 179 -13.16 -13.47 -38.27
N PHE L 180 -14.07 -14.05 -37.47
CA PHE L 180 -15.46 -13.53 -37.52
C PHE L 180 -15.78 -12.74 -36.24
N GLU L 181 -16.31 -11.59 -36.50
CA GLU L 181 -16.73 -10.65 -35.43
C GLU L 181 -17.51 -11.33 -34.31
N GLY L 182 -17.10 -11.15 -33.08
CA GLY L 182 -17.71 -11.63 -31.85
C GLY L 182 -17.25 -12.97 -31.38
N ASP L 183 -16.51 -13.67 -32.26
CA ASP L 183 -15.98 -15.00 -31.89
C ASP L 183 -15.11 -14.88 -30.65
N PRO L 184 -15.62 -15.49 -29.56
CA PRO L 184 -14.95 -15.48 -28.26
C PRO L 184 -13.62 -16.18 -28.24
N LEU L 185 -13.36 -17.03 -29.22
CA LEU L 185 -12.07 -17.73 -29.26
C LEU L 185 -10.92 -16.83 -29.74
N ILE L 186 -11.25 -15.75 -30.38
CA ILE L 186 -10.13 -14.89 -30.95
C ILE L 186 -9.08 -14.46 -29.98
N PRO L 187 -9.48 -13.88 -28.85
CA PRO L 187 -8.57 -13.40 -27.82
C PRO L 187 -7.76 -14.53 -27.21
N MET L 188 -8.25 -15.74 -27.35
CA MET L 188 -7.51 -16.85 -26.70
C MET L 188 -6.50 -17.51 -27.62
N CYS L 189 -6.55 -17.26 -28.92
CA CYS L 189 -5.65 -17.95 -29.86
C CYS L 189 -4.24 -17.40 -29.89
N PRO L 190 -3.29 -18.33 -29.73
CA PRO L 190 -1.86 -18.01 -29.76
C PRO L 190 -1.40 -17.57 -31.15
N ILE L 191 -2.11 -18.00 -32.20
CA ILE L 191 -1.71 -17.54 -33.56
C ILE L 191 -2.06 -16.05 -33.72
N VAL L 192 -3.30 -15.75 -33.33
CA VAL L 192 -3.83 -14.41 -33.38
C VAL L 192 -2.88 -13.50 -32.54
N LYS L 193 -2.58 -13.98 -31.35
CA LYS L 193 -1.75 -13.32 -30.39
C LYS L 193 -0.28 -13.20 -30.78
N SER L 194 0.01 -13.63 -32.01
CA SER L 194 1.44 -13.49 -32.47
C SER L 194 1.53 -12.00 -32.88
N ILE L 195 0.34 -11.41 -33.05
CA ILE L 195 0.20 -10.00 -33.42
C ILE L 195 0.18 -9.21 -32.09
N ALA L 196 1.24 -8.57 -31.70
CA ALA L 196 1.26 -7.82 -30.43
C ALA L 196 0.36 -6.61 -30.33
N ASN L 197 -0.12 -6.00 -31.36
CA ASN L 197 -0.98 -4.80 -31.25
C ASN L 197 -2.44 -5.17 -31.44
N PRO L 198 -3.21 -4.94 -30.40
CA PRO L 198 -4.66 -5.23 -30.41
C PRO L 198 -5.30 -4.59 -31.63
N GLU L 199 -4.81 -3.38 -31.92
CA GLU L 199 -5.32 -2.61 -33.06
C GLU L 199 -5.11 -3.37 -34.35
N ALA L 200 -3.98 -4.05 -34.45
CA ALA L 200 -3.62 -4.84 -35.64
C ALA L 200 -4.58 -6.01 -35.80
N VAL L 201 -4.83 -6.67 -34.66
CA VAL L 201 -5.73 -7.81 -34.61
C VAL L 201 -7.10 -7.45 -35.18
N GLN L 202 -7.56 -6.24 -34.88
CA GLN L 202 -8.90 -5.79 -35.32
C GLN L 202 -9.02 -5.77 -36.82
N GLN L 203 -7.86 -5.57 -37.49
CA GLN L 203 -7.84 -5.48 -38.96
C GLN L 203 -8.19 -6.84 -39.57
N LEU L 204 -8.05 -7.90 -38.78
CA LEU L 204 -8.31 -9.26 -39.25
C LEU L 204 -9.73 -9.74 -39.00
N ILE L 205 -10.57 -8.89 -38.39
CA ILE L 205 -11.92 -9.26 -38.05
C ILE L 205 -12.96 -8.82 -39.06
N ALA L 206 -13.61 -9.81 -39.66
CA ALA L 206 -14.62 -9.56 -40.67
C ALA L 206 -15.87 -9.10 -39.95
N LYS L 207 -16.49 -8.06 -40.49
CA LYS L 207 -17.72 -7.54 -39.94
C LYS L 207 -18.96 -8.06 -40.68
N LEU L 208 -19.92 -8.43 -39.81
CA LEU L 208 -21.24 -8.90 -40.29
C LEU L 208 -21.80 -7.77 -41.16
N ASP L 209 -22.20 -8.06 -42.36
CA ASP L 209 -22.71 -7.05 -43.30
C ASP L 209 -24.10 -7.39 -43.78
N MET L 210 -25.11 -6.95 -43.03
CA MET L 210 -26.52 -7.20 -43.37
C MET L 210 -26.89 -6.56 -44.70
N ASN L 211 -26.27 -5.47 -45.05
CA ASN L 211 -26.52 -4.73 -46.29
C ASN L 211 -26.23 -5.63 -47.51
N ASN L 212 -25.28 -6.50 -47.39
CA ASN L 212 -24.89 -7.37 -48.49
C ASN L 212 -25.51 -8.75 -48.47
N ALA L 213 -26.30 -9.04 -47.46
CA ALA L 213 -26.94 -10.36 -47.33
C ALA L 213 -28.06 -10.53 -48.35
N ASN L 214 -28.35 -11.77 -48.63
CA ASN L 214 -29.47 -12.12 -49.56
C ASN L 214 -30.56 -12.66 -48.60
N PRO L 215 -31.59 -11.88 -48.45
CA PRO L 215 -32.71 -12.23 -47.54
C PRO L 215 -33.17 -13.61 -47.85
N MET L 216 -33.52 -14.37 -46.85
CA MET L 216 -34.01 -15.73 -46.93
C MET L 216 -32.99 -16.66 -47.63
N ASP L 217 -31.75 -16.27 -47.67
CA ASP L 217 -30.73 -17.11 -48.39
C ASP L 217 -29.42 -17.21 -47.66
N CYS L 218 -28.67 -16.10 -47.60
CA CYS L 218 -27.37 -16.17 -46.85
C CYS L 218 -26.97 -14.81 -46.29
N LEU L 219 -26.13 -14.87 -45.25
CA LEU L 219 -25.63 -13.63 -44.62
C LEU L 219 -24.37 -13.19 -45.37
N ALA L 220 -23.81 -12.09 -44.89
CA ALA L 220 -22.56 -11.58 -45.54
C ALA L 220 -21.66 -10.90 -44.53
N TYR L 221 -20.36 -11.07 -44.76
CA TYR L 221 -19.26 -10.53 -43.96
C TYR L 221 -18.44 -9.66 -44.92
N ARG L 222 -17.95 -8.56 -44.40
CA ARG L 222 -17.11 -7.60 -45.19
C ARG L 222 -15.70 -7.75 -44.62
N PHE L 223 -14.73 -7.91 -45.49
CA PHE L 223 -13.33 -8.07 -45.13
C PHE L 223 -12.47 -7.33 -46.18
N ASP L 224 -12.03 -6.14 -45.75
CA ASP L 224 -11.23 -5.27 -46.65
C ASP L 224 -9.77 -5.57 -46.36
N ILE L 225 -8.98 -5.50 -47.40
CA ILE L 225 -7.54 -5.81 -47.21
C ILE L 225 -6.70 -4.65 -47.64
N VAL L 226 -5.64 -4.40 -46.89
CA VAL L 226 -4.74 -3.28 -47.21
C VAL L 226 -3.34 -3.77 -47.53
N LEU L 227 -2.87 -3.47 -48.75
CA LEU L 227 -1.48 -3.91 -49.10
C LEU L 227 -0.53 -2.70 -49.00
N ARG L 228 0.76 -2.99 -49.06
CA ARG L 228 1.77 -1.94 -48.97
C ARG L 228 1.45 -0.81 -49.95
N GLY L 229 1.53 0.42 -49.42
CA GLY L 229 1.26 1.58 -50.33
C GLY L 229 2.40 1.60 -51.41
N GLN L 230 1.94 1.86 -52.62
CA GLN L 230 2.83 1.94 -53.81
C GLN L 230 2.92 3.40 -54.23
N ARG L 231 4.14 3.85 -54.43
CA ARG L 231 4.38 5.22 -54.86
C ARG L 231 5.44 5.19 -55.98
N LYS L 232 5.50 6.35 -56.61
CA LYS L 232 6.51 6.53 -57.74
C LYS L 232 7.85 6.83 -57.07
N THR L 233 8.87 6.53 -57.87
CA THR L 233 10.27 6.81 -57.37
C THR L 233 10.42 8.33 -57.47
N HIS L 234 11.30 8.89 -56.67
CA HIS L 234 11.50 10.37 -56.74
C HIS L 234 12.92 10.69 -56.31
N PHE L 235 13.52 11.57 -57.09
CA PHE L 235 14.89 12.05 -56.91
C PHE L 235 15.86 10.91 -56.65
N GLU L 236 15.58 9.76 -57.25
CA GLU L 236 16.47 8.61 -57.04
C GLU L 236 17.74 8.73 -57.90
FE FE M . 7.68 -0.32 22.67
C1 FHB N . 2.98 0.65 25.70
C2 FHB N . 3.41 1.77 24.95
C3 FHB N . 4.41 1.61 24.00
F3 FHB N . 4.85 2.69 23.30
C4 FHB N . 4.90 0.33 23.71
O4 FHB N . 5.87 0.24 22.74
C5 FHB N . 4.48 -0.77 24.43
C6 FHB N . 3.48 -0.61 25.42
C7 FHB N . 1.93 0.88 26.77
O1 FHB N . 1.44 2.00 26.95
O2 FHB N . 1.51 -0.05 27.43
C1 FHB O . -10.00 17.44 26.52
C2 FHB O . -11.23 17.21 27.13
C3 FHB O . -11.47 17.70 28.41
F3 FHB O . -12.68 17.41 29.02
C4 FHB O . -10.50 18.44 29.08
O4 FHB O . -10.75 18.87 30.38
C5 FHB O . -9.28 18.71 28.48
C6 FHB O . -9.02 18.21 27.20
C7 FHB O . -9.72 16.94 25.13
O1 FHB O . -10.59 16.26 24.51
O2 FHB O . -8.62 17.14 24.58
FE FE P . -37.99 2.36 22.02
C1 FHB Q . -34.82 6.17 24.95
C2 FHB Q . -34.09 5.14 24.32
C3 FHB Q . -34.69 4.39 23.32
F3 FHB Q . -34.00 3.40 22.70
C4 FHB Q . -36.02 4.65 22.95
O4 FHB Q . -36.59 3.93 21.98
C5 FHB Q . -36.75 5.65 23.61
C6 FHB Q . -36.13 6.42 24.58
C7 FHB Q . -34.13 6.98 26.04
O1 FHB Q . -32.95 6.77 26.37
O2 FHB Q . -34.79 7.85 26.60
C1 FHB R . -13.85 9.20 26.87
C2 FHB R . -13.60 10.41 27.51
C3 FHB R . -13.13 10.43 28.81
F3 FHB R . -12.93 11.64 29.44
C4 FHB R . -12.94 9.25 29.50
O4 FHB R . -12.50 9.35 30.80
C5 FHB R . -13.16 8.02 28.90
C6 FHB R . -13.66 8.00 27.59
C7 FHB R . -14.35 9.17 25.44
O1 FHB R . -14.52 10.25 24.82
O2 FHB R . -14.58 8.11 24.85
FE FE S . -12.83 40.53 20.36
C1 FHB T . -11.22 36.18 23.82
C2 FHB T . -12.44 36.01 23.14
C3 FHB T . -12.77 36.87 22.10
F3 FHB T . -13.95 36.71 21.45
C4 FHB T . -11.88 37.91 21.75
O4 FHB T . -12.23 38.73 20.71
C5 FHB T . -10.70 38.11 22.42
C6 FHB T . -10.34 37.22 23.44
C7 FHB T . -10.88 35.29 24.98
O1 FHB T . -11.63 34.38 25.31
O2 FHB T . -9.82 35.47 25.59
C1 FHB U . -19.28 16.58 26.58
C2 FHB U . -18.37 15.77 27.27
C3 FHB U . -18.64 15.43 28.57
F3 FHB U . -17.72 14.68 29.28
C4 FHB U . -19.81 15.86 29.21
O4 FHB U . -19.97 15.49 30.53
C5 FHB U . -20.72 16.65 28.55
C6 FHB U . -20.46 17.02 27.21
C7 FHB U . -18.99 16.95 25.14
O1 FHB U . -17.92 16.58 24.62
O2 FHB U . -19.83 17.63 24.50
FE FE V . 14.03 -19.32 0.10
C1 FHB W . 17.14 -18.79 -4.79
C2 FHB W . 15.76 -19.03 -5.00
C3 FHB W . 14.89 -18.95 -3.94
F3 FHB W . 13.55 -19.19 -4.12
C4 FHB W . 15.35 -18.60 -2.66
O4 FHB W . 14.39 -18.52 -1.65
C5 FHB W . 16.70 -18.36 -2.44
C6 FHB W . 17.60 -18.45 -3.50
C7 FHB W . 18.09 -18.89 -5.97
O1 FHB W . 17.64 -19.19 -7.10
O2 FHB W . 19.30 -18.75 -5.82
C1 FHB X . 11.47 -18.55 -25.30
C2 FHB X . 12.49 -18.20 -26.20
C3 FHB X . 13.07 -19.19 -26.97
F3 FHB X . 14.13 -18.90 -27.82
C4 FHB X . 12.67 -20.52 -26.85
O4 FHB X . 13.30 -21.47 -27.61
C5 FHB X . 11.63 -20.89 -25.97
C6 FHB X . 11.05 -19.90 -25.19
C7 FHB X . 10.81 -17.49 -24.47
O1 FHB X . 11.21 -16.30 -24.62
O2 FHB X . 9.92 -17.76 -23.63
FE FE Y . 26.13 8.39 -34.27
C1 FHB Z . 24.92 2.76 -35.40
C2 FHB Z . 24.94 3.14 -34.02
C3 FHB Z . 24.90 4.48 -33.69
F3 FHB Z . 24.95 4.85 -32.39
C4 FHB Z . 24.84 5.44 -34.69
O4 FHB Z . 24.78 6.75 -34.33
C5 FHB Z . 24.80 5.08 -36.04
C6 FHB Z . 24.86 3.72 -36.39
C7 FHB Z . 25.01 1.28 -35.72
O1 FHB Z . 25.06 0.45 -34.79
O2 FHB Z . 25.05 0.94 -36.90
C1 FHB AA . 18.07 -12.85 -22.64
C2 FHB AA . 17.63 -14.02 -23.31
C3 FHB AA . 18.47 -15.13 -23.29
F3 FHB AA . 18.10 -16.26 -24.00
C4 FHB AA . 19.68 -15.12 -22.64
O4 FHB AA . 20.50 -16.22 -22.69
C5 FHB AA . 20.11 -13.98 -21.95
C6 FHB AA . 19.29 -12.84 -21.95
C7 FHB AA . 17.19 -11.63 -22.62
O1 FHB AA . 16.09 -11.61 -23.20
O2 FHB AA . 17.55 -10.61 -21.99
FE FE BA . -6.60 -23.21 -40.47
C1 FHB CA . -1.97 -24.47 -37.40
C2 FHB CA . -2.00 -23.23 -38.06
C3 FHB CA . -3.18 -22.74 -38.58
F3 FHB CA . -3.22 -21.56 -39.23
C4 FHB CA . -4.36 -23.48 -38.43
O4 FHB CA . -5.51 -22.98 -38.99
C5 FHB CA . -4.34 -24.73 -37.82
C6 FHB CA . -3.16 -25.23 -37.29
C7 FHB CA . -0.68 -24.98 -36.84
O1 FHB CA . 0.38 -24.36 -36.94
O2 FHB CA . -0.66 -26.09 -36.29
C1 FHB DA . 14.72 -12.53 -31.29
C2 FHB DA . 15.47 -13.15 -30.30
C3 FHB DA . 16.74 -13.63 -30.59
F3 FHB DA . 17.44 -14.28 -29.61
C4 FHB DA . 17.27 -13.48 -31.87
O4 FHB DA . 18.52 -14.02 -32.13
C5 FHB DA . 16.55 -12.86 -32.87
C6 FHB DA . 15.27 -12.39 -32.59
C7 FHB DA . 13.34 -11.99 -30.97
O1 FHB DA . 12.87 -12.16 -29.83
O2 FHB DA . 12.67 -11.42 -31.84
#